data_9IW0
#
_entry.id   9IW0
#
_entity_poly.entity_id   1
_entity_poly.type   'polypeptide(L)'
_entity_poly.pdbx_seq_one_letter_code
;MDYKDHDGDYKDHDIDYKDDDDKLEVLFQGPGSMATPSMMPQWAYMHIAGQDASEYLSPGLVQFARATDTYFSMGNKFRN
PTVAPTHDVTTDRSQRLMLRFVPVDREDNTYSYKVRYTLAVGDNRVLDMASTFFDIRGVLDRGPSFKPYSGTAYNSLAPK
GAPNTSQWIVTTNGDNAVTTTTNTFGIASMKGDNITKEGLQIGKDITTTEGEEKPIYADKTYQPEPQVGEESWTDTDGTN
EKFGGRALKPATNMKPCYGSFARPTNIKGGQAKNRKVKPTTEGGVETEEPDIDMEFFDGRDAVAGALAPEIVLYTENVNL
ETPDSHVVYKPETSNNSHANLGQQAMPNRPNYIGFRDNFVGLMYYNSTGNMGVLAGQASQLNAVVDLQDRNTELSYQLLL
DSLGDRTRYFSMWNQAVDSYDPDVRIIENHGIEDELPNYCFPLNGIGPGHTYQGIKVKTDDTNGWEKDANVAPANEITIG
NNLAMEINIQANLWRSFLYSNVALYLPDVYKYTPPNITLPTNTNTYEYMNGRVVSPSLVDSYINIGARWSLDPMDNVNPF
NHHRNAGLRYRSMLLGNGRYVPFHIQVPQKFFAVKNLLLLPGSYTYEWNFRKDVNMVLQSSLGNDLRTDGATISFTSINL
YATFFPMAHNTASTLEAMLRNDTNDQSFNDYLSAANMLYPIPANATNIPISIPSRNWAAFRGWSFTRLKTKETPSLGSGF
DPYFVYSGSIPYLDGTFYLNHTFKKVSIMFDSSVSWPGNDRLLSPNEFEIKRTVDGEGYNVAQCNMTKDWFLVQMLANYN
IGYQGFYIPEGYKDRMYSFFRNFQPMSRQVVDEVNYTDYKAVTLPYQHNNSGFVGYLAPTMRQGEPYPANYPYPLIGTTA
VKSVTQKKFLCDRTMWRIPFSSNFMSMGALTDLGQNMLYANSAHALDMTFEVDPMDEPTLLYLLFEVFDVVRVHQPHRGV
IEAVYLRTPFSAGNATT
;
_entity_poly.pdbx_strand_id   B,A,C
#
# COMPACT_ATOMS: atom_id res chain seq x y z
N MET A 39 -11.40 13.03 -54.93
CA MET A 39 -12.35 12.19 -54.19
C MET A 39 -11.97 10.71 -54.29
N MET A 40 -12.76 9.95 -55.03
CA MET A 40 -12.55 8.51 -55.11
C MET A 40 -11.16 8.08 -55.59
N PRO A 41 -10.53 8.68 -56.62
CA PRO A 41 -9.26 8.14 -57.11
C PRO A 41 -8.15 8.19 -56.08
N GLN A 42 -7.94 9.33 -55.43
CA GLN A 42 -6.89 9.43 -54.44
C GLN A 42 -7.19 8.54 -53.23
N TRP A 43 -8.45 8.41 -52.84
CA TRP A 43 -8.81 7.52 -51.74
C TRP A 43 -8.49 6.08 -52.06
N ALA A 44 -8.77 5.64 -53.29
CA ALA A 44 -8.38 4.30 -53.69
C ALA A 44 -6.85 4.17 -53.77
N TYR A 45 -6.17 5.26 -54.11
CA TYR A 45 -4.71 5.22 -54.25
C TYR A 45 -4.05 4.96 -52.90
N MET A 46 -4.48 5.65 -51.85
CA MET A 46 -3.90 5.48 -50.52
C MET A 46 -4.79 4.68 -49.59
N HIS A 47 -5.79 3.97 -50.12
CA HIS A 47 -6.53 2.96 -49.39
C HIS A 47 -7.31 3.56 -48.21
N ILE A 48 -7.68 4.83 -48.34
CA ILE A 48 -8.55 5.45 -47.36
C ILE A 48 -9.93 4.80 -47.38
N ALA A 49 -10.47 4.56 -48.58
CA ALA A 49 -11.72 3.84 -48.75
C ALA A 49 -11.61 3.01 -50.01
N GLY A 50 -11.56 1.69 -49.87
CA GLY A 50 -11.40 0.84 -51.03
C GLY A 50 -11.26 -0.62 -50.65
N GLN A 51 -10.55 -1.35 -51.50
CA GLN A 51 -10.38 -2.80 -51.30
C GLN A 51 -9.63 -3.08 -50.00
N ASP A 52 -10.03 -4.14 -49.32
CA ASP A 52 -9.39 -4.51 -48.07
C ASP A 52 -7.99 -5.06 -48.33
N ALA A 53 -7.29 -5.40 -47.25
CA ALA A 53 -5.86 -5.71 -47.35
C ALA A 53 -5.59 -6.86 -48.30
N SER A 54 -6.32 -7.96 -48.18
CA SER A 54 -6.02 -9.13 -48.97
C SER A 54 -6.44 -8.96 -50.43
N GLU A 55 -7.40 -8.07 -50.69
CA GLU A 55 -7.94 -7.94 -52.04
C GLU A 55 -6.93 -7.31 -52.99
N TYR A 56 -6.30 -6.21 -52.61
CA TYR A 56 -5.38 -5.57 -53.54
C TYR A 56 -4.01 -6.21 -53.55
N LEU A 57 -3.64 -6.94 -52.51
CA LEU A 57 -2.33 -7.57 -52.49
C LEU A 57 -2.30 -8.77 -53.44
N SER A 58 -1.12 -9.04 -53.97
CA SER A 58 -0.96 -10.13 -54.91
C SER A 58 -1.24 -11.46 -54.22
N PRO A 59 -1.80 -12.44 -54.95
CA PRO A 59 -2.05 -13.74 -54.33
C PRO A 59 -0.82 -14.40 -53.75
N GLY A 60 0.32 -14.29 -54.44
CA GLY A 60 1.54 -14.82 -53.88
C GLY A 60 1.90 -14.16 -52.57
N LEU A 61 1.69 -12.85 -52.49
CA LEU A 61 1.99 -12.12 -51.27
C LEU A 61 1.10 -12.58 -50.11
N VAL A 62 -0.20 -12.77 -50.36
CA VAL A 62 -1.08 -13.17 -49.27
C VAL A 62 -0.76 -14.61 -48.85
N GLN A 63 -0.43 -15.49 -49.79
CA GLN A 63 -0.01 -16.83 -49.40
C GLN A 63 1.27 -16.79 -48.57
N PHE A 64 2.24 -15.96 -48.97
CA PHE A 64 3.47 -15.86 -48.21
C PHE A 64 3.21 -15.32 -46.80
N ALA A 65 2.36 -14.31 -46.69
CA ALA A 65 2.03 -13.74 -45.40
C ALA A 65 1.35 -14.78 -44.51
N ARG A 66 0.42 -15.53 -45.08
CA ARG A 66 -0.26 -16.58 -44.31
C ARG A 66 0.73 -17.64 -43.85
N ALA A 67 1.67 -18.02 -44.71
CA ALA A 67 2.63 -19.06 -44.36
C ALA A 67 3.61 -18.60 -43.29
N THR A 68 4.07 -17.36 -43.38
CA THR A 68 5.15 -16.88 -42.53
C THR A 68 4.67 -15.99 -41.39
N ASP A 69 3.36 -15.87 -41.17
CA ASP A 69 2.87 -15.01 -40.11
C ASP A 69 3.32 -15.48 -38.73
N THR A 70 3.71 -16.75 -38.60
CA THR A 70 4.14 -17.25 -37.29
C THR A 70 5.42 -16.57 -36.83
N TYR A 71 6.40 -16.43 -37.73
CA TYR A 71 7.68 -15.84 -37.36
C TYR A 71 7.95 -14.49 -37.99
N PHE A 72 7.48 -14.24 -39.20
CA PHE A 72 7.70 -12.95 -39.86
C PHE A 72 6.35 -12.37 -40.27
N SER A 73 5.78 -11.55 -39.40
CA SER A 73 4.52 -10.90 -39.70
C SER A 73 4.74 -9.65 -40.54
N MET A 74 3.78 -9.37 -41.42
CA MET A 74 3.81 -8.19 -42.27
C MET A 74 2.44 -7.51 -42.29
N GLY A 75 1.68 -7.65 -41.21
CA GLY A 75 0.35 -7.05 -41.16
C GLY A 75 0.38 -5.54 -41.15
N ASN A 76 1.32 -4.95 -40.40
CA ASN A 76 1.37 -3.50 -40.27
C ASN A 76 1.74 -2.83 -41.58
N LYS A 77 2.43 -3.54 -42.47
CA LYS A 77 2.97 -2.92 -43.67
C LYS A 77 1.89 -2.47 -44.65
N PHE A 78 0.71 -3.09 -44.61
CA PHE A 78 -0.35 -2.84 -45.58
C PHE A 78 -1.57 -2.31 -44.87
N ARG A 79 -2.25 -1.36 -45.50
CA ARG A 79 -3.32 -0.62 -44.83
C ARG A 79 -4.68 -1.25 -45.10
N ASN A 80 -5.50 -1.33 -44.06
CA ASN A 80 -6.84 -1.87 -44.14
C ASN A 80 -7.84 -0.72 -44.06
N PRO A 81 -8.63 -0.45 -45.10
CA PRO A 81 -9.58 0.67 -45.02
C PRO A 81 -10.79 0.31 -44.18
N THR A 82 -11.25 1.29 -43.40
CA THR A 82 -12.44 1.15 -42.57
C THR A 82 -13.35 2.32 -42.86
N VAL A 83 -14.61 2.04 -43.18
CA VAL A 83 -15.56 3.06 -43.61
C VAL A 83 -16.81 2.96 -42.73
N ALA A 84 -17.54 4.06 -42.66
CA ALA A 84 -18.77 3.97 -41.89
C ALA A 84 -19.97 3.90 -42.83
N PRO A 85 -21.04 3.20 -42.44
CA PRO A 85 -22.20 3.06 -43.33
C PRO A 85 -22.94 4.38 -43.47
N THR A 86 -23.28 4.73 -44.70
CA THR A 86 -23.95 5.98 -45.02
C THR A 86 -25.29 5.75 -45.71
N HIS A 87 -26.07 4.81 -45.19
CA HIS A 87 -27.36 4.48 -45.82
C HIS A 87 -28.33 4.02 -44.73
N ASP A 88 -29.38 4.81 -44.50
CA ASP A 88 -30.49 4.42 -43.64
C ASP A 88 -30.01 4.05 -42.23
N VAL A 89 -29.05 4.80 -41.71
CA VAL A 89 -28.55 4.61 -40.35
C VAL A 89 -29.02 5.72 -39.42
N THR A 90 -28.88 6.97 -39.83
CA THR A 90 -29.28 8.11 -39.02
C THR A 90 -30.30 8.95 -39.78
N THR A 91 -31.40 9.28 -39.12
CA THR A 91 -32.37 10.19 -39.70
C THR A 91 -31.73 11.56 -39.94
N ASP A 92 -31.93 12.09 -41.14
CA ASP A 92 -31.39 13.39 -41.50
C ASP A 92 -32.34 14.53 -41.15
N ARG A 93 -33.49 14.24 -40.57
CA ARG A 93 -34.47 15.24 -40.23
C ARG A 93 -34.09 15.91 -38.91
N SER A 94 -35.00 16.69 -38.35
CA SER A 94 -34.75 17.39 -37.09
C SER A 94 -35.50 16.70 -35.95
N GLN A 95 -34.74 16.24 -34.96
CA GLN A 95 -35.32 15.64 -33.76
C GLN A 95 -34.31 15.64 -32.62
N ARG A 96 -34.77 15.40 -31.40
CA ARG A 96 -33.94 15.48 -30.21
C ARG A 96 -33.32 14.13 -29.87
N LEU A 97 -32.08 14.18 -29.40
CA LEU A 97 -31.43 12.97 -28.90
C LEU A 97 -32.04 12.54 -27.58
N MET A 98 -31.99 13.41 -26.58
CA MET A 98 -32.57 13.15 -25.27
C MET A 98 -33.75 14.10 -25.05
N LEU A 99 -34.78 13.58 -24.39
CA LEU A 99 -36.01 14.33 -24.19
C LEU A 99 -36.50 14.12 -22.77
N ARG A 100 -36.80 15.23 -22.09
CA ARG A 100 -37.28 15.21 -20.72
C ARG A 100 -38.79 15.21 -20.66
N PHE A 101 -39.34 14.56 -19.65
CA PHE A 101 -40.77 14.49 -19.42
C PHE A 101 -41.08 15.09 -18.05
N VAL A 102 -41.95 16.10 -18.04
CA VAL A 102 -42.42 16.72 -16.80
C VAL A 102 -43.56 15.87 -16.27
N PRO A 103 -43.66 15.65 -14.96
CA PRO A 103 -44.76 14.83 -14.44
C PRO A 103 -46.11 15.45 -14.77
N VAL A 104 -47.09 14.57 -15.04
CA VAL A 104 -48.46 15.01 -15.27
C VAL A 104 -49.27 15.02 -13.99
N ASP A 105 -48.86 14.26 -12.98
CA ASP A 105 -49.47 14.33 -11.66
C ASP A 105 -48.42 13.91 -10.63
N ARG A 106 -48.49 14.54 -9.47
CA ARG A 106 -47.57 14.27 -8.37
C ARG A 106 -48.37 14.19 -7.08
N GLU A 107 -47.97 13.28 -6.19
CA GLU A 107 -48.65 13.15 -4.90
C GLU A 107 -47.60 12.88 -3.84
N ASP A 108 -47.73 13.57 -2.70
CA ASP A 108 -46.86 13.36 -1.55
C ASP A 108 -47.65 12.69 -0.43
N ASN A 109 -47.09 11.65 0.15
CA ASN A 109 -47.65 11.01 1.33
C ASN A 109 -46.68 11.17 2.49
N THR A 110 -47.02 10.54 3.62
CA THR A 110 -46.17 10.66 4.81
C THR A 110 -44.81 9.98 4.60
N TYR A 111 -44.80 8.84 3.90
CA TYR A 111 -43.57 8.12 3.62
C TYR A 111 -43.43 7.72 2.15
N SER A 112 -44.18 8.34 1.25
CA SER A 112 -44.13 7.99 -0.16
C SER A 112 -44.33 9.23 -1.01
N TYR A 113 -43.70 9.24 -2.18
CA TYR A 113 -43.80 10.36 -3.11
C TYR A 113 -44.30 9.79 -4.44
N LYS A 114 -45.58 10.01 -4.72
CA LYS A 114 -46.23 9.45 -5.90
C LYS A 114 -45.98 10.38 -7.08
N VAL A 115 -45.40 9.85 -8.14
CA VAL A 115 -45.12 10.60 -9.37
C VAL A 115 -45.77 9.87 -10.53
N ARG A 116 -46.36 10.64 -11.45
CA ARG A 116 -47.04 10.11 -12.61
C ARG A 116 -46.59 10.86 -13.86
N TYR A 117 -46.27 10.13 -14.92
CA TYR A 117 -45.76 10.71 -16.16
C TYR A 117 -46.60 10.25 -17.33
N THR A 118 -46.32 10.81 -18.50
CA THR A 118 -46.92 10.39 -19.77
C THR A 118 -45.77 10.15 -20.74
N LEU A 119 -45.25 8.93 -20.73
CA LEU A 119 -44.14 8.56 -21.60
C LEU A 119 -44.61 8.45 -23.04
N ALA A 120 -44.46 9.52 -23.81
CA ALA A 120 -44.93 9.58 -25.19
C ALA A 120 -43.76 9.27 -26.11
N VAL A 121 -43.78 8.09 -26.72
CA VAL A 121 -42.79 7.72 -27.72
C VAL A 121 -43.28 8.21 -29.08
N GLY A 122 -42.46 9.01 -29.74
CA GLY A 122 -42.84 9.60 -31.00
C GLY A 122 -42.88 8.59 -32.13
N ASP A 123 -43.46 9.02 -33.25
CA ASP A 123 -43.59 8.16 -34.40
C ASP A 123 -42.25 7.95 -35.09
N ASN A 124 -42.09 6.76 -35.69
CA ASN A 124 -40.85 6.35 -36.34
C ASN A 124 -39.67 6.41 -35.38
N ARG A 125 -39.90 6.01 -34.14
CA ARG A 125 -38.90 6.04 -33.10
C ARG A 125 -38.94 4.76 -32.30
N VAL A 126 -37.88 4.50 -31.55
CA VAL A 126 -37.86 3.45 -30.54
C VAL A 126 -37.25 4.03 -29.26
N LEU A 127 -37.53 3.36 -28.16
CA LEU A 127 -37.03 3.77 -26.85
C LEU A 127 -36.55 2.54 -26.10
N ASP A 128 -35.32 2.57 -25.63
CA ASP A 128 -34.79 1.50 -24.79
C ASP A 128 -34.98 1.92 -23.34
N MET A 129 -35.75 1.12 -22.60
CA MET A 129 -36.05 1.46 -21.22
C MET A 129 -34.80 1.48 -20.36
N ALA A 130 -33.73 0.81 -20.78
CA ALA A 130 -32.46 0.89 -20.07
C ALA A 130 -31.82 2.26 -20.19
N SER A 131 -32.27 3.08 -21.14
CA SER A 131 -31.75 4.42 -21.35
C SER A 131 -32.52 5.48 -20.58
N THR A 132 -33.53 5.09 -19.81
CA THR A 132 -34.34 6.03 -19.06
C THR A 132 -33.96 6.01 -17.59
N PHE A 133 -33.99 7.19 -16.96
CA PHE A 133 -33.71 7.32 -15.54
C PHE A 133 -34.54 8.47 -14.98
N PHE A 134 -34.62 8.51 -13.65
CA PHE A 134 -35.31 9.57 -12.95
C PHE A 134 -34.28 10.54 -12.37
N ASP A 135 -34.52 11.84 -12.58
CA ASP A 135 -33.70 12.89 -12.00
C ASP A 135 -34.38 13.37 -10.73
N ILE A 136 -33.68 13.26 -9.60
CA ILE A 136 -34.22 13.66 -8.31
C ILE A 136 -33.38 14.81 -7.79
N ARG A 137 -34.04 15.92 -7.48
CA ARG A 137 -33.40 17.07 -6.85
C ARG A 137 -34.14 17.37 -5.55
N GLY A 138 -33.40 17.55 -4.47
CA GLY A 138 -34.02 17.78 -3.20
C GLY A 138 -33.02 18.23 -2.16
N VAL A 139 -33.45 18.21 -0.91
CA VAL A 139 -32.66 18.66 0.22
C VAL A 139 -32.48 17.50 1.19
N LEU A 140 -31.30 17.41 1.80
CA LEU A 140 -30.99 16.39 2.78
C LEU A 140 -30.33 17.05 3.99
N ASP A 141 -30.81 16.70 5.17
CA ASP A 141 -30.15 17.07 6.42
C ASP A 141 -29.69 15.77 7.06
N ARG A 142 -28.40 15.47 6.95
CA ARG A 142 -27.91 14.18 7.41
C ARG A 142 -28.06 14.02 8.91
N GLY A 143 -27.82 15.08 9.67
CA GLY A 143 -28.08 15.06 11.09
C GLY A 143 -26.84 15.29 11.93
N PRO A 144 -27.02 15.40 13.25
CA PRO A 144 -25.87 15.63 14.14
C PRO A 144 -24.99 14.41 14.34
N SER A 145 -25.43 13.22 13.93
CA SER A 145 -24.62 12.01 14.04
C SER A 145 -23.63 11.85 12.91
N PHE A 146 -23.63 12.76 11.94
CA PHE A 146 -22.76 12.66 10.78
C PHE A 146 -21.37 13.16 11.12
N LYS A 147 -20.36 12.37 10.76
CA LYS A 147 -18.96 12.74 10.98
C LYS A 147 -18.10 11.97 10.00
N PRO A 148 -17.84 12.54 8.82
CA PRO A 148 -17.09 11.83 7.77
C PRO A 148 -15.58 11.92 7.93
N TYR A 149 -15.10 11.77 9.16
CA TYR A 149 -13.67 11.77 9.39
C TYR A 149 -13.39 11.28 10.80
N SER A 150 -12.13 10.93 11.03
CA SER A 150 -11.64 10.53 12.35
C SER A 150 -10.82 11.67 12.96
N GLY A 151 -10.69 11.62 14.27
CA GLY A 151 -9.93 12.66 14.95
C GLY A 151 -10.73 13.93 15.13
N THR A 152 -10.02 14.97 15.55
CA THR A 152 -10.63 16.27 15.79
C THR A 152 -10.01 17.30 14.85
N ALA A 153 -10.79 18.33 14.54
CA ALA A 153 -10.34 19.37 13.64
C ALA A 153 -9.77 20.58 14.37
N TYR A 154 -9.83 20.60 15.70
CA TYR A 154 -9.40 21.74 16.49
C TYR A 154 -8.41 21.28 17.55
N ASN A 155 -7.22 21.87 17.54
CA ASN A 155 -6.15 21.54 18.47
C ASN A 155 -5.87 20.03 18.46
N SER A 156 -5.65 19.50 17.26
CA SER A 156 -5.38 18.08 17.12
C SER A 156 -4.06 17.67 17.76
N LEU A 157 -3.04 18.53 17.68
CA LEU A 157 -1.74 18.21 18.24
C LEU A 157 -1.67 18.35 19.75
N ALA A 158 -2.68 18.91 20.39
CA ALA A 158 -2.63 19.14 21.83
C ALA A 158 -2.70 17.81 22.57
N PRO A 159 -2.00 17.69 23.70
CA PRO A 159 -2.20 16.53 24.57
C PRO A 159 -3.64 16.45 25.03
N LYS A 160 -4.16 15.23 25.10
CA LYS A 160 -5.58 15.03 25.34
C LYS A 160 -6.00 15.37 26.75
N GLY A 161 -5.04 15.61 27.66
CA GLY A 161 -5.34 16.15 28.96
C GLY A 161 -5.00 17.60 29.15
N ALA A 162 -4.52 18.28 28.13
CA ALA A 162 -4.01 19.64 28.28
C ALA A 162 -5.17 20.63 28.24
N PRO A 163 -5.32 21.48 29.25
CA PRO A 163 -6.37 22.49 29.24
C PRO A 163 -5.86 23.82 28.67
N ASN A 164 -6.81 24.72 28.45
CA ASN A 164 -6.47 26.06 28.03
C ASN A 164 -6.07 26.90 29.24
N THR A 165 -5.64 28.13 28.97
CA THR A 165 -5.43 29.08 30.05
C THR A 165 -6.79 29.51 30.58
N SER A 166 -7.19 28.98 31.73
CA SER A 166 -8.54 29.22 32.23
C SER A 166 -8.49 29.39 33.74
N GLN A 167 -9.53 30.03 34.28
CA GLN A 167 -9.57 30.39 35.69
C GLN A 167 -10.71 29.64 36.37
N TRP A 168 -10.58 29.47 37.68
CA TRP A 168 -11.62 28.82 38.48
C TRP A 168 -11.77 29.55 39.81
N ILE A 169 -12.94 29.37 40.42
CA ILE A 169 -13.31 30.04 41.66
C ILE A 169 -13.14 29.06 42.81
N VAL A 170 -12.45 29.48 43.86
CA VAL A 170 -12.27 28.68 45.07
C VAL A 170 -13.13 29.31 46.16
N THR A 171 -14.32 28.76 46.37
CA THR A 171 -15.30 29.35 47.27
C THR A 171 -14.80 29.38 48.70
N THR A 172 -14.62 28.21 49.31
CA THR A 172 -14.00 28.05 50.62
C THR A 172 -14.46 29.10 51.63
N ASN A 173 -15.76 29.08 51.93
CA ASN A 173 -16.33 29.99 52.92
C ASN A 173 -16.09 29.42 54.32
N GLY A 174 -15.27 30.11 55.10
CA GLY A 174 -15.01 29.70 56.47
C GLY A 174 -15.89 30.42 57.46
N ASP A 175 -15.31 31.31 58.27
CA ASP A 175 -16.12 32.13 59.16
C ASP A 175 -17.01 33.07 58.36
N ASN A 176 -16.50 33.57 57.24
CA ASN A 176 -17.31 34.45 56.36
C ASN A 176 -17.24 33.92 54.93
N ALA A 177 -18.07 34.46 54.05
CA ALA A 177 -18.12 33.95 52.66
C ALA A 177 -16.95 34.56 51.89
N VAL A 178 -15.79 33.91 51.94
CA VAL A 178 -14.60 34.52 51.29
C VAL A 178 -14.28 33.74 50.01
N THR A 179 -14.99 33.99 48.92
CA THR A 179 -14.66 33.38 47.62
C THR A 179 -13.27 33.87 47.21
N THR A 180 -12.23 33.05 47.40
CA THR A 180 -10.83 33.44 47.06
C THR A 180 -10.87 33.95 45.64
N THR A 181 -11.08 33.06 44.65
CA THR A 181 -11.31 33.44 43.24
C THR A 181 -10.06 33.65 42.43
N THR A 182 -10.27 33.98 41.17
CA THR A 182 -9.12 34.27 40.32
C THR A 182 -8.03 33.25 40.61
N ASN A 183 -8.36 31.96 40.61
CA ASN A 183 -7.27 30.97 40.69
C ASN A 183 -6.93 30.73 39.22
N THR A 184 -5.74 31.07 38.75
CA THR A 184 -5.44 30.97 37.29
C THR A 184 -4.45 29.86 36.96
N PHE A 185 -4.51 29.25 35.77
CA PHE A 185 -3.47 28.27 35.36
C PHE A 185 -3.29 28.29 33.85
N GLY A 186 -2.12 28.71 33.40
CA GLY A 186 -1.85 28.67 31.95
C GLY A 186 -0.47 29.16 31.58
N ILE A 187 -0.36 29.75 30.40
CA ILE A 187 0.91 30.24 29.88
C ILE A 187 0.68 31.61 29.24
N ALA A 188 1.65 32.49 29.36
CA ALA A 188 1.69 33.75 28.64
C ALA A 188 2.86 33.73 27.68
N SER A 189 2.60 34.00 26.40
CA SER A 189 3.57 33.74 25.35
C SER A 189 4.07 34.97 24.61
N MET A 190 3.39 36.11 24.70
CA MET A 190 3.82 37.32 24.00
C MET A 190 4.76 38.13 24.88
N LYS A 191 5.79 38.71 24.27
CA LYS A 191 6.78 39.50 24.98
C LYS A 191 6.66 40.96 24.58
N GLY A 192 6.67 41.84 25.57
CA GLY A 192 6.60 43.26 25.35
C GLY A 192 7.76 43.99 26.01
N ASP A 193 7.81 45.29 25.76
CA ASP A 193 8.86 46.13 26.34
C ASP A 193 8.54 46.54 27.77
N ASN A 194 7.28 46.84 28.07
CA ASN A 194 6.92 47.32 29.40
C ASN A 194 5.42 47.18 29.60
N ILE A 195 5.01 47.29 30.86
CA ILE A 195 3.60 47.31 31.25
C ILE A 195 3.45 48.40 32.30
N THR A 196 2.50 49.32 32.09
CA THR A 196 2.26 50.37 33.08
C THR A 196 0.88 50.27 33.70
N LYS A 197 -0.19 50.48 32.94
CA LYS A 197 -1.53 50.18 33.44
C LYS A 197 -2.42 49.67 32.32
N GLU A 198 -2.00 49.91 31.08
CA GLU A 198 -2.84 49.69 29.91
C GLU A 198 -2.56 48.35 29.23
N GLY A 199 -1.67 47.54 29.77
CA GLY A 199 -1.47 46.21 29.23
C GLY A 199 -0.07 46.07 28.69
N LEU A 200 0.07 45.22 27.67
CA LEU A 200 1.37 44.90 27.12
C LEU A 200 1.72 45.87 26.00
N GLN A 201 2.74 46.68 26.22
CA GLN A 201 3.30 47.49 25.14
C GLN A 201 3.86 46.56 24.07
N ILE A 202 3.57 46.87 22.82
CA ILE A 202 3.96 46.01 21.71
C ILE A 202 4.79 46.76 20.67
N GLY A 203 5.17 48.00 20.96
CA GLY A 203 5.98 48.76 20.02
C GLY A 203 6.07 50.21 20.45
N LYS A 204 6.64 51.01 19.55
CA LYS A 204 6.85 52.43 19.79
C LYS A 204 6.55 53.19 18.51
N ASP A 205 6.27 54.49 18.67
CA ASP A 205 6.04 55.37 17.53
C ASP A 205 6.45 56.79 17.86
N GLU A 213 9.11 57.49 21.58
CA GLU A 213 8.29 58.47 22.28
C GLU A 213 6.97 57.88 22.74
N LYS A 214 5.95 57.98 21.90
CA LYS A 214 4.64 57.45 22.25
C LYS A 214 4.67 55.94 22.22
N PRO A 215 4.37 55.26 23.33
CA PRO A 215 4.33 53.79 23.32
C PRO A 215 2.96 53.26 22.93
N ILE A 216 2.96 52.35 21.97
CA ILE A 216 1.71 51.72 21.53
C ILE A 216 1.39 50.58 22.49
N TYR A 217 0.11 50.36 22.73
CA TYR A 217 -0.34 49.34 23.68
C TYR A 217 -1.20 48.31 22.98
N ALA A 218 -1.26 47.12 23.59
CA ALA A 218 -2.02 46.02 23.02
C ALA A 218 -3.49 46.36 22.90
N ASP A 219 -4.06 46.06 21.74
CA ASP A 219 -5.50 46.21 21.52
C ASP A 219 -6.20 45.02 22.16
N LYS A 220 -7.02 45.29 23.18
CA LYS A 220 -7.61 44.21 23.96
C LYS A 220 -8.54 43.33 23.14
N THR A 221 -8.97 43.78 21.98
CA THR A 221 -9.91 42.99 21.19
C THR A 221 -9.24 41.75 20.60
N TYR A 222 -7.97 41.86 20.19
CA TYR A 222 -7.31 40.70 19.53
C TYR A 222 -5.94 40.40 20.17
N GLN A 223 -5.20 41.44 20.56
CA GLN A 223 -3.87 41.25 21.19
C GLN A 223 -4.07 40.80 22.65
N PRO A 224 -3.20 39.94 23.22
CA PRO A 224 -2.10 39.28 22.50
C PRO A 224 -2.57 38.10 21.64
N GLU A 225 -1.94 37.92 20.48
CA GLU A 225 -2.37 36.83 19.57
C GLU A 225 -1.98 35.46 20.17
N PRO A 226 -2.88 34.45 20.44
CA PRO A 226 -2.40 33.18 20.96
C PRO A 226 -1.45 32.44 20.03
N GLN A 227 -1.33 32.85 18.78
CA GLN A 227 -0.58 32.10 17.79
C GLN A 227 0.87 32.54 17.65
N VAL A 228 1.33 33.48 18.48
CA VAL A 228 2.67 34.04 18.34
C VAL A 228 3.41 33.92 19.66
N GLY A 229 4.73 34.03 19.58
CA GLY A 229 5.59 33.92 20.74
C GLY A 229 7.04 34.17 20.38
N GLU A 230 7.96 33.75 21.24
CA GLU A 230 9.38 33.89 20.93
C GLU A 230 9.75 33.01 19.74
N GLU A 231 10.78 33.44 19.00
CA GLU A 231 11.09 32.87 17.69
C GLU A 231 12.14 31.77 17.75
N SER A 232 13.01 31.77 18.74
CA SER A 232 14.12 30.83 18.81
C SER A 232 14.23 30.24 20.21
N TRP A 233 14.88 29.09 20.28
CA TRP A 233 15.01 28.41 21.58
C TRP A 233 16.02 29.09 22.50
N THR A 234 16.91 29.91 21.96
CA THR A 234 17.91 30.59 22.78
C THR A 234 17.34 31.89 23.36
N ASP A 235 16.19 31.74 24.03
CA ASP A 235 15.53 32.89 24.64
C ASP A 235 16.43 33.55 25.67
N THR A 236 17.00 32.75 26.57
CA THR A 236 17.91 33.25 27.62
C THR A 236 17.27 34.40 28.40
N ASP A 237 16.08 34.14 28.91
CA ASP A 237 15.25 35.16 29.55
C ASP A 237 15.28 34.97 31.07
N GLY A 238 15.95 35.88 31.77
CA GLY A 238 15.89 35.92 33.21
C GLY A 238 15.95 37.34 33.77
N THR A 239 16.06 38.32 32.88
CA THR A 239 16.32 39.70 33.28
C THR A 239 15.00 40.49 33.39
N ASN A 240 14.15 40.03 34.30
CA ASN A 240 12.92 40.73 34.69
C ASN A 240 12.10 41.13 33.46
N GLU A 241 11.68 40.12 32.72
CA GLU A 241 10.98 40.35 31.46
C GLU A 241 9.51 40.65 31.70
N LYS A 242 8.85 41.08 30.64
CA LYS A 242 7.43 41.42 30.66
C LYS A 242 6.72 40.51 29.67
N PHE A 243 5.71 39.78 30.14
CA PHE A 243 5.01 38.81 29.32
C PHE A 243 3.51 39.02 29.44
N GLY A 244 2.79 38.66 28.39
CA GLY A 244 1.34 38.80 28.37
C GLY A 244 0.71 37.65 27.65
N GLY A 245 -0.59 37.48 27.88
CA GLY A 245 -1.33 36.40 27.27
C GLY A 245 -2.82 36.60 27.36
N ARG A 246 -3.54 35.50 27.17
CA ARG A 246 -5.00 35.50 27.26
C ARG A 246 -5.44 34.37 28.19
N ALA A 247 -6.62 34.53 28.76
CA ALA A 247 -7.15 33.54 29.69
C ALA A 247 -8.66 33.52 29.59
N LEU A 248 -9.25 32.44 30.08
CA LEU A 248 -10.69 32.25 30.06
C LEU A 248 -11.26 32.54 31.44
N LYS A 249 -12.26 33.42 31.50
CA LYS A 249 -12.87 33.78 32.77
C LYS A 249 -13.60 32.57 33.35
N PRO A 250 -13.82 32.55 34.67
CA PRO A 250 -14.49 31.38 35.28
C PRO A 250 -15.92 31.18 34.84
N ALA A 251 -16.52 32.14 34.14
CA ALA A 251 -17.88 32.00 33.66
C ALA A 251 -18.00 31.06 32.47
N THR A 252 -16.90 30.71 31.82
CA THR A 252 -16.90 29.76 30.72
C THR A 252 -16.54 28.38 31.24
N ASN A 253 -17.15 27.36 30.65
CA ASN A 253 -17.00 26.00 31.13
C ASN A 253 -15.61 25.46 30.80
N MET A 254 -15.00 24.80 31.79
CA MET A 254 -13.68 24.21 31.58
C MET A 254 -13.77 23.08 30.58
N LYS A 255 -12.86 23.08 29.61
CA LYS A 255 -12.82 22.06 28.58
C LYS A 255 -11.38 21.78 28.19
N PRO A 256 -11.09 20.57 27.72
CA PRO A 256 -9.74 20.29 27.20
C PRO A 256 -9.46 21.13 25.97
N CYS A 257 -8.18 21.45 25.78
CA CYS A 257 -7.78 22.14 24.56
C CYS A 257 -8.07 21.30 23.33
N TYR A 258 -7.88 19.99 23.42
CA TYR A 258 -8.15 19.08 22.33
C TYR A 258 -9.64 19.10 21.99
N GLY A 259 -9.97 19.64 20.82
CA GLY A 259 -11.35 19.71 20.39
C GLY A 259 -12.06 21.01 20.70
N SER A 260 -11.37 21.98 21.30
CA SER A 260 -12.00 23.22 21.71
C SER A 260 -12.14 24.17 20.53
N PHE A 261 -13.34 24.76 20.39
CA PHE A 261 -13.60 25.75 19.35
C PHE A 261 -14.44 26.88 19.92
N ALA A 262 -14.08 28.11 19.53
CA ALA A 262 -14.85 29.29 19.87
C ALA A 262 -14.91 30.18 18.63
N ARG A 263 -16.12 30.57 18.23
CA ARG A 263 -16.29 31.29 16.98
C ARG A 263 -15.68 32.69 17.07
N PRO A 264 -15.16 33.20 15.96
CA PRO A 264 -14.65 34.58 15.95
C PRO A 264 -15.77 35.60 15.99
N THR A 265 -15.51 36.71 16.67
CA THR A 265 -16.48 37.80 16.80
C THR A 265 -16.00 39.10 16.19
N ASN A 266 -14.82 39.12 15.57
CA ASN A 266 -14.34 40.28 14.85
C ASN A 266 -13.48 39.80 13.69
N ILE A 267 -13.20 40.71 12.76
CA ILE A 267 -12.39 40.37 11.60
C ILE A 267 -10.97 39.98 12.00
N LYS A 268 -10.51 40.41 13.17
CA LYS A 268 -9.17 40.12 13.63
C LYS A 268 -9.04 38.76 14.30
N GLY A 269 -10.13 38.02 14.46
CA GLY A 269 -10.09 36.70 15.04
C GLY A 269 -10.41 36.62 16.52
N GLY A 270 -10.60 37.76 17.19
CA GLY A 270 -10.95 37.75 18.60
C GLY A 270 -12.27 37.05 18.85
N GLN A 271 -12.29 36.12 19.80
CA GLN A 271 -13.47 35.31 20.06
C GLN A 271 -14.31 35.80 21.24
N ALA A 272 -13.98 36.94 21.82
CA ALA A 272 -14.69 37.39 23.00
C ALA A 272 -16.13 37.75 22.67
N LYS A 273 -17.03 37.41 23.59
CA LYS A 273 -18.43 37.81 23.45
C LYS A 273 -18.57 39.29 23.80
N ASN A 274 -19.80 39.76 23.80
CA ASN A 274 -20.10 41.12 24.22
C ASN A 274 -20.93 41.08 25.50
N ARG A 275 -20.57 41.93 26.45
CA ARG A 275 -21.22 41.97 27.76
C ARG A 275 -22.29 43.05 27.70
N LYS A 276 -23.54 42.61 27.54
CA LYS A 276 -24.65 43.53 27.35
C LYS A 276 -24.94 44.36 28.59
N VAL A 277 -24.34 44.03 29.72
CA VAL A 277 -24.67 44.71 30.99
C VAL A 277 -23.80 45.96 31.04
N LYS A 278 -24.27 47.02 30.38
CA LYS A 278 -23.71 48.36 30.54
C LYS A 278 -24.85 49.36 30.66
N PRO A 279 -25.59 49.32 31.77
CA PRO A 279 -26.69 50.27 31.96
C PRO A 279 -26.16 51.64 32.37
N THR A 280 -26.38 52.63 31.51
CA THR A 280 -25.96 53.98 31.83
C THR A 280 -26.78 54.54 32.99
N THR A 281 -26.11 55.25 33.89
CA THR A 281 -26.75 55.73 35.11
C THR A 281 -27.75 56.85 34.84
N GLU A 282 -27.77 57.42 33.64
CA GLU A 282 -28.65 58.54 33.31
C GLU A 282 -29.94 58.09 32.63
N GLY A 283 -30.39 56.87 32.93
CA GLY A 283 -31.62 56.38 32.33
C GLY A 283 -31.53 56.18 30.82
N GLY A 284 -30.40 55.65 30.34
CA GLY A 284 -30.21 55.38 28.94
C GLY A 284 -30.07 53.88 28.66
N VAL A 285 -30.16 53.55 27.37
CA VAL A 285 -30.13 52.14 26.99
C VAL A 285 -28.72 51.57 27.21
N GLU A 286 -28.67 50.25 27.39
CA GLU A 286 -27.41 49.57 27.58
C GLU A 286 -26.59 49.58 26.31
N THR A 287 -25.28 49.45 26.46
CA THR A 287 -24.34 49.52 25.35
C THR A 287 -23.54 48.21 25.28
N GLU A 288 -23.38 47.69 24.07
CA GLU A 288 -22.58 46.51 23.84
C GLU A 288 -21.09 46.85 23.88
N GLU A 289 -20.30 45.95 24.44
CA GLU A 289 -18.84 46.04 24.43
C GLU A 289 -18.29 44.66 24.79
N PRO A 290 -17.05 44.36 24.44
CA PRO A 290 -16.53 43.02 24.72
C PRO A 290 -16.15 42.86 26.19
N ASP A 291 -16.41 41.65 26.71
CA ASP A 291 -16.13 41.32 28.10
C ASP A 291 -14.69 40.82 28.23
N ILE A 292 -13.77 41.76 28.05
CA ILE A 292 -12.34 41.48 28.14
C ILE A 292 -11.77 42.30 29.28
N ASP A 293 -11.18 41.65 30.27
CA ASP A 293 -10.61 42.32 31.42
C ASP A 293 -9.13 42.00 31.57
N MET A 294 -8.40 42.91 32.21
CA MET A 294 -6.96 42.81 32.36
C MET A 294 -6.61 42.56 33.82
N GLU A 295 -5.89 41.46 34.08
CA GLU A 295 -5.42 41.13 35.42
C GLU A 295 -3.90 41.13 35.44
N PHE A 296 -3.33 41.61 36.54
CA PHE A 296 -1.90 41.77 36.69
C PHE A 296 -1.36 40.86 37.79
N PHE A 297 -0.15 40.36 37.60
CA PHE A 297 0.47 39.40 38.50
C PHE A 297 1.89 39.82 38.82
N ASP A 298 2.35 39.45 40.01
CA ASP A 298 3.71 39.70 40.45
C ASP A 298 4.30 38.41 41.00
N GLY A 299 5.57 38.47 41.41
CA GLY A 299 6.29 37.29 41.84
C GLY A 299 5.92 36.80 43.22
N ARG A 300 6.88 36.18 43.89
CA ARG A 300 6.65 35.52 45.17
C ARG A 300 6.96 36.38 46.38
N ASP A 301 8.03 37.19 46.34
CA ASP A 301 8.41 37.98 47.52
C ASP A 301 7.57 39.26 47.59
N ALA A 302 7.81 40.18 46.65
CA ALA A 302 6.94 41.33 46.37
C ALA A 302 6.28 41.89 47.64
N VAL A 303 7.11 42.28 48.60
CA VAL A 303 6.62 42.50 49.95
C VAL A 303 5.79 43.76 50.08
N ALA A 304 6.41 44.93 49.90
CA ALA A 304 5.73 46.19 50.13
C ALA A 304 5.75 47.13 48.94
N GLY A 305 6.93 47.38 48.37
CA GLY A 305 7.06 48.38 47.33
C GLY A 305 7.51 47.81 46.00
N ALA A 306 8.20 46.68 46.04
CA ALA A 306 8.67 46.01 44.83
C ALA A 306 7.50 45.26 44.20
N LEU A 307 6.46 46.02 43.83
CA LEU A 307 5.24 45.49 43.24
C LEU A 307 5.13 46.07 41.84
N ALA A 308 5.77 45.39 40.89
CA ALA A 308 5.69 45.75 39.49
C ALA A 308 5.15 44.57 38.71
N PRO A 309 4.14 44.76 37.86
CA PRO A 309 3.53 43.61 37.19
C PRO A 309 4.50 42.94 36.23
N GLU A 310 4.40 41.62 36.16
CA GLU A 310 5.23 40.84 35.25
C GLU A 310 4.43 40.07 34.21
N ILE A 311 3.21 39.66 34.54
CA ILE A 311 2.32 39.02 33.57
C ILE A 311 1.00 39.79 33.56
N VAL A 312 0.54 40.13 32.36
CA VAL A 312 -0.76 40.74 32.15
C VAL A 312 -1.57 39.78 31.31
N LEU A 313 -2.67 39.28 31.86
CA LEU A 313 -3.53 38.33 31.17
C LEU A 313 -4.84 39.01 30.81
N TYR A 314 -5.27 38.81 29.57
CA TYR A 314 -6.53 39.38 29.07
C TYR A 314 -7.61 38.31 29.20
N THR A 315 -8.28 38.30 30.35
CA THR A 315 -9.37 37.35 30.57
C THR A 315 -10.57 37.71 29.73
N GLU A 316 -11.34 36.70 29.33
CA GLU A 316 -12.47 36.91 28.45
C GLU A 316 -13.45 35.75 28.59
N ASN A 317 -14.58 35.87 27.89
CA ASN A 317 -15.59 34.82 27.80
C ASN A 317 -15.84 34.52 26.34
N VAL A 318 -15.88 33.24 25.99
CA VAL A 318 -16.03 32.81 24.61
C VAL A 318 -17.16 31.79 24.51
N ASN A 319 -17.61 31.57 23.28
CA ASN A 319 -18.62 30.54 23.00
C ASN A 319 -17.92 29.20 22.80
N LEU A 320 -17.33 28.72 23.89
CA LEU A 320 -16.57 27.47 23.84
C LEU A 320 -17.51 26.31 23.50
N GLU A 321 -17.04 25.43 22.61
CA GLU A 321 -17.80 24.24 22.25
C GLU A 321 -16.84 23.20 21.72
N THR A 322 -17.24 21.93 21.87
CA THR A 322 -16.46 20.79 21.41
C THR A 322 -17.31 20.02 20.42
N PRO A 323 -17.20 20.36 19.13
CA PRO A 323 -18.18 19.85 18.16
C PRO A 323 -17.86 18.49 17.59
N ASP A 324 -16.67 17.93 17.85
CA ASP A 324 -16.34 16.60 17.35
C ASP A 324 -15.57 15.78 18.36
N SER A 325 -15.82 15.98 19.65
CA SER A 325 -15.13 15.22 20.68
C SER A 325 -15.95 15.26 21.96
N HIS A 326 -15.70 14.28 22.84
CA HIS A 326 -16.37 14.17 24.13
C HIS A 326 -15.35 13.90 25.22
N VAL A 327 -15.70 14.29 26.44
CA VAL A 327 -14.84 14.10 27.59
C VAL A 327 -14.97 12.67 28.08
N VAL A 328 -13.83 11.99 28.24
CA VAL A 328 -13.80 10.60 28.67
C VAL A 328 -13.35 10.45 30.12
N TYR A 329 -12.88 11.52 30.75
CA TYR A 329 -12.53 11.47 32.16
C TYR A 329 -12.82 12.84 32.75
N LYS A 330 -13.69 12.89 33.75
CA LYS A 330 -13.95 14.13 34.47
C LYS A 330 -14.28 13.79 35.91
N PRO A 331 -13.49 14.26 36.87
CA PRO A 331 -13.68 13.81 38.26
C PRO A 331 -14.99 14.26 38.88
N GLU A 332 -15.29 15.55 38.85
CA GLU A 332 -16.40 16.12 39.60
C GLU A 332 -17.46 16.64 38.64
N THR A 333 -18.73 16.38 38.97
CA THR A 333 -19.83 16.82 38.14
C THR A 333 -19.92 18.34 38.06
N SER A 334 -19.47 19.06 39.08
CA SER A 334 -19.43 20.51 39.02
C SER A 334 -18.35 20.95 38.04
N ASN A 335 -18.25 22.26 37.85
CA ASN A 335 -17.30 22.82 36.90
C ASN A 335 -16.39 23.83 37.59
N ASN A 336 -15.31 24.17 36.89
CA ASN A 336 -14.36 25.20 37.30
C ASN A 336 -13.75 24.86 38.66
N SER A 337 -12.99 23.76 38.66
CA SER A 337 -12.25 23.33 39.83
C SER A 337 -10.85 22.95 39.39
N HIS A 338 -9.92 22.95 40.36
CA HIS A 338 -8.55 22.54 40.05
C HIS A 338 -8.51 21.11 39.53
N ALA A 339 -9.41 20.26 40.03
CA ALA A 339 -9.45 18.88 39.56
C ALA A 339 -9.88 18.79 38.11
N ASN A 340 -10.61 19.78 37.62
CA ASN A 340 -11.11 19.76 36.25
C ASN A 340 -10.08 20.22 35.23
N LEU A 341 -8.89 20.62 35.67
CA LEU A 341 -7.84 20.97 34.72
C LEU A 341 -7.33 19.74 33.99
N GLY A 342 -7.56 18.55 34.56
CA GLY A 342 -7.00 17.33 34.01
C GLY A 342 -8.01 16.40 33.37
N GLN A 343 -9.17 16.92 32.97
CA GLN A 343 -10.12 16.09 32.25
C GLN A 343 -9.58 15.73 30.88
N GLN A 344 -9.82 14.49 30.46
CA GLN A 344 -9.28 13.96 29.22
C GLN A 344 -10.38 13.78 28.19
N ALA A 345 -10.03 14.03 26.93
CA ALA A 345 -11.00 14.09 25.85
C ALA A 345 -10.62 13.13 24.72
N MET A 346 -11.64 12.60 24.05
CA MET A 346 -11.49 11.64 22.98
C MET A 346 -12.31 12.10 21.78
N PRO A 347 -11.83 11.87 20.56
CA PRO A 347 -12.59 12.28 19.39
C PRO A 347 -13.84 11.44 19.18
N ASN A 348 -14.83 12.06 18.56
CA ASN A 348 -16.08 11.36 18.27
C ASN A 348 -15.87 10.27 17.22
N ARG A 349 -16.66 9.21 17.34
CA ARG A 349 -16.53 8.10 16.42
C ARG A 349 -16.94 8.52 15.02
N PRO A 350 -16.23 8.06 13.98
CA PRO A 350 -16.62 8.42 12.62
C PRO A 350 -17.94 7.77 12.23
N ASN A 351 -18.66 8.44 11.34
CA ASN A 351 -19.95 7.93 10.86
C ASN A 351 -20.19 8.51 9.47
N TYR A 352 -19.95 7.71 8.45
CA TYR A 352 -20.13 8.13 7.07
C TYR A 352 -21.56 7.83 6.65
N ILE A 353 -22.33 8.87 6.33
CA ILE A 353 -23.74 8.75 5.99
C ILE A 353 -23.92 9.20 4.56
N GLY A 354 -24.52 8.33 3.75
CA GLY A 354 -24.70 8.63 2.34
C GLY A 354 -25.69 7.66 1.73
N PHE A 355 -26.05 7.93 0.49
CA PHE A 355 -27.01 7.10 -0.21
C PHE A 355 -26.46 5.70 -0.40
N ARG A 356 -27.37 4.73 -0.49
CA ARG A 356 -26.96 3.34 -0.60
C ARG A 356 -26.44 3.04 -2.00
N ASP A 357 -25.82 1.86 -2.12
CA ASP A 357 -25.29 1.42 -3.41
C ASP A 357 -26.41 1.24 -4.42
N ASN A 358 -26.21 1.79 -5.61
CA ASN A 358 -27.18 1.72 -6.71
C ASN A 358 -28.54 2.30 -6.32
N PHE A 359 -28.55 3.21 -5.34
CA PHE A 359 -29.78 3.82 -4.82
C PHE A 359 -30.81 2.75 -4.45
N VAL A 360 -30.32 1.69 -3.82
CA VAL A 360 -31.21 0.63 -3.34
C VAL A 360 -32.08 1.19 -2.23
N GLY A 361 -33.41 1.09 -2.41
CA GLY A 361 -34.36 1.57 -1.44
C GLY A 361 -35.04 2.88 -1.80
N LEU A 362 -34.48 3.65 -2.73
CA LEU A 362 -35.12 4.91 -3.09
C LEU A 362 -36.38 4.68 -3.90
N MET A 363 -36.49 3.53 -4.56
CA MET A 363 -37.67 3.18 -5.32
C MET A 363 -38.38 2.00 -4.68
N TYR A 364 -39.69 1.93 -4.89
CA TYR A 364 -40.50 0.86 -4.32
C TYR A 364 -40.49 -0.36 -5.23
N TYR A 365 -40.20 -1.52 -4.64
CA TYR A 365 -40.20 -2.78 -5.37
C TYR A 365 -40.81 -3.85 -4.49
N ASN A 366 -41.50 -4.79 -5.12
CA ASN A 366 -42.04 -5.96 -4.44
C ASN A 366 -42.96 -5.59 -3.29
N SER A 367 -43.74 -4.53 -3.48
CA SER A 367 -44.81 -4.15 -2.56
C SER A 367 -46.10 -4.02 -3.36
N THR A 368 -47.13 -4.78 -2.96
CA THR A 368 -48.39 -4.75 -3.70
C THR A 368 -49.13 -3.43 -3.52
N GLY A 369 -48.96 -2.77 -2.37
CA GLY A 369 -49.61 -1.50 -2.15
C GLY A 369 -48.92 -0.32 -2.78
N ASN A 370 -47.67 -0.49 -3.21
CA ASN A 370 -46.87 0.60 -3.79
C ASN A 370 -46.27 0.15 -5.11
N MET A 371 -47.10 -0.43 -5.97
CA MET A 371 -46.61 -1.04 -7.20
C MET A 371 -46.63 -0.05 -8.36
N GLY A 372 -45.50 0.02 -9.07
CA GLY A 372 -45.39 0.94 -10.19
C GLY A 372 -46.27 0.54 -11.34
N VAL A 373 -46.61 1.54 -12.17
CA VAL A 373 -47.59 1.38 -13.23
C VAL A 373 -46.96 1.76 -14.56
N LEU A 374 -46.98 0.83 -15.51
CA LEU A 374 -46.57 1.10 -16.90
C LEU A 374 -47.66 0.55 -17.81
N ALA A 375 -48.45 1.44 -18.39
CA ALA A 375 -49.57 1.01 -19.23
C ALA A 375 -49.74 1.99 -20.39
N GLY A 376 -50.01 1.45 -21.58
CA GLY A 376 -50.49 2.30 -22.65
C GLY A 376 -51.87 2.84 -22.31
N GLN A 377 -52.12 4.07 -22.74
CA GLN A 377 -53.40 4.70 -22.39
C GLN A 377 -54.55 4.20 -23.23
N ALA A 378 -54.28 3.50 -24.34
CA ALA A 378 -55.36 2.91 -25.12
C ALA A 378 -56.16 1.93 -24.26
N SER A 379 -55.47 1.10 -23.51
CA SER A 379 -56.08 0.29 -22.48
C SER A 379 -55.80 0.92 -21.11
N GLN A 380 -56.17 0.22 -20.04
CA GLN A 380 -55.79 0.60 -18.69
C GLN A 380 -55.02 -0.50 -17.97
N LEU A 381 -54.93 -1.69 -18.54
CA LEU A 381 -54.30 -2.81 -17.86
C LEU A 381 -52.82 -2.51 -17.64
N ASN A 382 -52.33 -2.82 -16.44
CA ASN A 382 -50.95 -2.56 -16.08
C ASN A 382 -50.09 -3.76 -16.46
N ALA A 383 -49.00 -3.48 -17.19
CA ALA A 383 -48.10 -4.54 -17.63
C ALA A 383 -47.11 -4.95 -16.55
N VAL A 384 -47.10 -4.27 -15.42
CA VAL A 384 -46.19 -4.59 -14.32
C VAL A 384 -46.99 -5.34 -13.26
N VAL A 385 -46.64 -6.61 -13.06
CA VAL A 385 -47.18 -7.42 -11.96
C VAL A 385 -46.00 -7.79 -11.07
N ASP A 386 -46.12 -7.50 -9.78
CA ASP A 386 -45.01 -7.69 -8.86
C ASP A 386 -45.50 -8.39 -7.60
N LEU A 387 -44.62 -9.22 -7.03
CA LEU A 387 -44.95 -10.06 -5.89
C LEU A 387 -44.02 -9.76 -4.72
N GLN A 388 -44.50 -10.08 -3.52
CA GLN A 388 -43.73 -9.88 -2.30
C GLN A 388 -42.74 -11.00 -2.04
N ASP A 389 -42.71 -12.02 -2.89
CA ASP A 389 -41.78 -13.13 -2.76
C ASP A 389 -40.56 -12.95 -3.65
N ARG A 390 -40.40 -11.79 -4.26
CA ARG A 390 -39.31 -11.52 -5.19
C ARG A 390 -38.40 -10.45 -4.60
N ASN A 391 -37.12 -10.51 -4.96
CA ASN A 391 -36.12 -9.55 -4.53
C ASN A 391 -35.49 -8.93 -5.77
N THR A 392 -35.95 -7.73 -6.12
CA THR A 392 -35.43 -7.05 -7.30
C THR A 392 -34.04 -6.49 -7.06
N GLU A 393 -33.82 -5.90 -5.88
CA GLU A 393 -32.52 -5.29 -5.60
C GLU A 393 -31.40 -6.31 -5.65
N LEU A 394 -31.61 -7.47 -5.04
CA LEU A 394 -30.59 -8.51 -5.04
C LEU A 394 -30.34 -9.02 -6.46
N SER A 395 -31.40 -9.13 -7.24
CA SER A 395 -31.26 -9.55 -8.62
C SER A 395 -30.38 -8.59 -9.41
N TYR A 396 -30.62 -7.29 -9.26
CA TYR A 396 -29.76 -6.32 -9.93
C TYR A 396 -28.33 -6.40 -9.41
N GLN A 397 -28.15 -6.55 -8.11
CA GLN A 397 -26.79 -6.59 -7.57
C GLN A 397 -26.01 -7.75 -8.17
N LEU A 398 -26.59 -8.95 -8.17
CA LEU A 398 -25.90 -10.10 -8.72
C LEU A 398 -25.71 -9.98 -10.22
N LEU A 399 -26.69 -9.42 -10.92
CA LEU A 399 -26.55 -9.20 -12.36
C LEU A 399 -25.37 -8.30 -12.67
N LEU A 400 -25.29 -7.16 -12.01
CA LEU A 400 -24.26 -6.18 -12.30
C LEU A 400 -22.92 -6.62 -11.75
N ASP A 401 -22.91 -7.57 -10.81
CA ASP A 401 -21.68 -8.31 -10.53
C ASP A 401 -21.29 -9.17 -11.73
N SER A 402 -22.26 -9.87 -12.31
CA SER A 402 -21.94 -10.83 -13.36
C SER A 402 -21.43 -10.14 -14.61
N LEU A 403 -22.04 -9.02 -15.00
CA LEU A 403 -21.74 -8.40 -16.28
C LEU A 403 -20.52 -7.50 -16.26
N GLY A 404 -19.91 -7.26 -15.10
CA GLY A 404 -18.77 -6.38 -15.08
C GLY A 404 -18.02 -6.48 -13.77
N ASP A 405 -16.90 -5.76 -13.72
CA ASP A 405 -16.04 -5.73 -12.55
C ASP A 405 -16.63 -4.80 -11.51
N ARG A 406 -16.57 -5.21 -10.25
CA ARG A 406 -17.30 -4.54 -9.18
C ARG A 406 -16.39 -3.74 -8.25
N THR A 407 -15.14 -3.51 -8.62
CA THR A 407 -14.30 -2.59 -7.87
C THR A 407 -14.27 -1.20 -8.47
N ARG A 408 -14.61 -1.05 -9.75
CA ARG A 408 -14.69 0.27 -10.36
C ARG A 408 -15.89 1.02 -9.82
N TYR A 409 -15.80 2.35 -9.85
CA TYR A 409 -16.82 3.23 -9.31
C TYR A 409 -17.42 4.09 -10.41
N PHE A 410 -18.75 4.15 -10.46
CA PHE A 410 -19.47 5.04 -11.35
C PHE A 410 -20.33 5.97 -10.51
N SER A 411 -20.10 7.27 -10.61
CA SER A 411 -20.81 8.23 -9.77
C SER A 411 -22.25 8.43 -10.22
N MET A 412 -22.57 8.10 -11.47
CA MET A 412 -23.91 8.35 -11.99
C MET A 412 -24.96 7.55 -11.24
N TRP A 413 -24.73 6.26 -11.06
CA TRP A 413 -25.67 5.37 -10.41
C TRP A 413 -25.30 5.07 -8.97
N ASN A 414 -24.39 5.83 -8.38
CA ASN A 414 -23.87 5.56 -7.04
C ASN A 414 -23.27 4.16 -6.99
N GLN A 415 -22.63 3.76 -8.09
CA GLN A 415 -22.14 2.39 -8.26
C GLN A 415 -20.80 2.25 -7.55
N ALA A 416 -20.87 2.04 -6.24
CA ALA A 416 -19.70 1.86 -5.39
C ALA A 416 -20.00 0.74 -4.40
N VAL A 417 -19.46 -0.45 -4.67
CA VAL A 417 -19.78 -1.61 -3.86
C VAL A 417 -19.35 -1.39 -2.42
N ASP A 418 -20.08 -2.04 -1.51
CA ASP A 418 -19.65 -2.08 -0.11
C ASP A 418 -18.56 -3.13 0.06
N SER A 419 -17.61 -2.84 0.95
CA SER A 419 -16.48 -3.73 1.20
C SER A 419 -16.01 -3.54 2.63
N TYR A 420 -15.01 -4.33 3.01
CA TYR A 420 -14.36 -4.18 4.31
C TYR A 420 -12.86 -4.35 4.12
N ASP A 421 -12.11 -3.83 5.07
CA ASP A 421 -10.66 -3.99 5.05
C ASP A 421 -10.31 -5.45 5.35
N PRO A 422 -9.64 -6.16 4.45
CA PRO A 422 -9.35 -7.57 4.72
C PRO A 422 -8.46 -7.79 5.93
N ASP A 423 -7.66 -6.80 6.31
CA ASP A 423 -6.83 -6.92 7.49
C ASP A 423 -7.60 -6.63 8.78
N VAL A 424 -8.84 -6.18 8.68
CA VAL A 424 -9.66 -5.95 9.87
C VAL A 424 -10.58 -7.12 10.15
N ARG A 425 -11.11 -7.76 9.10
CA ARG A 425 -11.94 -8.94 9.31
C ARG A 425 -11.13 -10.09 9.88
N ILE A 426 -10.00 -10.41 9.26
CA ILE A 426 -9.06 -11.42 9.77
C ILE A 426 -7.78 -10.70 10.14
N ILE A 427 -7.31 -10.91 11.36
CA ILE A 427 -6.21 -10.14 11.92
C ILE A 427 -4.89 -10.88 11.71
N GLU A 428 -3.99 -10.26 10.94
CA GLU A 428 -2.63 -10.74 10.70
C GLU A 428 -1.73 -10.12 11.76
N ASN A 429 -1.41 -10.89 12.80
CA ASN A 429 -0.54 -10.38 13.86
C ASN A 429 0.90 -10.79 13.57
N HIS A 430 1.51 -10.09 12.62
CA HIS A 430 2.90 -10.31 12.23
C HIS A 430 3.88 -9.88 13.31
N GLY A 431 3.42 -9.21 14.35
CA GLY A 431 4.31 -8.64 15.32
C GLY A 431 4.62 -7.18 15.02
N ILE A 432 5.81 -6.77 15.41
CA ILE A 432 6.24 -5.38 15.33
C ILE A 432 7.74 -5.36 15.11
N GLU A 433 8.18 -4.72 14.01
CA GLU A 433 9.61 -4.58 13.73
C GLU A 433 10.11 -3.38 14.52
N ASP A 434 10.64 -3.63 15.71
CA ASP A 434 11.09 -2.57 16.61
C ASP A 434 12.45 -2.91 17.21
N GLU A 435 13.40 -3.34 16.39
CA GLU A 435 14.72 -3.64 16.90
C GLU A 435 15.46 -2.38 17.31
N LEU A 436 15.33 -1.31 16.53
CA LEU A 436 16.10 -0.09 16.77
C LEU A 436 15.39 0.81 17.76
N PRO A 437 16.08 1.31 18.78
CA PRO A 437 15.48 2.32 19.66
C PRO A 437 15.25 3.62 18.94
N ASN A 438 14.24 4.36 19.40
CA ASN A 438 13.92 5.69 18.89
C ASN A 438 13.91 6.67 20.05
N TYR A 439 14.46 7.85 19.83
CA TYR A 439 14.60 8.84 20.89
C TYR A 439 14.06 10.21 20.46
N CYS A 440 13.67 11.00 21.46
CA CYS A 440 13.34 12.40 21.28
C CYS A 440 14.27 13.24 22.15
N PHE A 441 14.81 14.30 21.57
CA PHE A 441 15.90 15.08 22.15
C PHE A 441 15.42 16.50 22.39
N PRO A 442 16.10 17.25 23.26
CA PRO A 442 15.73 18.65 23.48
C PRO A 442 15.88 19.47 22.21
N LEU A 443 15.23 20.64 22.22
CA LEU A 443 15.22 21.49 21.03
C LEU A 443 16.63 21.95 20.67
N ASN A 444 17.50 22.11 21.66
CA ASN A 444 18.85 22.61 21.42
C ASN A 444 19.86 21.50 21.21
N GLY A 445 19.41 20.27 21.03
CA GLY A 445 20.29 19.15 20.82
C GLY A 445 20.73 18.50 22.11
N ILE A 446 21.51 19.24 22.89
CA ILE A 446 21.94 18.78 24.19
C ILE A 446 20.93 19.23 25.23
N GLY A 447 21.00 18.63 26.42
CA GLY A 447 20.12 19.00 27.49
C GLY A 447 20.65 20.18 28.27
N PRO A 448 20.14 20.38 29.49
CA PRO A 448 20.70 21.43 30.35
C PRO A 448 22.15 21.15 30.69
N GLY A 449 22.93 22.21 30.85
CA GLY A 449 24.35 22.11 31.07
C GLY A 449 24.79 22.63 32.42
N HIS A 450 26.03 23.11 32.47
CA HIS A 450 26.62 23.63 33.70
C HIS A 450 27.55 24.78 33.33
N THR A 451 27.81 25.64 34.30
CA THR A 451 28.66 26.80 34.09
C THR A 451 30.13 26.43 34.29
N TYR A 452 30.98 26.95 33.42
CA TYR A 452 32.40 26.61 33.44
C TYR A 452 33.21 27.84 33.05
N GLN A 453 34.40 27.95 33.64
CA GLN A 453 35.30 29.07 33.41
C GLN A 453 36.61 28.57 32.81
N GLY A 454 37.19 29.36 31.92
CA GLY A 454 38.42 28.97 31.26
C GLY A 454 39.61 29.07 32.19
N ILE A 455 40.56 28.15 32.02
CA ILE A 455 41.79 28.13 32.79
C ILE A 455 42.93 27.73 31.86
N LYS A 456 44.09 28.35 32.05
CA LYS A 456 45.27 28.06 31.24
C LYS A 456 46.42 27.69 32.15
N VAL A 457 47.44 27.05 31.56
CA VAL A 457 48.59 26.59 32.35
C VAL A 457 49.40 27.78 32.82
N LYS A 458 50.15 27.58 33.90
CA LYS A 458 50.92 28.65 34.52
C LYS A 458 52.34 28.64 33.97
N THR A 459 52.74 29.77 33.36
CA THR A 459 54.09 29.93 32.85
C THR A 459 55.08 30.36 33.92
N ASP A 460 54.61 30.56 35.15
CA ASP A 460 55.48 30.97 36.25
C ASP A 460 56.26 29.75 36.75
N ASP A 461 56.95 29.91 37.88
CA ASP A 461 57.74 28.82 38.43
C ASP A 461 56.86 27.62 38.79
N THR A 462 55.70 27.88 39.40
CA THR A 462 54.77 26.80 39.73
C THR A 462 53.93 26.48 38.50
N ASN A 463 53.94 25.21 38.09
CA ASN A 463 53.18 24.78 36.91
C ASN A 463 51.81 24.28 37.35
N GLY A 464 50.97 25.23 37.76
CA GLY A 464 49.62 24.93 38.17
C GLY A 464 48.58 25.34 37.15
N TRP A 465 47.50 25.97 37.61
CA TRP A 465 46.43 26.42 36.71
C TRP A 465 45.94 27.75 37.26
N GLU A 466 46.03 28.80 36.45
CA GLU A 466 45.43 30.08 36.80
C GLU A 466 44.25 30.37 35.89
N LYS A 467 43.42 31.32 36.31
CA LYS A 467 42.29 31.75 35.51
C LYS A 467 42.77 32.33 34.20
N ASP A 468 42.23 31.80 33.10
CA ASP A 468 42.54 32.33 31.73
C ASP A 468 41.53 33.45 31.50
N ALA A 469 41.92 34.52 30.82
CA ALA A 469 41.02 35.69 30.77
C ALA A 469 40.64 36.07 29.36
N ASN A 470 40.82 35.17 28.40
CA ASN A 470 40.29 35.47 27.05
C ASN A 470 39.07 34.59 26.98
N VAL A 471 38.79 33.90 28.08
CA VAL A 471 37.69 32.93 28.12
C VAL A 471 36.55 33.50 28.94
N ALA A 472 35.34 33.07 28.63
CA ALA A 472 34.16 33.61 29.27
C ALA A 472 34.03 33.01 30.66
N PRO A 473 33.56 33.72 31.71
CA PRO A 473 33.39 33.04 33.01
C PRO A 473 32.25 32.05 33.03
N ALA A 474 31.29 32.13 32.11
CA ALA A 474 30.12 31.27 32.10
C ALA A 474 29.96 30.66 30.72
N ASN A 475 30.63 29.53 30.50
CA ASN A 475 30.44 28.72 29.30
C ASN A 475 29.58 27.52 29.67
N GLU A 476 28.46 27.35 28.97
CA GLU A 476 27.54 26.26 29.27
C GLU A 476 27.88 25.06 28.40
N ILE A 477 28.43 24.02 29.03
CA ILE A 477 28.82 22.78 28.37
C ILE A 477 28.27 21.61 29.18
N THR A 478 27.75 20.61 28.50
CA THR A 478 27.20 19.43 29.14
C THR A 478 28.22 18.30 29.08
N ILE A 479 28.38 17.58 30.18
CA ILE A 479 29.24 16.41 30.22
C ILE A 479 28.36 15.16 30.12
N GLY A 480 28.98 14.05 29.73
CA GLY A 480 28.23 12.83 29.49
C GLY A 480 27.46 12.89 28.19
N ASN A 481 26.33 12.19 28.15
CA ASN A 481 25.42 12.24 27.01
C ASN A 481 24.29 13.22 27.28
N ASN A 482 23.58 13.56 26.22
CA ASN A 482 22.47 14.51 26.30
C ASN A 482 21.25 13.84 26.94
N LEU A 483 20.16 14.60 27.08
CA LEU A 483 18.91 14.09 27.60
C LEU A 483 18.09 13.47 26.48
N ALA A 484 17.33 12.44 26.81
CA ALA A 484 16.54 11.76 25.79
C ALA A 484 15.39 11.01 26.45
N MET A 485 14.31 10.84 25.69
CA MET A 485 13.20 10.00 26.08
C MET A 485 12.94 8.96 25.00
N GLU A 486 12.47 7.80 25.41
CA GLU A 486 12.30 6.65 24.53
C GLU A 486 10.84 6.48 24.14
N ILE A 487 10.61 6.10 22.89
CA ILE A 487 9.26 5.85 22.37
C ILE A 487 9.33 4.70 21.38
N ASN A 488 8.29 3.86 21.37
CA ASN A 488 8.17 2.75 20.42
C ASN A 488 7.11 3.14 19.39
N ILE A 489 7.57 3.65 18.25
CA ILE A 489 6.67 4.19 17.24
C ILE A 489 5.85 3.08 16.60
N GLN A 490 6.50 1.96 16.28
CA GLN A 490 5.79 0.86 15.64
C GLN A 490 4.74 0.26 16.57
N ALA A 491 5.07 0.10 17.85
CA ALA A 491 4.09 -0.40 18.81
C ALA A 491 2.89 0.53 18.92
N ASN A 492 3.14 1.84 18.93
CA ASN A 492 2.05 2.80 19.05
C ASN A 492 1.16 2.78 17.81
N LEU A 493 1.76 2.72 16.61
CA LEU A 493 0.96 2.64 15.40
C LEU A 493 0.12 1.37 15.37
N TRP A 494 0.70 0.23 15.76
CA TRP A 494 -0.05 -1.02 15.80
C TRP A 494 -1.19 -0.97 16.81
N ARG A 495 -0.95 -0.42 17.99
CA ARG A 495 -2.00 -0.32 19.00
C ARG A 495 -3.13 0.58 18.52
N SER A 496 -2.78 1.71 17.89
CA SER A 496 -3.82 2.61 17.37
C SER A 496 -4.65 1.90 16.31
N PHE A 497 -4.00 1.17 15.40
CA PHE A 497 -4.75 0.42 14.40
C PHE A 497 -5.71 -0.56 15.07
N LEU A 498 -5.20 -1.38 15.99
CA LEU A 498 -6.02 -2.41 16.60
C LEU A 498 -7.20 -1.81 17.35
N TYR A 499 -6.96 -0.78 18.15
CA TYR A 499 -8.06 -0.14 18.87
C TYR A 499 -9.08 0.41 17.90
N SER A 500 -8.70 1.37 17.06
CA SER A 500 -9.65 2.10 16.25
C SER A 500 -10.36 1.22 15.24
N ASN A 501 -9.83 0.04 14.93
CA ASN A 501 -10.48 -0.79 13.93
C ASN A 501 -11.11 -2.06 14.48
N VAL A 502 -10.87 -2.42 15.74
CA VAL A 502 -11.50 -3.62 16.29
C VAL A 502 -12.23 -3.29 17.58
N ALA A 503 -11.55 -2.62 18.51
CA ALA A 503 -12.06 -2.53 19.87
C ALA A 503 -13.34 -1.71 19.96
N LEU A 504 -13.42 -0.61 19.19
CA LEU A 504 -14.62 0.21 19.21
C LEU A 504 -15.82 -0.49 18.58
N TYR A 505 -15.60 -1.55 17.82
CA TYR A 505 -16.67 -2.25 17.13
C TYR A 505 -17.12 -3.50 17.86
N LEU A 506 -16.63 -3.72 19.08
CA LEU A 506 -17.05 -4.85 19.87
C LEU A 506 -18.51 -4.68 20.30
N PRO A 507 -19.21 -5.77 20.57
CA PRO A 507 -20.60 -5.65 21.02
C PRO A 507 -20.69 -4.96 22.37
N ASP A 508 -21.86 -4.38 22.63
CA ASP A 508 -22.05 -3.53 23.81
C ASP A 508 -21.89 -4.27 25.12
N VAL A 509 -21.92 -5.60 25.12
CA VAL A 509 -21.69 -6.35 26.35
C VAL A 509 -20.26 -6.17 26.82
N TYR A 510 -19.33 -5.91 25.90
CA TYR A 510 -17.92 -5.75 26.22
C TYR A 510 -17.54 -4.34 26.60
N LYS A 511 -18.49 -3.41 26.62
CA LYS A 511 -18.20 -2.02 26.96
C LYS A 511 -18.89 -1.64 28.26
N TYR A 512 -18.47 -0.51 28.83
CA TYR A 512 -19.10 0.00 30.07
C TYR A 512 -19.35 1.50 29.92
N THR A 513 -20.19 2.09 30.77
CA THR A 513 -20.38 3.56 30.73
C THR A 513 -19.40 4.20 31.70
N PRO A 514 -18.48 5.09 31.24
CA PRO A 514 -17.55 5.78 32.13
C PRO A 514 -18.31 6.59 33.20
N PRO A 515 -17.77 6.75 34.43
CA PRO A 515 -18.48 7.45 35.51
C PRO A 515 -18.73 8.94 35.27
N ASN A 516 -19.60 9.55 36.08
CA ASN A 516 -19.96 10.98 35.95
C ASN A 516 -20.54 11.26 34.55
N ILE A 517 -20.97 10.21 33.83
CA ILE A 517 -21.46 10.42 32.47
C ILE A 517 -22.81 9.71 32.35
N THR A 518 -23.82 10.45 31.88
CA THR A 518 -25.17 9.92 31.73
C THR A 518 -25.46 9.69 30.25
N LEU A 519 -25.93 8.49 29.93
CA LEU A 519 -26.11 8.10 28.53
C LEU A 519 -27.57 7.81 28.23
N PRO A 520 -28.01 8.06 26.99
CA PRO A 520 -29.41 7.79 26.64
C PRO A 520 -29.75 6.32 26.81
N THR A 521 -31.00 6.05 27.17
CA THR A 521 -31.46 4.68 27.33
C THR A 521 -31.60 3.96 25.99
N ASN A 522 -31.77 4.70 24.90
CA ASN A 522 -31.89 4.09 23.59
C ASN A 522 -30.53 3.61 23.12
N THR A 523 -30.37 2.29 23.01
CA THR A 523 -29.10 1.72 22.59
C THR A 523 -28.83 1.88 21.09
N ASN A 524 -29.79 2.38 20.33
CA ASN A 524 -29.63 2.64 18.92
C ASN A 524 -29.28 4.09 18.60
N THR A 525 -29.00 4.90 19.62
CA THR A 525 -28.72 6.31 19.43
C THR A 525 -27.22 6.52 19.27
N TYR A 526 -26.86 7.49 18.43
CA TYR A 526 -25.44 7.79 18.21
C TYR A 526 -24.76 8.25 19.50
N GLU A 527 -25.48 8.95 20.37
CA GLU A 527 -24.90 9.40 21.63
C GLU A 527 -24.52 8.23 22.51
N TYR A 528 -25.37 7.19 22.55
CA TYR A 528 -25.05 6.01 23.33
C TYR A 528 -23.79 5.33 22.83
N MET A 529 -23.68 5.15 21.51
CA MET A 529 -22.49 4.50 20.95
C MET A 529 -21.24 5.35 21.11
N ASN A 530 -21.38 6.67 21.08
CA ASN A 530 -20.23 7.54 21.28
C ASN A 530 -19.85 7.70 22.74
N GLY A 531 -20.74 7.33 23.65
CA GLY A 531 -20.48 7.50 25.07
C GLY A 531 -19.98 6.27 25.81
N ARG A 532 -19.97 5.11 25.17
CA ARG A 532 -19.51 3.90 25.84
C ARG A 532 -18.02 3.71 25.64
N VAL A 533 -17.35 3.15 26.64
CA VAL A 533 -15.90 2.98 26.65
C VAL A 533 -15.56 1.50 26.65
N VAL A 534 -14.70 1.09 25.73
CA VAL A 534 -14.22 -0.27 25.63
C VAL A 534 -12.78 -0.30 26.14
N SER A 535 -12.47 -1.30 26.95
CA SER A 535 -11.13 -1.42 27.50
C SER A 535 -10.15 -1.78 26.39
N PRO A 536 -9.07 -1.01 26.21
CA PRO A 536 -8.12 -1.31 25.13
C PRO A 536 -7.42 -2.65 25.30
N SER A 537 -7.35 -3.18 26.52
CA SER A 537 -6.65 -4.43 26.75
C SER A 537 -7.41 -5.64 26.21
N LEU A 538 -8.64 -5.48 25.77
CA LEU A 538 -9.37 -6.59 25.18
C LEU A 538 -8.71 -7.06 23.89
N VAL A 539 -8.38 -6.13 23.01
CA VAL A 539 -7.72 -6.44 21.74
C VAL A 539 -6.41 -5.64 21.75
N ASP A 540 -5.34 -6.26 22.23
CA ASP A 540 -4.08 -5.59 22.39
C ASP A 540 -3.07 -6.09 21.36
N SER A 541 -1.85 -5.56 21.43
CA SER A 541 -0.84 -5.84 20.42
C SER A 541 -0.45 -7.31 20.38
N TYR A 542 -0.70 -8.07 21.43
CA TYR A 542 -0.32 -9.47 21.50
C TYR A 542 -1.48 -10.41 21.21
N ILE A 543 -2.62 -9.90 20.78
CA ILE A 543 -3.79 -10.75 20.59
C ILE A 543 -3.50 -11.73 19.47
N ASN A 544 -3.48 -13.02 19.80
CA ASN A 544 -3.18 -14.09 18.86
C ASN A 544 -1.91 -13.78 18.08
N ILE A 545 -0.82 -13.59 18.83
CA ILE A 545 0.45 -13.20 18.22
C ILE A 545 0.91 -14.27 17.26
N GLY A 546 1.29 -13.84 16.06
CA GLY A 546 1.77 -14.77 15.06
C GLY A 546 0.73 -15.69 14.48
N ALA A 547 -0.55 -15.30 14.53
CA ALA A 547 -1.64 -16.16 14.07
C ALA A 547 -2.50 -15.42 13.06
N ARG A 548 -3.10 -16.18 12.15
CA ARG A 548 -4.14 -15.69 11.25
C ARG A 548 -5.47 -16.12 11.84
N TRP A 549 -6.15 -15.18 12.49
CA TRP A 549 -7.33 -15.55 13.26
C TRP A 549 -8.21 -14.32 13.43
N SER A 550 -9.49 -14.47 13.12
CA SER A 550 -10.47 -13.43 13.39
C SER A 550 -11.08 -13.65 14.76
N LEU A 551 -11.39 -12.56 15.45
CA LEU A 551 -11.92 -12.67 16.80
C LEU A 551 -13.30 -13.31 16.79
N ASP A 552 -13.54 -14.18 17.77
CA ASP A 552 -14.83 -14.86 17.85
C ASP A 552 -15.99 -13.90 18.07
N PRO A 553 -15.95 -12.92 18.98
CA PRO A 553 -17.04 -11.94 19.04
C PRO A 553 -17.24 -11.19 17.75
N MET A 554 -16.15 -10.85 17.05
CA MET A 554 -16.24 -10.18 15.77
C MET A 554 -16.91 -11.02 14.70
N ASP A 555 -17.01 -12.33 14.91
CA ASP A 555 -17.39 -13.23 13.84
C ASP A 555 -18.87 -13.08 13.49
N ASN A 556 -19.70 -12.78 14.49
CA ASN A 556 -21.14 -12.62 14.29
C ASN A 556 -21.55 -11.16 14.11
N VAL A 557 -20.61 -10.23 14.03
CA VAL A 557 -20.91 -8.82 13.85
C VAL A 557 -20.75 -8.47 12.38
N ASN A 558 -21.63 -7.59 11.89
CA ASN A 558 -21.61 -7.20 10.49
C ASN A 558 -20.31 -6.47 10.17
N PRO A 559 -19.50 -6.96 9.23
CA PRO A 559 -18.23 -6.30 8.94
C PRO A 559 -18.34 -5.13 8.01
N PHE A 560 -19.46 -4.97 7.30
CA PHE A 560 -19.63 -3.86 6.39
C PHE A 560 -20.04 -2.58 7.10
N ASN A 561 -20.39 -2.64 8.38
CA ASN A 561 -20.65 -1.44 9.18
C ASN A 561 -19.32 -0.96 9.77
N HIS A 562 -18.46 -0.48 8.88
CA HIS A 562 -17.14 -0.03 9.27
C HIS A 562 -16.80 1.22 8.47
N HIS A 563 -15.94 2.06 9.04
CA HIS A 563 -15.48 3.23 8.30
C HIS A 563 -14.37 2.89 7.31
N ARG A 564 -13.88 1.67 7.33
CA ARG A 564 -12.99 1.18 6.28
C ARG A 564 -13.73 0.78 5.03
N ASN A 565 -15.06 0.82 5.06
CA ASN A 565 -15.88 0.60 3.88
C ASN A 565 -15.55 1.66 2.84
N ALA A 566 -14.90 1.26 1.75
CA ALA A 566 -14.49 2.21 0.72
C ALA A 566 -15.70 2.74 -0.04
N GLY A 567 -16.64 1.86 -0.39
CA GLY A 567 -17.80 2.31 -1.12
C GLY A 567 -18.66 3.26 -0.33
N LEU A 568 -18.89 2.96 0.94
CA LEU A 568 -19.71 3.82 1.78
C LEU A 568 -19.06 5.18 1.99
N ARG A 569 -17.76 5.21 2.25
CA ARG A 569 -17.10 6.50 2.46
C ARG A 569 -17.03 7.29 1.16
N TYR A 570 -16.88 6.62 0.03
CA TYR A 570 -16.91 7.29 -1.26
C TYR A 570 -18.28 7.92 -1.51
N ARG A 571 -19.35 7.16 -1.24
CA ARG A 571 -20.69 7.68 -1.43
C ARG A 571 -21.02 8.80 -0.43
N SER A 572 -20.41 8.75 0.76
CA SER A 572 -20.56 9.86 1.70
C SER A 572 -19.86 11.11 1.20
N MET A 573 -18.65 10.96 0.66
CA MET A 573 -17.91 12.11 0.16
C MET A 573 -18.47 12.66 -1.14
N LEU A 574 -19.23 11.84 -1.89
CA LEU A 574 -19.81 12.31 -3.13
C LEU A 574 -20.80 13.44 -2.88
N LEU A 575 -21.60 13.32 -1.82
CA LEU A 575 -22.55 14.37 -1.47
C LEU A 575 -21.86 15.63 -0.95
N GLY A 576 -20.69 15.48 -0.34
CA GLY A 576 -20.02 16.58 0.34
C GLY A 576 -19.64 16.19 1.76
N ASN A 577 -19.01 17.16 2.43
CA ASN A 577 -18.58 16.99 3.81
C ASN A 577 -19.50 17.66 4.82
N GLY A 578 -20.58 18.28 4.39
CA GLY A 578 -21.43 19.04 5.26
C GLY A 578 -22.70 18.30 5.65
N ARG A 579 -23.26 18.71 6.79
CA ARG A 579 -24.51 18.10 7.25
C ARG A 579 -25.68 18.46 6.35
N TYR A 580 -25.70 19.69 5.84
CA TYR A 580 -26.75 20.15 4.93
C TYR A 580 -26.23 20.05 3.50
N VAL A 581 -27.03 19.47 2.62
CA VAL A 581 -26.64 19.25 1.24
C VAL A 581 -27.87 19.23 0.32
N PRO A 582 -27.92 20.05 -0.73
CA PRO A 582 -28.89 19.82 -1.80
C PRO A 582 -28.29 18.85 -2.82
N PHE A 583 -29.03 17.79 -3.13
CA PHE A 583 -28.49 16.73 -3.98
C PHE A 583 -29.17 16.73 -5.34
N HIS A 584 -28.58 15.95 -6.24
CA HIS A 584 -29.07 15.84 -7.62
C HIS A 584 -28.57 14.51 -8.14
N ILE A 585 -29.47 13.53 -8.28
CA ILE A 585 -29.09 12.16 -8.56
C ILE A 585 -29.92 11.63 -9.72
N GLN A 586 -29.39 10.59 -10.37
CA GLN A 586 -30.06 9.88 -11.44
C GLN A 586 -30.23 8.43 -11.02
N VAL A 587 -31.46 7.97 -10.93
CA VAL A 587 -31.80 6.65 -10.39
C VAL A 587 -32.24 5.76 -11.53
N PRO A 588 -31.76 4.52 -11.61
CA PRO A 588 -32.15 3.64 -12.71
C PRO A 588 -33.45 2.91 -12.43
N GLN A 589 -33.90 2.17 -13.44
CA GLN A 589 -35.03 1.26 -13.30
C GLN A 589 -34.50 -0.16 -13.13
N LYS A 590 -35.05 -0.89 -12.17
CA LYS A 590 -34.51 -2.18 -11.80
C LYS A 590 -35.47 -3.35 -12.02
N PHE A 591 -36.72 -3.11 -12.37
CA PHE A 591 -37.65 -4.21 -12.59
C PHE A 591 -37.21 -5.06 -13.78
N PHE A 592 -37.23 -6.37 -13.60
CA PHE A 592 -36.66 -7.27 -14.60
C PHE A 592 -37.47 -7.25 -15.90
N ALA A 593 -38.73 -6.81 -15.85
CA ALA A 593 -39.57 -6.83 -17.03
C ALA A 593 -39.42 -5.59 -17.89
N VAL A 594 -39.02 -4.47 -17.29
CA VAL A 594 -39.05 -3.18 -18.00
C VAL A 594 -37.72 -2.44 -17.87
N LYS A 595 -36.66 -3.13 -17.48
CA LYS A 595 -35.35 -2.48 -17.45
C LYS A 595 -34.58 -2.65 -18.75
N ASN A 596 -35.04 -3.49 -19.66
CA ASN A 596 -34.40 -3.70 -20.95
C ASN A 596 -35.41 -3.77 -22.09
N LEU A 597 -36.66 -3.43 -21.82
CA LEU A 597 -37.69 -3.49 -22.85
C LEU A 597 -37.46 -2.42 -23.91
N LEU A 598 -37.67 -2.79 -25.18
CA LEU A 598 -37.57 -1.86 -26.30
C LEU A 598 -38.97 -1.34 -26.59
N LEU A 599 -39.26 -0.13 -26.12
CA LEU A 599 -40.61 0.41 -26.20
C LEU A 599 -40.87 0.98 -27.59
N LEU A 600 -42.07 0.75 -28.09
CA LEU A 600 -42.48 1.10 -29.45
C LEU A 600 -43.26 2.41 -29.44
N PRO A 601 -43.51 3.00 -30.61
CA PRO A 601 -44.26 4.26 -30.64
C PRO A 601 -45.65 4.12 -30.04
N GLY A 602 -46.12 5.22 -29.46
CA GLY A 602 -47.40 5.25 -28.80
C GLY A 602 -47.35 6.10 -27.54
N SER A 603 -48.49 6.30 -26.91
CA SER A 603 -48.60 7.08 -25.69
C SER A 603 -48.85 6.16 -24.51
N TYR A 604 -48.07 6.30 -23.46
CA TYR A 604 -48.17 5.44 -22.29
C TYR A 604 -48.22 6.28 -21.02
N THR A 605 -48.65 5.66 -19.93
CA THR A 605 -48.60 6.27 -18.61
C THR A 605 -47.56 5.56 -17.76
N TYR A 606 -46.58 6.32 -17.26
CA TYR A 606 -45.47 5.79 -16.49
C TYR A 606 -45.56 6.33 -15.07
N GLU A 607 -45.59 5.44 -14.09
CA GLU A 607 -45.82 5.84 -12.71
C GLU A 607 -44.98 4.97 -11.79
N TRP A 608 -44.51 5.56 -10.70
CA TRP A 608 -43.73 4.83 -9.70
C TRP A 608 -43.77 5.59 -8.38
N ASN A 609 -43.36 4.91 -7.32
CA ASN A 609 -43.35 5.44 -5.96
C ASN A 609 -41.92 5.54 -5.47
N PHE A 610 -41.67 6.49 -4.56
CA PHE A 610 -40.37 6.70 -3.98
C PHE A 610 -40.48 6.79 -2.46
N ARG A 611 -39.48 6.26 -1.77
CA ARG A 611 -39.50 6.25 -0.31
C ARG A 611 -38.95 7.55 0.25
N LYS A 612 -39.49 7.94 1.41
CA LYS A 612 -38.96 9.06 2.17
C LYS A 612 -38.37 8.63 3.51
N ASP A 613 -38.41 7.35 3.83
CA ASP A 613 -37.84 6.86 5.08
C ASP A 613 -36.32 6.96 5.04
N VAL A 614 -35.75 7.68 6.01
CA VAL A 614 -34.30 7.85 6.04
C VAL A 614 -33.60 6.53 6.34
N ASN A 615 -34.22 5.67 7.14
CA ASN A 615 -33.59 4.40 7.49
C ASN A 615 -33.51 3.45 6.31
N MET A 616 -34.19 3.76 5.21
CA MET A 616 -34.13 2.95 3.99
C MET A 616 -33.28 3.58 2.91
N VAL A 617 -33.37 4.89 2.72
CA VAL A 617 -32.65 5.55 1.63
C VAL A 617 -31.24 5.94 2.03
N LEU A 618 -30.90 5.92 3.31
CA LEU A 618 -29.59 6.35 3.77
C LEU A 618 -28.90 5.19 4.49
N GLN A 619 -27.57 5.19 4.42
CA GLN A 619 -26.77 4.16 5.04
C GLN A 619 -25.71 4.83 5.90
N SER A 620 -25.49 4.28 7.10
CA SER A 620 -24.49 4.79 8.03
C SER A 620 -23.56 3.66 8.44
N SER A 621 -22.32 4.02 8.76
CA SER A 621 -21.32 3.03 9.14
C SER A 621 -21.51 2.50 10.55
N LEU A 622 -22.27 3.21 11.38
CA LEU A 622 -22.55 2.74 12.74
C LEU A 622 -23.83 1.93 12.83
N GLY A 623 -24.77 2.13 11.91
CA GLY A 623 -26.03 1.43 11.97
C GLY A 623 -27.04 2.02 12.94
N ASN A 624 -26.82 3.25 13.41
CA ASN A 624 -27.74 3.85 14.36
C ASN A 624 -29.04 4.25 13.66
N ASP A 625 -30.10 4.35 14.46
CA ASP A 625 -31.41 4.73 13.95
C ASP A 625 -31.40 6.19 13.51
N LEU A 626 -31.47 6.43 12.21
CA LEU A 626 -31.46 7.78 11.68
C LEU A 626 -32.80 8.50 11.86
N ARG A 627 -33.89 7.76 12.09
CA ARG A 627 -35.18 8.39 12.34
C ARG A 627 -35.14 9.22 13.61
N THR A 628 -34.52 8.69 14.68
CA THR A 628 -34.49 9.39 15.95
C THR A 628 -33.36 10.39 16.05
N ASP A 629 -32.46 10.44 15.06
CA ASP A 629 -31.32 11.32 15.09
C ASP A 629 -31.45 12.52 14.15
N GLY A 630 -32.66 12.81 13.69
CA GLY A 630 -32.91 14.06 13.00
C GLY A 630 -32.56 14.12 11.54
N ALA A 631 -32.37 12.98 10.88
CA ALA A 631 -32.16 12.99 9.44
C ALA A 631 -33.47 13.28 8.72
N THR A 632 -33.39 14.10 7.68
CA THR A 632 -34.55 14.48 6.90
C THR A 632 -34.20 14.54 5.42
N ILE A 633 -35.09 14.03 4.58
CA ILE A 633 -34.94 14.06 3.13
C ILE A 633 -36.23 14.58 2.52
N SER A 634 -36.12 15.52 1.59
CA SER A 634 -37.27 16.11 0.94
C SER A 634 -37.02 16.23 -0.56
N PHE A 635 -37.98 15.81 -1.35
CA PHE A 635 -37.87 15.83 -2.81
C PHE A 635 -38.51 17.08 -3.36
N THR A 636 -37.79 17.78 -4.25
CA THR A 636 -38.30 19.01 -4.82
C THR A 636 -38.96 18.77 -6.18
N SER A 637 -38.27 18.10 -7.09
CA SER A 637 -38.83 17.80 -8.40
C SER A 637 -38.18 16.53 -8.94
N ILE A 638 -38.99 15.65 -9.50
CA ILE A 638 -38.52 14.41 -10.09
C ILE A 638 -38.91 14.39 -11.55
N ASN A 639 -37.94 14.15 -12.43
CA ASN A 639 -38.14 14.17 -13.86
C ASN A 639 -37.67 12.86 -14.48
N LEU A 640 -38.19 12.55 -15.66
CA LEU A 640 -37.84 11.34 -16.39
C LEU A 640 -37.13 11.73 -17.68
N TYR A 641 -35.94 11.19 -17.89
CA TYR A 641 -35.15 11.46 -19.09
C TYR A 641 -35.10 10.21 -19.95
N ALA A 642 -35.16 10.40 -21.26
CA ALA A 642 -35.12 9.29 -22.20
C ALA A 642 -34.42 9.75 -23.47
N THR A 643 -33.51 8.92 -23.95
CA THR A 643 -32.75 9.22 -25.16
C THR A 643 -33.15 8.24 -26.27
N PHE A 644 -33.18 8.75 -27.50
CA PHE A 644 -33.56 7.97 -28.66
C PHE A 644 -32.39 7.86 -29.63
N PHE A 645 -32.23 6.68 -30.20
CA PHE A 645 -31.30 6.51 -31.31
C PHE A 645 -31.86 7.21 -32.52
N PRO A 646 -31.18 8.20 -33.09
CA PRO A 646 -31.72 8.88 -34.27
C PRO A 646 -31.71 7.97 -35.50
N MET A 647 -32.40 6.84 -35.41
CA MET A 647 -32.44 5.89 -36.50
C MET A 647 -33.18 6.48 -37.69
N ALA A 648 -32.80 6.05 -38.89
CA ALA A 648 -33.52 6.47 -40.09
C ALA A 648 -34.98 6.07 -39.98
N HIS A 649 -35.85 6.93 -40.50
CA HIS A 649 -37.29 6.71 -40.31
C HIS A 649 -37.76 5.45 -41.03
N ASN A 650 -37.16 5.14 -42.18
CA ASN A 650 -37.57 3.94 -42.91
C ASN A 650 -37.19 2.68 -42.14
N THR A 651 -35.94 2.60 -41.67
CA THR A 651 -35.51 1.45 -40.90
C THR A 651 -36.29 1.34 -39.60
N ALA A 652 -36.56 2.48 -38.95
CA ALA A 652 -37.37 2.47 -37.74
C ALA A 652 -38.76 1.90 -38.02
N SER A 653 -39.41 2.38 -39.08
CA SER A 653 -40.74 1.89 -39.42
C SER A 653 -40.73 0.40 -39.68
N THR A 654 -39.72 -0.06 -40.41
CA THR A 654 -39.55 -1.51 -40.60
C THR A 654 -39.40 -2.22 -39.27
N LEU A 655 -38.70 -1.60 -38.31
CA LEU A 655 -38.50 -2.21 -37.01
C LEU A 655 -39.82 -2.41 -36.26
N GLU A 656 -40.65 -1.36 -36.19
CA GLU A 656 -41.96 -1.55 -35.56
C GLU A 656 -42.81 -2.54 -36.34
N ALA A 657 -42.75 -2.51 -37.67
CA ALA A 657 -43.53 -3.44 -38.46
C ALA A 657 -43.14 -4.88 -38.13
N MET A 658 -41.85 -5.13 -37.97
CA MET A 658 -41.36 -6.49 -37.74
C MET A 658 -41.52 -6.90 -36.29
N LEU A 659 -41.61 -5.94 -35.37
CA LEU A 659 -41.64 -6.22 -33.95
C LEU A 659 -43.05 -6.30 -33.36
N ARG A 660 -44.09 -6.13 -34.16
CA ARG A 660 -45.46 -6.23 -33.67
C ARG A 660 -46.10 -7.58 -33.99
N ASN A 661 -45.32 -8.54 -34.49
CA ASN A 661 -45.83 -9.88 -34.75
C ASN A 661 -45.79 -10.72 -33.48
N ASP A 662 -46.48 -11.86 -33.53
CA ASP A 662 -46.60 -12.72 -32.36
C ASP A 662 -45.34 -13.51 -32.07
N THR A 663 -44.53 -13.80 -33.08
CA THR A 663 -43.30 -14.54 -32.90
C THR A 663 -42.12 -13.67 -32.51
N ASN A 664 -42.30 -12.36 -32.49
CA ASN A 664 -41.24 -11.40 -32.18
C ASN A 664 -41.51 -10.72 -30.84
N ASP A 665 -42.04 -11.49 -29.89
CA ASP A 665 -42.33 -10.98 -28.57
C ASP A 665 -41.07 -11.04 -27.71
N GLN A 666 -40.69 -9.89 -27.16
CA GLN A 666 -39.51 -9.85 -26.30
C GLN A 666 -39.77 -10.58 -24.99
N SER A 667 -38.79 -11.37 -24.56
CA SER A 667 -38.91 -12.18 -23.35
C SER A 667 -37.77 -11.86 -22.41
N PHE A 668 -38.08 -11.73 -21.13
CA PHE A 668 -37.08 -11.40 -20.11
C PHE A 668 -37.28 -12.29 -18.90
N ASN A 669 -36.19 -12.49 -18.15
CA ASN A 669 -36.21 -13.27 -16.94
C ASN A 669 -35.38 -12.59 -15.87
N ASP A 670 -35.74 -12.84 -14.62
CA ASP A 670 -35.01 -12.26 -13.50
C ASP A 670 -33.74 -13.06 -13.24
N TYR A 671 -32.63 -12.35 -12.99
CA TYR A 671 -31.34 -13.02 -12.88
C TYR A 671 -31.31 -13.95 -11.67
N LEU A 672 -31.77 -13.47 -10.52
CA LEU A 672 -31.77 -14.31 -9.33
C LEU A 672 -32.65 -15.54 -9.53
N SER A 673 -33.82 -15.34 -10.12
CA SER A 673 -34.70 -16.43 -10.55
C SER A 673 -34.98 -17.40 -9.41
N ALA A 674 -35.28 -16.84 -8.25
CA ALA A 674 -35.58 -17.65 -7.09
C ALA A 674 -36.78 -17.07 -6.37
N ALA A 675 -37.60 -17.95 -5.81
CA ALA A 675 -38.66 -17.53 -4.90
C ALA A 675 -38.09 -17.37 -3.50
N ASN A 676 -38.27 -16.20 -2.90
CA ASN A 676 -37.66 -15.86 -1.62
C ASN A 676 -38.60 -16.26 -0.49
N MET A 677 -38.06 -17.00 0.47
CA MET A 677 -38.78 -17.42 1.67
C MET A 677 -37.97 -17.01 2.88
N LEU A 678 -38.64 -16.39 3.86
CA LEU A 678 -38.01 -15.98 5.11
C LEU A 678 -38.61 -16.77 6.26
N TYR A 679 -37.76 -17.39 7.08
CA TYR A 679 -38.18 -18.20 8.19
C TYR A 679 -37.54 -17.71 9.47
N PRO A 680 -38.30 -17.59 10.56
CA PRO A 680 -37.70 -17.11 11.81
C PRO A 680 -36.87 -18.17 12.51
N ILE A 681 -35.77 -17.74 13.10
CA ILE A 681 -34.99 -18.54 14.05
C ILE A 681 -35.08 -17.84 15.41
N PRO A 682 -35.73 -18.42 16.40
CA PRO A 682 -35.78 -17.78 17.72
C PRO A 682 -34.40 -17.70 18.34
N ALA A 683 -34.28 -16.83 19.35
CA ALA A 683 -33.00 -16.61 19.99
C ALA A 683 -32.53 -17.88 20.70
N ASN A 684 -31.24 -18.17 20.58
CA ASN A 684 -30.58 -19.35 21.14
C ASN A 684 -31.15 -20.66 20.59
N ALA A 685 -31.98 -20.61 19.56
CA ALA A 685 -32.46 -21.84 18.94
C ALA A 685 -31.45 -22.34 17.92
N THR A 686 -31.19 -23.63 17.94
CA THR A 686 -30.22 -24.24 17.03
C THR A 686 -30.86 -25.10 15.94
N ASN A 687 -32.08 -25.57 16.15
CA ASN A 687 -32.78 -26.43 15.21
C ASN A 687 -33.95 -25.67 14.61
N ILE A 688 -33.96 -25.53 13.29
CA ILE A 688 -35.06 -24.91 12.58
C ILE A 688 -35.60 -25.87 11.52
N PRO A 689 -36.70 -26.57 11.79
CA PRO A 689 -37.32 -27.40 10.76
C PRO A 689 -38.38 -26.64 9.98
N ILE A 690 -38.41 -26.86 8.68
CA ILE A 690 -39.38 -26.21 7.82
C ILE A 690 -40.17 -27.26 7.05
N SER A 691 -41.37 -26.89 6.62
CA SER A 691 -42.25 -27.82 5.94
C SER A 691 -42.93 -27.12 4.77
N ILE A 692 -42.91 -27.75 3.61
CA ILE A 692 -43.59 -27.26 2.42
C ILE A 692 -44.57 -28.33 1.98
N PRO A 693 -45.86 -28.01 1.87
CA PRO A 693 -46.84 -29.06 1.56
C PRO A 693 -46.71 -29.56 0.14
N SER A 694 -47.50 -30.57 -0.22
CA SER A 694 -47.35 -31.24 -1.51
C SER A 694 -47.61 -30.27 -2.66
N ARG A 695 -46.72 -30.28 -3.64
CA ARG A 695 -46.86 -29.46 -4.83
C ARG A 695 -45.99 -30.06 -5.92
N ASN A 696 -46.25 -29.62 -7.15
CA ASN A 696 -45.41 -30.02 -8.28
C ASN A 696 -44.01 -29.44 -8.13
N TRP A 697 -43.01 -30.24 -8.49
CA TRP A 697 -41.62 -29.85 -8.32
C TRP A 697 -40.88 -29.75 -9.65
N ALA A 698 -41.61 -29.48 -10.72
CA ALA A 698 -40.98 -29.36 -12.02
C ALA A 698 -40.15 -28.08 -12.10
N ALA A 699 -39.12 -28.12 -12.95
CA ALA A 699 -38.27 -26.95 -13.22
C ALA A 699 -37.60 -26.41 -11.96
N PHE A 700 -37.17 -27.30 -11.07
CA PHE A 700 -36.45 -26.89 -9.88
C PHE A 700 -34.96 -26.92 -10.16
N ARG A 701 -34.30 -25.77 -10.02
CA ARG A 701 -32.86 -25.71 -10.26
C ARG A 701 -32.02 -25.74 -8.99
N GLY A 702 -32.63 -25.83 -7.82
CA GLY A 702 -31.88 -26.09 -6.61
C GLY A 702 -32.32 -25.20 -5.47
N TRP A 703 -31.53 -25.23 -4.40
CA TRP A 703 -31.75 -24.41 -3.22
C TRP A 703 -30.59 -23.42 -3.04
N SER A 704 -30.83 -22.42 -2.20
CA SER A 704 -29.80 -21.50 -1.77
C SER A 704 -30.24 -20.91 -0.45
N PHE A 705 -29.33 -20.85 0.52
CA PHE A 705 -29.72 -20.45 1.86
C PHE A 705 -28.59 -19.72 2.57
N THR A 706 -29.00 -18.80 3.45
CA THR A 706 -28.08 -18.03 4.27
C THR A 706 -28.85 -17.50 5.47
N ARG A 707 -28.10 -17.01 6.44
CA ARG A 707 -28.67 -16.51 7.69
C ARG A 707 -28.71 -14.98 7.66
N LEU A 708 -29.66 -14.40 8.38
CA LEU A 708 -29.83 -12.96 8.46
C LEU A 708 -30.11 -12.56 9.90
N LYS A 709 -30.35 -11.27 10.11
CA LYS A 709 -30.65 -10.73 11.43
C LYS A 709 -31.91 -9.89 11.34
N THR A 710 -32.91 -10.21 12.17
CA THR A 710 -34.19 -9.51 12.09
C THR A 710 -34.05 -8.03 12.40
N LYS A 711 -33.11 -7.66 13.26
CA LYS A 711 -32.84 -6.24 13.48
C LYS A 711 -32.41 -5.55 12.19
N GLU A 712 -31.66 -6.25 11.34
CA GLU A 712 -31.15 -5.63 10.12
C GLU A 712 -32.14 -5.73 8.97
N THR A 713 -32.87 -6.85 8.86
CA THR A 713 -33.78 -7.06 7.73
C THR A 713 -35.13 -6.42 8.02
N PRO A 714 -35.62 -5.55 7.15
CA PRO A 714 -36.92 -4.92 7.37
C PRO A 714 -38.06 -5.82 6.90
N SER A 715 -39.26 -5.49 7.37
CA SER A 715 -40.45 -6.21 6.93
C SER A 715 -40.71 -5.90 5.46
N LEU A 716 -40.92 -6.95 4.68
CA LEU A 716 -41.13 -6.80 3.25
C LEU A 716 -42.60 -6.52 2.96
N GLY A 717 -42.83 -5.61 2.01
CA GLY A 717 -44.16 -5.29 1.55
C GLY A 717 -44.87 -4.20 2.32
N SER A 718 -44.40 -3.86 3.51
CA SER A 718 -45.03 -2.80 4.29
C SER A 718 -44.53 -1.45 3.78
N GLY A 719 -45.48 -0.56 3.45
CA GLY A 719 -45.10 0.75 2.96
C GLY A 719 -44.28 1.54 3.94
N PHE A 720 -44.38 1.20 5.22
CA PHE A 720 -43.54 1.80 6.26
C PHE A 720 -43.48 0.82 7.42
N ASP A 721 -42.28 0.40 7.79
CA ASP A 721 -42.11 -0.54 8.88
C ASP A 721 -41.78 0.23 10.14
N PRO A 722 -42.66 0.27 11.15
CA PRO A 722 -42.41 1.08 12.34
C PRO A 722 -41.41 0.49 13.31
N TYR A 723 -40.91 -0.72 13.05
CA TYR A 723 -39.95 -1.36 13.94
C TYR A 723 -38.54 -1.41 13.37
N PHE A 724 -38.30 -0.74 12.24
CA PHE A 724 -36.97 -0.70 11.65
C PHE A 724 -36.15 0.40 12.32
N VAL A 725 -35.13 0.00 13.08
CA VAL A 725 -34.31 0.95 13.84
C VAL A 725 -32.85 0.80 13.46
N TYR A 726 -32.58 0.46 12.20
CA TYR A 726 -31.24 0.13 11.75
C TYR A 726 -30.98 0.77 10.41
N SER A 727 -29.87 1.51 10.29
CA SER A 727 -29.55 2.23 9.07
C SER A 727 -28.28 1.74 8.39
N GLY A 728 -27.84 0.54 8.70
CA GLY A 728 -26.64 -0.01 8.12
C GLY A 728 -26.94 -0.82 6.87
N SER A 729 -26.06 -1.77 6.59
CA SER A 729 -26.23 -2.60 5.41
C SER A 729 -27.40 -3.57 5.59
N ILE A 730 -28.20 -3.71 4.55
CA ILE A 730 -29.30 -4.67 4.54
C ILE A 730 -28.90 -5.84 3.64
N PRO A 731 -28.35 -6.91 4.20
CA PRO A 731 -27.90 -8.03 3.35
C PRO A 731 -29.02 -8.62 2.51
N TYR A 732 -30.26 -8.52 2.97
CA TYR A 732 -31.39 -9.02 2.20
C TYR A 732 -31.51 -8.31 0.86
N LEU A 733 -31.06 -7.06 0.77
CA LEU A 733 -31.24 -6.24 -0.42
C LEU A 733 -29.97 -6.00 -1.21
N ASP A 734 -28.81 -5.89 -0.56
CA ASP A 734 -27.58 -5.58 -1.27
C ASP A 734 -26.63 -6.76 -1.42
N GLY A 735 -26.88 -7.86 -0.73
CA GLY A 735 -26.10 -9.06 -0.93
C GLY A 735 -24.89 -9.23 -0.04
N THR A 736 -24.75 -8.42 1.01
CA THR A 736 -23.59 -8.47 1.89
C THR A 736 -23.86 -9.44 3.04
N PHE A 737 -23.77 -10.73 2.72
CA PHE A 737 -24.04 -11.77 3.70
C PHE A 737 -22.78 -12.11 4.48
N TYR A 738 -22.94 -12.30 5.79
CA TYR A 738 -21.78 -12.47 6.66
C TYR A 738 -21.97 -13.53 7.73
N LEU A 739 -22.99 -14.39 7.62
CA LEU A 739 -23.25 -15.39 8.65
C LEU A 739 -23.41 -16.78 8.06
N ASN A 740 -22.67 -17.08 6.99
CA ASN A 740 -22.78 -18.39 6.36
C ASN A 740 -22.13 -19.49 7.18
N HIS A 741 -21.11 -19.16 7.96
CA HIS A 741 -20.36 -20.15 8.73
C HIS A 741 -21.14 -20.69 9.91
N THR A 742 -22.28 -20.09 10.25
CA THR A 742 -23.03 -20.48 11.43
C THR A 742 -23.82 -21.77 11.24
N PHE A 743 -23.78 -22.35 10.05
CA PHE A 743 -24.53 -23.56 9.77
C PHE A 743 -23.75 -24.79 10.20
N LYS A 744 -24.48 -25.84 10.58
CA LYS A 744 -23.90 -27.10 11.02
C LYS A 744 -24.18 -28.24 10.06
N LYS A 745 -25.46 -28.50 9.76
CA LYS A 745 -25.80 -29.54 8.80
C LYS A 745 -27.16 -29.24 8.20
N VAL A 746 -27.40 -29.79 7.02
CA VAL A 746 -28.64 -29.58 6.28
C VAL A 746 -29.20 -30.95 5.90
N SER A 747 -30.48 -31.17 6.20
CA SER A 747 -31.14 -32.43 5.92
C SER A 747 -32.32 -32.17 5.00
N ILE A 748 -32.43 -32.98 3.94
CA ILE A 748 -33.50 -32.86 2.95
C ILE A 748 -34.30 -34.15 2.92
N MET A 749 -35.62 -34.03 3.07
CA MET A 749 -36.52 -35.16 3.05
C MET A 749 -37.64 -34.89 2.07
N PHE A 750 -37.91 -35.86 1.20
CA PHE A 750 -38.99 -35.77 0.23
C PHE A 750 -40.08 -36.77 0.59
N ASP A 751 -41.33 -36.29 0.56
CA ASP A 751 -42.49 -37.09 0.94
C ASP A 751 -42.41 -37.62 2.36
N SER A 752 -41.57 -36.99 3.19
CA SER A 752 -41.33 -37.36 4.59
C SER A 752 -40.73 -38.74 4.75
N SER A 753 -40.45 -39.45 3.65
CA SER A 753 -39.89 -40.78 3.71
C SER A 753 -38.52 -40.89 3.05
N VAL A 754 -38.43 -40.48 1.78
CA VAL A 754 -37.15 -40.63 1.02
C VAL A 754 -36.21 -39.45 1.34
N SER A 755 -34.89 -39.67 1.19
CA SER A 755 -33.88 -38.61 1.48
C SER A 755 -33.26 -38.11 0.18
N TRP A 756 -32.97 -36.81 0.09
CA TRP A 756 -32.26 -36.28 -1.11
C TRP A 756 -30.83 -35.89 -0.71
N PRO A 757 -29.78 -36.32 -1.44
CA PRO A 757 -29.92 -37.16 -2.64
C PRO A 757 -29.96 -38.67 -2.37
N GLY A 758 -29.60 -39.10 -1.15
CA GLY A 758 -29.55 -40.53 -0.84
C GLY A 758 -28.61 -41.26 -1.79
N ASN A 759 -29.01 -42.45 -2.27
CA ASN A 759 -28.19 -43.26 -3.17
C ASN A 759 -26.74 -43.36 -2.69
N ASP A 760 -26.54 -43.15 -1.39
CA ASP A 760 -25.22 -43.24 -0.78
C ASP A 760 -24.19 -42.42 -1.55
N ARG A 761 -24.54 -41.19 -1.92
CA ARG A 761 -23.65 -40.36 -2.72
C ARG A 761 -22.66 -39.58 -1.88
N LEU A 762 -22.73 -39.65 -0.55
CA LEU A 762 -21.88 -38.86 0.32
C LEU A 762 -21.37 -39.73 1.46
N LEU A 763 -20.30 -39.24 2.10
CA LEU A 763 -19.77 -39.93 3.28
C LEU A 763 -20.80 -39.98 4.39
N SER A 764 -21.51 -38.87 4.62
CA SER A 764 -22.71 -38.87 5.44
C SER A 764 -23.91 -38.89 4.51
N PRO A 765 -24.44 -40.07 4.19
CA PRO A 765 -25.39 -40.18 3.07
C PRO A 765 -26.68 -39.39 3.24
N ASN A 766 -27.20 -39.27 4.45
CA ASN A 766 -28.55 -38.76 4.65
C ASN A 766 -28.61 -37.25 4.88
N GLU A 767 -27.52 -36.62 5.29
CA GLU A 767 -27.50 -35.18 5.54
C GLU A 767 -26.36 -34.54 4.79
N PHE A 768 -26.23 -33.23 4.97
CA PHE A 768 -25.12 -32.45 4.43
C PHE A 768 -24.36 -31.84 5.61
N GLU A 769 -23.26 -32.46 6.01
CA GLU A 769 -22.46 -31.92 7.10
C GLU A 769 -21.61 -30.77 6.57
N ILE A 770 -22.03 -29.54 6.84
CA ILE A 770 -21.27 -28.38 6.37
C ILE A 770 -19.93 -28.30 7.10
N LYS A 771 -19.96 -28.40 8.43
CA LYS A 771 -18.73 -28.36 9.21
C LYS A 771 -18.86 -29.37 10.33
N ARG A 772 -17.71 -29.89 10.77
CA ARG A 772 -17.67 -30.96 11.75
C ARG A 772 -16.55 -30.66 12.73
N THR A 773 -16.89 -29.93 13.79
CA THR A 773 -15.93 -29.60 14.84
C THR A 773 -15.95 -30.67 15.92
N VAL A 774 -15.01 -30.55 16.87
CA VAL A 774 -14.87 -31.49 17.98
C VAL A 774 -14.54 -32.88 17.46
N ASP A 775 -15.25 -33.32 16.43
CA ASP A 775 -14.97 -34.54 15.70
C ASP A 775 -13.80 -34.29 14.75
N GLY A 776 -13.67 -35.15 13.74
CA GLY A 776 -12.43 -35.15 12.99
C GLY A 776 -11.86 -36.53 12.76
N GLU A 777 -12.74 -37.53 12.78
CA GLU A 777 -12.36 -38.91 12.44
C GLU A 777 -11.61 -38.97 11.10
N GLY A 778 -11.66 -37.92 10.30
CA GLY A 778 -10.94 -37.91 9.05
C GLY A 778 -11.64 -37.26 7.87
N TYR A 779 -12.77 -36.61 8.10
CA TYR A 779 -13.60 -36.06 7.02
C TYR A 779 -13.58 -34.54 6.99
N ASN A 780 -12.38 -33.95 7.09
CA ASN A 780 -12.21 -32.51 6.99
C ASN A 780 -11.17 -32.18 5.92
N VAL A 781 -11.26 -30.97 5.36
CA VAL A 781 -10.37 -30.54 4.29
C VAL A 781 -9.89 -29.11 4.54
N ALA A 782 -8.96 -28.67 3.69
CA ALA A 782 -8.49 -27.29 3.59
C ALA A 782 -7.88 -26.78 4.88
N GLN A 783 -7.46 -27.68 5.76
CA GLN A 783 -6.90 -27.31 7.07
C GLN A 783 -7.87 -26.42 7.85
N CYS A 784 -9.16 -26.71 7.74
CA CYS A 784 -10.21 -26.02 8.48
C CYS A 784 -11.23 -27.07 8.91
N ASN A 785 -12.37 -26.63 9.42
CA ASN A 785 -13.36 -27.54 9.97
C ASN A 785 -14.43 -27.95 8.97
N MET A 786 -14.33 -27.52 7.72
CA MET A 786 -15.32 -27.90 6.73
C MET A 786 -15.13 -29.35 6.31
N THR A 787 -16.23 -30.02 5.98
CA THR A 787 -16.19 -31.41 5.58
C THR A 787 -15.86 -31.54 4.09
N LYS A 788 -15.38 -32.73 3.72
CA LYS A 788 -15.00 -32.98 2.33
C LYS A 788 -16.21 -32.89 1.41
N ASP A 789 -17.33 -33.48 1.81
CA ASP A 789 -18.50 -33.52 0.95
C ASP A 789 -19.02 -32.12 0.66
N TRP A 790 -19.05 -31.25 1.67
CA TRP A 790 -19.55 -29.89 1.46
C TRP A 790 -18.65 -29.11 0.53
N PHE A 791 -17.33 -29.28 0.67
CA PHE A 791 -16.39 -28.61 -0.23
C PHE A 791 -16.60 -29.09 -1.66
N LEU A 792 -16.76 -30.41 -1.84
CA LEU A 792 -16.98 -30.95 -3.18
C LEU A 792 -18.28 -30.41 -3.77
N VAL A 793 -19.34 -30.34 -2.95
CA VAL A 793 -20.63 -29.86 -3.45
C VAL A 793 -20.54 -28.39 -3.85
N GLN A 794 -19.92 -27.55 -3.00
CA GLN A 794 -19.81 -26.14 -3.33
C GLN A 794 -18.96 -25.94 -4.60
N MET A 795 -17.85 -26.66 -4.70
CA MET A 795 -16.99 -26.53 -5.86
C MET A 795 -17.71 -26.97 -7.13
N LEU A 796 -18.42 -28.10 -7.09
CA LEU A 796 -19.15 -28.55 -8.27
C LEU A 796 -20.26 -27.57 -8.64
N ALA A 797 -20.98 -27.06 -7.64
CA ALA A 797 -22.09 -26.15 -7.92
C ALA A 797 -21.59 -24.87 -8.55
N ASN A 798 -20.46 -24.34 -8.09
CA ASN A 798 -20.00 -23.05 -8.58
C ASN A 798 -19.16 -23.17 -9.86
N TYR A 799 -18.10 -23.97 -9.82
CA TYR A 799 -17.11 -23.96 -10.89
C TYR A 799 -16.99 -25.29 -11.63
N ASN A 800 -17.90 -26.22 -11.41
CA ASN A 800 -17.88 -27.51 -12.09
C ASN A 800 -16.56 -28.25 -11.85
N ILE A 801 -15.96 -28.05 -10.68
CA ILE A 801 -14.64 -28.59 -10.36
C ILE A 801 -14.77 -29.54 -9.19
N GLY A 802 -14.07 -30.68 -9.27
CA GLY A 802 -14.09 -31.64 -8.20
C GLY A 802 -14.06 -33.09 -8.65
N TYR A 803 -14.52 -33.37 -9.85
CA TYR A 803 -14.49 -34.73 -10.37
C TYR A 803 -13.15 -35.08 -11.01
N GLN A 804 -12.40 -34.09 -11.47
CA GLN A 804 -11.11 -34.31 -12.11
C GLN A 804 -10.03 -33.44 -11.45
N GLY A 805 -9.99 -33.46 -10.13
CA GLY A 805 -8.97 -32.74 -9.40
C GLY A 805 -9.45 -31.38 -8.94
N PHE A 806 -8.74 -30.82 -7.96
CA PHE A 806 -9.07 -29.54 -7.37
C PHE A 806 -8.00 -28.52 -7.75
N TYR A 807 -8.44 -27.36 -8.22
CA TYR A 807 -7.51 -26.32 -8.63
C TYR A 807 -8.20 -24.98 -8.54
N ILE A 808 -7.40 -23.92 -8.59
CA ILE A 808 -7.96 -22.58 -8.47
C ILE A 808 -8.72 -22.23 -9.74
N PRO A 809 -9.98 -21.84 -9.67
CA PRO A 809 -10.73 -21.49 -10.87
C PRO A 809 -10.21 -20.21 -11.50
N GLU A 810 -10.41 -20.10 -12.80
CA GLU A 810 -9.99 -18.90 -13.51
C GLU A 810 -10.82 -17.70 -13.07
N GLY A 811 -10.20 -16.52 -13.15
CA GLY A 811 -10.78 -15.34 -12.51
C GLY A 811 -12.13 -14.96 -13.05
N TYR A 812 -12.36 -15.16 -14.35
CA TYR A 812 -13.62 -14.70 -14.93
C TYR A 812 -14.81 -15.54 -14.50
N LYS A 813 -14.59 -16.66 -13.81
CA LYS A 813 -15.68 -17.34 -13.11
C LYS A 813 -15.67 -17.05 -11.62
N ASP A 814 -14.52 -16.70 -11.04
CA ASP A 814 -14.41 -16.42 -9.61
C ASP A 814 -14.76 -14.96 -9.35
N ARG A 815 -16.05 -14.66 -9.51
CA ARG A 815 -16.54 -13.31 -9.31
C ARG A 815 -16.54 -12.97 -7.82
N MET A 816 -16.85 -11.71 -7.51
CA MET A 816 -16.77 -11.25 -6.13
C MET A 816 -17.72 -12.01 -5.22
N TYR A 817 -18.94 -12.28 -5.70
CA TYR A 817 -19.95 -12.97 -4.89
C TYR A 817 -19.87 -14.48 -5.01
N SER A 818 -18.73 -15.03 -5.44
CA SER A 818 -18.57 -16.45 -5.62
C SER A 818 -17.97 -17.09 -4.37
N PHE A 819 -17.74 -18.40 -4.43
CA PHE A 819 -17.35 -19.16 -3.24
C PHE A 819 -15.85 -19.12 -3.00
N PHE A 820 -15.05 -19.57 -3.97
CA PHE A 820 -13.61 -19.66 -3.77
C PHE A 820 -12.98 -18.31 -3.48
N ARG A 821 -13.60 -17.22 -3.93
CA ARG A 821 -13.05 -15.89 -3.66
C ARG A 821 -13.04 -15.58 -2.17
N ASN A 822 -14.08 -15.98 -1.43
CA ASN A 822 -14.26 -15.57 -0.05
C ASN A 822 -14.01 -16.68 0.95
N PHE A 823 -13.67 -17.89 0.52
CA PHE A 823 -13.42 -18.98 1.46
C PHE A 823 -12.08 -18.77 2.14
N GLN A 824 -12.09 -18.64 3.47
CA GLN A 824 -10.90 -18.31 4.25
C GLN A 824 -10.74 -19.28 5.41
N PRO A 825 -9.99 -20.36 5.21
CA PRO A 825 -9.67 -21.24 6.34
C PRO A 825 -8.74 -20.54 7.32
N MET A 826 -8.93 -20.84 8.60
CA MET A 826 -8.10 -20.26 9.65
C MET A 826 -7.85 -21.30 10.72
N SER A 827 -6.72 -21.16 11.41
CA SER A 827 -6.38 -22.05 12.50
C SER A 827 -5.50 -21.31 13.50
N ARG A 828 -5.58 -21.73 14.76
CA ARG A 828 -4.79 -21.11 15.82
C ARG A 828 -4.62 -22.11 16.95
N GLN A 829 -3.66 -21.79 17.83
CA GLN A 829 -3.41 -22.58 19.03
C GLN A 829 -3.78 -21.75 20.24
N VAL A 830 -4.34 -22.41 21.26
CA VAL A 830 -4.66 -21.78 22.52
C VAL A 830 -4.17 -22.69 23.63
N VAL A 831 -4.03 -22.14 24.84
CA VAL A 831 -3.48 -22.90 25.94
C VAL A 831 -4.40 -24.06 26.31
N ASP A 832 -3.80 -25.12 26.85
CA ASP A 832 -4.53 -26.32 27.27
C ASP A 832 -4.94 -26.10 28.73
N GLU A 833 -6.23 -25.87 28.95
CA GLU A 833 -6.72 -25.66 30.31
C GLU A 833 -6.60 -26.93 31.15
N VAL A 834 -7.05 -28.06 30.60
CA VAL A 834 -7.16 -29.27 31.40
C VAL A 834 -5.78 -29.85 31.72
N ASN A 835 -4.91 -29.95 30.72
CA ASN A 835 -3.67 -30.70 30.87
C ASN A 835 -2.51 -29.87 31.41
N TYR A 836 -2.55 -28.55 31.29
CA TYR A 836 -1.48 -27.72 31.83
C TYR A 836 -1.63 -27.63 33.34
N THR A 837 -0.66 -28.19 34.08
CA THR A 837 -0.79 -28.33 35.52
C THR A 837 -0.76 -26.98 36.23
N ASP A 838 -0.05 -26.00 35.68
CA ASP A 838 0.12 -24.70 36.31
C ASP A 838 -0.77 -23.64 35.67
N TYR A 839 -2.00 -24.00 35.30
CA TYR A 839 -2.89 -23.03 34.66
C TYR A 839 -3.70 -22.28 35.71
N LYS A 840 -3.80 -20.96 35.51
CA LYS A 840 -4.66 -20.10 36.31
C LYS A 840 -5.55 -19.29 35.37
N ALA A 841 -6.80 -19.06 35.79
CA ALA A 841 -7.76 -18.31 34.98
C ALA A 841 -7.83 -16.88 35.51
N VAL A 842 -6.87 -16.07 35.05
CA VAL A 842 -6.81 -14.67 35.45
C VAL A 842 -7.83 -13.87 34.65
N THR A 843 -8.63 -13.07 35.34
CA THR A 843 -9.65 -12.28 34.68
C THR A 843 -9.05 -10.98 34.12
N LEU A 844 -9.87 -10.29 33.32
CA LEU A 844 -9.38 -9.10 32.62
C LEU A 844 -8.87 -8.01 33.57
N PRO A 845 -9.59 -7.61 34.62
CA PRO A 845 -9.06 -6.56 35.51
C PRO A 845 -7.80 -6.96 36.26
N TYR A 846 -7.40 -8.23 36.21
CA TYR A 846 -6.24 -8.71 36.95
C TYR A 846 -5.07 -9.07 36.06
N GLN A 847 -5.10 -8.69 34.79
CA GLN A 847 -4.02 -8.94 33.85
C GLN A 847 -3.23 -7.65 33.63
N HIS A 848 -1.93 -7.69 33.85
CA HIS A 848 -1.07 -6.54 33.61
C HIS A 848 -0.03 -6.90 32.56
N ASN A 849 -0.11 -6.22 31.42
CA ASN A 849 0.92 -6.23 30.39
C ASN A 849 1.10 -4.81 29.91
N ASN A 850 2.35 -4.42 29.62
CA ASN A 850 2.69 -3.03 29.35
C ASN A 850 2.35 -2.13 30.53
N SER A 851 2.33 -2.71 31.73
CA SER A 851 1.89 -1.99 32.91
C SER A 851 2.85 -0.85 33.23
N GLY A 852 2.28 0.29 33.62
CA GLY A 852 3.05 1.50 33.83
C GLY A 852 3.19 2.37 32.60
N PHE A 853 2.84 1.86 31.43
CA PHE A 853 2.91 2.61 30.19
C PHE A 853 1.58 2.64 29.46
N VAL A 854 0.55 2.00 30.00
CA VAL A 854 -0.79 2.00 29.43
C VAL A 854 -1.78 2.34 30.53
N GLY A 855 -3.00 2.67 30.12
CA GLY A 855 -4.06 2.90 31.07
C GLY A 855 -4.64 1.59 31.59
N TYR A 856 -5.50 1.72 32.59
CA TYR A 856 -6.09 0.57 33.28
C TYR A 856 -7.56 0.47 32.86
N LEU A 857 -7.87 -0.47 31.98
CA LEU A 857 -9.22 -0.76 31.52
C LEU A 857 -9.87 0.41 30.79
N ALA A 858 -9.09 1.36 30.29
CA ALA A 858 -9.67 2.52 29.64
C ALA A 858 -8.62 3.15 28.74
N PRO A 859 -9.04 3.84 27.67
CA PRO A 859 -8.08 4.57 26.82
C PRO A 859 -7.65 5.89 27.45
N THR A 860 -7.03 5.81 28.61
CA THR A 860 -6.71 6.97 29.42
C THR A 860 -5.20 7.04 29.65
N MET A 861 -4.80 7.95 30.53
CA MET A 861 -3.40 8.19 30.81
C MET A 861 -2.70 6.93 31.32
N ARG A 862 -1.38 6.91 31.20
CA ARG A 862 -0.60 5.84 31.76
C ARG A 862 -0.69 5.83 33.28
N GLN A 863 -0.60 4.64 33.87
CA GLN A 863 -0.52 4.49 35.30
C GLN A 863 0.00 3.10 35.63
N GLY A 864 0.88 3.01 36.62
CA GLY A 864 1.30 1.74 37.14
C GLY A 864 2.79 1.71 37.40
N GLU A 865 3.34 0.49 37.44
CA GLU A 865 4.75 0.21 37.63
C GLU A 865 5.28 -0.62 36.49
N PRO A 866 6.55 -0.46 36.11
CA PRO A 866 7.20 -1.44 35.24
C PRO A 866 7.40 -2.76 35.97
N TYR A 867 6.74 -3.80 35.48
CA TYR A 867 6.77 -5.10 36.14
C TYR A 867 6.60 -6.17 35.08
N PRO A 868 7.11 -7.39 35.32
CA PRO A 868 6.93 -8.46 34.34
C PRO A 868 5.46 -8.81 34.15
N ALA A 869 5.10 -9.17 32.92
CA ALA A 869 3.69 -9.43 32.58
C ALA A 869 3.23 -10.80 33.06
N ASN A 870 1.92 -10.99 33.21
CA ASN A 870 1.36 -12.32 33.59
C ASN A 870 0.52 -12.78 32.40
N TYR A 871 0.38 -11.93 31.39
CA TYR A 871 -0.45 -12.25 30.19
C TYR A 871 0.39 -11.93 28.94
N PRO A 872 0.19 -12.61 27.79
CA PRO A 872 -0.47 -13.91 27.72
C PRO A 872 0.44 -15.12 27.97
N TYR A 873 -0.05 -16.33 27.63
CA TYR A 873 0.74 -17.56 27.89
C TYR A 873 1.73 -17.81 26.73
N PRO A 874 3.08 -17.94 26.91
CA PRO A 874 3.97 -18.13 25.76
C PRO A 874 3.72 -19.44 25.04
N LEU A 875 3.26 -19.37 23.80
CA LEU A 875 3.00 -20.57 23.01
C LEU A 875 4.18 -20.97 22.14
N ILE A 876 5.29 -20.25 22.23
CA ILE A 876 6.53 -20.56 21.52
C ILE A 876 7.68 -20.53 22.53
N GLY A 877 8.83 -21.02 22.09
CA GLY A 877 10.04 -20.94 22.87
C GLY A 877 10.32 -22.23 23.64
N THR A 878 11.44 -22.20 24.36
CA THR A 878 11.85 -23.37 25.13
C THR A 878 10.89 -23.64 26.28
N THR A 879 10.11 -22.65 26.69
CA THR A 879 9.16 -22.77 27.79
C THR A 879 7.72 -22.61 27.31
N ALA A 880 7.44 -23.07 26.09
CA ALA A 880 6.08 -23.01 25.59
C ALA A 880 5.16 -23.89 26.41
N VAL A 881 3.88 -23.53 26.43
CA VAL A 881 2.89 -24.23 27.24
C VAL A 881 2.15 -25.23 26.36
N LYS A 882 1.50 -26.19 27.02
CA LYS A 882 0.66 -27.15 26.30
C LYS A 882 -0.48 -26.42 25.61
N SER A 883 -0.85 -26.89 24.43
CA SER A 883 -1.77 -26.17 23.57
C SER A 883 -2.79 -27.11 22.95
N VAL A 884 -3.92 -26.53 22.54
CA VAL A 884 -4.95 -27.22 21.79
C VAL A 884 -5.31 -26.36 20.58
N THR A 885 -5.49 -27.00 19.43
CA THR A 885 -5.69 -26.29 18.17
C THR A 885 -7.17 -26.04 17.94
N GLN A 886 -7.47 -24.88 17.35
CA GLN A 886 -8.82 -24.50 16.98
C GLN A 886 -8.89 -24.21 15.49
N LYS A 887 -9.96 -24.66 14.85
CA LYS A 887 -10.14 -24.48 13.42
C LYS A 887 -11.53 -23.92 13.14
N LYS A 888 -11.62 -23.07 12.13
CA LYS A 888 -12.88 -22.52 11.69
C LYS A 888 -12.66 -21.88 10.32
N PHE A 889 -13.75 -21.36 9.74
CA PHE A 889 -13.67 -20.75 8.43
C PHE A 889 -14.66 -19.62 8.32
N LEU A 890 -14.36 -18.66 7.44
CA LEU A 890 -15.22 -17.53 7.15
C LEU A 890 -15.54 -17.49 5.66
N CYS A 891 -16.79 -17.16 5.34
CA CYS A 891 -17.23 -17.13 3.94
C CYS A 891 -18.30 -16.06 3.82
N ASP A 892 -17.91 -14.86 3.41
CA ASP A 892 -18.79 -13.71 3.36
C ASP A 892 -19.30 -13.48 1.95
N ARG A 893 -20.27 -12.55 1.85
CA ARG A 893 -20.91 -12.09 0.62
C ARG A 893 -21.15 -13.23 -0.37
N THR A 894 -21.62 -14.37 0.14
CA THR A 894 -21.87 -15.53 -0.70
C THR A 894 -23.05 -16.30 -0.12
N MET A 895 -23.62 -17.15 -0.97
CA MET A 895 -24.77 -17.96 -0.61
C MET A 895 -24.40 -19.44 -0.74
N TRP A 896 -24.68 -20.21 0.30
CA TRP A 896 -24.57 -21.66 0.19
C TRP A 896 -25.55 -22.15 -0.86
N ARG A 897 -25.12 -23.12 -1.67
CA ARG A 897 -25.93 -23.60 -2.78
C ARG A 897 -25.97 -25.12 -2.79
N ILE A 898 -27.15 -25.68 -2.96
CA ILE A 898 -27.36 -27.12 -3.08
C ILE A 898 -28.14 -27.38 -4.36
N PRO A 899 -27.48 -27.70 -5.48
CA PRO A 899 -28.19 -27.79 -6.76
C PRO A 899 -29.00 -29.07 -6.89
N PHE A 900 -30.07 -28.98 -7.68
CA PHE A 900 -31.02 -30.08 -7.88
C PHE A 900 -30.66 -30.90 -9.12
N SER A 901 -29.44 -31.41 -9.12
CA SER A 901 -28.94 -32.21 -10.24
C SER A 901 -28.37 -33.52 -9.70
N SER A 902 -28.31 -34.51 -10.58
CA SER A 902 -27.85 -35.84 -10.16
C SER A 902 -26.38 -35.81 -9.77
N ASN A 903 -25.56 -35.03 -10.46
CA ASN A 903 -24.13 -34.94 -10.19
C ASN A 903 -23.71 -33.55 -9.72
N PHE A 904 -24.65 -32.76 -9.20
CA PHE A 904 -24.37 -31.45 -8.59
C PHE A 904 -23.65 -30.51 -9.54
N MET A 905 -23.75 -30.72 -10.84
CA MET A 905 -23.04 -29.90 -11.82
C MET A 905 -24.05 -29.14 -12.67
N SER A 906 -23.74 -27.88 -12.96
CA SER A 906 -24.65 -27.01 -13.71
C SER A 906 -24.43 -27.25 -15.20
N MET A 907 -24.98 -28.37 -15.68
CA MET A 907 -24.94 -28.65 -17.11
C MET A 907 -25.86 -27.72 -17.89
N GLY A 908 -26.95 -27.28 -17.28
CA GLY A 908 -27.88 -26.38 -17.97
C GLY A 908 -28.82 -25.75 -16.97
N ALA A 909 -29.52 -24.72 -17.45
CA ALA A 909 -30.46 -24.00 -16.58
C ALA A 909 -31.59 -24.92 -16.14
N LEU A 910 -32.15 -25.68 -17.07
CA LEU A 910 -33.16 -26.67 -16.72
C LEU A 910 -32.44 -27.93 -16.27
N THR A 911 -32.42 -28.16 -14.96
CA THR A 911 -31.68 -29.27 -14.40
C THR A 911 -32.26 -30.60 -14.88
N ASP A 912 -31.45 -31.65 -14.81
CA ASP A 912 -31.89 -32.97 -15.25
C ASP A 912 -33.08 -33.45 -14.44
N LEU A 913 -33.00 -33.32 -13.11
CA LEU A 913 -34.12 -33.70 -12.26
C LEU A 913 -35.29 -32.75 -12.40
N GLY A 914 -35.06 -31.54 -12.89
CA GLY A 914 -36.17 -30.63 -13.16
C GLY A 914 -37.14 -31.18 -14.18
N GLN A 915 -36.63 -31.92 -15.17
CA GLN A 915 -37.46 -32.59 -16.15
C GLN A 915 -37.60 -34.08 -15.89
N ASN A 916 -37.43 -34.51 -14.64
CA ASN A 916 -37.57 -35.92 -14.30
C ASN A 916 -39.04 -36.30 -14.12
N MET A 917 -39.37 -37.53 -14.53
CA MET A 917 -40.76 -37.99 -14.57
C MET A 917 -41.42 -37.90 -13.20
N LEU A 918 -40.74 -38.43 -12.17
CA LEU A 918 -41.29 -38.41 -10.82
C LEU A 918 -41.54 -36.99 -10.35
N TYR A 919 -40.62 -36.08 -10.64
CA TYR A 919 -40.83 -34.66 -10.37
C TYR A 919 -41.49 -33.96 -11.54
N ALA A 920 -41.85 -34.69 -12.58
CA ALA A 920 -42.63 -34.09 -13.66
C ALA A 920 -44.10 -34.03 -13.30
N ASN A 921 -44.70 -35.17 -12.95
CA ASN A 921 -46.15 -35.15 -12.72
C ASN A 921 -46.56 -35.48 -11.29
N SER A 922 -45.74 -36.20 -10.53
CA SER A 922 -46.14 -36.51 -9.17
C SER A 922 -46.01 -35.27 -8.27
N ALA A 923 -46.69 -35.32 -7.13
CA ALA A 923 -46.68 -34.27 -6.14
C ALA A 923 -45.99 -34.76 -4.89
N HIS A 924 -45.05 -33.97 -4.37
CA HIS A 924 -44.29 -34.33 -3.18
C HIS A 924 -44.23 -33.16 -2.21
N ALA A 925 -44.27 -33.46 -0.92
CA ALA A 925 -44.11 -32.48 0.13
C ALA A 925 -42.71 -32.60 0.71
N LEU A 926 -41.97 -31.48 0.72
CA LEU A 926 -40.56 -31.46 1.04
C LEU A 926 -40.34 -31.03 2.48
N ASP A 927 -39.54 -31.80 3.21
CA ASP A 927 -39.18 -31.49 4.59
C ASP A 927 -37.69 -31.23 4.69
N MET A 928 -37.33 -30.15 5.38
CA MET A 928 -35.95 -29.76 5.60
C MET A 928 -35.73 -29.58 7.09
N THR A 929 -34.51 -29.85 7.56
CA THR A 929 -34.12 -29.54 8.92
C THR A 929 -32.70 -29.01 8.94
N PHE A 930 -32.53 -27.80 9.47
CA PHE A 930 -31.23 -27.17 9.56
C PHE A 930 -30.70 -27.25 10.99
N GLU A 931 -29.39 -27.17 11.11
CA GLU A 931 -28.70 -27.07 12.39
C GLU A 931 -27.77 -25.87 12.34
N VAL A 932 -27.86 -25.00 13.35
CA VAL A 932 -27.07 -23.77 13.35
C VAL A 932 -26.44 -23.56 14.71
N ASP A 933 -25.39 -22.75 14.72
CA ASP A 933 -24.77 -22.33 15.98
C ASP A 933 -25.69 -21.32 16.68
N PRO A 934 -26.11 -21.59 17.91
CA PRO A 934 -27.03 -20.67 18.58
C PRO A 934 -26.40 -19.32 18.84
N MET A 935 -27.19 -18.27 18.61
CA MET A 935 -26.79 -16.90 18.91
C MET A 935 -27.90 -16.21 19.70
N ASP A 936 -27.51 -15.21 20.48
CA ASP A 936 -28.39 -14.59 21.46
C ASP A 936 -29.26 -13.48 20.88
N GLU A 937 -29.52 -13.50 19.58
CA GLU A 937 -30.35 -12.51 18.93
C GLU A 937 -31.26 -13.21 17.93
N PRO A 938 -32.44 -12.69 17.68
CA PRO A 938 -33.32 -13.30 16.67
C PRO A 938 -32.68 -13.28 15.29
N THR A 939 -32.87 -14.36 14.55
CA THR A 939 -32.31 -14.49 13.22
C THR A 939 -33.37 -15.01 12.26
N LEU A 940 -33.09 -14.86 10.97
CA LEU A 940 -34.00 -15.27 9.92
C LEU A 940 -33.22 -16.13 8.92
N LEU A 941 -33.79 -17.29 8.59
CA LEU A 941 -33.16 -18.22 7.65
C LEU A 941 -33.66 -17.89 6.26
N TYR A 942 -32.80 -17.24 5.47
CA TYR A 942 -33.14 -16.90 4.10
C TYR A 942 -33.06 -18.15 3.23
N LEU A 943 -34.14 -18.45 2.51
CA LEU A 943 -34.20 -19.59 1.63
C LEU A 943 -34.58 -19.14 0.23
N LEU A 944 -33.82 -19.56 -0.76
CA LEU A 944 -34.12 -19.29 -2.16
C LEU A 944 -34.46 -20.60 -2.83
N PHE A 945 -35.71 -20.73 -3.26
CA PHE A 945 -36.13 -21.85 -4.10
C PHE A 945 -35.89 -21.44 -5.54
N GLU A 946 -34.85 -21.99 -6.15
CA GLU A 946 -34.51 -21.64 -7.52
C GLU A 946 -35.65 -22.03 -8.46
N VAL A 947 -36.11 -21.06 -9.25
CA VAL A 947 -37.25 -21.22 -10.13
C VAL A 947 -36.93 -20.57 -11.46
N PHE A 948 -37.92 -20.54 -12.34
CA PHE A 948 -37.87 -19.78 -13.59
C PHE A 948 -38.89 -18.65 -13.49
N ASP A 949 -38.42 -17.41 -13.56
CA ASP A 949 -39.27 -16.23 -13.47
C ASP A 949 -39.16 -15.47 -14.79
N VAL A 950 -40.11 -15.71 -15.70
CA VAL A 950 -40.05 -15.19 -17.05
C VAL A 950 -41.28 -14.33 -17.32
N VAL A 951 -41.14 -13.38 -18.25
CA VAL A 951 -42.23 -12.53 -18.67
C VAL A 951 -42.17 -12.40 -20.18
N ARG A 952 -43.33 -12.44 -20.84
CA ARG A 952 -43.44 -12.25 -22.27
C ARG A 952 -44.30 -11.01 -22.52
N VAL A 953 -43.69 -9.97 -23.08
CA VAL A 953 -44.35 -8.68 -23.28
C VAL A 953 -44.73 -8.55 -24.75
N HIS A 954 -45.99 -8.21 -24.99
CA HIS A 954 -46.53 -8.07 -26.34
C HIS A 954 -47.05 -6.66 -26.56
N GLN A 955 -46.72 -6.09 -27.71
CA GLN A 955 -47.25 -4.80 -28.14
C GLN A 955 -47.79 -4.97 -29.55
N PRO A 956 -49.04 -5.43 -29.68
CA PRO A 956 -49.57 -5.72 -31.02
C PRO A 956 -49.94 -4.49 -31.82
N HIS A 957 -50.51 -3.47 -31.18
CA HIS A 957 -50.92 -2.25 -31.86
C HIS A 957 -50.20 -1.06 -31.22
N ARG A 958 -50.54 0.13 -31.66
CA ARG A 958 -49.91 1.32 -31.10
C ARG A 958 -50.47 1.59 -29.70
N GLY A 959 -49.58 1.81 -28.74
CA GLY A 959 -50.00 2.17 -27.40
C GLY A 959 -50.57 1.04 -26.58
N VAL A 960 -50.32 -0.21 -26.95
CA VAL A 960 -50.83 -1.37 -26.24
C VAL A 960 -49.65 -2.22 -25.79
N ILE A 961 -49.62 -2.55 -24.50
CA ILE A 961 -48.64 -3.48 -23.95
C ILE A 961 -49.41 -4.56 -23.20
N GLU A 962 -49.05 -5.82 -23.46
CA GLU A 962 -49.55 -6.95 -22.69
C GLU A 962 -48.38 -7.80 -22.26
N ALA A 963 -48.27 -8.06 -20.96
CA ALA A 963 -47.22 -8.89 -20.42
C ALA A 963 -47.82 -10.17 -19.85
N VAL A 964 -47.25 -11.31 -20.23
CA VAL A 964 -47.67 -12.61 -19.72
C VAL A 964 -46.55 -13.15 -18.87
N TYR A 965 -46.85 -13.41 -17.60
CA TYR A 965 -45.86 -13.84 -16.62
C TYR A 965 -45.98 -15.33 -16.38
N LEU A 966 -44.85 -15.98 -16.05
CA LEU A 966 -44.85 -17.42 -15.69
C LEU A 966 -43.72 -17.70 -14.72
N ARG A 967 -44.05 -18.13 -13.50
CA ARG A 967 -43.03 -18.55 -12.49
C ARG A 967 -43.15 -20.07 -12.31
N THR A 968 -42.05 -20.82 -12.46
CA THR A 968 -42.12 -22.31 -12.41
C THR A 968 -40.96 -22.89 -11.59
N PRO A 969 -41.18 -23.61 -10.47
CA PRO A 969 -42.53 -23.81 -9.90
C PRO A 969 -42.95 -22.72 -8.89
N PHE A 970 -43.60 -23.10 -7.78
CA PHE A 970 -44.12 -22.12 -6.80
C PHE A 970 -44.83 -21.01 -7.57
N SER A 971 -45.84 -21.36 -8.37
CA SER A 971 -46.47 -20.35 -9.24
C SER A 971 -47.34 -19.37 -8.46
N ALA A 972 -47.57 -18.19 -9.02
CA ALA A 972 -48.29 -17.13 -8.32
C ALA A 972 -49.76 -17.49 -8.14
N MET B 39 -46.55 -28.38 -18.57
CA MET B 39 -45.23 -28.89 -18.90
C MET B 39 -44.70 -28.27 -20.19
N MET B 40 -44.64 -29.07 -21.26
CA MET B 40 -44.06 -28.61 -22.51
C MET B 40 -44.70 -27.35 -23.10
N PRO B 41 -46.04 -27.17 -23.13
CA PRO B 41 -46.59 -25.99 -23.82
C PRO B 41 -46.17 -24.67 -23.21
N GLN B 42 -46.28 -24.53 -21.89
CA GLN B 42 -45.89 -23.29 -21.25
C GLN B 42 -44.38 -23.05 -21.37
N TRP B 43 -43.58 -24.11 -21.30
CA TRP B 43 -42.14 -23.97 -21.46
C TRP B 43 -41.78 -23.47 -22.85
N ALA B 44 -42.45 -23.99 -23.89
CA ALA B 44 -42.25 -23.46 -25.22
C ALA B 44 -42.76 -22.03 -25.34
N TYR B 45 -43.80 -21.69 -24.58
CA TYR B 45 -44.38 -20.36 -24.67
C TYR B 45 -43.39 -19.30 -24.16
N MET B 46 -42.77 -19.56 -23.02
CA MET B 46 -41.81 -18.61 -22.44
C MET B 46 -40.36 -19.04 -22.64
N HIS B 47 -40.10 -19.99 -23.54
CA HIS B 47 -38.76 -20.28 -24.02
C HIS B 47 -37.85 -20.81 -22.90
N ILE B 48 -38.47 -21.45 -21.90
CA ILE B 48 -37.69 -22.12 -20.87
C ILE B 48 -36.92 -23.29 -21.46
N ALA B 49 -37.59 -24.08 -22.31
CA ALA B 49 -36.94 -25.17 -23.04
C ALA B 49 -37.57 -25.25 -24.42
N GLY B 50 -36.82 -24.90 -25.45
CA GLY B 50 -37.39 -24.89 -26.79
C GLY B 50 -36.40 -24.37 -27.82
N GLN B 51 -36.94 -23.79 -28.87
CA GLN B 51 -36.13 -23.30 -29.98
C GLN B 51 -35.21 -22.18 -29.51
N ASP B 52 -34.00 -22.16 -30.06
CA ASP B 52 -33.03 -21.14 -29.68
C ASP B 52 -33.43 -19.79 -30.27
N ALA B 53 -32.64 -18.76 -29.96
CA ALA B 53 -33.04 -17.39 -30.24
C ALA B 53 -33.34 -17.16 -31.72
N SER B 54 -32.43 -17.61 -32.59
CA SER B 54 -32.59 -17.30 -34.01
C SER B 54 -33.70 -18.14 -34.65
N GLU B 55 -34.02 -19.28 -34.05
CA GLU B 55 -34.98 -20.19 -34.68
C GLU B 55 -36.40 -19.62 -34.64
N TYR B 56 -36.86 -19.15 -33.48
CA TYR B 56 -38.23 -18.66 -33.42
C TYR B 56 -38.38 -17.24 -33.94
N LEU B 57 -37.31 -16.46 -34.00
CA LEU B 57 -37.42 -15.10 -34.48
C LEU B 57 -37.60 -15.10 -36.00
N SER B 58 -38.29 -14.08 -36.49
CA SER B 58 -38.55 -13.98 -37.91
C SER B 58 -37.24 -13.79 -38.68
N PRO B 59 -37.15 -14.32 -39.91
CA PRO B 59 -35.91 -14.14 -40.67
C PRO B 59 -35.55 -12.68 -40.90
N GLY B 60 -36.54 -11.82 -41.15
CA GLY B 60 -36.24 -10.41 -41.28
C GLY B 60 -35.64 -9.84 -40.00
N LEU B 61 -36.16 -10.29 -38.86
CA LEU B 61 -35.64 -9.81 -37.59
C LEU B 61 -34.19 -10.25 -37.37
N VAL B 62 -33.86 -11.50 -37.69
CA VAL B 62 -32.49 -11.93 -37.47
C VAL B 62 -31.54 -11.24 -38.45
N GLN B 63 -31.97 -11.03 -39.69
CA GLN B 63 -31.13 -10.25 -40.62
C GLN B 63 -30.92 -8.83 -40.11
N PHE B 64 -31.98 -8.18 -39.61
CA PHE B 64 -31.84 -6.83 -39.08
C PHE B 64 -30.90 -6.79 -37.89
N ALA B 65 -31.02 -7.77 -36.98
CA ALA B 65 -30.15 -7.84 -35.82
C ALA B 65 -28.71 -8.03 -36.23
N ARG B 66 -28.46 -8.92 -37.20
CA ARG B 66 -27.11 -9.14 -37.69
C ARG B 66 -26.54 -7.87 -38.31
N ALA B 67 -27.36 -7.15 -39.07
CA ALA B 67 -26.88 -5.94 -39.75
C ALA B 67 -26.59 -4.82 -38.76
N THR B 68 -27.44 -4.65 -37.76
CA THR B 68 -27.35 -3.50 -36.87
C THR B 68 -26.73 -3.81 -35.52
N ASP B 69 -26.17 -5.01 -35.33
CA ASP B 69 -25.58 -5.35 -34.05
C ASP B 69 -24.39 -4.46 -33.70
N THR B 70 -23.79 -3.80 -34.69
CA THR B 70 -22.64 -2.94 -34.41
C THR B 70 -23.05 -1.74 -33.56
N TYR B 71 -24.16 -1.10 -33.90
CA TYR B 71 -24.59 0.10 -33.19
C TYR B 71 -25.85 -0.09 -32.37
N PHE B 72 -26.79 -0.91 -32.81
CA PHE B 72 -28.04 -1.14 -32.08
C PHE B 72 -28.19 -2.64 -31.83
N SER B 73 -27.72 -3.09 -30.68
CA SER B 73 -27.85 -4.49 -30.32
C SER B 73 -29.23 -4.76 -29.71
N MET B 74 -29.74 -5.96 -29.97
CA MET B 74 -31.01 -6.41 -29.42
C MET B 74 -30.91 -7.83 -28.88
N GLY B 75 -29.71 -8.22 -28.44
CA GLY B 75 -29.53 -9.58 -27.94
C GLY B 75 -30.29 -9.84 -26.65
N ASN B 76 -30.28 -8.87 -25.73
CA ASN B 76 -30.92 -9.08 -24.44
C ASN B 76 -32.43 -9.22 -24.56
N LYS B 77 -33.02 -8.67 -25.62
CA LYS B 77 -34.47 -8.61 -25.73
C LYS B 77 -35.11 -9.99 -25.90
N PHE B 78 -34.38 -10.96 -26.42
CA PHE B 78 -34.92 -12.27 -26.76
C PHE B 78 -34.20 -13.34 -25.95
N ARG B 79 -34.95 -14.35 -25.49
CA ARG B 79 -34.43 -15.31 -24.54
C ARG B 79 -33.87 -16.54 -25.24
N ASN B 80 -32.70 -17.00 -24.78
CA ASN B 80 -32.06 -18.19 -25.29
C ASN B 80 -32.23 -19.33 -24.31
N PRO B 81 -32.92 -20.41 -24.65
CA PRO B 81 -33.10 -21.51 -23.69
C PRO B 81 -31.85 -22.34 -23.57
N THR B 82 -31.55 -22.75 -22.33
CA THR B 82 -30.42 -23.61 -22.04
C THR B 82 -30.92 -24.79 -21.21
N VAL B 83 -30.62 -26.00 -21.65
CA VAL B 83 -31.14 -27.22 -21.04
C VAL B 83 -29.98 -28.12 -20.69
N ALA B 84 -30.22 -29.01 -19.72
CA ALA B 84 -29.14 -29.94 -19.42
C ALA B 84 -29.45 -31.32 -20.01
N PRO B 85 -28.43 -32.08 -20.41
CA PRO B 85 -28.69 -33.38 -21.02
C PRO B 85 -29.20 -34.38 -20.00
N THR B 86 -30.25 -35.11 -20.37
CA THR B 86 -30.90 -36.08 -19.49
C THR B 86 -30.89 -37.47 -20.09
N HIS B 87 -29.74 -37.90 -20.62
CA HIS B 87 -29.64 -39.20 -21.27
C HIS B 87 -28.22 -39.72 -21.10
N ASP B 88 -28.08 -40.80 -20.33
CA ASP B 88 -26.81 -41.54 -20.22
C ASP B 88 -25.66 -40.63 -19.77
N VAL B 89 -25.94 -39.73 -18.83
CA VAL B 89 -24.93 -38.85 -18.26
C VAL B 89 -24.57 -39.26 -16.84
N THR B 90 -25.57 -39.49 -15.99
CA THR B 90 -25.36 -39.87 -14.60
C THR B 90 -26.04 -41.20 -14.33
N THR B 91 -25.31 -42.12 -13.72
CA THR B 91 -25.90 -43.37 -13.28
C THR B 91 -26.98 -43.11 -12.23
N ASP B 92 -28.13 -43.72 -12.43
CA ASP B 92 -29.26 -43.57 -11.51
C ASP B 92 -29.23 -44.59 -10.38
N ARG B 93 -28.23 -45.46 -10.35
CA ARG B 93 -28.12 -46.50 -9.33
C ARG B 93 -27.53 -45.89 -8.06
N SER B 94 -27.16 -46.75 -7.12
CA SER B 94 -26.58 -46.31 -5.85
C SER B 94 -25.09 -46.56 -5.84
N GLN B 95 -24.31 -45.49 -5.68
CA GLN B 95 -22.86 -45.59 -5.56
C GLN B 95 -22.29 -44.32 -4.93
N ARG B 96 -21.04 -44.37 -4.50
CA ARG B 96 -20.41 -43.29 -3.77
C ARG B 96 -19.68 -42.35 -4.72
N LEU B 97 -19.74 -41.05 -4.40
CA LEU B 97 -18.96 -40.06 -5.14
C LEU B 97 -17.48 -40.19 -4.82
N MET B 98 -17.13 -40.04 -3.54
CA MET B 98 -15.76 -40.18 -3.07
C MET B 98 -15.66 -41.41 -2.18
N LEU B 99 -14.53 -42.10 -2.29
CA LEU B 99 -14.32 -43.35 -1.58
C LEU B 99 -12.92 -43.38 -1.00
N ARG B 100 -12.83 -43.70 0.30
CA ARG B 100 -11.56 -43.77 1.00
C ARG B 100 -11.01 -45.18 1.00
N PHE B 101 -9.68 -45.28 0.97
CA PHE B 101 -8.98 -46.56 1.02
C PHE B 101 -8.08 -46.59 2.24
N VAL B 102 -8.28 -47.60 3.08
CA VAL B 102 -7.44 -47.83 4.26
C VAL B 102 -6.21 -48.59 3.80
N PRO B 103 -5.02 -48.29 4.32
CA PRO B 103 -3.83 -49.01 3.87
C PRO B 103 -3.93 -50.50 4.19
N VAL B 104 -3.39 -51.32 3.29
CA VAL B 104 -3.33 -52.76 3.50
C VAL B 104 -2.04 -53.17 4.18
N ASP B 105 -0.99 -52.36 4.08
CA ASP B 105 0.24 -52.58 4.83
C ASP B 105 0.91 -51.24 5.05
N ARG B 106 1.55 -51.09 6.20
CA ARG B 106 2.26 -49.88 6.58
C ARG B 106 3.59 -50.26 7.19
N GLU B 107 4.62 -49.47 6.90
CA GLU B 107 5.95 -49.73 7.46
C GLU B 107 6.58 -48.40 7.83
N ASP B 108 7.19 -48.33 9.01
CA ASP B 108 7.92 -47.17 9.47
C ASP B 108 9.41 -47.47 9.49
N ASN B 109 10.21 -46.58 8.94
CA ASN B 109 11.65 -46.66 9.01
C ASN B 109 12.18 -45.45 9.78
N THR B 110 13.50 -45.34 9.85
CA THR B 110 14.11 -44.24 10.60
C THR B 110 13.83 -42.89 9.95
N TYR B 111 13.82 -42.84 8.61
CA TYR B 111 13.55 -41.61 7.87
C TYR B 111 12.53 -41.81 6.76
N SER B 112 11.75 -42.88 6.78
CA SER B 112 10.78 -43.15 5.73
C SER B 112 9.55 -43.82 6.33
N TYR B 113 8.40 -43.55 5.71
CA TYR B 113 7.13 -44.13 6.17
C TYR B 113 6.52 -44.84 4.97
N LYS B 114 6.61 -46.16 4.97
CA LYS B 114 6.18 -47.00 3.86
C LYS B 114 4.68 -47.26 4.02
N VAL B 115 3.90 -46.90 3.01
CA VAL B 115 2.46 -47.13 3.00
C VAL B 115 2.10 -47.92 1.75
N ARG B 116 1.19 -48.88 1.90
CA ARG B 116 0.75 -49.73 0.81
C ARG B 116 -0.78 -49.80 0.79
N TYR B 117 -1.36 -49.63 -0.39
CA TYR B 117 -2.81 -49.61 -0.55
C TYR B 117 -3.24 -50.64 -1.59
N THR B 118 -4.55 -50.80 -1.72
CA THR B 118 -5.16 -51.63 -2.77
C THR B 118 -6.20 -50.78 -3.47
N LEU B 119 -5.76 -50.03 -4.49
CA LEU B 119 -6.65 -49.16 -5.24
C LEU B 119 -7.58 -49.97 -6.11
N ALA B 120 -8.78 -50.26 -5.61
CA ALA B 120 -9.75 -51.09 -6.31
C ALA B 120 -10.74 -50.18 -7.03
N VAL B 121 -10.63 -50.14 -8.35
CA VAL B 121 -11.58 -49.40 -9.19
C VAL B 121 -12.74 -50.33 -9.51
N GLY B 122 -13.95 -49.89 -9.17
CA GLY B 122 -15.12 -50.72 -9.35
C GLY B 122 -15.51 -50.86 -10.81
N ASP B 123 -16.42 -51.81 -11.05
CA ASP B 123 -16.87 -52.07 -12.40
C ASP B 123 -17.76 -50.96 -12.92
N ASN B 124 -17.70 -50.74 -14.24
CA ASN B 124 -18.45 -49.67 -14.91
C ASN B 124 -18.11 -48.31 -14.31
N ARG B 125 -16.83 -48.11 -14.00
CA ARG B 125 -16.36 -46.88 -13.39
C ARG B 125 -15.06 -46.45 -14.06
N VAL B 126 -14.69 -45.19 -13.85
CA VAL B 126 -13.38 -44.69 -14.20
C VAL B 126 -12.84 -43.89 -13.01
N LEU B 127 -11.53 -43.71 -12.99
CA LEU B 127 -10.86 -42.97 -11.94
C LEU B 127 -9.81 -42.07 -12.57
N ASP B 128 -9.87 -40.78 -12.26
CA ASP B 128 -8.84 -39.85 -12.71
C ASP B 128 -7.82 -39.71 -11.58
N MET B 129 -6.57 -40.08 -11.88
CA MET B 129 -5.54 -40.04 -10.86
C MET B 129 -5.28 -38.63 -10.36
N ALA B 130 -5.65 -37.61 -11.13
CA ALA B 130 -5.55 -36.24 -10.65
C ALA B 130 -6.54 -35.94 -9.55
N SER B 131 -7.55 -36.79 -9.37
CA SER B 131 -8.55 -36.61 -8.35
C SER B 131 -8.22 -37.33 -7.05
N THR B 132 -7.07 -38.00 -6.99
CA THR B 132 -6.66 -38.75 -5.81
C THR B 132 -5.60 -37.97 -5.03
N PHE B 133 -5.68 -38.06 -3.70
CA PHE B 133 -4.70 -37.44 -2.83
C PHE B 133 -4.54 -38.29 -1.58
N PHE B 134 -3.47 -38.00 -0.84
CA PHE B 134 -3.20 -38.67 0.43
C PHE B 134 -3.58 -37.74 1.58
N ASP B 135 -4.30 -38.27 2.55
CA ASP B 135 -4.64 -37.55 3.77
C ASP B 135 -3.63 -37.94 4.83
N ILE B 136 -2.91 -36.95 5.37
CA ILE B 136 -1.90 -37.18 6.37
C ILE B 136 -2.33 -36.47 7.65
N ARG B 137 -2.42 -37.23 8.74
CA ARG B 137 -2.69 -36.68 10.06
C ARG B 137 -1.56 -37.08 10.99
N GLY B 138 -1.04 -36.11 11.73
CA GLY B 138 0.08 -36.40 12.60
C GLY B 138 0.34 -35.26 13.55
N VAL B 139 1.50 -35.32 14.20
CA VAL B 139 1.91 -34.35 15.20
C VAL B 139 3.21 -33.70 14.74
N LEU B 140 3.34 -32.40 15.02
CA LEU B 140 4.53 -31.64 14.69
C LEU B 140 4.94 -30.81 15.89
N ASP B 141 6.22 -30.86 16.22
CA ASP B 141 6.82 -29.98 17.22
C ASP B 141 7.82 -29.12 16.47
N ARG B 142 7.44 -27.87 16.19
CA ARG B 142 8.29 -27.03 15.35
C ARG B 142 9.62 -26.72 16.02
N GLY B 143 9.62 -26.51 17.32
CA GLY B 143 10.85 -26.35 18.06
C GLY B 143 10.99 -25.00 18.73
N PRO B 144 12.05 -24.83 19.52
CA PRO B 144 12.26 -23.55 20.21
C PRO B 144 12.74 -22.43 19.31
N SER B 145 13.15 -22.72 18.07
CA SER B 145 13.57 -21.70 17.14
C SER B 145 12.39 -21.03 16.41
N PHE B 146 11.18 -21.48 16.66
CA PHE B 146 10.00 -20.96 15.97
C PHE B 146 9.55 -19.65 16.61
N LYS B 147 9.32 -18.64 15.77
CA LYS B 147 8.84 -17.34 16.23
C LYS B 147 8.15 -16.65 15.07
N PRO B 148 6.83 -16.84 14.93
CA PRO B 148 6.11 -16.29 13.79
C PRO B 148 5.67 -14.84 13.98
N TYR B 149 6.56 -14.02 14.52
CA TYR B 149 6.27 -12.60 14.68
C TYR B 149 7.55 -11.85 15.01
N SER B 150 7.49 -10.54 14.87
CA SER B 150 8.56 -9.64 15.25
C SER B 150 8.22 -8.93 16.55
N GLY B 151 9.23 -8.44 17.22
CA GLY B 151 9.01 -7.73 18.47
C GLY B 151 8.80 -8.70 19.63
N THR B 152 8.37 -8.11 20.75
CA THR B 152 8.12 -8.88 21.96
C THR B 152 6.66 -8.75 22.34
N ALA B 153 6.16 -9.77 23.03
CA ALA B 153 4.77 -9.81 23.44
C ALA B 153 4.57 -9.31 24.87
N TYR B 154 5.63 -9.00 25.59
CA TYR B 154 5.56 -8.61 26.99
C TYR B 154 6.29 -7.29 27.19
N ASN B 155 5.59 -6.29 27.70
CA ASN B 155 6.14 -4.95 27.93
C ASN B 155 6.79 -4.41 26.67
N SER B 156 6.01 -4.41 25.58
CA SER B 156 6.52 -3.92 24.31
C SER B 156 6.79 -2.43 24.33
N LEU B 157 5.96 -1.66 25.04
CA LEU B 157 6.13 -0.22 25.09
C LEU B 157 7.24 0.23 26.02
N ALA B 158 7.81 -0.66 26.82
CA ALA B 158 8.83 -0.25 27.78
C ALA B 158 10.11 0.15 27.05
N PRO B 159 10.83 1.14 27.57
CA PRO B 159 12.17 1.42 27.05
C PRO B 159 13.07 0.20 27.20
N LYS B 160 13.91 -0.03 26.19
CA LYS B 160 14.67 -1.27 26.13
C LYS B 160 15.78 -1.33 27.15
N GLY B 161 16.05 -0.23 27.86
CA GLY B 161 16.94 -0.26 29.00
C GLY B 161 16.25 -0.18 30.34
N ALA B 162 14.93 -0.13 30.38
CA ALA B 162 14.20 0.12 31.62
C ALA B 162 14.06 -1.17 32.41
N PRO B 163 14.51 -1.21 33.66
CA PRO B 163 14.35 -2.40 34.49
C PRO B 163 13.07 -2.34 35.32
N ASN B 164 12.75 -3.47 35.94
CA ASN B 164 11.64 -3.53 36.87
C ASN B 164 12.06 -2.98 38.22
N THR B 165 11.08 -2.90 39.13
CA THR B 165 11.40 -2.60 40.51
C THR B 165 12.07 -3.82 41.14
N SER B 166 13.39 -3.77 41.29
CA SER B 166 14.14 -4.95 41.73
C SER B 166 15.25 -4.52 42.68
N GLN B 167 15.70 -5.47 43.48
CA GLN B 167 16.66 -5.20 44.54
C GLN B 167 17.96 -5.94 44.25
N TRP B 168 19.06 -5.42 44.81
CA TRP B 168 20.37 -6.05 44.66
C TRP B 168 21.12 -5.98 45.99
N ILE B 169 22.09 -6.87 46.14
CA ILE B 169 22.88 -7.01 47.36
C ILE B 169 24.22 -6.34 47.15
N VAL B 170 24.62 -5.49 48.08
CA VAL B 170 25.92 -4.82 48.05
C VAL B 170 26.77 -5.46 49.15
N THR B 171 27.62 -6.41 48.77
CA THR B 171 28.37 -7.21 49.73
C THR B 171 29.33 -6.36 50.54
N THR B 172 30.34 -5.79 49.88
CA THR B 172 31.26 -4.81 50.45
C THR B 172 31.70 -5.18 51.87
N ASN B 173 32.39 -6.31 51.98
CA ASN B 173 32.93 -6.76 53.27
C ASN B 173 34.24 -6.04 53.53
N GLY B 174 34.24 -5.18 54.56
CA GLY B 174 35.45 -4.48 54.94
C GLY B 174 36.18 -5.18 56.07
N ASP B 175 36.19 -4.59 57.26
CA ASP B 175 36.77 -5.27 58.41
C ASP B 175 35.97 -6.51 58.77
N ASN B 176 34.65 -6.43 58.60
CA ASN B 176 33.79 -7.62 58.86
C ASN B 176 32.87 -7.83 57.65
N ALA B 177 32.19 -8.96 57.61
CA ALA B 177 31.34 -9.29 56.44
C ALA B 177 30.04 -8.52 56.57
N VAL B 178 30.01 -7.29 56.07
CA VAL B 178 28.78 -6.47 56.26
C VAL B 178 28.04 -6.36 54.93
N THR B 179 27.28 -7.39 54.54
CA THR B 179 26.44 -7.30 53.33
C THR B 179 25.39 -6.21 53.56
N THR B 180 25.60 -5.02 52.99
CA THR B 180 24.66 -3.87 53.17
C THR B 180 23.29 -4.40 52.84
N THR B 181 23.01 -4.69 51.56
CA THR B 181 21.77 -5.38 51.13
C THR B 181 20.59 -4.46 50.89
N THR B 182 19.50 -5.07 50.49
CA THR B 182 18.28 -4.28 50.31
C THR B 182 18.65 -2.96 49.62
N ASN B 183 19.40 -3.02 48.53
CA ASN B 183 19.59 -1.77 47.75
C ASN B 183 18.43 -1.82 46.77
N THR B 184 17.47 -0.88 46.84
CA THR B 184 16.26 -0.98 45.97
C THR B 184 16.22 0.08 44.88
N PHE B 185 15.58 -0.19 43.73
CA PHE B 185 15.40 0.87 42.70
C PHE B 185 14.11 0.62 41.92
N GLY B 186 13.15 1.52 42.06
CA GLY B 186 11.92 1.37 41.26
C GLY B 186 10.92 2.47 41.50
N ILE B 187 9.65 2.15 41.37
CA ILE B 187 8.56 3.10 41.53
C ILE B 187 7.45 2.43 42.35
N ALA B 188 6.78 3.21 43.18
CA ALA B 188 5.56 2.79 43.86
C ALA B 188 4.41 3.65 43.35
N SER B 189 3.33 2.99 42.89
CA SER B 189 2.30 3.67 42.13
C SER B 189 0.93 3.69 42.78
N MET B 190 0.66 2.85 43.78
CA MET B 190 -0.64 2.83 44.44
C MET B 190 -0.65 3.80 45.61
N LYS B 191 -1.78 4.48 45.80
CA LYS B 191 -1.94 5.46 46.87
C LYS B 191 -2.94 4.94 47.88
N GLY B 192 -2.59 5.05 49.16
CA GLY B 192 -3.46 4.65 50.25
C GLY B 192 -3.68 5.78 51.24
N ASP B 193 -4.54 5.49 52.20
CA ASP B 193 -4.85 6.47 53.24
C ASP B 193 -3.80 6.49 54.35
N ASN B 194 -3.29 5.33 54.73
CA ASN B 194 -2.35 5.26 55.84
C ASN B 194 -1.61 3.93 55.80
N ILE B 195 -0.52 3.87 56.56
CA ILE B 195 0.26 2.64 56.75
C ILE B 195 0.61 2.57 58.23
N THR B 196 0.30 1.45 58.88
CA THR B 196 0.65 1.28 60.29
C THR B 196 1.67 0.18 60.50
N LYS B 197 1.32 -1.08 60.26
CA LYS B 197 2.32 -2.14 60.24
C LYS B 197 1.97 -3.19 59.19
N GLU B 198 0.72 -3.19 58.74
CA GLU B 198 0.19 -4.25 57.90
C GLU B 198 0.21 -3.92 56.42
N GLY B 199 0.74 -2.77 56.04
CA GLY B 199 0.90 -2.46 54.64
C GLY B 199 0.07 -1.26 54.26
N LEU B 200 -0.37 -1.25 53.01
CA LEU B 200 -1.09 -0.11 52.46
C LEU B 200 -2.58 -0.28 52.69
N GLN B 201 -3.16 0.57 53.52
CA GLN B 201 -4.61 0.65 53.64
C GLN B 201 -5.19 1.06 52.29
N ILE B 202 -6.26 0.39 51.88
CA ILE B 202 -6.85 0.62 50.56
C ILE B 202 -8.33 0.96 50.67
N GLY B 203 -8.84 1.16 51.87
CA GLY B 203 -10.23 1.51 52.03
C GLY B 203 -10.65 1.44 53.49
N LYS B 204 -11.96 1.57 53.69
CA LYS B 204 -12.53 1.55 55.03
C LYS B 204 -13.84 0.77 54.98
N ASP B 205 -14.27 0.29 56.16
CA ASP B 205 -15.53 -0.41 56.28
C ASP B 205 -16.11 -0.22 57.67
N GLU B 213 -14.39 3.17 60.31
CA GLU B 213 -14.04 2.40 61.49
C GLU B 213 -12.93 1.40 61.20
N LYS B 214 -13.31 0.19 60.83
CA LYS B 214 -12.33 -0.84 60.54
C LYS B 214 -11.60 -0.53 59.24
N PRO B 215 -10.28 -0.37 59.25
CA PRO B 215 -9.54 -0.12 58.01
C PRO B 215 -9.13 -1.41 57.32
N ILE B 216 -9.44 -1.50 56.04
CA ILE B 216 -9.06 -2.67 55.25
C ILE B 216 -7.61 -2.48 54.79
N TYR B 217 -6.89 -3.58 54.71
CA TYR B 217 -5.47 -3.54 54.35
C TYR B 217 -5.23 -4.34 53.08
N ALA B 218 -4.13 -4.00 52.40
CA ALA B 218 -3.79 -4.64 51.14
C ALA B 218 -3.56 -6.14 51.34
N ASP B 219 -4.14 -6.93 50.45
CA ASP B 219 -3.90 -8.37 50.43
C ASP B 219 -2.56 -8.62 49.75
N LYS B 220 -1.60 -9.17 50.51
CA LYS B 220 -0.24 -9.30 50.00
C LYS B 220 -0.14 -10.22 48.80
N THR B 221 -1.16 -11.04 48.55
CA THR B 221 -1.08 -11.98 47.44
C THR B 221 -1.15 -11.27 46.09
N TYR B 222 -1.98 -10.22 46.00
CA TYR B 222 -2.14 -9.54 44.67
C TYR B 222 -1.94 -8.02 44.79
N GLN B 223 -2.39 -7.42 45.90
CA GLN B 223 -2.24 -5.96 46.10
C GLN B 223 -0.79 -5.66 46.49
N PRO B 224 -0.20 -4.51 46.09
CA PRO B 224 -0.82 -3.54 45.17
C PRO B 224 -0.75 -3.98 43.70
N GLU B 225 -1.80 -3.68 42.94
CA GLU B 225 -1.86 -4.11 41.52
C GLU B 225 -0.82 -3.31 40.70
N PRO B 226 0.19 -3.89 39.98
CA PRO B 226 1.09 -3.04 39.19
C PRO B 226 0.38 -2.25 38.09
N GLN B 227 -0.87 -2.57 37.77
CA GLN B 227 -1.53 -1.98 36.61
C GLN B 227 -2.35 -0.75 36.95
N VAL B 228 -2.31 -0.27 38.19
CA VAL B 228 -3.15 0.84 38.62
C VAL B 228 -2.29 1.92 39.25
N GLY B 229 -2.85 3.12 39.31
CA GLY B 229 -2.15 4.28 39.86
C GLY B 229 -3.06 5.49 39.91
N GLU B 230 -2.47 6.68 40.03
CA GLU B 230 -3.27 7.90 40.01
C GLU B 230 -3.91 8.10 38.64
N GLU B 231 -5.06 8.77 38.64
CA GLU B 231 -5.92 8.82 37.46
C GLU B 231 -5.69 10.03 36.59
N SER B 232 -5.19 11.13 37.14
CA SER B 232 -5.04 12.38 36.40
C SER B 232 -3.67 12.98 36.65
N TRP B 233 -3.24 13.84 35.73
CA TRP B 233 -1.92 14.46 35.85
C TRP B 233 -1.86 15.51 36.94
N THR B 234 -3.01 16.06 37.36
CA THR B 234 -3.03 17.08 38.41
C THR B 234 -3.02 16.45 39.79
N ASP B 235 -2.02 15.58 40.00
CA ASP B 235 -1.88 14.90 41.29
C ASP B 235 -1.69 15.90 42.42
N THR B 236 -0.76 16.84 42.24
CA THR B 236 -0.48 17.89 43.23
C THR B 236 -0.20 17.27 44.60
N ASP B 237 0.73 16.34 44.64
CA ASP B 237 1.01 15.54 45.83
C ASP B 237 2.32 16.02 46.47
N GLY B 238 2.20 16.66 47.62
CA GLY B 238 3.35 16.99 48.43
C GLY B 238 3.07 16.93 49.93
N THR B 239 1.83 16.59 50.29
CA THR B 239 1.38 16.67 51.68
C THR B 239 1.52 15.31 52.37
N ASN B 240 2.77 14.85 52.45
CA ASN B 240 3.14 13.66 53.23
C ASN B 240 2.23 12.47 52.89
N GLU B 241 2.29 12.06 51.63
CA GLU B 241 1.40 11.02 51.14
C GLU B 241 1.94 9.64 51.49
N LYS B 242 1.10 8.64 51.27
CA LYS B 242 1.42 7.24 51.54
C LYS B 242 1.33 6.49 50.23
N PHE B 243 2.40 5.81 49.84
CA PHE B 243 2.46 5.12 48.57
C PHE B 243 2.97 3.70 48.78
N GLY B 244 2.54 2.81 47.90
CA GLY B 244 2.94 1.41 47.97
C GLY B 244 3.17 0.84 46.60
N GLY B 245 3.85 -0.29 46.56
CA GLY B 245 4.17 -0.94 45.31
C GLY B 245 4.64 -2.36 45.48
N ARG B 246 5.28 -2.87 44.44
CA ARG B 246 5.84 -4.21 44.46
C ARG B 246 7.29 -4.15 43.99
N ALA B 247 8.07 -5.14 44.40
CA ALA B 247 9.48 -5.18 44.05
C ALA B 247 9.92 -6.64 43.95
N LEU B 248 11.05 -6.84 43.28
CA LEU B 248 11.61 -8.17 43.08
C LEU B 248 12.77 -8.38 44.05
N LYS B 249 12.71 -9.47 44.81
CA LYS B 249 13.76 -9.77 45.77
C LYS B 249 15.07 -10.06 45.05
N PRO B 250 16.20 -9.90 45.73
CA PRO B 250 17.49 -10.14 45.07
C PRO B 250 17.73 -11.57 44.63
N ALA B 251 16.90 -12.51 45.05
CA ALA B 251 17.04 -13.90 44.65
C ALA B 251 16.60 -14.16 43.21
N THR B 252 15.88 -13.23 42.60
CA THR B 252 15.47 -13.34 41.21
C THR B 252 16.46 -12.59 40.33
N ASN B 253 16.69 -13.12 39.13
CA ASN B 253 17.71 -12.57 38.24
C ASN B 253 17.25 -11.25 37.64
N MET B 254 18.15 -10.28 37.62
CA MET B 254 17.84 -8.98 37.04
C MET B 254 17.63 -9.10 35.54
N LYS B 255 16.55 -8.53 35.04
CA LYS B 255 16.20 -8.57 33.64
C LYS B 255 15.55 -7.26 33.22
N PRO B 256 15.68 -6.88 31.96
CA PRO B 256 14.95 -5.71 31.48
C PRO B 256 13.45 -5.93 31.53
N CYS B 257 12.71 -4.85 31.72
CA CYS B 257 11.25 -4.95 31.67
C CYS B 257 10.79 -5.39 30.30
N TYR B 258 11.46 -4.93 29.24
CA TYR B 258 11.12 -5.30 27.88
C TYR B 258 11.34 -6.79 27.68
N GLY B 259 10.26 -7.54 27.50
CA GLY B 259 10.34 -8.98 27.31
C GLY B 259 10.17 -9.81 28.56
N SER B 260 9.95 -9.19 29.71
CA SER B 260 9.87 -9.92 30.97
C SER B 260 8.50 -10.56 31.14
N PHE B 261 8.50 -11.84 31.53
CA PHE B 261 7.26 -12.56 31.81
C PHE B 261 7.43 -13.42 33.05
N ALA B 262 6.40 -13.43 33.88
CA ALA B 262 6.34 -14.30 35.05
C ALA B 262 4.92 -14.86 35.14
N ARG B 263 4.82 -16.19 35.23
CA ARG B 263 3.52 -16.84 35.17
C ARG B 263 2.69 -16.52 36.41
N PRO B 264 1.37 -16.43 36.27
CA PRO B 264 0.51 -16.22 37.43
C PRO B 264 0.41 -17.47 38.29
N THR B 265 0.31 -17.26 39.61
CA THR B 265 0.21 -18.34 40.57
C THR B 265 -1.09 -18.32 41.36
N ASN B 266 -1.99 -17.38 41.06
CA ASN B 266 -3.31 -17.36 41.67
C ASN B 266 -4.28 -16.77 40.67
N ILE B 267 -5.58 -16.94 40.94
CA ILE B 267 -6.61 -16.42 40.04
C ILE B 267 -6.58 -14.91 39.97
N LYS B 268 -6.01 -14.25 40.96
CA LYS B 268 -5.95 -12.79 40.99
C LYS B 268 -4.78 -12.22 40.21
N GLY B 269 -3.92 -13.06 39.65
CA GLY B 269 -2.81 -12.60 38.84
C GLY B 269 -1.48 -12.48 39.56
N GLY B 270 -1.45 -12.69 40.86
CA GLY B 270 -0.19 -12.64 41.60
C GLY B 270 0.80 -13.67 41.12
N GLN B 271 2.03 -13.24 40.84
CA GLN B 271 3.04 -14.13 40.27
C GLN B 271 4.01 -14.70 41.30
N ALA B 272 3.80 -14.45 42.59
CA ALA B 272 4.76 -14.88 43.58
C ALA B 272 4.81 -16.39 43.67
N LYS B 273 6.01 -16.92 43.85
CA LYS B 273 6.17 -18.36 44.09
C LYS B 273 5.78 -18.69 45.52
N ASN B 274 5.95 -19.94 45.90
CA ASN B 274 5.71 -20.37 47.26
C ASN B 274 7.03 -20.80 47.90
N ARG B 275 7.25 -20.36 49.13
CA ARG B 275 8.49 -20.62 49.85
C ARG B 275 8.27 -21.86 50.70
N LYS B 276 8.78 -22.99 50.22
CA LYS B 276 8.55 -24.28 50.87
C LYS B 276 9.22 -24.37 52.24
N VAL B 277 10.09 -23.43 52.58
CA VAL B 277 10.87 -23.53 53.82
C VAL B 277 10.00 -22.93 54.92
N LYS B 278 9.11 -23.77 55.45
CA LYS B 278 8.38 -23.47 56.68
C LYS B 278 8.37 -24.70 57.57
N PRO B 279 9.53 -25.08 58.11
CA PRO B 279 9.57 -26.25 58.99
C PRO B 279 9.04 -25.91 60.38
N THR B 280 7.94 -26.55 60.75
CA THR B 280 7.37 -26.33 62.08
C THR B 280 8.30 -26.89 63.14
N THR B 281 8.45 -26.15 64.24
CA THR B 281 9.39 -26.52 65.29
C THR B 281 8.96 -27.76 66.07
N GLU B 282 7.73 -28.22 65.91
CA GLU B 282 7.21 -29.36 66.66
C GLU B 282 7.33 -30.67 65.89
N GLY B 283 8.32 -30.78 65.02
CA GLY B 283 8.49 -32.00 64.24
C GLY B 283 7.36 -32.29 63.27
N GLY B 284 6.86 -31.25 62.60
CA GLY B 284 5.81 -31.39 61.62
C GLY B 284 6.28 -31.05 60.21
N VAL B 285 5.45 -31.42 59.23
CA VAL B 285 5.82 -31.22 57.85
C VAL B 285 5.83 -29.73 57.51
N GLU B 286 6.60 -29.37 56.49
CA GLU B 286 6.66 -27.99 56.04
C GLU B 286 5.36 -27.57 55.39
N THR B 287 5.11 -26.27 55.39
CA THR B 287 3.88 -25.71 54.88
C THR B 287 4.19 -24.72 53.76
N GLU B 288 3.43 -24.79 52.67
CA GLU B 288 3.56 -23.87 51.56
C GLU B 288 2.93 -22.53 51.91
N GLU B 289 3.55 -21.44 51.46
CA GLU B 289 3.01 -20.10 51.56
C GLU B 289 3.79 -19.21 50.60
N PRO B 290 3.24 -18.07 50.18
CA PRO B 290 3.96 -17.25 49.22
C PRO B 290 5.10 -16.46 49.87
N ASP B 291 6.18 -16.32 49.12
CA ASP B 291 7.37 -15.61 49.59
C ASP B 291 7.24 -14.12 49.27
N ILE B 292 6.32 -13.49 49.98
CA ILE B 292 6.05 -12.06 49.83
C ILE B 292 6.36 -11.38 51.15
N ASP B 293 7.27 -10.42 51.13
CA ASP B 293 7.67 -9.70 52.33
C ASP B 293 7.44 -8.20 52.16
N MET B 294 7.26 -7.52 53.29
CA MET B 294 6.94 -6.10 53.32
C MET B 294 8.12 -5.33 53.89
N GLU B 295 8.64 -4.37 53.12
CA GLU B 295 9.71 -3.49 53.57
C GLU B 295 9.21 -2.05 53.61
N PHE B 296 9.66 -1.30 54.62
CA PHE B 296 9.22 0.06 54.85
C PHE B 296 10.38 1.03 54.70
N PHE B 297 10.06 2.23 54.19
CA PHE B 297 11.05 3.24 53.87
C PHE B 297 10.62 4.59 54.43
N ASP B 298 11.60 5.43 54.76
CA ASP B 298 11.37 6.77 55.24
C ASP B 298 12.25 7.73 54.46
N GLY B 299 12.12 9.02 54.75
CA GLY B 299 12.81 10.06 54.00
C GLY B 299 14.27 10.18 54.32
N ARG B 300 14.79 11.40 54.16
CA ARG B 300 16.23 11.66 54.28
C ARG B 300 16.65 12.12 55.67
N ASP B 301 15.87 12.95 56.35
CA ASP B 301 16.30 13.47 57.66
C ASP B 301 15.99 12.46 58.76
N ALA B 302 14.71 12.23 59.04
CA ALA B 302 14.20 11.12 59.85
C ALA B 302 15.16 10.73 60.98
N VAL B 303 15.45 11.70 61.84
CA VAL B 303 16.60 11.56 62.74
C VAL B 303 16.34 10.57 63.86
N ALA B 304 15.40 10.88 64.76
CA ALA B 304 15.20 10.05 65.94
C ALA B 304 13.77 9.56 66.10
N GLY B 305 12.80 10.46 66.02
CA GLY B 305 11.42 10.10 66.32
C GLY B 305 10.48 10.27 65.14
N ALA B 306 10.85 11.16 64.21
CA ALA B 306 10.05 11.40 63.02
C ALA B 306 10.32 10.26 62.02
N LEU B 307 10.00 9.05 62.44
CA LEU B 307 10.21 7.84 61.65
C LEU B 307 8.84 7.24 61.39
N ALA B 308 8.19 7.70 60.32
CA ALA B 308 6.92 7.18 59.88
C ALA B 308 7.07 6.69 58.45
N PRO B 309 6.63 5.47 58.14
CA PRO B 309 6.87 4.94 56.79
C PRO B 309 6.12 5.72 55.74
N GLU B 310 6.74 5.87 54.58
CA GLU B 310 6.13 6.56 53.45
C GLU B 310 5.95 5.67 52.23
N ILE B 311 6.82 4.68 52.04
CA ILE B 311 6.68 3.71 50.96
C ILE B 311 6.72 2.32 51.57
N VAL B 312 5.75 1.49 51.21
CA VAL B 312 5.72 0.08 51.59
C VAL B 312 5.80 -0.73 50.31
N LEU B 313 6.86 -1.51 50.16
CA LEU B 313 7.07 -2.32 48.97
C LEU B 313 6.88 -3.79 49.32
N TYR B 314 6.13 -4.49 48.48
CA TYR B 314 5.88 -5.92 48.67
C TYR B 314 6.88 -6.70 47.82
N THR B 315 8.03 -7.01 48.41
CA THR B 315 9.04 -7.78 47.70
C THR B 315 8.59 -9.22 47.53
N GLU B 316 9.04 -9.85 46.44
CA GLU B 316 8.61 -11.21 46.12
C GLU B 316 9.63 -11.85 45.20
N ASN B 317 9.39 -13.13 44.91
CA ASN B 317 10.18 -13.91 43.95
C ASN B 317 9.25 -14.48 42.91
N VAL B 318 9.62 -14.37 41.64
CA VAL B 318 8.78 -14.79 40.53
C VAL B 318 9.59 -15.69 39.60
N ASN B 319 8.87 -16.41 38.74
CA ASN B 319 9.49 -17.24 37.71
C ASN B 319 9.76 -16.36 36.48
N LEU B 320 10.67 -15.42 36.66
CA LEU B 320 11.00 -14.47 35.60
C LEU B 320 11.62 -15.21 34.41
N GLU B 321 11.19 -14.85 33.21
CA GLU B 321 11.74 -15.42 32.00
C GLU B 321 11.52 -14.47 30.85
N THR B 322 12.40 -14.54 29.85
CA THR B 322 12.34 -13.71 28.66
C THR B 322 12.21 -14.64 27.46
N PRO B 323 10.98 -14.95 27.06
CA PRO B 323 10.78 -16.04 26.09
C PRO B 323 10.90 -15.63 24.64
N ASP B 324 10.99 -14.33 24.34
CA ASP B 324 11.13 -13.89 22.95
C ASP B 324 12.10 -12.72 22.81
N SER B 325 13.11 -12.65 23.67
CA SER B 325 14.08 -11.57 23.59
C SER B 325 15.36 -11.99 24.29
N HIS B 326 16.45 -11.32 23.94
CA HIS B 326 17.76 -11.58 24.52
C HIS B 326 18.43 -10.26 24.89
N VAL B 327 19.34 -10.34 25.86
CA VAL B 327 20.06 -9.17 26.34
C VAL B 327 21.22 -8.88 25.38
N VAL B 328 21.29 -7.63 24.92
CA VAL B 328 22.32 -7.21 23.98
C VAL B 328 23.39 -6.36 24.64
N TYR B 329 23.21 -5.96 25.89
CA TYR B 329 24.25 -5.23 26.60
C TYR B 329 24.14 -5.61 28.07
N LYS B 330 25.20 -6.15 28.63
CA LYS B 330 25.24 -6.45 30.06
C LYS B 330 26.67 -6.31 30.54
N PRO B 331 26.94 -5.39 31.46
CA PRO B 331 28.34 -5.10 31.82
C PRO B 331 29.06 -6.25 32.50
N GLU B 332 28.49 -6.79 33.57
CA GLU B 332 29.18 -7.74 34.42
C GLU B 332 28.51 -9.10 34.33
N THR B 333 29.34 -10.15 34.26
CA THR B 333 28.83 -11.51 34.17
C THR B 333 28.03 -11.92 35.41
N SER B 334 28.34 -11.35 36.56
CA SER B 334 27.56 -11.62 37.77
C SER B 334 26.19 -10.96 37.64
N ASN B 335 25.35 -11.17 38.64
CA ASN B 335 24.00 -10.65 38.63
C ASN B 335 23.74 -9.80 39.87
N ASN B 336 22.65 -9.04 39.80
CA ASN B 336 22.15 -8.25 40.92
C ASN B 336 23.20 -7.23 41.37
N SER B 337 23.48 -6.31 40.46
CA SER B 337 24.38 -5.20 40.73
C SER B 337 23.75 -3.92 40.20
N HIS B 338 24.21 -2.78 40.75
CA HIS B 338 23.71 -1.50 40.26
C HIS B 338 23.99 -1.32 38.78
N ALA B 339 25.11 -1.86 38.30
CA ALA B 339 25.44 -1.75 36.88
C ALA B 339 24.47 -2.55 36.03
N ASN B 340 23.83 -3.57 36.59
CA ASN B 340 22.92 -4.40 35.82
C ASN B 340 21.52 -3.81 35.69
N LEU B 341 21.28 -2.64 36.29
CA LEU B 341 19.98 -1.98 36.10
C LEU B 341 19.85 -1.46 34.68
N GLY B 342 20.96 -1.29 33.98
CA GLY B 342 20.94 -0.67 32.66
C GLY B 342 21.23 -1.61 31.51
N GLN B 343 21.05 -2.91 31.71
CA GLN B 343 21.21 -3.84 30.61
C GLN B 343 20.11 -3.64 29.58
N GLN B 344 20.46 -3.74 28.31
CA GLN B 344 19.55 -3.46 27.21
C GLN B 344 19.20 -4.75 26.48
N ALA B 345 17.95 -4.82 26.03
CA ALA B 345 17.37 -6.04 25.48
C ALA B 345 16.82 -5.80 24.08
N MET B 346 16.90 -6.83 23.25
CA MET B 346 16.47 -6.80 21.87
C MET B 346 15.56 -7.99 21.60
N PRO B 347 14.54 -7.83 20.76
CA PRO B 347 13.64 -8.95 20.47
C PRO B 347 14.32 -10.02 19.62
N ASN B 348 13.85 -11.25 19.79
CA ASN B 348 14.39 -12.36 19.02
C ASN B 348 14.02 -12.24 17.55
N ARG B 349 14.90 -12.74 16.70
CA ARG B 349 14.67 -12.64 15.26
C ARG B 349 13.48 -13.50 14.87
N PRO B 350 12.65 -13.03 13.95
CA PRO B 350 11.51 -13.84 13.51
C PRO B 350 11.96 -15.05 12.72
N ASN B 351 11.16 -16.12 12.79
CA ASN B 351 11.47 -17.36 12.08
C ASN B 351 10.15 -18.08 11.82
N TYR B 352 9.66 -17.97 10.60
CA TYR B 352 8.40 -18.61 10.22
C TYR B 352 8.69 -20.02 9.72
N ILE B 353 8.18 -21.03 10.41
CA ILE B 353 8.45 -22.42 10.09
C ILE B 353 7.13 -23.07 9.70
N GLY B 354 7.12 -23.69 8.52
CA GLY B 354 5.91 -24.30 8.01
C GLY B 354 6.24 -25.22 6.86
N PHE B 355 5.23 -25.95 6.42
CA PHE B 355 5.41 -26.88 5.32
C PHE B 355 5.77 -26.13 4.04
N ARG B 356 6.48 -26.82 3.15
CA ARG B 356 6.95 -26.19 1.93
C ARG B 356 5.81 -26.03 0.93
N ASP B 357 6.08 -25.25 -0.10
CA ASP B 357 5.10 -25.01 -1.16
C ASP B 357 4.76 -26.32 -1.87
N ASN B 358 3.46 -26.56 -2.04
CA ASN B 358 2.95 -27.77 -2.70
C ASN B 358 3.42 -29.04 -2.03
N PHE B 359 3.76 -28.97 -0.75
CA PHE B 359 4.29 -30.10 0.02
C PHE B 359 5.46 -30.76 -0.70
N VAL B 360 6.33 -29.91 -1.26
CA VAL B 360 7.53 -30.42 -1.91
C VAL B 360 8.44 -31.05 -0.87
N GLY B 361 8.79 -32.32 -1.07
CA GLY B 361 9.65 -33.04 -0.17
C GLY B 361 8.94 -34.04 0.73
N LEU B 362 7.63 -33.92 0.90
CA LEU B 362 6.92 -34.87 1.76
C LEU B 362 6.83 -36.24 1.10
N MET B 363 6.89 -36.29 -0.22
CA MET B 363 6.86 -37.55 -0.95
C MET B 363 8.21 -37.80 -1.62
N TYR B 364 8.52 -39.09 -1.82
CA TYR B 364 9.78 -39.47 -2.44
C TYR B 364 9.65 -39.48 -3.95
N TYR B 365 10.59 -38.81 -4.61
CA TYR B 365 10.64 -38.77 -6.06
C TYR B 365 12.08 -38.88 -6.51
N ASN B 366 12.28 -39.53 -7.66
CA ASN B 366 13.59 -39.61 -8.31
C ASN B 366 14.62 -40.24 -7.39
N SER B 367 14.21 -41.23 -6.61
CA SER B 367 15.12 -42.06 -5.83
C SER B 367 14.85 -43.52 -6.17
N THR B 368 15.89 -44.22 -6.61
CA THR B 368 15.72 -45.62 -7.02
C THR B 368 15.45 -46.52 -5.82
N GLY B 369 15.99 -46.18 -4.65
CA GLY B 369 15.75 -46.99 -3.46
C GLY B 369 14.42 -46.74 -2.79
N ASN B 370 13.74 -45.65 -3.13
CA ASN B 370 12.48 -45.27 -2.51
C ASN B 370 11.44 -44.98 -3.58
N MET B 371 11.31 -45.89 -4.55
CA MET B 371 10.47 -45.64 -5.71
C MET B 371 9.06 -46.17 -5.50
N GLY B 372 8.07 -45.32 -5.78
CA GLY B 372 6.69 -45.70 -5.61
C GLY B 372 6.26 -46.78 -6.57
N VAL B 373 5.22 -47.51 -6.19
CA VAL B 373 4.79 -48.70 -6.91
C VAL B 373 3.32 -48.54 -7.29
N LEU B 374 3.02 -48.64 -8.58
CA LEU B 374 1.64 -48.69 -9.08
C LEU B 374 1.56 -49.86 -10.06
N ALA B 375 0.91 -50.94 -9.63
CA ALA B 375 0.83 -52.14 -10.46
C ALA B 375 -0.52 -52.80 -10.26
N GLY B 376 -1.11 -53.28 -11.35
CA GLY B 376 -2.23 -54.19 -11.23
C GLY B 376 -1.77 -55.50 -10.62
N GLN B 377 -2.63 -56.10 -9.80
CA GLN B 377 -2.24 -57.33 -9.12
C GLN B 377 -2.26 -58.55 -10.01
N ALA B 378 -2.91 -58.46 -11.19
CA ALA B 378 -2.87 -59.58 -12.13
C ALA B 378 -1.43 -59.90 -12.51
N SER B 379 -0.64 -58.87 -12.80
CA SER B 379 0.79 -59.01 -12.95
C SER B 379 1.47 -58.49 -11.68
N GLN B 380 2.80 -58.41 -11.71
CA GLN B 380 3.56 -57.76 -10.66
C GLN B 380 4.43 -56.63 -11.18
N LEU B 381 4.54 -56.46 -12.49
CA LEU B 381 5.42 -55.45 -13.06
C LEU B 381 4.95 -54.06 -12.66
N ASN B 382 5.90 -53.21 -12.27
CA ASN B 382 5.59 -51.86 -11.83
C ASN B 382 5.59 -50.92 -13.03
N ALA B 383 4.51 -50.15 -13.16
CA ALA B 383 4.37 -49.22 -14.27
C ALA B 383 5.11 -47.91 -14.02
N VAL B 384 5.67 -47.72 -12.84
CA VAL B 384 6.41 -46.51 -12.50
C VAL B 384 7.89 -46.81 -12.59
N VAL B 385 8.57 -46.18 -13.55
CA VAL B 385 10.02 -46.22 -13.66
C VAL B 385 10.53 -44.80 -13.47
N ASP B 386 11.45 -44.61 -12.54
CA ASP B 386 11.91 -43.28 -12.18
C ASP B 386 13.43 -43.25 -12.11
N LEU B 387 14.00 -42.11 -12.48
CA LEU B 387 15.44 -41.95 -12.59
C LEU B 387 15.92 -40.81 -11.70
N GLN B 388 17.19 -40.85 -11.34
CA GLN B 388 17.81 -39.84 -10.51
C GLN B 388 18.24 -38.62 -11.29
N ASP B 389 18.06 -38.62 -12.60
CA ASP B 389 18.40 -37.50 -13.45
C ASP B 389 17.19 -36.63 -13.76
N ARG B 390 16.07 -36.88 -13.09
CA ARG B 390 14.83 -36.16 -13.34
C ARG B 390 14.46 -35.35 -12.10
N ASN B 391 13.78 -34.23 -12.32
CA ASN B 391 13.30 -33.36 -11.25
C ASN B 391 11.79 -33.23 -11.38
N THR B 392 11.07 -33.99 -10.56
CA THR B 392 9.62 -33.97 -10.60
C THR B 392 9.06 -32.70 -9.97
N GLU B 393 9.63 -32.28 -8.85
CA GLU B 393 9.12 -31.11 -8.15
C GLU B 393 9.20 -29.86 -9.01
N LEU B 394 10.34 -29.66 -9.67
CA LEU B 394 10.51 -28.50 -10.53
C LEU B 394 9.54 -28.55 -11.71
N SER B 395 9.33 -29.75 -12.24
CA SER B 395 8.39 -29.90 -13.34
C SER B 395 6.99 -29.48 -12.93
N TYR B 396 6.54 -29.92 -11.76
CA TYR B 396 5.22 -29.49 -11.27
C TYR B 396 5.21 -27.98 -11.03
N GLN B 397 6.26 -27.43 -10.46
CA GLN B 397 6.27 -26.00 -10.18
C GLN B 397 6.09 -25.20 -11.46
N LEU B 398 6.88 -25.52 -12.49
CA LEU B 398 6.78 -24.77 -13.74
C LEU B 398 5.45 -25.04 -14.44
N LEU B 399 4.94 -26.27 -14.36
CA LEU B 399 3.64 -26.57 -14.93
C LEU B 399 2.54 -25.72 -14.32
N LEU B 400 2.49 -25.70 -13.00
CA LEU B 400 1.42 -24.99 -12.31
C LEU B 400 1.62 -23.48 -12.36
N ASP B 401 2.84 -23.04 -12.65
CA ASP B 401 3.02 -21.67 -13.10
C ASP B 401 2.36 -21.46 -14.46
N SER B 402 2.57 -22.39 -15.39
CA SER B 402 2.09 -22.18 -16.75
C SER B 402 0.57 -22.17 -16.83
N LEU B 403 -0.08 -23.08 -16.10
CA LEU B 403 -1.51 -23.27 -16.26
C LEU B 403 -2.35 -22.30 -15.46
N GLY B 404 -1.74 -21.45 -14.63
CA GLY B 404 -2.56 -20.55 -13.84
C GLY B 404 -1.72 -19.46 -13.21
N ASP B 405 -2.41 -18.55 -12.55
CA ASP B 405 -1.78 -17.41 -11.89
C ASP B 405 -1.22 -17.86 -10.55
N ARG B 406 -0.02 -17.39 -10.23
CA ARG B 406 0.74 -17.90 -9.11
C ARG B 406 0.79 -16.96 -7.92
N THR B 407 -0.04 -15.92 -7.89
CA THR B 407 -0.19 -15.11 -6.69
C THR B 407 -1.37 -15.53 -5.83
N ARG B 408 -2.35 -16.22 -6.41
CA ARG B 408 -3.46 -16.72 -5.62
C ARG B 408 -3.00 -17.86 -4.72
N TYR B 409 -3.72 -18.04 -3.61
CA TYR B 409 -3.38 -19.02 -2.60
C TYR B 409 -4.49 -20.06 -2.47
N PHE B 410 -4.10 -21.33 -2.47
CA PHE B 410 -5.02 -22.44 -2.21
C PHE B 410 -4.51 -23.20 -0.99
N SER B 411 -5.32 -23.26 0.06
CA SER B 411 -4.89 -23.89 1.29
C SER B 411 -4.86 -25.41 1.19
N MET B 412 -5.59 -25.99 0.24
CA MET B 412 -5.68 -27.44 0.15
C MET B 412 -4.32 -28.07 -0.15
N TRP B 413 -3.62 -27.53 -1.15
CA TRP B 413 -2.34 -28.08 -1.57
C TRP B 413 -1.16 -27.27 -1.04
N ASN B 414 -1.38 -26.40 -0.06
CA ASN B 414 -0.35 -25.49 0.43
C ASN B 414 0.19 -24.64 -0.72
N GLN B 415 -0.70 -24.25 -1.63
CA GLN B 415 -0.33 -23.58 -2.86
C GLN B 415 -0.14 -22.09 -2.58
N ALA B 416 1.04 -21.76 -2.05
CA ALA B 416 1.40 -20.39 -1.72
C ALA B 416 2.85 -20.18 -2.15
N VAL B 417 3.04 -19.51 -3.28
CA VAL B 417 4.38 -19.37 -3.85
C VAL B 417 5.29 -18.61 -2.88
N ASP B 418 6.58 -18.91 -2.95
CA ASP B 418 7.57 -18.12 -2.23
C ASP B 418 7.86 -16.83 -3.01
N SER B 419 8.11 -15.75 -2.27
CA SER B 419 8.37 -14.45 -2.86
C SER B 419 9.26 -13.65 -1.92
N TYR B 420 9.61 -12.44 -2.37
CA TYR B 420 10.36 -11.51 -1.53
C TYR B 420 9.80 -10.11 -1.75
N ASP B 421 10.04 -9.25 -0.79
CA ASP B 421 9.62 -7.86 -0.90
C ASP B 421 10.47 -7.17 -1.96
N PRO B 422 9.88 -6.64 -3.04
CA PRO B 422 10.70 -6.01 -4.08
C PRO B 422 11.47 -4.80 -3.59
N ASP B 423 11.00 -4.14 -2.54
CA ASP B 423 11.73 -3.02 -1.99
C ASP B 423 12.88 -3.44 -1.07
N VAL B 424 12.99 -4.72 -0.77
CA VAL B 424 14.09 -5.21 0.04
C VAL B 424 15.22 -5.76 -0.83
N ARG B 425 14.88 -6.42 -1.94
CA ARG B 425 15.91 -6.92 -2.83
C ARG B 425 16.67 -5.78 -3.49
N ILE B 426 15.95 -4.81 -4.06
CA ILE B 426 16.54 -3.60 -4.62
C ILE B 426 16.04 -2.43 -3.79
N ILE B 427 16.98 -1.61 -3.31
CA ILE B 427 16.66 -0.57 -2.33
C ILE B 427 16.41 0.76 -3.05
N GLU B 428 15.19 1.26 -2.91
CA GLU B 428 14.78 2.57 -3.42
C GLU B 428 15.01 3.59 -2.31
N ASN B 429 16.12 4.34 -2.40
CA ASN B 429 16.42 5.34 -1.38
C ASN B 429 15.91 6.70 -1.85
N HIS B 430 14.59 6.87 -1.76
CA HIS B 430 13.93 8.12 -2.12
C HIS B 430 14.26 9.25 -1.16
N GLY B 431 14.89 8.97 -0.04
CA GLY B 431 15.09 9.97 0.97
C GLY B 431 14.02 9.88 2.05
N ILE B 432 13.73 11.03 2.63
CA ILE B 432 12.83 11.14 3.77
C ILE B 432 12.13 12.49 3.71
N GLU B 433 10.80 12.48 3.66
CA GLU B 433 10.02 13.71 3.67
C GLU B 433 9.87 14.17 5.11
N ASP B 434 10.78 15.04 5.55
CA ASP B 434 10.81 15.51 6.93
C ASP B 434 11.01 17.02 7.00
N GLU B 435 10.25 17.76 6.21
CA GLU B 435 10.36 19.22 6.26
C GLU B 435 9.81 19.76 7.57
N LEU B 436 8.69 19.23 8.05
CA LEU B 436 8.02 19.77 9.23
C LEU B 436 8.61 19.20 10.49
N PRO B 437 8.95 20.03 11.47
CA PRO B 437 9.35 19.51 12.79
C PRO B 437 8.20 18.83 13.50
N ASN B 438 8.55 17.86 14.35
CA ASN B 438 7.59 17.16 15.19
C ASN B 438 8.03 17.28 16.64
N TYR B 439 7.08 17.50 17.54
CA TYR B 439 7.38 17.73 18.94
C TYR B 439 6.55 16.84 19.85
N CYS B 440 7.09 16.60 21.04
CA CYS B 440 6.35 15.96 22.13
C CYS B 440 6.32 16.90 23.33
N PHE B 441 5.14 17.05 23.92
CA PHE B 441 4.86 18.07 24.91
C PHE B 441 4.50 17.42 26.23
N PRO B 442 4.60 18.14 27.34
CA PRO B 442 4.20 17.58 28.63
C PRO B 442 2.73 17.21 28.66
N LEU B 443 2.38 16.36 29.63
CA LEU B 443 1.01 15.87 29.72
C LEU B 443 0.01 17.00 29.95
N ASN B 444 0.43 18.06 30.63
CA ASN B 444 -0.46 19.16 30.95
C ASN B 444 -0.42 20.28 29.92
N GLY B 445 0.21 20.04 28.77
CA GLY B 445 0.30 21.04 27.73
C GLY B 445 1.50 21.93 27.89
N ILE B 446 1.49 22.73 28.94
CA ILE B 446 2.62 23.58 29.26
C ILE B 446 3.57 22.83 30.17
N GLY B 447 4.79 23.34 30.30
CA GLY B 447 5.76 22.74 31.17
C GLY B 447 5.62 23.22 32.59
N PRO B 448 6.66 23.04 33.41
CA PRO B 448 6.64 23.58 34.76
C PRO B 448 6.57 25.11 34.73
N GLY B 449 5.91 25.67 35.73
CA GLY B 449 5.64 27.09 35.80
C GLY B 449 6.31 27.77 36.97
N HIS B 450 5.70 28.85 37.43
CA HIS B 450 6.23 29.65 38.53
C HIS B 450 5.05 30.20 39.33
N THR B 451 5.31 30.54 40.58
CA THR B 451 4.27 31.05 41.47
C THR B 451 4.13 32.55 41.29
N TYR B 452 2.89 33.03 41.28
CA TYR B 452 2.59 34.42 41.04
C TYR B 452 1.40 34.85 41.88
N GLN B 453 1.41 36.11 42.31
CA GLN B 453 0.36 36.67 43.16
C GLN B 453 -0.31 37.83 42.45
N GLY B 454 -1.61 37.98 42.66
CA GLY B 454 -2.35 39.03 42.00
C GLY B 454 -2.05 40.39 42.60
N ILE B 455 -2.06 41.41 41.75
CA ILE B 455 -1.85 42.80 42.17
C ILE B 455 -2.78 43.69 41.35
N LYS B 456 -3.32 44.71 42.00
CA LYS B 456 -4.22 45.65 41.36
C LYS B 456 -3.70 47.07 41.55
N VAL B 457 -4.20 47.99 40.72
CA VAL B 457 -3.72 49.36 40.78
C VAL B 457 -4.22 50.03 42.06
N LYS B 458 -3.51 51.07 42.48
CA LYS B 458 -3.80 51.76 43.73
C LYS B 458 -4.72 52.94 43.46
N THR B 459 -5.89 52.93 44.09
CA THR B 459 -6.84 54.03 43.98
C THR B 459 -6.53 55.17 44.94
N ASP B 460 -5.50 55.04 45.76
CA ASP B 460 -5.11 56.07 46.71
C ASP B 460 -4.36 57.18 45.97
N ASP B 461 -3.77 58.10 46.71
CA ASP B 461 -3.05 59.22 46.10
C ASP B 461 -1.88 58.72 45.27
N THR B 462 -1.13 57.75 45.78
CA THR B 462 -0.02 57.18 45.03
C THR B 462 -0.55 56.10 44.09
N ASN B 463 -0.26 56.25 42.79
CA ASN B 463 -0.73 55.30 41.78
C ASN B 463 0.33 54.23 41.57
N GLY B 464 0.47 53.37 42.57
CA GLY B 464 1.40 52.27 42.51
C GLY B 464 0.73 50.93 42.28
N TRP B 465 1.15 49.92 43.04
CA TRP B 465 0.57 48.58 42.92
C TRP B 465 0.51 48.00 44.33
N GLU B 466 -0.68 47.66 44.78
CA GLU B 466 -0.83 46.94 46.04
C GLU B 466 -1.31 45.51 45.77
N LYS B 467 -1.16 44.66 46.79
CA LYS B 467 -1.64 43.29 46.69
C LYS B 467 -3.14 43.27 46.49
N ASP B 468 -3.58 42.57 45.44
CA ASP B 468 -5.04 42.37 45.17
C ASP B 468 -5.44 41.14 45.97
N ALA B 469 -6.64 41.11 46.52
CA ALA B 469 -6.96 40.02 47.47
C ALA B 469 -8.15 39.20 47.03
N ASN B 470 -8.53 39.29 45.75
CA ASN B 470 -9.58 38.36 45.28
C ASN B 470 -8.79 37.37 44.46
N VAL B 471 -7.47 37.54 44.47
CA VAL B 471 -6.59 36.70 43.65
C VAL B 471 -5.84 35.74 44.55
N ALA B 472 -5.46 34.61 43.98
CA ALA B 472 -4.81 33.56 44.77
C ALA B 472 -3.36 33.94 44.99
N PRO B 473 -2.71 33.66 46.14
CA PRO B 473 -1.29 33.97 46.26
C PRO B 473 -0.38 33.11 45.41
N ALA B 474 -0.84 31.94 44.97
CA ALA B 474 -0.03 30.99 44.21
C ALA B 474 -0.78 30.59 42.95
N ASN B 475 -0.61 31.38 41.90
CA ASN B 475 -1.10 31.03 40.57
C ASN B 475 0.07 30.56 39.73
N GLU B 476 -0.02 29.34 39.20
CA GLU B 476 1.07 28.78 38.40
C GLU B 476 0.86 29.10 36.93
N ILE B 477 1.69 30.00 36.41
CA ILE B 477 1.65 30.42 35.01
C ILE B 477 3.06 30.35 34.45
N THR B 478 3.19 29.88 33.23
CA THR B 478 4.48 29.77 32.56
C THR B 478 4.65 30.93 31.60
N ILE B 479 5.83 31.53 31.59
CA ILE B 479 6.15 32.57 30.63
C ILE B 479 6.99 31.97 29.50
N GLY B 480 7.02 32.67 28.37
CA GLY B 480 7.69 32.13 27.20
C GLY B 480 6.87 31.04 26.54
N ASN B 481 7.57 30.11 25.90
CA ASN B 481 6.95 28.93 25.31
C ASN B 481 7.05 27.74 26.26
N ASN B 482 6.27 26.71 25.97
CA ASN B 482 6.25 25.50 26.78
C ASN B 482 7.49 24.66 26.54
N LEU B 483 7.59 23.54 27.23
CA LEU B 483 8.69 22.59 27.05
C LEU B 483 8.37 21.63 25.91
N ALA B 484 9.41 21.22 25.20
CA ALA B 484 9.21 20.33 24.06
C ALA B 484 10.49 19.58 23.77
N MET B 485 10.33 18.39 23.18
CA MET B 485 11.44 17.62 22.66
C MET B 485 11.17 17.27 21.20
N GLU B 486 12.23 17.17 20.43
CA GLU B 486 12.16 17.00 18.98
C GLU B 486 12.42 15.55 18.60
N ILE B 487 11.70 15.07 17.60
CA ILE B 487 11.85 13.71 17.09
C ILE B 487 11.62 13.72 15.59
N ASN B 488 12.38 12.91 14.85
CA ASN B 488 12.21 12.75 13.41
C ASN B 488 11.54 11.39 13.17
N ILE B 489 10.22 11.42 12.99
CA ILE B 489 9.45 10.19 12.89
C ILE B 489 9.77 9.46 11.59
N GLN B 490 9.85 10.20 10.49
CA GLN B 490 10.13 9.57 9.20
C GLN B 490 11.52 8.96 9.17
N ALA B 491 12.52 9.65 9.73
CA ALA B 491 13.86 9.09 9.80
C ALA B 491 13.89 7.81 10.61
N ASN B 492 13.17 7.79 11.73
CA ASN B 492 13.15 6.61 12.58
C ASN B 492 12.46 5.43 11.89
N LEU B 493 11.34 5.68 11.21
CA LEU B 493 10.68 4.61 10.48
C LEU B 493 11.58 4.06 9.37
N TRP B 494 12.26 4.94 8.63
CA TRP B 494 13.16 4.50 7.57
C TRP B 494 14.33 3.68 8.13
N ARG B 495 14.92 4.13 9.23
CA ARG B 495 16.03 3.39 9.83
C ARG B 495 15.58 2.02 10.32
N SER B 496 14.39 1.95 10.95
CA SER B 496 13.89 0.67 11.40
C SER B 496 13.67 -0.28 10.22
N PHE B 497 13.08 0.22 9.14
CA PHE B 497 12.91 -0.60 7.94
C PHE B 497 14.25 -1.13 7.46
N LEU B 498 15.23 -0.23 7.27
CA LEU B 498 16.50 -0.63 6.70
C LEU B 498 17.20 -1.66 7.58
N TYR B 499 17.25 -1.42 8.89
CA TYR B 499 17.87 -2.38 9.79
C TYR B 499 17.18 -3.73 9.71
N SER B 500 15.89 -3.77 10.09
CA SER B 500 15.19 -5.04 10.26
C SER B 500 15.07 -5.81 8.95
N ASN B 501 15.23 -5.16 7.80
CA ASN B 501 15.07 -5.88 6.55
C ASN B 501 16.35 -6.08 5.76
N VAL B 502 17.46 -5.43 6.13
CA VAL B 502 18.70 -5.64 5.40
C VAL B 502 19.82 -6.04 6.35
N ALA B 503 20.00 -5.27 7.43
CA ALA B 503 21.21 -5.39 8.22
C ALA B 503 21.30 -6.74 8.94
N LEU B 504 20.17 -7.24 9.45
CA LEU B 504 20.18 -8.53 10.13
C LEU B 504 20.43 -9.70 9.18
N TYR B 505 20.28 -9.48 7.88
CA TYR B 505 20.43 -10.55 6.90
C TYR B 505 21.79 -10.53 6.22
N LEU B 506 22.71 -9.69 6.70
CA LEU B 506 24.05 -9.64 6.15
C LEU B 506 24.79 -10.92 6.50
N PRO B 507 25.79 -11.30 5.71
CA PRO B 507 26.57 -12.50 6.01
C PRO B 507 27.34 -12.36 7.32
N ASP B 508 27.64 -13.50 7.92
CA ASP B 508 28.22 -13.52 9.27
C ASP B 508 29.58 -12.87 9.35
N VAL B 509 30.26 -12.64 8.23
CA VAL B 509 31.54 -11.94 8.25
C VAL B 509 31.34 -10.49 8.68
N TYR B 510 30.17 -9.92 8.43
CA TYR B 510 29.87 -8.54 8.76
C TYR B 510 29.34 -8.36 10.18
N LYS B 511 29.21 -9.43 10.95
CA LYS B 511 28.70 -9.34 12.31
C LYS B 511 29.78 -9.70 13.31
N TYR B 512 29.53 -9.36 14.58
CA TYR B 512 30.49 -9.72 15.66
C TYR B 512 29.70 -10.30 16.84
N THR B 513 30.37 -10.97 17.77
CA THR B 513 29.68 -11.46 18.99
C THR B 513 29.80 -10.39 20.07
N PRO B 514 28.69 -9.82 20.59
CA PRO B 514 28.74 -8.85 21.69
C PRO B 514 29.45 -9.42 22.92
N PRO B 515 30.16 -8.60 23.72
CA PRO B 515 30.93 -9.11 24.87
C PRO B 515 30.08 -9.72 26.00
N ASN B 516 30.71 -10.43 26.93
CA ASN B 516 30.01 -11.09 28.07
C ASN B 516 28.96 -12.07 27.53
N ILE B 517 29.04 -12.46 26.26
CA ILE B 517 28.02 -13.35 25.69
C ILE B 517 28.72 -14.51 25.01
N THR B 518 28.34 -15.73 25.35
CA THR B 518 28.93 -16.94 24.80
C THR B 518 27.96 -17.58 23.81
N LEU B 519 28.45 -17.87 22.61
CA LEU B 519 27.60 -18.34 21.53
C LEU B 519 27.99 -19.74 21.10
N PRO B 520 27.02 -20.55 20.64
CA PRO B 520 27.35 -21.90 20.18
C PRO B 520 28.33 -21.88 19.02
N THR B 521 29.17 -22.92 18.97
CA THR B 521 30.13 -23.03 17.89
C THR B 521 29.47 -23.39 16.56
N ASN B 522 28.29 -24.00 16.60
CA ASN B 522 27.58 -24.35 15.39
C ASN B 522 26.98 -23.10 14.75
N THR B 523 27.50 -22.72 13.59
CA THR B 523 27.01 -21.52 12.90
C THR B 523 25.65 -21.72 12.25
N ASN B 524 25.12 -22.93 12.25
CA ASN B 524 23.80 -23.21 11.71
C ASN B 524 22.72 -23.26 12.78
N THR B 525 23.03 -22.88 14.01
CA THR B 525 22.08 -22.94 15.11
C THR B 525 21.34 -21.61 15.22
N TYR B 526 20.06 -21.69 15.60
CA TYR B 526 19.26 -20.48 15.77
C TYR B 526 19.84 -19.58 16.86
N GLU B 527 20.43 -20.16 17.91
CA GLU B 527 21.01 -19.35 18.97
C GLU B 527 22.17 -18.52 18.46
N TYR B 528 23.01 -19.10 17.59
CA TYR B 528 24.12 -18.36 17.01
C TYR B 528 23.62 -17.17 16.19
N MET B 529 22.62 -17.40 15.35
CA MET B 529 22.11 -16.31 14.52
C MET B 529 21.38 -15.26 15.34
N ASN B 530 20.75 -15.65 16.44
CA ASN B 530 20.08 -14.69 17.31
C ASN B 530 21.05 -13.97 18.24
N GLY B 531 22.27 -14.47 18.38
CA GLY B 531 23.23 -13.87 19.30
C GLY B 531 24.26 -12.96 18.67
N ARG B 532 24.33 -12.90 17.34
CA ARG B 532 25.31 -12.04 16.68
C ARG B 532 24.73 -10.65 16.45
N VAL B 533 25.59 -9.64 16.52
CA VAL B 533 25.18 -8.24 16.42
C VAL B 533 25.82 -7.63 15.18
N VAL B 534 24.98 -6.99 14.36
CA VAL B 534 25.43 -6.29 13.16
C VAL B 534 25.37 -4.80 13.43
N SER B 535 26.40 -4.08 13.04
CA SER B 535 26.45 -2.65 13.25
C SER B 535 25.41 -1.96 12.37
N PRO B 536 24.52 -1.15 12.95
CA PRO B 536 23.49 -0.49 12.14
C PRO B 536 24.05 0.48 11.12
N SER B 537 25.26 0.99 11.32
CA SER B 537 25.84 1.96 10.40
C SER B 537 26.25 1.34 9.07
N LEU B 538 26.24 0.02 8.95
CA LEU B 538 26.57 -0.62 7.68
C LEU B 538 25.55 -0.26 6.61
N VAL B 539 24.27 -0.37 6.93
CA VAL B 539 23.18 -0.03 6.01
C VAL B 539 22.35 1.04 6.72
N ASP B 540 22.69 2.30 6.47
CA ASP B 540 22.05 3.42 7.15
C ASP B 540 21.14 4.17 6.20
N SER B 541 20.52 5.24 6.71
CA SER B 541 19.52 5.96 5.96
C SER B 541 20.07 6.62 4.70
N TYR B 542 21.38 6.81 4.61
CA TYR B 542 22.00 7.46 3.47
C TYR B 542 22.63 6.48 2.50
N ILE B 543 22.42 5.18 2.68
CA ILE B 543 23.09 4.20 1.83
C ILE B 543 22.58 4.36 0.41
N ASN B 544 23.48 4.72 -0.50
CA ASN B 544 23.16 4.96 -1.90
C ASN B 544 21.95 5.88 -2.03
N ILE B 545 22.09 7.07 -1.44
CA ILE B 545 20.99 8.02 -1.41
C ILE B 545 20.58 8.40 -2.82
N GLY B 546 19.28 8.35 -3.09
CA GLY B 546 18.78 8.71 -4.40
C GLY B 546 19.13 7.74 -5.51
N ALA B 547 19.41 6.49 -5.18
CA ALA B 547 19.83 5.51 -6.18
C ALA B 547 18.94 4.27 -6.11
N ARG B 548 18.80 3.61 -7.25
CA ARG B 548 18.19 2.29 -7.34
C ARG B 548 19.32 1.27 -7.42
N TRP B 549 19.61 0.62 -6.29
CA TRP B 549 20.80 -0.20 -6.21
C TRP B 549 20.63 -1.22 -5.11
N SER B 550 20.88 -2.48 -5.42
CA SER B 550 20.91 -3.54 -4.42
C SER B 550 22.33 -3.69 -3.89
N LEU B 551 22.43 -4.00 -2.61
CA LEU B 551 23.74 -4.11 -1.98
C LEU B 551 24.52 -5.29 -2.56
N ASP B 552 25.81 -5.07 -2.78
CA ASP B 552 26.66 -6.13 -3.34
C ASP B 552 26.75 -7.36 -2.43
N PRO B 553 26.97 -7.25 -1.12
CA PRO B 553 26.91 -8.46 -0.28
C PRO B 553 25.56 -9.16 -0.34
N MET B 554 24.48 -8.39 -0.40
CA MET B 554 23.14 -8.96 -0.52
C MET B 554 22.93 -9.72 -1.82
N ASP B 555 23.78 -9.48 -2.81
CA ASP B 555 23.50 -9.97 -4.15
C ASP B 555 23.65 -11.48 -4.24
N ASN B 556 24.58 -12.05 -3.48
CA ASN B 556 24.82 -13.49 -3.48
C ASN B 556 24.09 -14.22 -2.35
N VAL B 557 23.25 -13.53 -1.59
CA VAL B 557 22.51 -14.15 -0.49
C VAL B 557 21.11 -14.47 -0.98
N ASN B 558 20.57 -15.59 -0.52
CA ASN B 558 19.25 -16.05 -0.93
C ASN B 558 18.19 -15.05 -0.46
N PRO B 559 17.42 -14.46 -1.37
CA PRO B 559 16.43 -13.46 -0.94
C PRO B 559 15.13 -14.06 -0.44
N PHE B 560 14.87 -15.34 -0.71
CA PHE B 560 13.64 -15.96 -0.26
C PHE B 560 13.71 -16.41 1.20
N ASN B 561 14.88 -16.37 1.82
CA ASN B 561 15.02 -16.63 3.24
C ASN B 561 14.81 -15.31 4.00
N HIS B 562 13.57 -14.84 3.95
CA HIS B 562 13.20 -13.57 4.57
C HIS B 562 11.83 -13.73 5.20
N HIS B 563 11.57 -12.92 6.23
CA HIS B 563 10.25 -12.93 6.83
C HIS B 563 9.25 -12.09 6.05
N ARG B 564 9.71 -11.38 5.02
CA ARG B 564 8.81 -10.73 4.08
C ARG B 564 8.26 -11.69 3.05
N ASN B 565 8.72 -12.95 3.07
CA ASN B 565 8.16 -13.99 2.24
C ASN B 565 6.68 -14.18 2.59
N ALA B 566 5.80 -13.79 1.68
CA ALA B 566 4.37 -13.87 1.95
C ALA B 566 3.90 -15.32 1.96
N GLY B 567 4.37 -16.13 1.01
CA GLY B 567 3.95 -17.52 0.97
C GLY B 567 4.40 -18.30 2.20
N LEU B 568 5.65 -18.11 2.60
CA LEU B 568 6.17 -18.81 3.76
C LEU B 568 5.44 -18.41 5.03
N ARG B 569 5.19 -17.12 5.23
CA ARG B 569 4.50 -16.71 6.45
C ARG B 569 3.04 -17.15 6.42
N TYR B 570 2.43 -17.17 5.25
CA TYR B 570 1.07 -17.70 5.13
C TYR B 570 1.02 -19.18 5.49
N ARG B 571 1.98 -19.96 4.98
CA ARG B 571 2.01 -21.38 5.29
C ARG B 571 2.37 -21.63 6.76
N SER B 572 3.13 -20.73 7.37
CA SER B 572 3.39 -20.83 8.81
C SER B 572 2.14 -20.55 9.61
N MET B 573 1.37 -19.53 9.22
CA MET B 573 0.14 -19.19 9.94
C MET B 573 -0.97 -20.20 9.70
N LEU B 574 -0.92 -20.94 8.59
CA LEU B 574 -1.94 -21.93 8.32
C LEU B 574 -1.97 -23.01 9.38
N LEU B 575 -0.79 -23.46 9.83
CA LEU B 575 -0.72 -24.46 10.89
C LEU B 575 -1.16 -23.91 12.23
N GLY B 576 -0.99 -22.62 12.46
CA GLY B 576 -1.21 -22.01 13.76
C GLY B 576 -0.02 -21.20 14.21
N ASN B 577 -0.17 -20.61 15.40
CA ASN B 577 0.86 -19.79 16.00
C ASN B 577 1.65 -20.51 17.09
N GLY B 578 1.36 -21.77 17.36
CA GLY B 578 1.98 -22.49 18.45
C GLY B 578 3.07 -23.42 18.01
N ARG B 579 3.98 -23.72 18.94
CA ARG B 579 5.06 -24.64 18.65
C ARG B 579 4.55 -26.06 18.45
N TYR B 580 3.56 -26.47 19.21
CA TYR B 580 2.95 -27.79 19.10
C TYR B 580 1.68 -27.68 18.27
N VAL B 581 1.54 -28.55 17.28
CA VAL B 581 0.40 -28.53 16.36
C VAL B 581 0.10 -29.93 15.83
N PRO B 582 -1.13 -30.42 15.96
CA PRO B 582 -1.55 -31.59 15.17
C PRO B 582 -2.09 -31.12 13.83
N PHE B 583 -1.56 -31.68 12.74
CA PHE B 583 -1.88 -31.21 11.41
C PHE B 583 -2.75 -32.21 10.67
N HIS B 584 -3.28 -31.76 9.54
CA HIS B 584 -4.16 -32.57 8.70
C HIS B 584 -4.09 -31.98 7.31
N ILE B 585 -3.42 -32.67 6.39
CA ILE B 585 -3.09 -32.13 5.09
C ILE B 585 -3.47 -33.12 4.00
N GLN B 586 -3.64 -32.59 2.79
CA GLN B 586 -3.92 -33.37 1.60
C GLN B 586 -2.81 -33.13 0.60
N VAL B 587 -2.10 -34.19 0.23
CA VAL B 587 -0.89 -34.09 -0.60
C VAL B 587 -1.22 -34.65 -1.97
N PRO B 588 -0.82 -33.97 -3.05
CA PRO B 588 -1.14 -34.47 -4.39
C PRO B 588 -0.11 -35.47 -4.88
N GLN B 589 -0.39 -36.02 -6.06
CA GLN B 589 0.54 -36.86 -6.78
C GLN B 589 1.21 -36.04 -7.88
N LYS B 590 2.52 -36.16 -7.99
CA LYS B 590 3.28 -35.30 -8.88
C LYS B 590 4.02 -36.02 -10.00
N PHE B 591 4.03 -37.35 -10.01
CA PHE B 591 4.72 -38.07 -11.08
C PHE B 591 4.04 -37.80 -12.42
N PHE B 592 4.85 -37.51 -13.44
CA PHE B 592 4.30 -37.09 -14.72
C PHE B 592 3.52 -38.20 -15.41
N ALA B 593 3.77 -39.46 -15.04
CA ALA B 593 3.12 -40.57 -15.71
C ALA B 593 1.76 -40.91 -15.11
N VAL B 594 1.55 -40.60 -13.83
CA VAL B 594 0.36 -41.06 -13.13
C VAL B 594 -0.36 -39.93 -12.40
N LYS B 595 -0.07 -38.68 -12.76
CA LYS B 595 -0.80 -37.58 -12.16
C LYS B 595 -2.02 -37.17 -12.99
N ASN B 596 -2.16 -37.69 -14.20
CA ASN B 596 -3.32 -37.40 -15.04
C ASN B 596 -3.85 -38.64 -15.73
N LEU B 597 -3.38 -39.82 -15.33
CA LEU B 597 -3.83 -41.06 -15.95
C LEU B 597 -5.29 -41.34 -15.61
N LEU B 598 -6.05 -41.81 -16.61
CA LEU B 598 -7.43 -42.21 -16.42
C LEU B 598 -7.46 -43.71 -16.16
N LEU B 599 -7.58 -44.09 -14.89
CA LEU B 599 -7.47 -45.49 -14.51
C LEU B 599 -8.77 -46.23 -14.77
N LEU B 600 -8.65 -47.45 -15.26
CA LEU B 600 -9.77 -48.28 -15.70
C LEU B 600 -10.15 -49.26 -14.61
N PRO B 601 -11.29 -49.94 -14.74
CA PRO B 601 -11.69 -50.91 -13.70
C PRO B 601 -10.67 -52.02 -13.53
N GLY B 602 -10.61 -52.52 -12.30
CA GLY B 602 -9.66 -53.56 -11.95
C GLY B 602 -9.09 -53.33 -10.56
N SER B 603 -8.30 -54.27 -10.08
CA SER B 603 -7.68 -54.19 -8.77
C SER B 603 -6.19 -53.92 -8.92
N TYR B 604 -5.68 -52.91 -8.22
CA TYR B 604 -4.28 -52.52 -8.33
C TYR B 604 -3.68 -52.39 -6.94
N THR B 605 -2.34 -52.38 -6.89
CA THR B 605 -1.61 -52.10 -5.67
C THR B 605 -0.93 -50.74 -5.79
N TYR B 606 -1.24 -49.82 -4.86
CA TYR B 606 -0.72 -48.47 -4.88
C TYR B 606 0.15 -48.27 -3.66
N GLU B 607 1.40 -47.85 -3.88
CA GLU B 607 2.39 -47.77 -2.82
C GLU B 607 3.27 -46.55 -3.06
N TRP B 608 3.70 -45.92 -1.97
CA TRP B 608 4.59 -44.77 -2.02
C TRP B 608 5.28 -44.61 -0.68
N ASN B 609 6.32 -43.79 -0.68
CA ASN B 609 7.14 -43.51 0.49
C ASN B 609 7.01 -42.05 0.88
N PHE B 610 7.17 -41.76 2.17
CA PHE B 610 7.10 -40.40 2.68
C PHE B 610 8.30 -40.12 3.57
N ARG B 611 8.79 -38.88 3.51
CA ARG B 611 9.97 -38.49 4.28
C ARG B 611 9.59 -38.08 5.69
N LYS B 612 10.49 -38.34 6.63
CA LYS B 612 10.37 -37.86 8.00
C LYS B 612 11.45 -36.85 8.36
N ASP B 613 12.36 -36.54 7.44
CA ASP B 613 13.41 -35.57 7.72
C ASP B 613 12.82 -34.17 7.81
N VAL B 614 13.04 -33.50 8.94
CA VAL B 614 12.49 -32.17 9.13
C VAL B 614 13.15 -31.17 8.20
N ASN B 615 14.43 -31.36 7.88
CA ASN B 615 15.13 -30.43 7.01
C ASN B 615 14.63 -30.49 5.58
N MET B 616 13.83 -31.48 5.23
CA MET B 616 13.23 -31.61 3.91
C MET B 616 11.77 -31.23 3.87
N VAL B 617 10.99 -31.63 4.88
CA VAL B 617 9.56 -31.38 4.87
C VAL B 617 9.20 -30.01 5.44
N LEU B 618 10.12 -29.34 6.12
CA LEU B 618 9.83 -28.07 6.75
C LEU B 618 10.75 -26.99 6.18
N GLN B 619 10.25 -25.76 6.16
CA GLN B 619 10.99 -24.63 5.64
C GLN B 619 10.99 -23.53 6.69
N SER B 620 12.14 -22.89 6.87
CA SER B 620 12.29 -21.79 7.82
C SER B 620 12.88 -20.58 7.10
N SER B 621 12.53 -19.39 7.60
CA SER B 621 12.98 -18.15 6.99
C SER B 621 14.45 -17.85 7.30
N LEU B 622 15.02 -18.46 8.32
CA LEU B 622 16.42 -18.26 8.64
C LEU B 622 17.33 -19.29 7.98
N GLY B 623 16.81 -20.46 7.64
CA GLY B 623 17.64 -21.50 7.06
C GLY B 623 18.45 -22.30 8.05
N ASN B 624 18.16 -22.20 9.34
CA ASN B 624 18.91 -22.93 10.33
C ASN B 624 18.60 -24.42 10.28
N ASP B 625 19.54 -25.22 10.77
CA ASP B 625 19.39 -26.67 10.79
C ASP B 625 18.31 -27.06 11.79
N LEU B 626 17.18 -27.54 11.29
CA LEU B 626 16.08 -27.94 12.15
C LEU B 626 16.32 -29.29 12.82
N ARG B 627 17.24 -30.10 12.29
CA ARG B 627 17.56 -31.37 12.94
C ARG B 627 18.15 -31.15 14.32
N THR B 628 19.05 -30.18 14.46
CA THR B 628 19.71 -29.94 15.73
C THR B 628 18.92 -29.03 16.65
N ASP B 629 17.80 -28.48 16.18
CA ASP B 629 16.99 -27.56 16.97
C ASP B 629 15.70 -28.19 17.47
N GLY B 630 15.59 -29.52 17.45
CA GLY B 630 14.50 -30.18 18.13
C GLY B 630 13.18 -30.25 17.40
N ALA B 631 13.16 -30.04 16.09
CA ALA B 631 11.94 -30.23 15.33
C ALA B 631 11.66 -31.73 15.17
N THR B 632 10.38 -32.10 15.31
CA THR B 632 9.97 -33.48 15.19
C THR B 632 8.64 -33.57 14.47
N ILE B 633 8.52 -34.54 13.56
CA ILE B 633 7.29 -34.80 12.82
C ILE B 633 6.99 -36.28 12.90
N SER B 634 5.73 -36.62 13.19
CA SER B 634 5.31 -38.00 13.33
C SER B 634 3.97 -38.19 12.64
N PHE B 635 3.86 -39.24 11.84
CA PHE B 635 2.66 -39.53 11.07
C PHE B 635 1.80 -40.53 11.83
N THR B 636 0.52 -40.24 11.95
CA THR B 636 -0.39 -41.12 12.68
C THR B 636 -1.14 -42.07 11.74
N SER B 637 -1.77 -41.53 10.70
CA SER B 637 -2.47 -42.36 9.73
C SER B 637 -2.49 -41.65 8.39
N ILE B 638 -2.23 -42.39 7.33
CA ILE B 638 -2.24 -41.86 5.97
C ILE B 638 -3.27 -42.63 5.17
N ASN B 639 -4.18 -41.90 4.51
CA ASN B 639 -5.27 -42.50 3.77
C ASN B 639 -5.27 -41.96 2.34
N LEU B 640 -5.88 -42.71 1.43
CA LEU B 640 -5.99 -42.35 0.03
C LEU B 640 -7.46 -42.11 -0.31
N TYR B 641 -7.75 -40.94 -0.85
CA TYR B 641 -9.11 -40.58 -1.25
C TYR B 641 -9.19 -40.53 -2.77
N ALA B 642 -10.32 -40.98 -3.30
CA ALA B 642 -10.53 -40.99 -4.75
C ALA B 642 -12.00 -40.76 -5.02
N THR B 643 -12.29 -39.87 -5.97
CA THR B 643 -13.65 -39.55 -6.34
C THR B 643 -13.93 -40.04 -7.76
N PHE B 644 -15.15 -40.50 -7.99
CA PHE B 644 -15.56 -41.03 -9.28
C PHE B 644 -16.67 -40.17 -9.87
N PHE B 645 -16.60 -39.94 -11.17
CA PHE B 645 -17.71 -39.33 -11.89
C PHE B 645 -18.85 -40.34 -11.95
N PRO B 646 -20.03 -40.04 -11.40
CA PRO B 646 -21.12 -41.01 -11.48
C PRO B 646 -21.65 -41.16 -12.90
N MET B 647 -20.79 -41.55 -13.82
CA MET B 647 -21.18 -41.71 -15.21
C MET B 647 -22.18 -42.85 -15.35
N ALA B 648 -23.05 -42.74 -16.35
CA ALA B 648 -23.97 -43.82 -16.66
C ALA B 648 -23.20 -45.08 -16.97
N HIS B 649 -23.74 -46.23 -16.53
CA HIS B 649 -23.00 -47.48 -16.65
C HIS B 649 -22.79 -47.86 -18.11
N ASN B 650 -23.75 -47.57 -18.98
CA ASN B 650 -23.60 -47.92 -20.39
C ASN B 650 -22.48 -47.10 -21.04
N THR B 651 -22.50 -45.78 -20.81
CA THR B 651 -21.44 -44.94 -21.38
C THR B 651 -20.10 -45.28 -20.78
N ALA B 652 -20.04 -45.59 -19.48
CA ALA B 652 -18.80 -46.02 -18.87
C ALA B 652 -18.27 -47.29 -19.52
N SER B 653 -19.14 -48.29 -19.69
CA SER B 653 -18.72 -49.54 -20.31
C SER B 653 -18.20 -49.31 -21.72
N THR B 654 -18.89 -48.46 -22.48
CA THR B 654 -18.38 -48.07 -23.80
C THR B 654 -17.01 -47.41 -23.69
N LEU B 655 -16.80 -46.62 -22.63
CA LEU B 655 -15.51 -45.96 -22.46
C LEU B 655 -14.38 -46.95 -22.24
N GLU B 656 -14.56 -47.92 -21.34
CA GLU B 656 -13.52 -48.94 -21.20
C GLU B 656 -13.36 -49.77 -22.46
N ALA B 657 -14.47 -50.08 -23.14
CA ALA B 657 -14.36 -50.84 -24.38
C ALA B 657 -13.51 -50.11 -25.41
N MET B 658 -13.71 -48.79 -25.50
CA MET B 658 -13.01 -48.01 -26.51
C MET B 658 -11.59 -47.67 -26.09
N LEU B 659 -11.31 -47.71 -24.79
CA LEU B 659 -10.01 -47.28 -24.27
C LEU B 659 -9.02 -48.43 -24.05
N ARG B 660 -9.41 -49.67 -24.36
CA ARG B 660 -8.50 -50.80 -24.22
C ARG B 660 -7.87 -51.22 -25.54
N ASN B 661 -8.06 -50.44 -26.60
CA ASN B 661 -7.42 -50.72 -27.88
C ASN B 661 -6.00 -50.16 -27.92
N ASP B 662 -5.25 -50.61 -28.91
CA ASP B 662 -3.84 -50.24 -29.02
C ASP B 662 -3.64 -48.82 -29.51
N THR B 663 -4.59 -48.27 -30.27
CA THR B 663 -4.48 -46.92 -30.78
C THR B 663 -5.00 -45.87 -29.81
N ASN B 664 -5.58 -46.30 -28.69
CA ASN B 664 -6.16 -45.41 -27.69
C ASN B 664 -5.34 -45.41 -26.42
N ASP B 665 -4.02 -45.51 -26.56
CA ASP B 665 -3.11 -45.52 -25.43
C ASP B 665 -2.82 -44.09 -25.00
N GLN B 666 -3.08 -43.80 -23.73
CA GLN B 666 -2.82 -42.46 -23.21
C GLN B 666 -1.32 -42.21 -23.13
N SER B 667 -0.91 -41.02 -23.54
CA SER B 667 0.51 -40.64 -23.58
C SER B 667 0.70 -39.36 -22.79
N PHE B 668 1.77 -39.33 -22.00
CA PHE B 668 2.08 -38.17 -21.16
C PHE B 668 3.56 -37.85 -21.27
N ASN B 669 3.89 -36.59 -21.01
CA ASN B 669 5.26 -36.12 -21.03
C ASN B 669 5.50 -35.18 -19.86
N ASP B 670 6.74 -35.12 -19.41
CA ASP B 670 7.11 -34.24 -18.31
C ASP B 670 7.28 -32.81 -18.83
N TYR B 671 6.75 -31.85 -18.07
CA TYR B 671 6.74 -30.47 -18.55
C TYR B 671 8.15 -29.92 -18.69
N LEU B 672 9.00 -30.13 -17.67
CA LEU B 672 10.37 -29.65 -17.75
C LEU B 672 11.11 -30.28 -18.91
N SER B 673 10.94 -31.58 -19.09
CA SER B 673 11.42 -32.33 -20.25
C SER B 673 12.92 -32.08 -20.48
N ALA B 674 13.66 -32.15 -19.38
CA ALA B 674 15.11 -31.95 -19.46
C ALA B 674 15.79 -33.00 -18.61
N ALA B 675 16.95 -33.45 -19.07
CA ALA B 675 17.83 -34.28 -18.24
C ALA B 675 18.67 -33.39 -17.35
N ASN B 676 18.63 -33.63 -16.05
CA ASN B 676 19.28 -32.78 -15.06
C ASN B 676 20.70 -33.26 -14.82
N MET B 677 21.66 -32.34 -14.93
CA MET B 677 23.06 -32.62 -14.65
C MET B 677 23.57 -31.60 -13.64
N LEU B 678 24.26 -32.07 -12.61
CA LEU B 678 24.84 -31.22 -11.58
C LEU B 678 26.36 -31.32 -11.64
N TYR B 679 27.03 -30.17 -11.72
CA TYR B 679 28.47 -30.10 -11.82
C TYR B 679 29.03 -29.25 -10.70
N PRO B 680 30.10 -29.68 -10.03
CA PRO B 680 30.66 -28.87 -8.95
C PRO B 680 31.46 -27.69 -9.46
N ILE B 681 31.35 -26.57 -8.75
CA ILE B 681 32.25 -25.44 -8.91
C ILE B 681 33.00 -25.27 -7.59
N PRO B 682 34.32 -25.50 -7.56
CA PRO B 682 35.07 -25.32 -6.32
C PRO B 682 35.06 -23.86 -5.89
N ALA B 683 35.39 -23.64 -4.61
CA ALA B 683 35.37 -22.29 -4.06
C ALA B 683 36.40 -21.42 -4.74
N ASN B 684 36.02 -20.18 -5.02
CA ASN B 684 36.83 -19.18 -5.71
C ASN B 684 37.24 -19.60 -7.12
N ALA B 685 36.66 -20.67 -7.65
CA ALA B 685 36.94 -21.05 -9.02
C ALA B 685 36.03 -20.28 -9.97
N THR B 686 36.61 -19.77 -11.05
CA THR B 686 35.85 -19.00 -12.03
C THR B 686 35.63 -19.73 -13.35
N ASN B 687 36.44 -20.73 -13.66
CA ASN B 687 36.34 -21.47 -14.91
C ASN B 687 35.89 -22.88 -14.61
N ILE B 688 34.76 -23.28 -15.20
CA ILE B 688 34.26 -24.65 -15.07
C ILE B 688 34.07 -25.25 -16.46
N PRO B 689 35.00 -26.07 -16.93
CA PRO B 689 34.81 -26.78 -18.20
C PRO B 689 34.16 -28.14 -17.99
N ILE B 690 33.24 -28.48 -18.88
CA ILE B 690 32.55 -29.76 -18.80
C ILE B 690 32.73 -30.50 -20.12
N SER B 691 32.60 -31.82 -20.07
CA SER B 691 32.82 -32.66 -21.23
C SER B 691 31.77 -33.76 -21.28
N ILE B 692 31.15 -33.93 -22.43
CA ILE B 692 30.17 -34.98 -22.67
C ILE B 692 30.70 -35.83 -23.82
N PRO B 693 30.87 -37.13 -23.65
CA PRO B 693 31.48 -37.94 -24.72
C PRO B 693 30.55 -38.11 -25.90
N SER B 694 31.03 -38.75 -26.95
CA SER B 694 30.28 -38.83 -28.20
C SER B 694 28.97 -39.58 -28.01
N ARG B 695 27.89 -39.00 -28.52
CA ARG B 695 26.57 -39.63 -28.47
C ARG B 695 25.70 -38.99 -29.54
N ASN B 696 24.59 -39.66 -29.83
CA ASN B 696 23.61 -39.10 -30.76
C ASN B 696 22.97 -37.86 -30.15
N TRP B 697 22.74 -36.86 -31.00
CA TRP B 697 22.21 -35.57 -30.54
C TRP B 697 20.86 -35.26 -31.16
N ALA B 698 20.11 -36.30 -31.52
CA ALA B 698 18.79 -36.09 -32.10
C ALA B 698 17.81 -35.58 -31.05
N ALA B 699 16.81 -34.84 -31.51
CA ALA B 699 15.73 -34.34 -30.65
C ALA B 699 16.24 -33.46 -29.51
N PHE B 700 17.25 -32.65 -29.77
CA PHE B 700 17.75 -31.72 -28.77
C PHE B 700 17.04 -30.38 -28.92
N ARG B 701 16.36 -29.96 -27.85
CA ARG B 701 15.65 -28.68 -27.90
C ARG B 701 16.40 -27.54 -27.23
N GLY B 702 17.59 -27.77 -26.70
CA GLY B 702 18.43 -26.68 -26.26
C GLY B 702 19.05 -26.95 -24.90
N TRP B 703 19.66 -25.92 -24.34
CA TRP B 703 20.26 -25.96 -23.02
C TRP B 703 19.52 -25.02 -22.06
N SER B 704 19.77 -25.21 -20.77
CA SER B 704 19.30 -24.29 -19.74
C SER B 704 20.22 -24.46 -18.55
N PHE B 705 20.67 -23.35 -17.96
CA PHE B 705 21.67 -23.43 -16.92
C PHE B 705 21.50 -22.33 -15.90
N THR B 706 21.87 -22.64 -14.66
CA THR B 706 21.83 -21.70 -13.55
C THR B 706 22.80 -22.20 -12.48
N ARG B 707 23.08 -21.33 -11.53
CA ARG B 707 24.01 -21.62 -10.45
C ARG B 707 23.25 -21.97 -9.18
N LEU B 708 23.86 -22.78 -8.33
CA LEU B 708 23.27 -23.21 -7.07
C LEU B 708 24.31 -23.15 -5.96
N LYS B 709 23.91 -23.57 -4.77
CA LYS B 709 24.80 -23.60 -3.61
C LYS B 709 24.74 -24.98 -2.97
N THR B 710 25.90 -25.62 -2.82
CA THR B 710 25.93 -26.99 -2.31
C THR B 710 25.38 -27.06 -0.88
N LYS B 711 25.57 -26.02 -0.09
CA LYS B 711 24.95 -25.98 1.23
C LYS B 711 23.43 -26.07 1.14
N GLU B 712 22.84 -25.46 0.10
CA GLU B 712 21.40 -25.43 -0.02
C GLU B 712 20.87 -26.67 -0.74
N THR B 713 21.57 -27.16 -1.75
CA THR B 713 21.08 -28.28 -2.55
C THR B 713 21.44 -29.59 -1.88
N PRO B 714 20.48 -30.47 -1.62
CA PRO B 714 20.78 -31.76 -1.00
C PRO B 714 21.24 -32.78 -2.05
N SER B 715 21.86 -33.85 -1.53
CA SER B 715 22.26 -34.94 -2.40
C SER B 715 21.03 -35.66 -2.93
N LEU B 716 20.99 -35.87 -4.24
CA LEU B 716 19.84 -36.48 -4.88
C LEU B 716 19.96 -38.00 -4.83
N GLY B 717 18.84 -38.65 -4.57
CA GLY B 717 18.75 -40.10 -4.58
C GLY B 717 19.07 -40.77 -3.25
N SER B 718 19.70 -40.07 -2.33
CA SER B 718 20.00 -40.65 -1.03
C SER B 718 18.76 -40.59 -0.15
N GLY B 719 18.38 -41.75 0.40
CA GLY B 719 17.20 -41.79 1.25
C GLY B 719 17.31 -40.90 2.47
N PHE B 720 18.54 -40.57 2.86
CA PHE B 720 18.79 -39.62 3.94
C PHE B 720 20.19 -39.05 3.73
N ASP B 721 20.28 -37.73 3.60
CA ASP B 721 21.57 -37.08 3.39
C ASP B 721 22.08 -36.58 4.73
N PRO B 722 23.16 -37.15 5.28
CA PRO B 722 23.62 -36.74 6.61
C PRO B 722 24.36 -35.42 6.65
N TYR B 723 24.59 -34.77 5.50
CA TYR B 723 25.29 -33.51 5.45
C TYR B 723 24.38 -32.33 5.14
N PHE B 724 23.06 -32.53 5.11
CA PHE B 724 22.12 -31.46 4.85
C PHE B 724 21.83 -30.72 6.16
N VAL B 725 22.30 -29.48 6.25
CA VAL B 725 22.16 -28.69 7.47
C VAL B 725 21.44 -27.39 7.17
N TYR B 726 20.51 -27.41 6.22
CA TYR B 726 19.87 -26.21 5.72
C TYR B 726 18.38 -26.45 5.55
N SER B 727 17.55 -25.59 6.14
CA SER B 727 16.10 -25.77 6.11
C SER B 727 15.37 -24.66 5.35
N GLY B 728 16.08 -23.92 4.51
CA GLY B 728 15.48 -22.84 3.76
C GLY B 728 14.98 -23.31 2.41
N SER B 729 14.94 -22.37 1.47
CA SER B 729 14.47 -22.68 0.13
C SER B 729 15.48 -23.55 -0.62
N ILE B 730 14.99 -24.56 -1.30
CA ILE B 730 15.83 -25.41 -2.14
C ILE B 730 15.56 -25.05 -3.60
N PRO B 731 16.35 -24.17 -4.20
CA PRO B 731 16.08 -23.76 -5.59
C PRO B 731 16.07 -24.92 -6.56
N TYR B 732 16.81 -25.99 -6.25
CA TYR B 732 16.82 -27.16 -7.12
C TYR B 732 15.44 -27.79 -7.23
N LEU B 733 14.59 -27.63 -6.21
CA LEU B 733 13.29 -28.29 -6.16
C LEU B 733 12.11 -27.36 -6.35
N ASP B 734 12.19 -26.12 -5.89
CA ASP B 734 11.05 -25.21 -5.98
C ASP B 734 11.20 -24.12 -7.03
N GLY B 735 12.39 -23.95 -7.60
CA GLY B 735 12.57 -23.04 -8.71
C GLY B 735 12.96 -21.62 -8.35
N THR B 736 13.33 -21.36 -7.10
CA THR B 736 13.67 -20.01 -6.65
C THR B 736 15.16 -19.77 -6.85
N PHE B 737 15.52 -19.51 -8.11
CA PHE B 737 16.91 -19.30 -8.48
C PHE B 737 17.28 -17.82 -8.33
N TYR B 738 18.47 -17.58 -7.79
CA TYR B 738 18.86 -16.21 -7.44
C TYR B 738 20.31 -15.89 -7.77
N LEU B 739 20.99 -16.71 -8.57
CA LEU B 739 22.40 -16.48 -8.87
C LEU B 739 22.67 -16.52 -10.37
N ASN B 740 21.72 -16.06 -11.18
CA ASN B 740 21.90 -16.06 -12.63
C ASN B 740 22.88 -15.02 -13.11
N HIS B 741 23.00 -13.91 -12.38
CA HIS B 741 23.86 -12.80 -12.79
C HIS B 741 25.34 -13.10 -12.64
N THR B 742 25.69 -14.20 -11.98
CA THR B 742 27.08 -14.50 -11.69
C THR B 742 27.83 -15.05 -12.90
N PHE B 743 27.17 -15.22 -14.02
CA PHE B 743 27.79 -15.77 -15.21
C PHE B 743 28.49 -14.67 -16.01
N LYS B 744 29.55 -15.05 -16.70
CA LYS B 744 30.33 -14.13 -17.52
C LYS B 744 30.23 -14.44 -19.00
N LYS B 745 30.55 -15.66 -19.41
CA LYS B 745 30.42 -16.04 -20.82
C LYS B 745 30.24 -17.55 -20.90
N VAL B 746 29.65 -18.00 -22.01
CA VAL B 746 29.37 -19.40 -22.26
C VAL B 746 29.94 -19.77 -23.62
N SER B 747 30.71 -20.84 -23.67
CA SER B 747 31.35 -21.30 -24.90
C SER B 747 30.88 -22.71 -25.21
N ILE B 748 30.47 -22.95 -26.46
CA ILE B 748 29.99 -24.25 -26.89
C ILE B 748 30.88 -24.75 -28.03
N MET B 749 31.37 -25.98 -27.87
CA MET B 749 32.22 -26.61 -28.86
C MET B 749 31.68 -27.99 -29.18
N PHE B 750 31.56 -28.28 -30.47
CA PHE B 750 31.10 -29.59 -30.93
C PHE B 750 32.26 -30.32 -31.60
N ASP B 751 32.42 -31.60 -31.24
CA ASP B 751 33.51 -32.44 -31.74
C ASP B 751 34.88 -31.86 -31.43
N SER B 752 34.94 -30.96 -30.43
CA SER B 752 36.16 -30.29 -29.99
C SER B 752 36.78 -29.40 -31.06
N SER B 753 36.16 -29.30 -32.24
CA SER B 753 36.68 -28.49 -33.33
C SER B 753 35.75 -27.36 -33.74
N VAL B 754 34.49 -27.70 -34.07
CA VAL B 754 33.53 -26.68 -34.57
C VAL B 754 32.88 -25.93 -33.40
N SER B 755 32.43 -24.70 -33.63
CA SER B 755 31.79 -23.88 -32.56
C SER B 755 30.29 -23.74 -32.82
N TRP B 756 29.48 -23.75 -31.76
CA TRP B 756 28.02 -23.52 -31.94
C TRP B 756 27.66 -22.14 -31.36
N PRO B 757 26.94 -21.26 -32.10
CA PRO B 757 26.44 -21.57 -33.44
C PRO B 757 27.42 -21.23 -34.59
N GLY B 758 28.49 -20.48 -34.28
CA GLY B 758 29.43 -20.06 -35.33
C GLY B 758 28.72 -19.29 -36.44
N ASN B 759 29.06 -19.56 -37.70
CA ASN B 759 28.47 -18.88 -38.85
C ASN B 759 28.40 -17.37 -38.64
N ASP B 760 29.27 -16.86 -37.77
CA ASP B 760 29.37 -15.43 -37.49
C ASP B 760 28.00 -14.83 -37.19
N ARG B 761 27.21 -15.52 -36.35
CA ARG B 761 25.86 -15.06 -36.07
C ARG B 761 25.80 -14.04 -34.93
N LEU B 762 26.93 -13.74 -34.29
CA LEU B 762 26.95 -12.85 -33.14
C LEU B 762 28.12 -11.89 -33.25
N LEU B 763 28.03 -10.80 -32.48
CA LEU B 763 29.13 -9.84 -32.42
C LEU B 763 30.40 -10.50 -31.89
N SER B 764 30.26 -11.32 -30.84
CA SER B 764 31.32 -12.21 -30.42
C SER B 764 30.99 -13.61 -30.96
N PRO B 765 31.50 -13.95 -32.15
CA PRO B 765 30.98 -15.13 -32.85
C PRO B 765 31.16 -16.46 -32.13
N ASN B 766 32.25 -16.64 -31.38
CA ASN B 766 32.60 -17.96 -30.87
C ASN B 766 32.06 -18.25 -29.48
N GLU B 767 31.70 -17.23 -28.71
CA GLU B 767 31.19 -17.44 -27.35
C GLU B 767 29.88 -16.69 -27.19
N PHE B 768 29.33 -16.78 -25.98
CA PHE B 768 28.14 -16.03 -25.59
C PHE B 768 28.52 -15.12 -24.43
N GLU B 769 28.77 -13.85 -24.71
CA GLU B 769 29.12 -12.90 -23.67
C GLU B 769 27.84 -12.47 -22.96
N ILE B 770 27.57 -13.04 -21.78
CA ILE B 770 26.38 -12.67 -21.04
C ILE B 770 26.46 -11.24 -20.55
N LYS B 771 27.57 -10.87 -19.92
CA LYS B 771 27.78 -9.52 -19.44
C LYS B 771 29.21 -9.13 -19.71
N ARG B 772 29.43 -7.83 -19.87
CA ARG B 772 30.74 -7.31 -20.27
C ARG B 772 31.00 -6.04 -19.46
N THR B 773 31.59 -6.21 -18.28
CA THR B 773 31.94 -5.09 -17.43
C THR B 773 33.35 -4.60 -17.75
N VAL B 774 33.73 -3.48 -17.13
CA VAL B 774 35.04 -2.87 -17.32
C VAL B 774 35.20 -2.41 -18.77
N ASP B 775 34.84 -3.29 -19.71
CA ASP B 775 34.77 -2.98 -21.13
C ASP B 775 33.48 -2.18 -21.39
N GLY B 776 33.07 -2.16 -22.66
CA GLY B 776 32.04 -1.21 -23.03
C GLY B 776 32.35 -0.47 -24.31
N GLU B 777 33.17 -1.08 -25.17
CA GLU B 777 33.45 -0.56 -26.50
C GLU B 777 32.16 -0.20 -27.25
N GLY B 778 31.00 -0.68 -26.79
CA GLY B 778 29.76 -0.35 -27.43
C GLY B 778 28.73 -1.46 -27.54
N TYR B 779 28.96 -2.59 -26.88
CA TYR B 779 28.12 -3.77 -27.02
C TYR B 779 27.33 -4.05 -25.75
N ASN B 780 26.71 -3.02 -25.17
CA ASN B 780 25.86 -3.17 -24.00
C ASN B 780 24.49 -2.55 -24.27
N VAL B 781 23.47 -3.03 -23.55
CA VAL B 781 22.10 -2.57 -23.73
C VAL B 781 21.44 -2.34 -22.38
N ALA B 782 20.23 -1.77 -22.45
CA ALA B 782 19.30 -1.63 -21.33
C ALA B 782 19.87 -0.81 -20.19
N GLN B 783 20.88 0.01 -20.47
CA GLN B 783 21.55 0.82 -19.45
C GLN B 783 22.06 -0.04 -18.31
N CYS B 784 22.55 -1.24 -18.64
CA CYS B 784 23.16 -2.16 -17.68
C CYS B 784 24.36 -2.79 -18.36
N ASN B 785 24.94 -3.81 -17.73
CA ASN B 785 26.17 -4.41 -18.24
C ASN B 785 25.93 -5.62 -19.14
N MET B 786 24.68 -5.94 -19.44
CA MET B 786 24.41 -7.08 -20.31
C MET B 786 24.72 -6.73 -21.76
N THR B 787 25.18 -7.72 -22.52
CA THR B 787 25.53 -7.52 -23.91
C THR B 787 24.30 -7.60 -24.80
N LYS B 788 24.43 -7.02 -26.00
CA LYS B 788 23.31 -6.99 -26.94
C LYS B 788 22.94 -8.39 -27.38
N ASP B 789 23.93 -9.22 -27.69
CA ASP B 789 23.65 -10.55 -28.21
C ASP B 789 22.90 -11.39 -27.19
N TRP B 790 23.29 -11.32 -25.92
CA TRP B 790 22.62 -12.11 -24.90
C TRP B 790 21.17 -11.67 -24.72
N PHE B 791 20.93 -10.35 -24.76
CA PHE B 791 19.56 -9.85 -24.65
C PHE B 791 18.73 -10.35 -25.82
N LEU B 792 19.29 -10.29 -27.03
CA LEU B 792 18.56 -10.77 -28.20
C LEU B 792 18.27 -12.25 -28.10
N VAL B 793 19.23 -13.04 -27.63
CA VAL B 793 19.03 -14.48 -27.51
C VAL B 793 17.96 -14.79 -26.48
N GLN B 794 18.01 -14.14 -25.31
CA GLN B 794 16.99 -14.40 -24.29
C GLN B 794 15.61 -14.00 -24.78
N MET B 795 15.50 -12.83 -25.42
CA MET B 795 14.22 -12.37 -25.92
C MET B 795 13.67 -13.31 -26.98
N LEU B 796 14.50 -13.74 -27.92
CA LEU B 796 14.03 -14.67 -28.95
C LEU B 796 13.63 -16.00 -28.35
N ALA B 797 14.42 -16.52 -27.40
CA ALA B 797 14.11 -17.80 -26.80
C ALA B 797 12.79 -17.77 -26.04
N ASN B 798 12.53 -16.68 -25.32
CA ASN B 798 11.33 -16.63 -24.49
C ASN B 798 10.10 -16.18 -25.25
N TYR B 799 10.15 -15.01 -25.88
CA TYR B 799 8.97 -14.37 -26.42
C TYR B 799 8.99 -14.20 -27.94
N ASN B 800 9.95 -14.81 -28.63
CA ASN B 800 10.03 -14.72 -30.09
C ASN B 800 10.15 -13.28 -30.55
N ILE B 801 10.78 -12.43 -29.75
CA ILE B 801 10.87 -11.00 -30.00
C ILE B 801 12.33 -10.60 -30.19
N GLY B 802 12.58 -9.75 -31.17
CA GLY B 802 13.92 -9.28 -31.42
C GLY B 802 14.26 -9.09 -32.88
N TYR B 803 13.60 -9.80 -33.77
CA TYR B 803 13.85 -9.64 -35.19
C TYR B 803 13.06 -8.49 -35.80
N GLN B 804 11.95 -8.10 -35.20
CA GLN B 804 11.12 -7.02 -35.70
C GLN B 804 10.85 -6.00 -34.59
N GLY B 805 11.90 -5.58 -33.91
CA GLY B 805 11.77 -4.57 -32.88
C GLY B 805 11.62 -5.17 -31.49
N PHE B 806 11.90 -4.34 -30.49
CA PHE B 806 11.84 -4.73 -29.09
C PHE B 806 10.68 -4.04 -28.42
N TYR B 807 9.87 -4.81 -27.69
CA TYR B 807 8.71 -4.25 -27.01
C TYR B 807 8.35 -5.15 -25.84
N ILE B 808 7.52 -4.61 -24.96
CA ILE B 808 7.12 -5.36 -23.77
C ILE B 808 6.18 -6.49 -24.17
N PRO B 809 6.49 -7.74 -23.83
CA PRO B 809 5.60 -8.85 -24.19
C PRO B 809 4.29 -8.78 -23.44
N GLU B 810 3.26 -9.36 -24.04
CA GLU B 810 1.96 -9.38 -23.40
C GLU B 810 1.99 -10.29 -22.17
N GLY B 811 1.14 -9.95 -21.20
CA GLY B 811 1.26 -10.55 -19.88
C GLY B 811 1.09 -12.06 -19.87
N TYR B 812 0.22 -12.58 -20.74
CA TYR B 812 -0.04 -14.01 -20.69
C TYR B 812 1.13 -14.86 -21.19
N LYS B 813 2.17 -14.24 -21.77
CA LYS B 813 3.42 -14.94 -21.99
C LYS B 813 4.46 -14.58 -20.94
N ASP B 814 4.37 -13.41 -20.32
CA ASP B 814 5.33 -12.96 -19.32
C ASP B 814 4.93 -13.51 -17.95
N ARG B 815 5.10 -14.83 -17.81
CA ARG B 815 4.74 -15.49 -16.57
C ARG B 815 5.77 -15.16 -15.49
N MET B 816 5.50 -15.61 -14.27
CA MET B 816 6.34 -15.24 -13.14
C MET B 816 7.77 -15.75 -13.31
N TYR B 817 7.94 -16.97 -13.83
CA TYR B 817 9.25 -17.56 -13.99
C TYR B 817 9.88 -17.22 -15.34
N SER B 818 9.44 -16.16 -16.00
CA SER B 818 9.94 -15.78 -17.30
C SER B 818 11.05 -14.75 -17.16
N PHE B 819 11.59 -14.29 -18.29
CA PHE B 819 12.78 -13.45 -18.29
C PHE B 819 12.44 -11.97 -18.09
N PHE B 820 11.63 -11.39 -18.98
CA PHE B 820 11.34 -9.97 -18.92
C PHE B 820 10.69 -9.57 -17.60
N ARG B 821 10.01 -10.49 -16.94
CA ARG B 821 9.38 -10.16 -15.66
C ARG B 821 10.40 -9.80 -14.60
N ASN B 822 11.53 -10.50 -14.56
CA ASN B 822 12.50 -10.37 -13.49
C ASN B 822 13.78 -9.64 -13.89
N PHE B 823 13.91 -9.20 -15.13
CA PHE B 823 15.12 -8.49 -15.54
C PHE B 823 15.10 -7.08 -14.98
N GLN B 824 16.12 -6.75 -14.16
CA GLN B 824 16.17 -5.49 -13.43
C GLN B 824 17.52 -4.82 -13.63
N PRO B 825 17.65 -3.97 -14.64
CA PRO B 825 18.88 -3.18 -14.77
C PRO B 825 19.01 -2.17 -13.63
N MET B 826 20.24 -1.94 -13.21
CA MET B 826 20.51 -0.99 -12.13
C MET B 826 21.80 -0.25 -12.44
N SER B 827 21.90 0.96 -11.93
CA SER B 827 23.10 1.77 -12.09
C SER B 827 23.24 2.73 -10.92
N ARG B 828 24.48 3.08 -10.60
CA ARG B 828 24.75 3.99 -9.49
C ARG B 828 26.10 4.65 -9.72
N GLN B 829 26.32 5.74 -8.98
CA GLN B 829 27.59 6.46 -8.99
C GLN B 829 28.27 6.29 -7.65
N VAL B 830 29.59 6.16 -7.67
CA VAL B 830 30.40 6.08 -6.47
C VAL B 830 31.58 7.03 -6.65
N VAL B 831 32.22 7.39 -5.52
CA VAL B 831 33.29 8.35 -5.57
C VAL B 831 34.47 7.82 -6.37
N ASP B 832 35.23 8.74 -6.97
CA ASP B 832 36.42 8.41 -7.77
C ASP B 832 37.62 8.38 -6.82
N GLU B 833 38.10 7.18 -6.53
CA GLU B 833 39.25 7.05 -5.64
C GLU B 833 40.51 7.64 -6.26
N VAL B 834 40.79 7.30 -7.52
CA VAL B 834 42.07 7.65 -8.12
C VAL B 834 42.16 9.14 -8.41
N ASN B 835 41.10 9.71 -9.01
CA ASN B 835 41.18 11.07 -9.54
C ASN B 835 40.80 12.15 -8.52
N TYR B 836 40.07 11.81 -7.47
CA TYR B 836 39.73 12.81 -6.45
C TYR B 836 40.94 13.06 -5.58
N THR B 837 41.47 14.29 -5.63
CA THR B 837 42.74 14.58 -4.99
C THR B 837 42.64 14.55 -3.47
N ASP B 838 41.47 14.88 -2.92
CA ASP B 838 41.27 14.94 -1.47
C ASP B 838 40.53 13.72 -0.94
N TYR B 839 40.82 12.53 -1.46
CA TYR B 839 40.14 11.33 -1.01
C TYR B 839 40.86 10.71 0.17
N LYS B 840 40.10 10.29 1.17
CA LYS B 840 40.60 9.53 2.31
C LYS B 840 39.74 8.28 2.47
N ALA B 841 40.38 7.18 2.86
CA ALA B 841 39.69 5.91 3.04
C ALA B 841 39.41 5.70 4.54
N VAL B 842 38.33 6.32 5.00
CA VAL B 842 37.94 6.21 6.39
C VAL B 842 37.24 4.87 6.62
N THR B 843 37.66 4.15 7.65
CA THR B 843 37.09 2.85 7.95
C THR B 843 35.79 3.00 8.75
N LEU B 844 35.08 1.88 8.89
CA LEU B 844 33.77 1.91 9.54
C LEU B 844 33.81 2.44 10.97
N PRO B 845 34.70 1.98 11.85
CA PRO B 845 34.70 2.51 13.23
C PRO B 845 35.09 3.98 13.32
N TYR B 846 35.53 4.59 12.23
CA TYR B 846 35.98 5.98 12.24
C TYR B 846 35.05 6.92 11.49
N GLN B 847 33.86 6.46 11.13
CA GLN B 847 32.86 7.27 10.45
C GLN B 847 31.79 7.69 11.43
N HIS B 848 31.54 8.99 11.54
CA HIS B 848 30.49 9.50 12.41
C HIS B 848 29.48 10.26 11.56
N ASN B 849 28.25 9.75 11.52
CA ASN B 849 27.09 10.44 10.98
C ASN B 849 25.93 10.19 11.94
N ASN B 850 25.09 11.20 12.14
CA ASN B 850 24.06 11.18 13.18
C ASN B 850 24.68 11.01 14.56
N SER B 851 25.94 11.43 14.71
CA SER B 851 26.67 11.20 15.94
C SER B 851 26.04 11.97 17.09
N GLY B 852 25.97 11.32 18.25
CA GLY B 852 25.28 11.86 19.40
C GLY B 852 23.82 11.48 19.48
N PHE B 853 23.25 10.93 18.42
CA PHE B 853 21.86 10.51 18.39
C PHE B 853 21.71 9.05 18.00
N VAL B 854 22.81 8.36 17.72
CA VAL B 854 22.81 6.94 17.40
C VAL B 854 23.86 6.24 18.25
N GLY B 855 23.77 4.91 18.28
CA GLY B 855 24.78 4.13 18.95
C GLY B 855 26.03 3.99 18.12
N TYR B 856 27.07 3.43 18.74
CA TYR B 856 28.38 3.29 18.12
C TYR B 856 28.59 1.81 17.79
N LEU B 857 28.45 1.47 16.52
CA LEU B 857 28.69 0.12 15.99
C LEU B 857 27.74 -0.92 16.58
N ALA B 858 26.61 -0.51 17.13
CA ALA B 858 25.70 -1.47 17.76
C ALA B 858 24.32 -0.86 17.83
N PRO B 859 23.27 -1.67 17.84
CA PRO B 859 21.91 -1.15 18.01
C PRO B 859 21.60 -0.83 19.48
N THR B 860 22.37 0.08 20.04
CA THR B 860 22.32 0.38 21.46
C THR B 860 21.95 1.85 21.68
N MET B 861 22.08 2.30 22.92
CA MET B 861 21.71 3.65 23.30
C MET B 861 22.52 4.68 22.53
N ARG B 862 21.98 5.90 22.48
CA ARG B 862 22.70 7.01 21.88
C ARG B 862 23.94 7.33 22.69
N GLN B 863 24.97 7.83 21.99
CA GLN B 863 26.18 8.32 22.64
C GLN B 863 26.95 9.17 21.65
N GLY B 864 27.49 10.28 22.12
CA GLY B 864 28.40 11.08 21.33
C GLY B 864 28.12 12.56 21.48
N GLU B 865 28.57 13.32 20.48
CA GLU B 865 28.39 14.75 20.38
C GLU B 865 27.71 15.11 19.07
N PRO B 866 26.89 16.16 19.04
CA PRO B 866 26.47 16.73 17.76
C PRO B 866 27.65 17.38 17.04
N TYR B 867 27.99 16.84 15.88
CA TYR B 867 29.15 17.29 15.14
C TYR B 867 28.89 17.06 13.66
N PRO B 868 29.52 17.84 12.77
CA PRO B 868 29.33 17.62 11.34
C PRO B 868 29.85 16.25 10.91
N ALA B 869 29.15 15.65 9.94
CA ALA B 869 29.49 14.27 9.51
C ALA B 869 30.72 14.24 8.59
N ASN B 870 31.37 13.08 8.49
CA ASN B 870 32.52 12.92 7.56
C ASN B 870 32.08 11.90 6.52
N TYR B 871 30.90 11.31 6.70
CA TYR B 871 30.38 10.28 5.77
C TYR B 871 28.94 10.66 5.38
N PRO B 872 28.42 10.29 4.19
CA PRO B 872 29.24 9.90 3.04
C PRO B 872 29.73 11.07 2.16
N TYR B 873 30.22 10.75 0.96
CA TYR B 873 30.78 11.81 0.07
C TYR B 873 29.64 12.48 -0.74
N PRO B 874 29.39 13.82 -0.72
CA PRO B 874 28.27 14.38 -1.48
C PRO B 874 28.44 14.20 -2.98
N LEU B 875 27.55 13.41 -3.59
CA LEU B 875 27.61 13.19 -5.03
C LEU B 875 26.72 14.15 -5.81
N ILE B 876 26.04 15.07 -5.13
CA ILE B 876 25.23 16.10 -5.75
C ILE B 876 25.63 17.45 -5.16
N GLY B 877 25.13 18.52 -5.77
CA GLY B 877 25.32 19.86 -5.27
C GLY B 877 26.47 20.58 -5.94
N THR B 878 26.65 21.83 -5.51
CA THR B 878 27.72 22.65 -6.08
C THR B 878 29.10 22.12 -5.71
N THR B 879 29.19 21.30 -4.66
CA THR B 879 30.44 20.73 -4.20
C THR B 879 30.47 19.22 -4.36
N ALA B 880 29.82 18.71 -5.40
CA ALA B 880 29.84 17.28 -5.65
C ALA B 880 31.26 16.81 -5.98
N VAL B 881 31.52 15.55 -5.69
CA VAL B 881 32.84 14.96 -5.86
C VAL B 881 32.89 14.24 -7.20
N LYS B 882 34.10 13.98 -7.67
CA LYS B 882 34.29 13.19 -8.88
C LYS B 882 33.76 11.78 -8.66
N SER B 883 33.18 11.21 -9.70
CA SER B 883 32.46 9.95 -9.56
C SER B 883 32.77 9.01 -10.72
N VAL B 884 32.52 7.72 -10.46
CA VAL B 884 32.61 6.68 -11.47
C VAL B 884 31.35 5.83 -11.40
N THR B 885 30.80 5.49 -12.56
CA THR B 885 29.52 4.82 -12.64
C THR B 885 29.70 3.31 -12.58
N GLN B 886 28.75 2.64 -11.91
CA GLN B 886 28.72 1.19 -11.82
C GLN B 886 27.41 0.66 -12.38
N LYS B 887 27.49 -0.44 -13.12
CA LYS B 887 26.32 -1.03 -13.74
C LYS B 887 26.29 -2.53 -13.45
N LYS B 888 25.08 -3.06 -13.26
CA LYS B 888 24.87 -4.48 -13.06
C LYS B 888 23.40 -4.78 -13.25
N PHE B 889 23.04 -6.05 -13.14
CA PHE B 889 21.65 -6.46 -13.32
C PHE B 889 21.34 -7.66 -12.44
N LEU B 890 20.07 -7.80 -12.10
CA LEU B 890 19.56 -8.92 -11.32
C LEU B 890 18.46 -9.62 -12.09
N CYS B 891 18.46 -10.95 -12.01
CA CYS B 891 17.48 -11.76 -12.74
C CYS B 891 17.21 -13.02 -11.91
N ASP B 892 16.15 -12.99 -11.12
CA ASP B 892 15.84 -14.06 -10.19
C ASP B 892 14.76 -14.99 -10.76
N ARG B 893 14.55 -16.10 -10.04
CA ARG B 893 13.55 -17.12 -10.33
C ARG B 893 13.41 -17.40 -11.83
N THR B 894 14.54 -17.48 -12.52
CA THR B 894 14.54 -17.72 -13.96
C THR B 894 15.77 -18.51 -14.33
N MET B 895 15.72 -19.12 -15.51
CA MET B 895 16.79 -19.94 -16.03
C MET B 895 17.30 -19.35 -17.34
N TRP B 896 18.61 -19.17 -17.44
CA TRP B 896 19.19 -18.81 -18.72
C TRP B 896 18.94 -19.93 -19.72
N ARG B 897 18.63 -19.55 -20.96
CA ARG B 897 18.24 -20.52 -21.98
C ARG B 897 19.01 -20.25 -23.27
N ILE B 898 19.56 -21.32 -23.85
CA ILE B 898 20.23 -21.25 -25.15
C ILE B 898 19.61 -22.29 -26.07
N PRO B 899 18.65 -21.92 -26.91
CA PRO B 899 17.91 -22.91 -27.70
C PRO B 899 18.72 -23.47 -28.86
N PHE B 900 18.40 -24.70 -29.23
CA PHE B 900 19.10 -25.43 -30.29
C PHE B 900 18.39 -25.28 -31.63
N SER B 901 18.24 -24.02 -32.05
CA SER B 901 17.58 -23.70 -33.30
C SER B 901 18.46 -22.76 -34.11
N SER B 902 18.24 -22.75 -35.42
CA SER B 902 19.07 -21.94 -36.30
C SER B 902 18.88 -20.46 -36.04
N ASN B 903 17.66 -20.03 -35.73
CA ASN B 903 17.35 -18.62 -35.48
C ASN B 903 16.89 -18.38 -34.04
N PHE B 904 17.24 -19.27 -33.12
CA PHE B 904 16.98 -19.09 -31.69
C PHE B 904 15.51 -18.86 -31.38
N MET B 905 14.60 -19.27 -32.26
CA MET B 905 13.18 -19.04 -32.07
C MET B 905 12.46 -20.37 -31.91
N SER B 906 11.50 -20.42 -30.98
CA SER B 906 10.77 -21.64 -30.67
C SER B 906 9.62 -21.80 -31.67
N MET B 907 9.97 -22.22 -32.88
CA MET B 907 8.96 -22.53 -33.88
C MET B 907 8.19 -23.79 -33.53
N GLY B 908 8.83 -24.74 -32.86
CA GLY B 908 8.14 -25.97 -32.48
C GLY B 908 8.93 -26.71 -31.43
N ALA B 909 8.28 -27.70 -30.83
CA ALA B 909 8.93 -28.49 -29.78
C ALA B 909 10.13 -29.25 -30.35
N LEU B 910 9.96 -29.89 -31.51
CA LEU B 910 11.06 -30.55 -32.18
C LEU B 910 11.81 -29.50 -32.98
N THR B 911 12.96 -29.07 -32.48
CA THR B 911 13.72 -28.00 -33.10
C THR B 911 14.19 -28.43 -34.49
N ASP B 912 14.50 -27.43 -35.32
CA ASP B 912 14.94 -27.72 -36.68
C ASP B 912 16.23 -28.51 -36.68
N LEU B 913 17.21 -28.10 -35.86
CA LEU B 913 18.45 -28.84 -35.76
C LEU B 913 18.26 -30.17 -35.04
N GLY B 914 17.18 -30.32 -34.28
CA GLY B 914 16.89 -31.62 -33.68
C GLY B 914 16.68 -32.70 -34.71
N GLN B 915 16.08 -32.35 -35.85
CA GLN B 915 15.90 -33.27 -36.96
C GLN B 915 16.90 -33.04 -38.09
N ASN B 916 18.06 -32.45 -37.78
CA ASN B 916 19.08 -32.21 -38.79
C ASN B 916 19.91 -33.46 -39.05
N MET B 917 20.30 -33.64 -40.31
CA MET B 917 20.97 -34.88 -40.75
C MET B 917 22.25 -35.14 -39.96
N LEU B 918 23.10 -34.12 -39.84
CA LEU B 918 24.36 -34.27 -39.11
C LEU B 918 24.11 -34.65 -37.66
N TYR B 919 23.13 -34.04 -37.04
CA TYR B 919 22.71 -34.45 -35.70
C TYR B 919 21.64 -35.53 -35.74
N ALA B 920 21.29 -36.02 -36.92
CA ALA B 920 20.39 -37.16 -37.01
C ALA B 920 21.15 -38.46 -36.80
N ASN B 921 22.19 -38.70 -37.59
CA ASN B 921 22.85 -40.00 -37.47
C ASN B 921 24.30 -39.93 -37.00
N SER B 922 24.99 -38.80 -37.19
CA SER B 922 26.36 -38.75 -36.73
C SER B 922 26.42 -38.63 -35.20
N ALA B 923 27.60 -38.95 -34.65
CA ALA B 923 27.85 -38.88 -33.22
C ALA B 923 28.87 -37.78 -32.96
N HIS B 924 28.58 -36.91 -32.00
CA HIS B 924 29.46 -35.80 -31.65
C HIS B 924 29.61 -35.70 -30.14
N ALA B 925 30.82 -35.33 -29.71
CA ALA B 925 31.12 -35.08 -28.31
C ALA B 925 31.16 -33.58 -28.07
N LEU B 926 30.38 -33.11 -27.11
CA LEU B 926 30.13 -31.69 -26.89
C LEU B 926 31.01 -31.18 -25.76
N ASP B 927 31.70 -30.07 -25.99
CA ASP B 927 32.53 -29.42 -24.99
C ASP B 927 31.97 -28.03 -24.69
N MET B 928 31.87 -27.72 -23.39
CA MET B 928 31.39 -26.44 -22.92
C MET B 928 32.42 -25.86 -21.97
N THR B 929 32.50 -24.53 -21.92
CA THR B 929 33.33 -23.86 -20.92
C THR B 929 32.59 -22.61 -20.43
N PHE B 930 32.36 -22.55 -19.13
CA PHE B 930 31.67 -21.42 -18.51
C PHE B 930 32.68 -20.51 -17.81
N GLU B 931 32.29 -19.26 -17.65
CA GLU B 931 33.04 -18.28 -16.86
C GLU B 931 32.09 -17.66 -15.86
N VAL B 932 32.49 -17.64 -14.58
CA VAL B 932 31.61 -17.14 -13.53
C VAL B 932 32.38 -16.20 -12.61
N ASP B 933 31.64 -15.38 -11.89
CA ASP B 933 32.23 -14.54 -10.86
C ASP B 933 32.59 -15.40 -9.66
N PRO B 934 33.85 -15.40 -9.23
CA PRO B 934 34.25 -16.28 -8.12
C PRO B 934 33.56 -15.88 -6.82
N MET B 935 33.12 -16.89 -6.08
CA MET B 935 32.55 -16.69 -4.75
C MET B 935 33.21 -17.66 -3.77
N ASP B 936 33.20 -17.28 -2.49
CA ASP B 936 33.99 -17.96 -1.47
C ASP B 936 33.27 -19.15 -0.86
N GLU B 937 32.32 -19.74 -1.57
CA GLU B 937 31.58 -20.90 -1.10
C GLU B 937 31.44 -21.89 -2.26
N PRO B 938 31.38 -23.19 -1.96
CA PRO B 938 31.17 -24.16 -3.04
C PRO B 938 29.83 -23.95 -3.74
N THR B 939 29.86 -24.12 -5.06
CA THR B 939 28.66 -23.92 -5.87
C THR B 939 28.51 -25.09 -6.84
N LEU B 940 27.31 -25.20 -7.40
CA LEU B 940 26.98 -26.27 -8.33
C LEU B 940 26.36 -25.65 -9.57
N LEU B 941 26.86 -26.04 -10.74
CA LEU B 941 26.36 -25.53 -12.01
C LEU B 941 25.24 -26.43 -12.49
N TYR B 942 24.00 -25.98 -12.34
CA TYR B 942 22.85 -26.74 -12.80
C TYR B 942 22.75 -26.66 -14.32
N LEU B 943 22.69 -27.81 -14.97
CA LEU B 943 22.57 -27.88 -16.41
C LEU B 943 21.35 -28.72 -16.78
N LEU B 944 20.51 -28.19 -17.65
CA LEU B 944 19.36 -28.91 -18.17
C LEU B 944 19.60 -29.15 -19.65
N PHE B 945 19.73 -30.42 -20.02
CA PHE B 945 19.76 -30.82 -21.42
C PHE B 945 18.32 -31.07 -21.84
N GLU B 946 17.76 -30.15 -22.61
CA GLU B 946 16.37 -30.28 -23.04
C GLU B 946 16.20 -31.53 -23.89
N VAL B 947 15.24 -32.37 -23.50
CA VAL B 947 15.00 -33.66 -24.13
C VAL B 947 13.50 -33.85 -24.29
N PHE B 948 13.13 -35.03 -24.75
CA PHE B 948 11.73 -35.48 -24.77
C PHE B 948 11.59 -36.63 -23.80
N ASP B 949 10.76 -36.45 -22.77
CA ASP B 949 10.53 -37.47 -21.74
C ASP B 949 9.06 -37.87 -21.81
N VAL B 950 8.78 -38.96 -22.51
CA VAL B 950 7.41 -39.39 -22.79
C VAL B 950 7.20 -40.78 -22.24
N VAL B 951 5.94 -41.09 -21.93
CA VAL B 951 5.53 -42.41 -21.45
C VAL B 951 4.23 -42.79 -22.14
N ARG B 952 4.13 -44.06 -22.56
CA ARG B 952 2.92 -44.59 -23.17
C ARG B 952 2.40 -45.70 -22.27
N VAL B 953 1.23 -45.49 -21.68
CA VAL B 953 0.66 -46.42 -20.71
C VAL B 953 -0.46 -47.20 -21.39
N HIS B 954 -0.41 -48.53 -21.26
CA HIS B 954 -1.36 -49.44 -21.88
C HIS B 954 -2.07 -50.26 -20.82
N GLN B 955 -3.38 -50.38 -20.94
CA GLN B 955 -4.19 -51.24 -20.09
C GLN B 955 -5.04 -52.11 -20.99
N PRO B 956 -4.50 -53.23 -21.48
CA PRO B 956 -5.25 -54.04 -22.45
C PRO B 956 -6.38 -54.85 -21.84
N HIS B 957 -6.19 -55.41 -20.65
CA HIS B 957 -7.19 -56.23 -19.99
C HIS B 957 -7.51 -55.60 -18.64
N ARG B 958 -8.35 -56.29 -17.86
CA ARG B 958 -8.69 -55.77 -16.55
C ARG B 958 -7.53 -55.97 -15.58
N GLY B 959 -7.17 -54.91 -14.88
CA GLY B 959 -6.13 -55.01 -13.86
C GLY B 959 -4.72 -55.10 -14.38
N VAL B 960 -4.49 -54.71 -15.64
CA VAL B 960 -3.17 -54.78 -16.25
C VAL B 960 -2.77 -53.38 -16.70
N ILE B 961 -1.60 -52.93 -16.29
CA ILE B 961 -1.02 -51.67 -16.77
C ILE B 961 0.37 -51.97 -17.29
N GLU B 962 0.67 -51.46 -18.48
CA GLU B 962 2.02 -51.50 -19.04
C GLU B 962 2.38 -50.11 -19.51
N ALA B 963 3.52 -49.60 -19.03
CA ALA B 963 4.01 -48.30 -19.42
C ALA B 963 5.30 -48.46 -20.21
N VAL B 964 5.37 -47.80 -21.36
CA VAL B 964 6.57 -47.80 -22.20
C VAL B 964 7.15 -46.40 -22.18
N TYR B 965 8.39 -46.28 -21.72
CA TYR B 965 9.04 -44.99 -21.54
C TYR B 965 10.02 -44.75 -22.68
N LEU B 966 10.23 -43.47 -23.02
CA LEU B 966 11.24 -43.09 -24.05
C LEU B 966 11.77 -41.70 -23.75
N ARG B 967 13.07 -41.59 -23.47
CA ARG B 967 13.74 -40.28 -23.27
C ARG B 967 14.68 -40.04 -24.45
N THR B 968 14.56 -38.89 -25.15
CA THR B 968 15.36 -38.66 -26.38
C THR B 968 15.92 -37.22 -26.40
N PRO B 969 17.25 -36.99 -26.41
CA PRO B 969 18.26 -38.05 -26.31
C PRO B 969 18.65 -38.38 -24.85
N PHE B 970 19.95 -38.62 -24.60
CA PHE B 970 20.42 -39.03 -23.25
C PHE B 970 19.50 -40.13 -22.75
N SER B 971 19.38 -41.24 -23.49
CA SER B 971 18.39 -42.27 -23.11
C SER B 971 18.82 -43.06 -21.90
N ALA B 972 17.87 -43.66 -21.20
CA ALA B 972 18.15 -44.35 -19.95
C ALA B 972 18.96 -45.62 -20.18
N MET C 39 14.94 -43.32 -34.89
CA MET C 39 14.49 -42.06 -35.47
C MET C 39 12.97 -42.04 -35.63
N MET C 40 12.50 -42.12 -36.86
CA MET C 40 11.07 -42.02 -37.14
C MET C 40 10.18 -43.02 -36.40
N PRO C 41 10.52 -44.32 -36.29
CA PRO C 41 9.58 -45.27 -35.68
C PRO C 41 9.26 -44.96 -34.22
N GLN C 42 10.29 -44.74 -33.40
CA GLN C 42 10.06 -44.44 -32.00
C GLN C 42 9.33 -43.10 -31.84
N TRP C 43 9.64 -42.12 -32.67
CA TRP C 43 8.96 -40.83 -32.61
C TRP C 43 7.48 -40.98 -32.92
N ALA C 44 7.14 -41.79 -33.93
CA ALA C 44 5.73 -42.06 -34.20
C ALA C 44 5.10 -42.86 -33.06
N TYR C 45 5.89 -43.70 -32.39
CA TYR C 45 5.35 -44.53 -31.32
C TYR C 45 4.90 -43.68 -30.13
N MET C 46 5.73 -42.71 -29.73
CA MET C 46 5.40 -41.84 -28.60
C MET C 46 4.97 -40.45 -29.03
N HIS C 47 4.63 -40.27 -30.31
CA HIS C 47 3.94 -39.07 -30.79
C HIS C 47 4.79 -37.82 -30.62
N ILE C 48 6.12 -37.99 -30.64
CA ILE C 48 7.01 -36.85 -30.64
C ILE C 48 6.87 -36.06 -31.93
N ALA C 49 6.80 -36.75 -33.07
CA ALA C 49 6.53 -36.13 -34.36
C ALA C 49 5.69 -37.09 -35.18
N GLY C 50 4.44 -36.74 -35.41
CA GLY C 50 3.55 -37.63 -36.14
C GLY C 50 2.14 -37.09 -36.22
N GLN C 51 1.19 -38.01 -36.31
CA GLN C 51 -0.22 -37.64 -36.47
C GLN C 51 -0.71 -36.87 -35.25
N ASP C 52 -1.56 -35.88 -35.51
CA ASP C 52 -2.10 -35.07 -34.42
C ASP C 52 -3.09 -35.88 -33.60
N ALA C 53 -3.63 -35.24 -32.55
CA ALA C 53 -4.40 -35.97 -31.55
C ALA C 53 -5.59 -36.70 -32.15
N SER C 54 -6.38 -36.01 -32.97
CA SER C 54 -7.60 -36.61 -33.47
C SER C 54 -7.33 -37.65 -34.55
N GLU C 55 -6.17 -37.57 -35.21
CA GLU C 55 -5.89 -38.46 -36.33
C GLU C 55 -5.67 -39.89 -35.86
N TYR C 56 -4.84 -40.11 -34.84
CA TYR C 56 -4.55 -41.48 -34.43
C TYR C 56 -5.63 -42.05 -33.52
N LEU C 57 -6.42 -41.21 -32.86
CA LEU C 57 -7.45 -41.72 -31.97
C LEU C 57 -8.61 -42.29 -32.79
N SER C 58 -9.28 -43.28 -32.20
CA SER C 58 -10.37 -43.93 -32.88
C SER C 58 -11.52 -42.96 -33.10
N PRO C 59 -12.27 -43.10 -34.20
CA PRO C 59 -13.39 -42.18 -34.43
C PRO C 59 -14.42 -42.18 -33.31
N GLY C 60 -14.71 -43.35 -32.75
CA GLY C 60 -15.61 -43.39 -31.61
C GLY C 60 -15.07 -42.58 -30.44
N LEU C 61 -13.77 -42.67 -30.21
CA LEU C 61 -13.16 -41.92 -29.12
C LEU C 61 -13.26 -40.43 -29.34
N VAL C 62 -13.02 -39.94 -30.57
CA VAL C 62 -13.08 -38.51 -30.79
C VAL C 62 -14.52 -38.02 -30.71
N GLN C 63 -15.48 -38.81 -31.19
CA GLN C 63 -16.89 -38.43 -31.02
C GLN C 63 -17.26 -38.37 -29.54
N PHE C 64 -16.82 -39.35 -28.75
CA PHE C 64 -17.12 -39.34 -27.33
C PHE C 64 -16.50 -38.13 -26.64
N ALA C 65 -15.25 -37.82 -26.98
CA ALA C 65 -14.58 -36.67 -26.40
C ALA C 65 -15.30 -35.38 -26.75
N ARG C 66 -15.71 -35.24 -28.01
CA ARG C 66 -16.46 -34.05 -28.43
C ARG C 66 -17.78 -33.95 -27.67
N ALA C 67 -18.47 -35.07 -27.49
CA ALA C 67 -19.76 -35.04 -26.82
C ALA C 67 -19.63 -34.71 -25.34
N THR C 68 -18.63 -35.27 -24.68
CA THR C 68 -18.52 -35.18 -23.23
C THR C 68 -17.50 -34.16 -22.75
N ASP C 69 -16.95 -33.34 -23.66
CA ASP C 69 -15.95 -32.36 -23.25
C ASP C 69 -16.51 -31.32 -22.29
N THR C 70 -17.83 -31.16 -22.25
CA THR C 70 -18.42 -30.18 -21.34
C THR C 70 -18.19 -30.56 -19.89
N TYR C 71 -18.42 -31.83 -19.55
CA TYR C 71 -18.29 -32.27 -18.16
C TYR C 71 -17.12 -33.20 -17.91
N PHE C 72 -16.75 -34.05 -18.86
CA PHE C 72 -15.62 -34.96 -18.69
C PHE C 72 -14.64 -34.75 -19.83
N SER C 73 -13.65 -33.90 -19.59
CA SER C 73 -12.62 -33.65 -20.58
C SER C 73 -11.54 -34.72 -20.51
N MET C 74 -10.98 -35.03 -21.68
CA MET C 74 -9.88 -36.00 -21.78
C MET C 74 -8.79 -35.47 -22.69
N GLY C 75 -8.64 -34.15 -22.77
CA GLY C 75 -7.62 -33.58 -23.64
C GLY C 75 -6.21 -33.88 -23.20
N ASN C 76 -5.96 -33.81 -21.89
CA ASN C 76 -4.60 -34.02 -21.38
C ASN C 76 -4.12 -35.45 -21.60
N LYS C 77 -5.05 -36.40 -21.72
CA LYS C 77 -4.68 -37.80 -21.75
C LYS C 77 -3.91 -38.19 -23.02
N PHE C 78 -4.09 -37.45 -24.10
CA PHE C 78 -3.53 -37.79 -25.41
C PHE C 78 -2.59 -36.69 -25.86
N ARG C 79 -1.48 -37.07 -26.48
CA ARG C 79 -0.41 -36.12 -26.78
C ARG C 79 -0.55 -35.54 -28.18
N ASN C 80 -0.34 -34.24 -28.29
CA ASN C 80 -0.38 -33.53 -29.56
C ASN C 80 1.04 -33.19 -30.01
N PRO C 81 1.53 -33.74 -31.11
CA PRO C 81 2.90 -33.43 -31.52
C PRO C 81 2.99 -32.04 -32.14
N THR C 82 4.08 -31.34 -31.82
CA THR C 82 4.37 -30.03 -32.37
C THR C 82 5.79 -30.05 -32.93
N VAL C 83 5.93 -29.64 -34.18
CA VAL C 83 7.20 -29.72 -34.90
C VAL C 83 7.54 -28.35 -35.45
N ALA C 84 8.84 -28.13 -35.70
CA ALA C 84 9.18 -26.86 -36.30
C ALA C 84 9.49 -27.04 -37.78
N PRO C 85 9.21 -26.04 -38.61
CA PRO C 85 9.46 -26.19 -40.05
C PRO C 85 10.94 -26.19 -40.36
N THR C 86 11.36 -27.14 -41.20
CA THR C 86 12.76 -27.33 -41.56
C THR C 86 12.97 -27.20 -43.06
N HIS C 87 12.36 -26.18 -43.67
CA HIS C 87 12.47 -26.01 -45.12
C HIS C 87 12.38 -24.52 -45.44
N ASP C 88 13.48 -23.96 -45.94
CA ASP C 88 13.51 -22.60 -46.47
C ASP C 88 13.04 -21.57 -45.45
N VAL C 89 13.43 -21.76 -44.19
CA VAL C 89 13.11 -20.83 -43.12
C VAL C 89 14.33 -20.01 -42.69
N THR C 90 15.46 -20.68 -42.45
CA THR C 90 16.68 -20.02 -42.03
C THR C 90 17.80 -20.33 -43.02
N THR C 91 18.50 -19.29 -43.46
CA THR C 91 19.67 -19.47 -44.30
C THR C 91 20.73 -20.25 -43.54
N ASP C 92 21.28 -21.28 -44.19
CA ASP C 92 22.31 -22.11 -43.59
C ASP C 92 23.71 -21.58 -43.85
N ARG C 93 23.84 -20.45 -44.54
CA ARG C 93 25.13 -19.87 -44.87
C ARG C 93 25.65 -19.08 -43.68
N SER C 94 26.70 -18.31 -43.89
CA SER C 94 27.30 -17.51 -42.83
C SER C 94 26.92 -16.04 -43.00
N GLN C 95 26.25 -15.48 -41.99
CA GLN C 95 25.92 -14.06 -41.99
C GLN C 95 25.60 -13.60 -40.57
N ARG C 96 25.55 -12.29 -40.35
CA ARG C 96 25.38 -11.71 -39.04
C ARG C 96 23.90 -11.47 -38.72
N LEU C 97 23.53 -11.70 -37.46
CA LEU C 97 22.19 -11.36 -37.01
C LEU C 97 22.02 -9.85 -36.91
N MET C 98 22.84 -9.21 -36.09
CA MET C 98 22.83 -7.77 -35.93
C MET C 98 24.11 -7.18 -36.49
N LEU C 99 23.99 -6.00 -37.12
CA LEU C 99 25.11 -5.37 -37.78
C LEU C 99 25.12 -3.89 -37.47
N ARG C 100 26.28 -3.38 -37.05
CA ARG C 100 26.45 -1.99 -36.70
C ARG C 100 26.97 -1.18 -37.88
N PHE C 101 26.54 0.08 -37.95
CA PHE C 101 26.98 1.00 -39.00
C PHE C 101 27.67 2.18 -38.35
N VAL C 102 28.91 2.43 -38.75
CA VAL C 102 29.68 3.59 -38.30
C VAL C 102 29.28 4.77 -39.17
N PRO C 103 29.14 5.97 -38.61
CA PRO C 103 28.75 7.11 -39.43
C PRO C 103 29.77 7.40 -40.52
N VAL C 104 29.27 7.82 -41.68
CA VAL C 104 30.14 8.21 -42.78
C VAL C 104 30.45 9.70 -42.75
N ASP C 105 29.62 10.50 -42.09
CA ASP C 105 29.92 11.91 -41.85
C ASP C 105 29.20 12.34 -40.59
N ARG C 106 29.83 13.23 -39.84
CA ARG C 106 29.29 13.76 -38.59
C ARG C 106 29.51 15.25 -38.56
N GLU C 107 28.54 15.99 -38.03
CA GLU C 107 28.67 17.44 -37.91
C GLU C 107 28.09 17.87 -36.58
N ASP C 108 28.80 18.76 -35.88
CA ASP C 108 28.34 19.35 -34.63
C ASP C 108 28.01 20.82 -34.85
N ASN C 109 26.85 21.24 -34.38
CA ASN C 109 26.46 22.63 -34.37
C ASN C 109 26.30 23.10 -32.93
N THR C 110 25.84 24.34 -32.77
CA THR C 110 25.70 24.90 -31.43
C THR C 110 24.60 24.19 -30.64
N TYR C 111 23.52 23.82 -31.32
CA TYR C 111 22.41 23.11 -30.68
C TYR C 111 21.95 21.88 -31.46
N SER C 112 22.77 21.37 -32.37
CA SER C 112 22.40 20.22 -33.18
C SER C 112 23.62 19.36 -33.45
N TYR C 113 23.38 18.06 -33.58
CA TYR C 113 24.45 17.10 -33.85
C TYR C 113 24.06 16.33 -35.11
N LYS C 114 24.68 16.69 -36.22
CA LYS C 114 24.36 16.13 -37.52
C LYS C 114 25.13 14.82 -37.70
N VAL C 115 24.41 13.74 -37.95
CA VAL C 115 24.98 12.42 -38.17
C VAL C 115 24.50 11.90 -39.52
N ARG C 116 25.40 11.27 -40.27
CA ARG C 116 25.11 10.72 -41.58
C ARG C 116 25.63 9.30 -41.68
N TYR C 117 24.81 8.39 -42.18
CA TYR C 117 25.16 6.98 -42.28
C TYR C 117 24.99 6.50 -43.71
N THR C 118 25.40 5.25 -43.95
CA THR C 118 25.18 4.57 -45.23
C THR C 118 24.55 3.21 -44.89
N LEU C 119 23.21 3.21 -44.81
CA LEU C 119 22.48 1.99 -44.48
C LEU C 119 22.51 1.03 -45.66
N ALA C 120 23.45 0.10 -45.66
CA ALA C 120 23.64 -0.85 -46.75
C ALA C 120 22.94 -2.15 -46.39
N VAL C 121 21.81 -2.42 -47.06
CA VAL C 121 21.11 -3.68 -46.91
C VAL C 121 21.71 -4.69 -47.88
N GLY C 122 22.17 -5.81 -47.36
CA GLY C 122 22.83 -6.80 -48.18
C GLY C 122 21.86 -7.54 -49.09
N ASP C 123 22.44 -8.28 -50.03
CA ASP C 123 21.65 -9.02 -50.99
C ASP C 123 20.98 -10.23 -50.34
N ASN C 124 19.80 -10.57 -50.87
CA ASN C 124 18.99 -11.67 -50.34
C ASN C 124 18.66 -11.45 -48.85
N ARG C 125 18.39 -10.20 -48.49
CA ARG C 125 18.10 -9.84 -47.12
C ARG C 125 16.92 -8.89 -47.08
N VAL C 126 16.34 -8.73 -45.90
CA VAL C 126 15.37 -7.68 -45.64
C VAL C 126 15.73 -7.01 -44.31
N LEU C 127 15.22 -5.81 -44.12
CA LEU C 127 15.47 -5.04 -42.91
C LEU C 127 14.16 -4.39 -42.47
N ASP C 128 13.79 -4.61 -41.23
CA ASP C 128 12.62 -3.96 -40.65
C ASP C 128 13.11 -2.71 -39.91
N MET C 129 12.63 -1.55 -40.35
CA MET C 129 13.08 -0.30 -39.76
C MET C 129 12.69 -0.20 -38.29
N ALA C 130 11.70 -0.96 -37.84
CA ALA C 130 11.36 -1.00 -36.44
C ALA C 130 12.43 -1.69 -35.61
N SER C 131 13.33 -2.43 -36.25
CA SER C 131 14.41 -3.13 -35.58
C SER C 131 15.69 -2.32 -35.49
N THR C 132 15.68 -1.08 -36.00
CA THR C 132 16.85 -0.23 -35.99
C THR C 132 16.74 0.82 -34.90
N PHE C 133 17.87 1.14 -34.27
CA PHE C 133 17.92 2.17 -33.24
C PHE C 133 19.29 2.83 -33.29
N PHE C 134 19.39 3.98 -32.64
CA PHE C 134 20.64 4.72 -32.52
C PHE C 134 21.22 4.50 -31.13
N ASP C 135 22.51 4.19 -31.08
CA ASP C 135 23.24 4.06 -29.82
C ASP C 135 23.94 5.38 -29.56
N ILE C 136 23.64 6.01 -28.42
CA ILE C 136 24.21 7.29 -28.06
C ILE C 136 25.02 7.09 -26.79
N ARG C 137 26.30 7.46 -26.84
CA ARG C 137 27.18 7.45 -25.69
C ARG C 137 27.74 8.85 -25.50
N GLY C 138 27.68 9.35 -24.28
CA GLY C 138 28.14 10.70 -24.03
C GLY C 138 28.24 10.99 -22.55
N VAL C 139 28.39 12.27 -22.23
CA VAL C 139 28.57 12.74 -20.87
C VAL C 139 27.44 13.70 -20.54
N LEU C 140 26.99 13.65 -19.29
CA LEU C 140 25.94 14.53 -18.80
C LEU C 140 26.35 15.09 -17.45
N ASP C 141 26.21 16.39 -17.29
CA ASP C 141 26.37 17.05 -16.00
C ASP C 141 25.00 17.62 -15.65
N ARG C 142 24.28 16.94 -14.75
CA ARG C 142 22.91 17.34 -14.47
C ARG C 142 22.85 18.72 -13.83
N GLY C 143 23.78 19.03 -12.95
CA GLY C 143 23.87 20.36 -12.39
C GLY C 143 23.70 20.40 -10.89
N PRO C 144 23.89 21.59 -10.30
CA PRO C 144 23.73 21.73 -8.85
C PRO C 144 22.29 21.71 -8.37
N SER C 145 21.31 21.80 -9.26
CA SER C 145 19.91 21.74 -8.89
C SER C 145 19.40 20.32 -8.75
N PHE C 146 20.23 19.33 -9.01
CA PHE C 146 19.82 17.92 -8.97
C PHE C 146 19.82 17.42 -7.53
N LYS C 147 18.74 16.77 -7.13
CA LYS C 147 18.62 16.18 -5.79
C LYS C 147 17.58 15.08 -5.85
N PRO C 148 18.00 13.85 -6.12
CA PRO C 148 17.06 12.74 -6.27
C PRO C 148 16.64 12.10 -4.95
N TYR C 149 16.36 12.93 -3.95
CA TYR C 149 15.88 12.41 -2.68
C TYR C 149 15.35 13.56 -1.83
N SER C 150 14.60 13.20 -0.80
CA SER C 150 14.09 14.14 0.18
C SER C 150 14.90 14.03 1.47
N GLY C 151 14.84 15.08 2.27
CA GLY C 151 15.58 15.07 3.52
C GLY C 151 17.04 15.38 3.32
N THR C 152 17.80 15.17 4.40
CA THR C 152 19.23 15.42 4.40
C THR C 152 19.97 14.12 4.67
N ALA C 153 21.20 14.05 4.17
CA ALA C 153 22.01 12.85 4.34
C ALA C 153 22.97 12.95 5.51
N TYR C 154 23.04 14.09 6.18
CA TYR C 154 23.99 14.32 7.26
C TYR C 154 23.24 14.82 8.49
N ASN C 155 23.39 14.11 9.60
CA ASN C 155 22.73 14.42 10.86
C ASN C 155 21.23 14.58 10.66
N SER C 156 20.62 13.55 10.06
CA SER C 156 19.19 13.57 9.81
C SER C 156 18.38 13.54 11.09
N LEU C 157 18.84 12.81 12.09
CA LEU C 157 18.11 12.69 13.35
C LEU C 157 18.26 13.90 14.25
N ALA C 158 19.14 14.84 13.93
CA ALA C 158 19.36 15.98 14.81
C ALA C 158 18.15 16.91 14.79
N PRO C 159 17.83 17.54 15.91
CA PRO C 159 16.82 18.60 15.90
C PRO C 159 17.24 19.73 14.97
N LYS C 160 16.27 20.28 14.26
CA LYS C 160 16.56 21.23 13.20
C LYS C 160 17.06 22.56 13.71
N GLY C 161 16.99 22.80 15.02
CA GLY C 161 17.61 23.95 15.64
C GLY C 161 18.87 23.65 16.40
N ALA C 162 19.32 22.42 16.43
CA ALA C 162 20.44 22.02 17.29
C ALA C 162 21.76 22.36 16.61
N PRO C 163 22.63 23.13 17.27
CA PRO C 163 23.94 23.44 16.70
C PRO C 163 25.00 22.45 17.16
N ASN C 164 26.16 22.56 16.54
CA ASN C 164 27.30 21.77 16.95
C ASN C 164 27.99 22.43 18.15
N THR C 165 28.99 21.75 18.68
CA THR C 165 29.84 22.36 19.69
C THR C 165 30.72 23.41 19.00
N SER C 166 30.38 24.68 19.15
CA SER C 166 31.06 25.72 18.40
C SER C 166 31.23 26.95 19.30
N GLN C 167 32.20 27.79 18.93
CA GLN C 167 32.59 28.94 19.74
C GLN C 167 32.28 30.22 18.99
N TRP C 168 32.09 31.30 19.76
CA TRP C 168 31.85 32.61 19.18
C TRP C 168 32.63 33.67 19.96
N ILE C 169 32.86 34.81 19.30
CA ILE C 169 33.64 35.91 19.85
C ILE C 169 32.69 36.99 20.33
N VAL C 170 32.88 37.44 21.57
CA VAL C 170 32.09 38.53 22.13
C VAL C 170 32.99 39.76 22.20
N THR C 171 32.87 40.64 21.21
CA THR C 171 33.78 41.77 21.07
C THR C 171 33.69 42.73 22.24
N THR C 172 32.53 43.39 22.39
CA THR C 172 32.19 44.22 23.54
C THR C 172 33.35 45.10 24.00
N ASN C 173 33.78 45.99 23.12
CA ASN C 173 34.85 46.94 23.44
C ASN C 173 34.26 48.11 24.22
N GLY C 174 34.66 48.23 25.49
CA GLY C 174 34.21 49.32 26.31
C GLY C 174 35.21 50.46 26.34
N ASP C 175 35.86 50.68 27.48
CA ASP C 175 36.93 51.68 27.52
C ASP C 175 38.10 51.26 26.65
N ASN C 176 38.37 49.95 26.60
CA ASN C 176 39.46 49.44 25.72
C ASN C 176 38.90 48.30 24.87
N ALA C 177 39.67 47.87 23.87
CA ALA C 177 39.18 46.82 22.96
C ALA C 177 39.34 45.47 23.65
N VAL C 178 38.34 45.07 24.42
CA VAL C 178 38.50 43.80 25.19
C VAL C 178 37.63 42.71 24.56
N THR C 179 38.08 42.10 23.47
CA THR C 179 37.36 40.96 22.87
C THR C 179 37.35 39.82 23.90
N THR C 180 36.24 39.62 24.61
CA THR C 180 36.13 38.57 25.65
C THR C 180 36.58 37.28 25.00
N THR C 181 35.80 36.73 24.07
CA THR C 181 36.21 35.57 23.23
C THR C 181 35.96 34.23 23.85
N THR C 182 36.31 33.21 23.10
CA THR C 182 36.19 31.86 23.65
C THR C 182 34.86 31.76 24.40
N ASN C 183 33.76 32.18 23.78
CA ASN C 183 32.47 31.89 24.42
C ASN C 183 32.09 30.54 23.83
N THR C 184 32.00 29.48 24.64
CA THR C 184 31.77 28.11 24.07
C THR C 184 30.39 27.56 24.39
N PHE C 185 29.81 26.70 23.53
CA PHE C 185 28.52 26.04 23.87
C PHE C 185 28.46 24.67 23.21
N GLY C 186 28.44 23.62 24.03
CA GLY C 186 28.29 22.28 23.45
C GLY C 186 28.27 21.18 24.49
N ILE C 187 28.77 20.01 24.11
CA ILE C 187 28.79 18.84 24.98
C ILE C 187 30.14 18.15 24.83
N ALA C 188 30.64 17.59 25.92
CA ALA C 188 31.81 16.72 25.91
C ALA C 188 31.37 15.32 26.33
N SER C 189 31.69 14.32 25.51
CA SER C 189 31.08 13.00 25.66
C SER C 189 32.07 11.88 25.99
N MET C 190 33.36 12.07 25.81
CA MET C 190 34.34 11.03 26.12
C MET C 190 34.81 11.16 27.56
N LYS C 191 34.99 10.02 28.21
CA LYS C 191 35.42 9.96 29.60
C LYS C 191 36.82 9.39 29.69
N GLY C 192 37.67 10.06 30.48
CA GLY C 192 39.03 9.62 30.69
C GLY C 192 39.34 9.46 32.17
N ASP C 193 40.55 8.97 32.43
CA ASP C 193 40.99 8.77 33.80
C ASP C 193 41.51 10.06 34.43
N ASN C 194 42.23 10.88 33.67
CA ASN C 194 42.83 12.08 34.22
C ASN C 194 43.21 13.02 33.10
N ILE C 195 43.48 14.27 33.47
CA ILE C 195 43.98 15.29 32.56
C ILE C 195 45.08 16.05 33.29
N THR C 196 46.26 16.16 32.68
CA THR C 196 47.35 16.91 33.30
C THR C 196 47.74 18.14 32.50
N LYS C 197 48.28 17.99 31.30
CA LYS C 197 48.45 19.13 30.41
C LYS C 197 48.25 18.73 28.95
N GLU C 198 48.31 17.43 28.70
CA GLU C 198 48.35 16.90 27.34
C GLU C 198 47.00 16.45 26.83
N GLY C 199 45.93 16.62 27.61
CA GLY C 199 44.61 16.33 27.12
C GLY C 199 43.99 15.20 27.92
N LEU C 200 43.13 14.45 27.25
CA LEU C 200 42.37 13.39 27.90
C LEU C 200 43.14 12.08 27.85
N GLN C 201 43.57 11.60 29.01
CA GLN C 201 44.11 10.26 29.10
C GLN C 201 43.03 9.26 28.72
N ILE C 202 43.39 8.27 27.91
CA ILE C 202 42.43 7.31 27.39
C ILE C 202 42.84 5.88 27.70
N GLY C 203 43.87 5.69 28.50
CA GLY C 203 44.30 4.35 28.85
C GLY C 203 45.65 4.37 29.56
N LYS C 204 46.19 3.17 29.75
CA LYS C 204 47.46 3.00 30.44
C LYS C 204 48.25 1.91 29.73
N ASP C 205 49.56 1.92 29.95
CA ASP C 205 50.44 0.91 29.39
C ASP C 205 51.66 0.70 30.28
N GLU C 213 51.50 2.38 34.59
CA GLU C 213 52.71 3.19 34.57
C GLU C 213 52.60 4.35 33.61
N LYS C 214 53.03 4.13 32.37
CA LYS C 214 52.98 5.18 31.36
C LYS C 214 51.54 5.44 30.95
N PRO C 215 51.03 6.66 31.12
CA PRO C 215 49.67 6.96 30.68
C PRO C 215 49.61 7.42 29.24
N ILE C 216 48.74 6.78 28.47
CA ILE C 216 48.55 7.16 27.07
C ILE C 216 47.61 8.35 27.01
N TYR C 217 47.85 9.24 26.05
CA TYR C 217 47.07 10.46 25.92
C TYR C 217 46.36 10.51 24.57
N ALA C 218 45.28 11.28 24.52
CA ALA C 218 44.47 11.39 23.31
C ALA C 218 45.30 11.95 22.16
N ASP C 219 45.18 11.31 21.00
CA ASP C 219 45.80 11.82 19.78
C ASP C 219 44.93 12.94 19.23
N LYS C 220 45.48 14.16 19.19
CA LYS C 220 44.69 15.32 18.84
C LYS C 220 44.14 15.27 17.43
N THR C 221 44.70 14.40 16.58
CA THR C 221 44.26 14.36 15.19
C THR C 221 42.85 13.79 15.07
N TYR C 222 42.51 12.78 15.89
CA TYR C 222 41.19 12.12 15.75
C TYR C 222 40.46 12.04 17.11
N GLN C 223 41.20 11.81 18.20
CA GLN C 223 40.58 11.71 19.54
C GLN C 223 40.25 13.13 20.03
N PRO C 224 39.15 13.35 20.81
CA PRO C 224 38.16 12.33 21.12
C PRO C 224 37.17 12.06 19.96
N GLU C 225 36.78 10.81 19.79
CA GLU C 225 35.87 10.45 18.67
C GLU C 225 34.47 11.05 18.93
N PRO C 226 33.84 11.91 18.07
CA PRO C 226 32.48 12.38 18.38
C PRO C 226 31.44 11.26 18.45
N GLN C 227 31.77 10.06 17.98
CA GLN C 227 30.78 9.00 17.85
C GLN C 227 30.71 8.07 19.05
N VAL C 228 31.45 8.36 20.12
CA VAL C 228 31.53 7.47 21.27
C VAL C 228 31.20 8.24 22.54
N GLY C 229 30.85 7.49 23.58
CA GLY C 229 30.48 8.06 24.86
C GLY C 229 30.21 6.99 25.90
N GLU C 230 29.52 7.34 26.98
CA GLU C 230 29.17 6.35 27.98
C GLU C 230 28.20 5.33 27.40
N GLU C 231 28.25 4.11 27.94
CA GLU C 231 27.57 2.97 27.34
C GLU C 231 26.19 2.70 27.91
N SER C 232 25.91 3.11 29.14
CA SER C 232 24.66 2.80 29.80
C SER C 232 24.10 4.05 30.47
N TRP C 233 22.79 4.02 30.71
CA TRP C 233 22.13 5.18 31.33
C TRP C 233 22.45 5.33 32.80
N THR C 234 22.91 4.26 33.46
CA THR C 234 23.24 4.32 34.89
C THR C 234 24.67 4.84 35.09
N ASP C 235 24.92 6.01 34.49
CA ASP C 235 26.24 6.63 34.60
C ASP C 235 26.59 6.93 36.05
N THR C 236 25.66 7.56 36.78
CA THR C 236 25.85 7.89 38.20
C THR C 236 27.15 8.64 38.42
N ASP C 237 27.33 9.72 37.66
CA ASP C 237 28.58 10.47 37.63
C ASP C 237 28.42 11.78 38.41
N GLY C 238 29.06 11.85 39.57
CA GLY C 238 29.15 13.10 40.30
C GLY C 238 30.48 13.26 41.04
N THR C 239 31.35 12.26 40.92
CA THR C 239 32.57 12.20 41.72
C THR C 239 33.76 12.79 40.94
N ASN C 240 33.64 14.07 40.62
CA ASN C 240 34.72 14.87 40.04
C ASN C 240 35.34 14.17 38.84
N GLU C 241 34.52 13.95 37.82
CA GLU C 241 34.94 13.19 36.66
C GLU C 241 35.73 14.06 35.69
N LYS C 242 36.34 13.41 34.71
CA LYS C 242 37.13 14.05 33.68
C LYS C 242 36.50 13.75 32.34
N PHE C 243 36.15 14.80 31.58
CA PHE C 243 35.46 14.64 30.32
C PHE C 243 36.16 15.45 29.24
N GLY C 244 36.05 14.98 28.01
CA GLY C 244 36.66 15.66 26.88
C GLY C 244 35.78 15.60 25.66
N GLY C 245 36.07 16.46 24.70
CA GLY C 245 35.28 16.53 23.50
C GLY C 245 35.97 17.31 22.41
N ARG C 246 35.19 17.74 21.42
CA ARG C 246 35.68 18.53 20.31
C ARG C 246 34.78 19.75 20.14
N ALA C 247 35.34 20.80 19.54
CA ALA C 247 34.60 22.04 19.35
C ALA C 247 35.10 22.70 18.08
N LEU C 248 34.29 23.62 17.58
CA LEU C 248 34.59 24.37 16.35
C LEU C 248 35.08 25.76 16.72
N LYS C 249 36.25 26.14 16.20
CA LYS C 249 36.82 27.43 16.48
C LYS C 249 35.95 28.53 15.87
N PRO C 250 36.03 29.75 16.40
CA PRO C 250 35.17 30.83 15.88
C PRO C 250 35.45 31.21 14.44
N ALA C 251 36.54 30.73 13.84
CA ALA C 251 36.86 31.04 12.46
C ALA C 251 35.99 30.27 11.47
N THR C 252 35.28 29.24 11.91
CA THR C 252 34.37 28.50 11.06
C THR C 252 32.95 29.04 11.25
N ASN C 253 32.18 29.04 10.17
CA ASN C 253 30.87 29.64 10.17
C ASN C 253 29.88 28.78 10.96
N MET C 254 29.07 29.43 11.79
CA MET C 254 28.07 28.72 12.58
C MET C 254 27.00 28.14 11.66
N LYS C 255 26.68 26.87 11.87
CA LYS C 255 25.69 26.18 11.06
C LYS C 255 24.94 25.19 11.93
N PRO C 256 23.68 24.89 11.59
CA PRO C 256 22.96 23.84 12.31
C PRO C 256 23.62 22.49 12.11
N CYS C 257 23.49 21.62 13.12
CA CYS C 257 23.98 20.26 12.97
C CYS C 257 23.27 19.53 11.85
N TYR C 258 21.97 19.78 11.70
CA TYR C 258 21.18 19.15 10.65
C TYR C 258 21.69 19.60 9.29
N GLY C 259 22.28 18.69 8.53
CA GLY C 259 22.81 18.99 7.22
C GLY C 259 24.28 19.34 7.18
N SER C 260 24.96 19.33 8.32
CA SER C 260 26.36 19.74 8.37
C SER C 260 27.28 18.62 7.89
N PHE C 261 28.23 18.98 7.02
CA PHE C 261 29.22 18.04 6.53
C PHE C 261 30.59 18.71 6.47
N ALA C 262 31.61 17.98 6.88
CA ALA C 262 33.00 18.40 6.77
C ALA C 262 33.83 17.21 6.31
N ARG C 263 34.59 17.40 5.24
CA ARG C 263 35.30 16.28 4.63
C ARG C 263 36.42 15.77 5.55
N PRO C 264 36.70 14.48 5.51
CA PRO C 264 37.82 13.95 6.30
C PRO C 264 39.16 14.34 5.69
N THR C 265 40.14 14.56 6.58
CA THR C 265 41.49 14.94 6.17
C THR C 265 42.54 13.93 6.59
N ASN C 266 42.14 12.82 7.20
CA ASN C 266 43.06 11.74 7.52
C ASN C 266 42.29 10.43 7.46
N ILE C 267 43.03 9.32 7.43
CA ILE C 267 42.41 8.00 7.37
C ILE C 267 41.58 7.72 8.61
N LYS C 268 41.86 8.39 9.71
CA LYS C 268 41.14 8.17 10.96
C LYS C 268 39.83 8.95 11.05
N GLY C 269 39.51 9.77 10.06
CA GLY C 269 38.26 10.50 10.03
C GLY C 269 38.33 11.92 10.55
N GLY C 270 39.47 12.36 11.06
CA GLY C 270 39.61 13.72 11.54
C GLY C 270 39.40 14.72 10.43
N GLN C 271 38.56 15.73 10.67
CA GLN C 271 38.20 16.70 9.63
C GLN C 271 38.96 18.00 9.73
N ALA C 272 39.95 18.11 10.62
CA ALA C 272 40.63 19.37 10.81
C ALA C 272 41.45 19.74 9.57
N LYS C 273 41.45 21.03 9.25
CA LYS C 273 42.29 21.52 8.16
C LYS C 273 43.73 21.60 8.65
N ASN C 274 44.60 22.12 7.79
CA ASN C 274 45.99 22.36 8.15
C ASN C 274 46.27 23.85 8.16
N ARG C 275 46.95 24.31 9.19
CA ARG C 275 47.24 25.73 9.38
C ARG C 275 48.62 26.00 8.78
N LYS C 276 48.63 26.57 7.58
CA LYS C 276 49.87 26.79 6.84
C LYS C 276 50.77 27.81 7.50
N VAL C 277 50.28 28.54 8.49
CA VAL C 277 51.06 29.64 9.10
C VAL C 277 51.94 29.00 10.16
N LYS C 278 53.08 28.47 9.72
CA LYS C 278 54.16 28.07 10.62
C LYS C 278 55.49 28.54 10.06
N PRO C 279 55.72 29.85 10.05
CA PRO C 279 56.99 30.37 9.53
C PRO C 279 58.11 30.18 10.55
N THR C 280 59.10 29.37 10.18
CA THR C 280 60.23 29.16 11.06
C THR C 280 61.06 30.44 11.18
N THR C 281 61.51 30.73 12.39
CA THR C 281 62.22 31.99 12.66
C THR C 281 63.60 32.04 12.02
N GLU C 282 64.11 30.92 11.52
CA GLU C 282 65.46 30.86 10.95
C GLU C 282 65.46 31.02 9.43
N GLY C 283 64.48 31.73 8.89
CA GLY C 283 64.41 31.93 7.45
C GLY C 283 64.16 30.65 6.66
N GLY C 284 63.27 29.79 7.17
CA GLY C 284 62.92 28.57 6.50
C GLY C 284 61.46 28.55 6.05
N VAL C 285 61.14 27.58 5.20
CA VAL C 285 59.80 27.50 4.64
C VAL C 285 58.80 27.12 5.71
N GLU C 286 57.54 27.50 5.49
CA GLU C 286 56.48 27.17 6.42
C GLU C 286 56.19 25.67 6.40
N THR C 287 55.62 25.18 7.49
CA THR C 287 55.34 23.77 7.67
C THR C 287 53.86 23.57 7.91
N GLU C 288 53.29 22.57 7.25
CA GLU C 288 51.89 22.20 7.44
C GLU C 288 51.71 21.44 8.75
N GLU C 289 50.60 21.69 9.44
CA GLU C 289 50.20 20.94 10.62
C GLU C 289 48.73 21.24 10.87
N PRO C 290 48.02 20.38 11.59
CA PRO C 290 46.59 20.64 11.79
C PRO C 290 46.33 21.72 12.84
N ASP C 291 45.30 22.51 12.58
CA ASP C 291 44.93 23.62 13.45
C ASP C 291 43.97 23.12 14.54
N ILE C 292 44.54 22.32 15.43
CA ILE C 292 43.80 21.74 16.55
C ILE C 292 44.41 22.26 17.84
N ASP C 293 43.61 22.93 18.66
CA ASP C 293 44.08 23.49 19.91
C ASP C 293 43.28 22.94 21.08
N MET C 294 43.90 22.94 22.26
CA MET C 294 43.33 22.37 23.47
C MET C 294 43.00 23.48 24.46
N GLU C 295 41.73 23.56 24.87
CA GLU C 295 41.29 24.52 25.87
C GLU C 295 40.79 23.78 27.10
N PHE C 296 41.06 24.34 28.28
CA PHE C 296 40.72 23.72 29.54
C PHE C 296 39.72 24.57 30.31
N PHE C 297 38.84 23.90 31.04
CA PHE C 297 37.74 24.54 31.75
C PHE C 297 37.67 24.02 33.18
N ASP C 298 37.18 24.87 34.08
CA ASP C 298 36.97 24.52 35.47
C ASP C 298 35.57 24.95 35.88
N GLY C 299 35.21 24.66 37.12
CA GLY C 299 33.86 24.89 37.62
C GLY C 299 33.56 26.33 37.92
N ARG C 300 32.65 26.55 38.87
CA ARG C 300 32.15 27.87 39.19
C ARG C 300 32.87 28.57 40.33
N ASP C 301 33.27 27.85 41.38
CA ASP C 301 33.92 28.50 42.53
C ASP C 301 35.40 28.73 42.25
N ALA C 302 36.18 27.63 42.19
CA ALA C 302 37.54 27.60 41.67
C ALA C 302 38.32 28.89 41.96
N VAL C 303 38.42 29.21 43.25
CA VAL C 303 38.82 30.56 43.64
C VAL C 303 40.31 30.82 43.39
N ALA C 304 41.18 30.13 44.11
CA ALA C 304 42.61 30.42 44.04
C ALA C 304 43.46 29.22 43.68
N GLY C 305 43.28 28.10 44.38
CA GLY C 305 44.16 26.96 44.20
C GLY C 305 43.45 25.72 43.69
N ALA C 306 42.14 25.64 43.96
CA ALA C 306 41.34 24.51 43.50
C ALA C 306 41.00 24.71 42.02
N LEU C 307 42.07 24.77 41.21
CA LEU C 307 41.96 24.99 39.77
C LEU C 307 42.51 23.74 39.09
N ALA C 308 41.64 22.75 38.90
CA ALA C 308 41.98 21.54 38.20
C ALA C 308 41.04 21.37 37.02
N PRO C 309 41.54 21.12 35.82
CA PRO C 309 40.65 21.08 34.65
C PRO C 309 39.67 19.92 34.74
N GLU C 310 38.45 20.17 34.25
CA GLU C 310 37.42 19.15 34.22
C GLU C 310 36.94 18.82 32.82
N ILE C 311 36.98 19.78 31.90
CA ILE C 311 36.65 19.53 30.50
C ILE C 311 37.82 20.02 29.65
N VAL C 312 38.28 19.17 28.73
CA VAL C 312 39.29 19.53 27.74
C VAL C 312 38.63 19.41 26.38
N LEU C 313 38.54 20.51 25.66
CA LEU C 313 37.93 20.55 24.35
C LEU C 313 39.00 20.76 23.29
N TYR C 314 38.93 19.96 22.23
CA TYR C 314 39.88 20.06 21.11
C TYR C 314 39.24 20.91 20.03
N THR C 315 39.48 22.22 20.10
CA THR C 315 38.96 23.13 19.10
C THR C 315 39.69 22.94 17.77
N GLU C 316 38.98 23.19 16.67
CA GLU C 316 39.54 22.97 15.35
C GLU C 316 38.79 23.80 14.33
N ASN C 317 39.27 23.74 13.09
CA ASN C 317 38.62 24.38 11.94
C ASN C 317 38.39 23.33 10.88
N VAL C 318 37.19 23.31 10.31
CA VAL C 318 36.80 22.30 9.33
C VAL C 318 36.23 22.98 8.09
N ASN C 319 36.15 22.21 7.02
CA ASN C 319 35.52 22.67 5.78
C ASN C 319 34.01 22.41 5.86
N LEU C 320 33.38 23.14 6.78
CA LEU C 320 31.95 22.97 7.02
C LEU C 320 31.16 23.37 5.77
N GLU C 321 30.16 22.57 5.43
CA GLU C 321 29.29 22.88 4.30
C GLU C 321 27.97 22.16 4.50
N THR C 322 26.92 22.73 3.92
CA THR C 322 25.56 22.19 3.98
C THR C 322 25.12 21.92 2.55
N PRO C 323 25.37 20.70 2.05
CA PRO C 323 25.20 20.48 0.60
C PRO C 323 23.79 20.09 0.19
N ASP C 324 22.87 19.84 1.12
CA ASP C 324 21.51 19.51 0.75
C ASP C 324 20.49 20.15 1.69
N SER C 325 20.80 21.33 2.23
CA SER C 325 19.87 22.00 3.12
C SER C 325 20.20 23.49 3.16
N HIS C 326 19.22 24.29 3.56
CA HIS C 326 19.36 25.73 3.69
C HIS C 326 18.79 26.19 5.02
N VAL C 327 19.30 27.33 5.49
CA VAL C 327 18.85 27.92 6.74
C VAL C 327 17.56 28.68 6.50
N VAL C 328 16.54 28.37 7.32
CA VAL C 328 15.24 29.00 7.20
C VAL C 328 14.98 30.03 8.28
N TYR C 329 15.84 30.12 9.29
CA TYR C 329 15.70 31.15 10.30
C TYR C 329 17.09 31.52 10.76
N LYS C 330 17.45 32.79 10.62
CA LYS C 330 18.73 33.28 11.14
C LYS C 330 18.56 34.73 11.54
N PRO C 331 18.74 35.05 12.82
CA PRO C 331 18.42 36.41 13.29
C PRO C 331 19.30 37.50 12.69
N GLU C 332 20.61 37.36 12.79
CA GLU C 332 21.53 38.44 12.46
C GLU C 332 22.36 38.05 11.24
N THR C 333 22.55 39.01 10.34
CA THR C 333 23.33 38.77 9.13
C THR C 333 24.79 38.44 9.43
N SER C 334 25.33 38.94 10.54
CA SER C 334 26.68 38.60 10.94
C SER C 334 26.71 37.14 11.40
N ASN C 335 27.91 36.67 11.73
CA ASN C 335 28.09 35.29 12.14
C ASN C 335 28.74 35.22 13.51
N ASN C 336 28.68 34.02 14.10
CA ASN C 336 29.35 33.70 15.36
C ASN C 336 28.85 34.61 16.48
N SER C 337 27.57 34.45 16.78
CA SER C 337 26.94 35.15 17.88
C SER C 337 26.09 34.16 18.67
N HIS C 338 25.81 34.51 19.92
CA HIS C 338 24.94 33.66 20.74
C HIS C 338 23.57 33.48 20.11
N ALA C 339 23.08 34.51 19.42
CA ALA C 339 21.79 34.41 18.76
C ALA C 339 21.82 33.42 17.60
N ASN C 340 23.00 33.17 17.03
CA ASN C 340 23.11 32.27 15.90
C ASN C 340 23.17 30.80 16.31
N LEU C 341 23.17 30.50 17.60
CA LEU C 341 23.12 29.11 18.03
C LEU C 341 21.77 28.49 17.71
N GLY C 342 20.74 29.31 17.50
CA GLY C 342 19.39 28.81 17.32
C GLY C 342 18.84 28.95 15.92
N GLN C 343 19.71 29.08 14.93
CA GLN C 343 19.24 29.12 13.55
C GLN C 343 18.68 27.75 13.15
N GLN C 344 17.59 27.77 12.39
CA GLN C 344 16.89 26.56 12.02
C GLN C 344 17.07 26.26 10.54
N ALA C 345 17.16 24.99 10.21
CA ALA C 345 17.52 24.54 8.87
C ALA C 345 16.46 23.58 8.32
N MET C 346 16.29 23.63 7.00
CA MET C 346 15.32 22.84 6.28
C MET C 346 15.99 22.15 5.11
N PRO C 347 15.59 20.92 4.78
CA PRO C 347 16.22 20.22 3.66
C PRO C 347 15.84 20.84 2.32
N ASN C 348 16.74 20.68 1.36
CA ASN C 348 16.50 21.20 0.02
C ASN C 348 15.38 20.42 -0.67
N ARG C 349 14.65 21.12 -1.53
CA ARG C 349 13.54 20.49 -2.22
C ARG C 349 14.05 19.43 -3.18
N PRO C 350 13.36 18.30 -3.30
CA PRO C 350 13.80 17.27 -4.24
C PRO C 350 13.62 17.72 -5.68
N ASN C 351 14.47 17.19 -6.55
CA ASN C 351 14.42 17.53 -7.98
C ASN C 351 15.02 16.36 -8.75
N TYR C 352 14.16 15.54 -9.32
CA TYR C 352 14.59 14.38 -10.10
C TYR C 352 14.79 14.80 -11.54
N ILE C 353 16.01 14.70 -12.04
CA ILE C 353 16.36 15.14 -13.38
C ILE C 353 16.81 13.93 -14.17
N GLY C 354 16.19 13.71 -15.32
CA GLY C 354 16.49 12.55 -16.13
C GLY C 354 15.91 12.73 -17.52
N PHE C 355 16.26 11.80 -18.39
CA PHE C 355 15.78 11.85 -19.76
C PHE C 355 14.27 11.69 -19.81
N ARG C 356 13.67 12.25 -20.85
CA ARG C 356 12.22 12.23 -20.96
C ARG C 356 11.73 10.85 -21.38
N ASP C 357 10.42 10.67 -21.27
CA ASP C 357 9.79 9.41 -21.65
C ASP C 357 9.98 9.14 -23.14
N ASN C 358 10.40 7.93 -23.47
CA ASN C 358 10.65 7.50 -24.85
C ASN C 358 11.66 8.39 -25.56
N PHE C 359 12.53 9.04 -24.80
CA PHE C 359 13.54 9.96 -25.34
C PHE C 359 12.88 11.01 -26.26
N VAL C 360 11.73 11.50 -25.82
CA VAL C 360 11.05 12.56 -26.56
C VAL C 360 11.88 13.83 -26.52
N GLY C 361 12.23 14.34 -27.70
CA GLY C 361 13.03 15.54 -27.81
C GLY C 361 14.49 15.33 -28.19
N LEU C 362 15.01 14.11 -28.02
CA LEU C 362 16.40 13.87 -28.39
C LEU C 362 16.59 13.87 -29.89
N MET C 363 15.53 13.58 -30.64
CA MET C 363 15.58 13.60 -32.09
C MET C 363 14.72 14.73 -32.64
N TYR C 364 15.09 15.22 -33.82
CA TYR C 364 14.38 16.31 -34.46
C TYR C 364 13.20 15.78 -35.27
N TYR C 365 12.03 16.35 -35.04
CA TYR C 365 10.82 15.98 -35.77
C TYR C 365 10.04 17.25 -36.08
N ASN C 366 9.37 17.24 -37.24
CA ASN C 366 8.46 18.31 -37.62
C ASN C 366 9.16 19.67 -37.65
N SER C 367 10.41 19.68 -38.08
CA SER C 367 11.14 20.92 -38.34
C SER C 367 11.69 20.86 -39.76
N THR C 368 11.34 21.86 -40.57
CA THR C 368 11.76 21.86 -41.97
C THR C 368 13.26 22.12 -42.10
N GLY C 369 13.85 22.87 -41.17
CA GLY C 369 15.27 23.13 -41.22
C GLY C 369 16.14 22.02 -40.69
N ASN C 370 15.55 21.07 -39.97
CA ASN C 370 16.28 19.97 -39.34
C ASN C 370 15.63 18.64 -39.68
N MET C 371 15.35 18.44 -40.97
CA MET C 371 14.59 17.28 -41.40
C MET C 371 15.50 16.11 -41.77
N GLY C 372 15.17 14.94 -41.22
CA GLY C 372 15.97 13.76 -41.48
C GLY C 372 15.88 13.30 -42.92
N VAL C 373 16.90 12.58 -43.35
CA VAL C 373 17.06 12.20 -44.75
C VAL C 373 17.18 10.69 -44.85
N LEU C 374 16.29 10.07 -45.63
CA LEU C 374 16.38 8.65 -45.96
C LEU C 374 16.21 8.54 -47.47
N ALA C 375 17.30 8.24 -48.17
CA ALA C 375 17.27 8.18 -49.63
C ALA C 375 18.21 7.10 -50.11
N GLY C 376 17.78 6.33 -51.12
CA GLY C 376 18.70 5.49 -51.84
C GLY C 376 19.69 6.36 -52.62
N GLN C 377 20.93 5.88 -52.71
CA GLN C 377 21.95 6.68 -53.37
C GLN C 377 21.85 6.66 -54.88
N ALA C 378 21.09 5.71 -55.45
CA ALA C 378 20.88 5.71 -56.89
C ALA C 378 20.24 7.01 -57.33
N SER C 379 19.24 7.48 -56.61
CA SER C 379 18.71 8.82 -56.77
C SER C 379 19.23 9.71 -55.64
N GLN C 380 18.72 10.93 -55.56
CA GLN C 380 18.98 11.81 -54.43
C GLN C 380 17.70 12.26 -53.73
N LEU C 381 16.54 11.96 -54.29
CA LEU C 381 15.29 12.44 -53.72
C LEU C 381 15.07 11.83 -52.35
N ASN C 382 14.64 12.67 -51.40
CA ASN C 382 14.43 12.24 -50.04
C ASN C 382 13.00 11.72 -49.88
N ALA C 383 12.88 10.51 -49.32
CA ALA C 383 11.57 9.90 -49.13
C ALA C 383 10.87 10.40 -47.87
N VAL C 384 11.53 11.21 -47.07
CA VAL C 384 10.95 11.76 -45.85
C VAL C 384 10.53 13.20 -46.12
N VAL C 385 9.22 13.44 -46.08
CA VAL C 385 8.67 14.79 -46.14
C VAL C 385 7.94 15.04 -44.83
N ASP C 386 8.28 16.13 -44.16
CA ASP C 386 7.75 16.39 -42.83
C ASP C 386 7.28 17.84 -42.74
N LEU C 387 6.22 18.05 -41.96
CA LEU C 387 5.57 19.34 -41.85
C LEU C 387 5.56 19.81 -40.40
N GLN C 388 5.44 21.13 -40.22
CA GLN C 388 5.39 21.73 -38.91
C GLN C 388 4.01 21.68 -38.29
N ASP C 389 3.03 21.15 -38.99
CA ASP C 389 1.68 21.01 -38.49
C ASP C 389 1.40 19.62 -37.94
N ARG C 390 2.43 18.80 -37.82
CA ARG C 390 2.30 17.42 -37.37
C ARG C 390 3.02 17.26 -36.04
N ASN C 391 2.51 16.33 -35.21
CA ASN C 391 3.09 16.01 -33.92
C ASN C 391 3.44 14.52 -33.92
N THR C 392 4.71 14.22 -34.14
CA THR C 392 5.15 12.83 -34.16
C THR C 392 5.22 12.23 -32.77
N GLU C 393 5.71 13.00 -31.80
CA GLU C 393 5.87 12.47 -30.45
C GLU C 393 4.53 12.07 -29.86
N LEU C 394 3.52 12.92 -30.01
CA LEU C 394 2.19 12.61 -29.48
C LEU C 394 1.60 11.40 -30.18
N SER C 395 1.84 11.29 -31.49
CA SER C 395 1.37 10.13 -32.22
C SER C 395 1.95 8.84 -31.67
N TYR C 396 3.26 8.82 -31.43
CA TYR C 396 3.88 7.63 -30.83
C TYR C 396 3.34 7.38 -29.43
N GLN C 397 3.16 8.43 -28.64
CA GLN C 397 2.67 8.23 -27.28
C GLN C 397 1.31 7.55 -27.29
N LEU C 398 0.37 8.08 -28.09
CA LEU C 398 -0.96 7.49 -28.13
C LEU C 398 -0.94 6.10 -28.75
N LEU C 399 -0.10 5.89 -29.76
CA LEU C 399 0.03 4.57 -30.36
C LEU C 399 0.47 3.54 -29.33
N LEU C 400 1.54 3.84 -28.61
CA LEU C 400 2.11 2.88 -27.67
C LEU C 400 1.24 2.77 -26.42
N ASP C 401 0.37 3.74 -26.17
CA ASP C 401 -0.73 3.52 -25.24
C ASP C 401 -1.70 2.48 -25.80
N SER C 402 -2.05 2.60 -27.08
CA SER C 402 -3.08 1.74 -27.65
C SER C 402 -2.63 0.29 -27.72
N LEU C 403 -1.38 0.05 -28.11
CA LEU C 403 -0.93 -1.30 -28.39
C LEU C 403 -0.48 -2.06 -27.15
N GLY C 404 -0.44 -1.43 -25.98
CA GLY C 404 0.01 -2.16 -24.81
C GLY C 404 -0.31 -1.41 -23.54
N ASP C 405 -0.01 -2.06 -22.43
CA ASP C 405 -0.25 -1.51 -21.10
C ASP C 405 0.85 -0.52 -20.76
N ARG C 406 0.46 0.60 -20.15
CA ARG C 406 1.37 1.73 -19.98
C ARG C 406 1.84 1.91 -18.54
N THR C 407 1.62 0.93 -17.67
CA THR C 407 2.22 0.97 -16.35
C THR C 407 3.51 0.17 -16.27
N ARG C 408 3.73 -0.78 -17.18
CA ARG C 408 4.98 -1.50 -17.21
C ARG C 408 6.11 -0.60 -17.68
N TYR C 409 7.33 -0.94 -17.25
CA TYR C 409 8.51 -0.14 -17.54
C TYR C 409 9.50 -0.95 -18.36
N PHE C 410 10.01 -0.34 -19.43
CA PHE C 410 11.07 -0.91 -20.25
C PHE C 410 12.25 0.06 -20.24
N SER C 411 13.40 -0.42 -19.74
CA SER C 411 14.55 0.46 -19.60
C SER C 411 15.22 0.76 -20.94
N MET C 412 14.99 -0.08 -21.95
CA MET C 412 15.67 0.10 -23.23
C MET C 412 15.29 1.42 -23.89
N TRP C 413 13.99 1.70 -23.96
CA TRP C 413 13.49 2.90 -24.62
C TRP C 413 13.12 3.99 -23.63
N ASN C 414 13.54 3.89 -22.38
CA ASN C 414 13.13 4.82 -21.32
C ASN C 414 11.61 4.84 -21.20
N GLN C 415 10.99 3.67 -21.38
CA GLN C 415 9.54 3.55 -21.46
C GLN C 415 8.97 3.51 -20.05
N ALA C 416 8.83 4.70 -19.47
CA ALA C 416 8.28 4.87 -18.12
C ALA C 416 7.35 6.07 -18.14
N VAL C 417 6.04 5.81 -18.18
CA VAL C 417 5.07 6.88 -18.33
C VAL C 417 5.16 7.85 -17.15
N ASP C 418 4.82 9.11 -17.42
CA ASP C 418 4.67 10.08 -16.34
C ASP C 418 3.31 9.89 -15.67
N SER C 419 3.29 10.11 -14.35
CA SER C 419 2.07 9.95 -13.57
C SER C 419 2.12 10.88 -12.37
N TYR C 420 1.05 10.85 -11.58
CA TYR C 420 1.00 11.59 -10.32
C TYR C 420 0.33 10.72 -9.27
N ASP C 421 0.58 11.05 -8.02
CA ASP C 421 -0.06 10.35 -6.92
C ASP C 421 -1.53 10.72 -6.88
N PRO C 422 -2.46 9.77 -7.02
CA PRO C 422 -3.88 10.13 -7.03
C PRO C 422 -4.35 10.75 -5.73
N ASP C 423 -3.68 10.47 -4.62
CA ASP C 423 -4.05 11.09 -3.36
C ASP C 423 -3.49 12.50 -3.20
N VAL C 424 -2.65 12.95 -4.13
CA VAL C 424 -2.13 14.31 -4.09
C VAL C 424 -2.93 15.23 -4.99
N ARG C 425 -3.37 14.74 -6.15
CA ARG C 425 -4.19 15.56 -7.03
C ARG C 425 -5.55 15.87 -6.39
N ILE C 426 -6.23 14.84 -5.90
CA ILE C 426 -7.48 15.01 -5.16
C ILE C 426 -7.23 14.54 -3.74
N ILE C 427 -7.57 15.38 -2.77
CA ILE C 427 -7.20 15.16 -1.38
C ILE C 427 -8.34 14.46 -0.64
N GLU C 428 -8.08 13.25 -0.16
CA GLU C 428 -8.99 12.46 0.66
C GLU C 428 -8.69 12.79 2.12
N ASN C 429 -9.50 13.66 2.72
CA ASN C 429 -9.29 14.03 4.12
C ASN C 429 -10.18 13.15 5.01
N HIS C 430 -9.74 11.90 5.18
CA HIS C 430 -10.42 10.93 6.02
C HIS C 430 -10.33 11.27 7.50
N GLY C 431 -9.52 12.23 7.87
CA GLY C 431 -9.26 12.51 9.26
C GLY C 431 -8.00 11.82 9.75
N ILE C 432 -8.01 11.47 11.02
CA ILE C 432 -6.84 10.92 11.70
C ILE C 432 -7.33 9.97 12.79
N GLU C 433 -6.90 8.71 12.73
CA GLU C 433 -7.26 7.74 13.76
C GLU C 433 -6.29 7.91 14.92
N ASP C 434 -6.67 8.70 15.91
CA ASP C 434 -5.81 9.02 17.04
C ASP C 434 -6.57 8.93 18.35
N GLU C 435 -7.32 7.85 18.55
CA GLU C 435 -8.04 7.68 19.80
C GLU C 435 -7.09 7.42 20.96
N LEU C 436 -6.05 6.61 20.73
CA LEU C 436 -5.16 6.19 21.81
C LEU C 436 -4.05 7.20 22.01
N PRO C 437 -3.79 7.63 23.24
CA PRO C 437 -2.63 8.47 23.52
C PRO C 437 -1.32 7.71 23.30
N ASN C 438 -0.28 8.46 22.94
CA ASN C 438 1.06 7.93 22.78
C ASN C 438 2.01 8.71 23.66
N TYR C 439 2.95 8.02 24.31
CA TYR C 439 3.84 8.65 25.26
C TYR C 439 5.30 8.29 24.97
N CYS C 440 6.19 9.18 25.41
CA CYS C 440 7.61 8.91 25.44
C CYS C 440 8.12 9.01 26.88
N PHE C 441 8.92 8.05 27.29
CA PHE C 441 9.30 7.85 28.68
C PHE C 441 10.80 8.01 28.82
N PRO C 442 11.29 8.26 30.03
CA PRO C 442 12.75 8.35 30.24
C PRO C 442 13.45 7.04 29.91
N LEU C 443 14.76 7.15 29.70
CA LEU C 443 15.54 5.98 29.31
C LEU C 443 15.49 4.88 30.36
N ASN C 444 15.36 5.25 31.63
CA ASN C 444 15.38 4.28 32.72
C ASN C 444 13.99 3.82 33.11
N GLY C 445 12.97 4.14 32.31
CA GLY C 445 11.62 3.74 32.60
C GLY C 445 10.90 4.74 33.46
N ILE C 446 11.34 4.87 34.70
CA ILE C 446 10.79 5.85 35.62
C ILE C 446 11.58 7.14 35.49
N GLY C 447 11.01 8.22 36.02
CA GLY C 447 11.68 9.50 35.99
C GLY C 447 12.63 9.66 37.15
N PRO C 448 13.02 10.90 37.45
CA PRO C 448 13.83 11.14 38.64
C PRO C 448 13.08 10.77 39.91
N GLY C 449 13.82 10.31 40.90
CA GLY C 449 13.26 9.80 42.13
C GLY C 449 13.63 10.62 43.35
N HIS C 450 13.67 9.96 44.50
CA HIS C 450 13.98 10.59 45.77
C HIS C 450 14.74 9.60 46.63
N THR C 451 15.49 10.11 47.60
CA THR C 451 16.28 9.29 48.49
C THR C 451 15.44 8.81 49.66
N TYR C 452 15.63 7.54 50.02
CA TYR C 452 14.83 6.91 51.07
C TYR C 452 15.70 5.94 51.85
N GLN C 453 15.42 5.83 53.15
CA GLN C 453 16.16 4.96 54.05
C GLN C 453 15.24 3.91 54.64
N GLY C 454 15.78 2.71 54.85
CA GLY C 454 14.97 1.62 55.37
C GLY C 454 14.69 1.80 56.85
N ILE C 455 13.49 1.36 57.25
CA ILE C 455 13.07 1.40 58.66
C ILE C 455 12.29 0.13 58.95
N LYS C 456 12.49 -0.41 60.15
CA LYS C 456 11.81 -1.62 60.59
C LYS C 456 11.08 -1.35 61.90
N VAL C 457 10.14 -2.23 62.22
CA VAL C 457 9.33 -2.04 63.43
C VAL C 457 10.19 -2.28 64.66
N LYS C 458 9.77 -1.71 65.78
CA LYS C 458 10.53 -1.78 67.02
C LYS C 458 10.04 -2.94 67.86
N THR C 459 10.94 -3.88 68.16
CA THR C 459 10.62 -5.01 69.01
C THR C 459 10.72 -4.68 70.49
N ASP C 460 11.09 -3.45 70.84
CA ASP C 460 11.21 -3.04 72.22
C ASP C 460 9.81 -2.75 72.78
N ASP C 461 9.75 -2.18 73.98
CA ASP C 461 8.47 -1.89 74.61
C ASP C 461 7.65 -0.92 73.77
N THR C 462 8.29 0.12 73.24
CA THR C 462 7.60 1.08 72.37
C THR C 462 7.56 0.52 70.95
N ASN C 463 6.35 0.42 70.39
CA ASN C 463 6.17 -0.11 69.04
C ASN C 463 6.18 1.04 68.04
N GLY C 464 7.37 1.61 67.85
CA GLY C 464 7.54 2.70 66.90
C GLY C 464 8.25 2.26 65.64
N TRP C 465 9.22 3.06 65.20
CA TRP C 465 9.99 2.75 63.99
C TRP C 465 11.43 3.19 64.25
N GLU C 466 12.36 2.26 64.18
CA GLU C 466 13.77 2.60 64.24
C GLU C 466 14.42 2.36 62.88
N LYS C 467 15.61 2.94 62.71
CA LYS C 467 16.38 2.75 61.49
C LYS C 467 16.74 1.27 61.34
N ASP C 468 16.39 0.71 60.18
CA ASP C 468 16.76 -0.69 59.83
C ASP C 468 18.15 -0.61 59.21
N ALA C 469 19.01 -1.58 59.45
CA ALA C 469 20.41 -1.40 59.03
C ALA C 469 20.87 -2.49 58.07
N ASN C 470 19.94 -3.21 57.46
CA ASN C 470 20.37 -4.16 56.40
C ASN C 470 19.95 -3.43 55.15
N VAL C 471 19.42 -2.23 55.33
CA VAL C 471 18.88 -1.46 54.20
C VAL C 471 19.83 -0.31 53.88
N ALA C 472 19.81 0.11 52.63
CA ALA C 472 20.74 1.15 52.17
C ALA C 472 20.24 2.50 52.65
N PRO C 473 21.09 3.48 53.03
CA PRO C 473 20.54 4.79 53.40
C PRO C 473 19.98 5.57 52.23
N ALA C 474 20.37 5.25 51.00
CA ALA C 474 19.95 6.00 49.81
C ALA C 474 19.40 5.03 48.78
N ASN C 475 18.11 4.73 48.89
CA ASN C 475 17.39 3.98 47.87
C ASN C 475 16.56 4.95 47.05
N GLU C 476 16.76 4.95 45.74
CA GLU C 476 16.05 5.87 44.86
C GLU C 476 14.78 5.21 44.34
N ILE C 477 13.64 5.67 44.83
CA ILE C 477 12.32 5.16 44.45
C ILE C 477 11.43 6.36 44.12
N THR C 478 10.65 6.24 43.06
CA THR C 478 9.73 7.29 42.64
C THR C 478 8.33 6.95 43.12
N ILE C 479 7.62 7.95 43.64
CA ILE C 479 6.23 7.78 44.02
C ILE C 479 5.34 8.37 42.93
N GLY C 480 4.08 7.96 42.91
CA GLY C 480 3.19 8.37 41.85
C GLY C 480 3.48 7.63 40.55
N ASN C 481 3.20 8.30 39.43
CA ASN C 481 3.52 7.78 38.12
C ASN C 481 4.83 8.39 37.62
N ASN C 482 5.37 7.77 36.58
CA ASN C 482 6.63 8.20 35.99
C ASN C 482 6.43 9.47 35.18
N LEU C 483 7.52 9.98 34.59
CA LEU C 483 7.48 11.15 33.73
C LEU C 483 7.15 10.73 32.30
N ALA C 484 6.43 11.59 31.59
CA ALA C 484 6.03 11.26 30.23
C ALA C 484 5.74 12.54 29.46
N MET C 485 5.92 12.46 28.14
CA MET C 485 5.51 13.52 27.22
C MET C 485 4.61 12.92 26.16
N GLU C 486 3.68 13.74 25.68
CA GLU C 486 2.63 13.31 24.76
C GLU C 486 2.96 13.74 23.34
N ILE C 487 2.64 12.87 22.38
CA ILE C 487 2.85 13.15 20.97
C ILE C 487 1.72 12.51 20.17
N ASN C 488 1.29 13.18 19.10
CA ASN C 488 0.28 12.66 18.20
C ASN C 488 0.98 12.23 16.91
N ILE C 489 1.26 10.94 16.81
CA ILE C 489 2.06 10.43 15.69
C ILE C 489 1.27 10.51 14.40
N GLN C 490 -0.01 10.14 14.43
CA GLN C 490 -0.81 10.17 13.22
C GLN C 490 -1.00 11.60 12.71
N ALA C 491 -1.23 12.55 13.61
CA ALA C 491 -1.36 13.94 13.21
C ALA C 491 -0.08 14.44 12.56
N ASN C 492 1.07 14.08 13.13
CA ASN C 492 2.35 14.53 12.58
C ASN C 492 2.60 13.93 11.20
N LEU C 493 2.32 12.63 11.03
CA LEU C 493 2.49 12.02 9.72
C LEU C 493 1.58 12.67 8.68
N TRP C 494 0.32 12.92 9.04
CA TRP C 494 -0.61 13.58 8.13
C TRP C 494 -0.17 14.99 7.76
N ARG C 495 0.30 15.76 8.74
CA ARG C 495 0.77 17.12 8.46
C ARG C 495 2.00 17.09 7.55
N SER C 496 2.93 16.17 7.80
CA SER C 496 4.10 16.06 6.95
C SER C 496 3.70 15.73 5.52
N PHE C 497 2.78 14.78 5.35
CA PHE C 497 2.30 14.45 4.01
C PHE C 497 1.72 15.69 3.33
N LEU C 498 0.79 16.37 4.01
CA LEU C 498 0.11 17.50 3.39
C LEU C 498 1.09 18.60 3.01
N TYR C 499 2.00 18.95 3.92
CA TYR C 499 2.99 19.97 3.60
C TYR C 499 3.82 19.56 2.41
N SER C 500 4.58 18.47 2.54
CA SER C 500 5.58 18.11 1.54
C SER C 500 4.97 17.79 0.19
N ASN C 501 3.67 17.49 0.13
CA ASN C 501 3.08 17.13 -1.15
C ASN C 501 2.11 18.16 -1.71
N VAL C 502 1.72 19.18 -0.95
CA VAL C 502 0.81 20.19 -1.48
C VAL C 502 1.39 21.58 -1.29
N ALA C 503 1.82 21.90 -0.07
CA ALA C 503 2.11 23.28 0.28
C ALA C 503 3.31 23.83 -0.47
N LEU C 504 4.35 23.01 -0.65
CA LEU C 504 5.54 23.46 -1.37
C LEU C 504 5.27 23.66 -2.85
N TYR C 505 4.18 23.11 -3.38
CA TYR C 505 3.86 23.21 -4.80
C TYR C 505 2.86 24.29 -5.11
N LEU C 506 2.50 25.12 -4.13
CA LEU C 506 1.60 26.22 -4.36
C LEU C 506 2.27 27.27 -5.24
N PRO C 507 1.48 28.07 -5.96
CA PRO C 507 2.06 29.12 -6.79
C PRO C 507 2.78 30.18 -5.96
N ASP C 508 3.73 30.85 -6.60
CA ASP C 508 4.62 31.77 -5.88
C ASP C 508 3.89 32.95 -5.25
N VAL C 509 2.66 33.23 -5.65
CA VAL C 509 1.90 34.30 -5.02
C VAL C 509 1.58 33.94 -3.56
N TYR C 510 1.50 32.66 -3.24
CA TYR C 510 1.18 32.20 -1.91
C TYR C 510 2.40 32.06 -1.01
N LYS C 511 3.59 32.35 -1.50
CA LYS C 511 4.81 32.23 -0.71
C LYS C 511 5.42 33.59 -0.45
N TYR C 512 6.35 33.65 0.50
CA TYR C 512 7.07 34.91 0.79
C TYR C 512 8.57 34.60 0.92
N THR C 513 9.42 35.63 0.87
CA THR C 513 10.87 35.40 1.09
C THR C 513 11.16 35.60 2.58
N PRO C 514 11.68 34.59 3.31
CA PRO C 514 12.04 34.75 4.71
C PRO C 514 13.08 35.86 4.90
N PRO C 515 13.07 36.59 6.04
CA PRO C 515 13.99 37.73 6.24
C PRO C 515 15.48 37.35 6.31
N ASN C 516 16.36 38.35 6.21
CA ASN C 516 17.84 38.13 6.25
C ASN C 516 18.25 37.19 5.12
N ILE C 517 17.40 36.99 4.11
CA ILE C 517 17.73 36.05 3.04
C ILE C 517 17.52 36.75 1.71
N THR C 518 18.54 36.72 0.85
CA THR C 518 18.49 37.37 -0.46
C THR C 518 18.34 36.31 -1.55
N LEU C 519 17.37 36.51 -2.42
CA LEU C 519 17.03 35.50 -3.42
C LEU C 519 17.25 36.02 -4.82
N PRO C 520 17.61 35.15 -5.77
CA PRO C 520 17.81 35.59 -7.15
C PRO C 520 16.53 36.20 -7.73
N THR C 521 16.72 37.18 -8.62
CA THR C 521 15.59 37.81 -9.28
C THR C 521 14.93 36.89 -10.30
N ASN C 522 15.66 35.91 -10.82
CA ASN C 522 15.11 34.98 -11.78
C ASN C 522 14.18 34.00 -11.07
N THR C 523 12.88 34.08 -11.36
CA THR C 523 11.91 33.21 -10.73
C THR C 523 11.94 31.78 -11.27
N ASN C 524 12.71 31.52 -12.31
CA ASN C 524 12.87 30.18 -12.86
C ASN C 524 14.11 29.47 -12.35
N THR C 525 14.80 30.03 -11.36
CA THR C 525 16.03 29.45 -10.85
C THR C 525 15.72 28.53 -9.69
N TYR C 526 16.50 27.44 -9.58
CA TYR C 526 16.29 26.50 -8.48
C TYR C 526 16.52 27.15 -7.12
N GLU C 527 17.45 28.11 -7.04
CA GLU C 527 17.70 28.80 -5.78
C GLU C 527 16.49 29.59 -5.33
N TYR C 528 15.80 30.25 -6.27
CA TYR C 528 14.59 30.98 -5.92
C TYR C 528 13.52 30.06 -5.37
N MET C 529 13.29 28.93 -6.03
CA MET C 529 12.26 28.00 -5.56
C MET C 529 12.64 27.34 -4.25
N ASN C 530 13.93 27.13 -4.00
CA ASN C 530 14.37 26.54 -2.74
C ASN C 530 14.43 27.56 -1.62
N GLY C 531 14.39 28.86 -1.94
CA GLY C 531 14.49 29.89 -0.93
C GLY C 531 13.19 30.51 -0.47
N ARG C 532 12.07 30.20 -1.12
CA ARG C 532 10.79 30.77 -0.73
C ARG C 532 10.11 29.89 0.31
N VAL C 533 9.37 30.52 1.22
CA VAL C 533 8.73 29.83 2.34
C VAL C 533 7.23 29.97 2.20
N VAL C 534 6.53 28.83 2.29
CA VAL C 534 5.08 28.79 2.25
C VAL C 534 4.58 28.51 3.66
N SER C 535 3.56 29.24 4.07
CA SER C 535 3.00 29.05 5.40
C SER C 535 2.30 27.69 5.49
N PRO C 536 2.66 26.86 6.46
CA PRO C 536 2.03 25.53 6.57
C PRO C 536 0.55 25.59 6.85
N SER C 537 0.05 26.68 7.42
CA SER C 537 -1.37 26.79 7.75
C SER C 537 -2.26 26.95 6.53
N LEU C 538 -1.69 27.15 5.35
CA LEU C 538 -2.51 27.24 4.15
C LEU C 538 -3.20 25.91 3.85
N VAL C 539 -2.46 24.82 3.91
CA VAL C 539 -2.99 23.48 3.68
C VAL C 539 -2.68 22.68 4.94
N ASP C 540 -3.62 22.67 5.88
CA ASP C 540 -3.42 22.05 7.17
C ASP C 540 -4.24 20.78 7.28
N SER C 541 -4.15 20.12 8.45
CA SER C 541 -4.78 18.83 8.64
C SER C 541 -6.30 18.88 8.52
N TYR C 542 -6.90 20.05 8.67
CA TYR C 542 -8.35 20.19 8.63
C TYR C 542 -8.85 20.72 7.29
N ILE C 543 -7.99 20.81 6.28
CA ILE C 543 -8.41 21.41 5.02
C ILE C 543 -9.45 20.51 4.38
N ASN C 544 -10.67 21.03 4.22
CA ASN C 544 -11.79 20.29 3.67
C ASN C 544 -11.95 18.94 4.35
N ILE C 545 -12.11 19.00 5.67
CA ILE C 545 -12.18 17.78 6.47
C ILE C 545 -13.37 16.94 6.03
N GLY C 546 -13.12 15.65 5.82
CA GLY C 546 -14.18 14.75 5.41
C GLY C 546 -14.71 14.96 4.01
N ALA C 547 -13.91 15.57 3.13
CA ALA C 547 -14.36 15.88 1.77
C ALA C 547 -13.39 15.31 0.75
N ARG C 548 -13.93 15.00 -0.43
CA ARG C 548 -13.14 14.66 -1.60
C ARG C 548 -13.07 15.90 -2.48
N TRP C 549 -11.96 16.61 -2.42
CA TRP C 549 -11.88 17.92 -3.05
C TRP C 549 -10.43 18.25 -3.32
N SER C 550 -10.13 18.65 -4.55
CA SER C 550 -8.82 19.17 -4.91
C SER C 550 -8.80 20.67 -4.72
N LEU C 551 -7.66 21.18 -4.30
CA LEU C 551 -7.55 22.62 -4.04
C LEU C 551 -7.69 23.42 -5.31
N ASP C 552 -8.40 24.53 -5.23
CA ASP C 552 -8.61 25.38 -6.40
C ASP C 552 -7.31 25.96 -6.95
N PRO C 553 -6.39 26.51 -6.15
CA PRO C 553 -5.09 26.92 -6.73
C PRO C 553 -4.34 25.77 -7.37
N MET C 554 -4.40 24.57 -6.79
CA MET C 554 -3.76 23.40 -7.36
C MET C 554 -4.35 23.00 -8.70
N ASP C 555 -5.55 23.48 -9.01
CA ASP C 555 -6.29 22.95 -10.14
C ASP C 555 -5.66 23.36 -11.47
N ASN C 556 -5.09 24.56 -11.52
CA ASN C 556 -4.44 25.06 -12.73
C ASN C 556 -2.94 24.83 -12.76
N VAL C 557 -2.39 24.11 -11.79
CA VAL C 557 -0.96 23.84 -11.74
C VAL C 557 -0.71 22.44 -12.30
N ASN C 558 0.39 22.29 -13.02
CA ASN C 558 0.74 21.02 -13.65
C ASN C 558 0.97 19.96 -12.58
N PRO C 559 0.22 18.87 -12.58
CA PRO C 559 0.40 17.86 -11.53
C PRO C 559 1.53 16.90 -11.80
N PHE C 560 2.03 16.83 -13.03
CA PHE C 560 3.13 15.92 -13.34
C PHE C 560 4.49 16.47 -12.94
N ASN C 561 4.57 17.73 -12.55
CA ASN C 561 5.79 18.30 -12.00
C ASN C 561 5.82 18.05 -10.49
N HIS C 562 5.96 16.78 -10.15
CA HIS C 562 5.94 16.36 -8.76
C HIS C 562 7.00 15.26 -8.57
N HIS C 563 7.51 15.14 -7.35
CA HIS C 563 8.44 14.06 -7.06
C HIS C 563 7.72 12.75 -6.79
N ARG C 564 6.40 12.76 -6.73
CA ARG C 564 5.62 11.53 -6.70
C ARG C 564 5.47 10.91 -8.08
N ASN C 565 5.95 11.60 -9.11
CA ASN C 565 5.99 11.05 -10.46
C ASN C 565 6.86 9.80 -10.46
N ALA C 566 6.23 8.63 -10.63
CA ALA C 566 6.98 7.38 -10.59
C ALA C 566 7.87 7.23 -11.82
N GLY C 567 7.35 7.57 -13.00
CA GLY C 567 8.15 7.44 -14.20
C GLY C 567 9.36 8.35 -14.20
N LEU C 568 9.17 9.61 -13.79
CA LEU C 568 10.28 10.54 -13.76
C LEU C 568 11.34 10.13 -12.76
N ARG C 569 10.95 9.69 -11.57
CA ARG C 569 11.94 9.30 -10.58
C ARG C 569 12.63 8.01 -11.00
N TYR C 570 11.91 7.11 -11.66
CA TYR C 570 12.55 5.91 -12.20
C TYR C 570 13.58 6.25 -13.25
N ARG C 571 13.24 7.16 -14.17
CA ARG C 571 14.18 7.56 -15.20
C ARG C 571 15.36 8.34 -14.62
N SER C 572 15.14 9.05 -13.51
CA SER C 572 16.25 9.71 -12.83
C SER C 572 17.18 8.70 -12.19
N MET C 573 16.62 7.66 -11.55
CA MET C 573 17.44 6.64 -10.91
C MET C 573 18.12 5.72 -11.90
N LEU C 574 17.58 5.62 -13.13
CA LEU C 574 18.21 4.77 -14.14
C LEU C 574 19.60 5.26 -14.48
N LEU C 575 19.78 6.57 -14.59
CA LEU C 575 21.10 7.12 -14.87
C LEU C 575 22.05 6.98 -13.70
N GLY C 576 21.54 6.95 -12.48
CA GLY C 576 22.36 6.98 -11.28
C GLY C 576 21.91 8.06 -10.32
N ASN C 577 22.61 8.13 -9.20
CA ASN C 577 22.34 9.11 -8.16
C ASN C 577 23.30 10.28 -8.16
N GLY C 578 24.24 10.33 -9.10
CA GLY C 578 25.26 11.35 -9.10
C GLY C 578 25.00 12.45 -10.11
N ARG C 579 25.60 13.61 -9.84
CA ARG C 579 25.45 14.74 -10.76
C ARG C 579 26.17 14.49 -12.07
N TYR C 580 27.32 13.83 -12.03
CA TYR C 580 28.08 13.49 -13.22
C TYR C 580 27.80 12.04 -13.60
N VAL C 581 27.49 11.81 -14.87
CA VAL C 581 27.13 10.49 -15.36
C VAL C 581 27.50 10.34 -16.83
N PRO C 582 28.26 9.31 -17.21
CA PRO C 582 28.35 8.93 -18.63
C PRO C 582 27.22 7.96 -18.96
N PHE C 583 26.46 8.27 -20.00
CA PHE C 583 25.26 7.50 -20.32
C PHE C 583 25.47 6.69 -21.58
N HIS C 584 24.52 5.79 -21.81
CA HIS C 584 24.56 4.89 -22.97
C HIS C 584 23.11 4.46 -23.21
N ILE C 585 22.50 4.98 -24.27
CA ILE C 585 21.08 4.82 -24.50
C ILE C 585 20.82 4.36 -25.92
N GLN C 586 19.66 3.76 -26.13
CA GLN C 586 19.19 3.32 -27.43
C GLN C 586 17.89 4.04 -27.74
N VAL C 587 17.88 4.83 -28.81
CA VAL C 587 16.76 5.71 -29.15
C VAL C 587 16.05 5.13 -30.36
N PRO C 588 14.72 5.07 -30.35
CA PRO C 588 14.00 4.51 -31.50
C PRO C 588 13.76 5.54 -32.58
N GLN C 589 13.18 5.06 -33.69
CA GLN C 589 12.71 5.92 -34.77
C GLN C 589 11.21 6.07 -34.64
N LYS C 590 10.73 7.31 -34.78
CA LYS C 590 9.33 7.61 -34.50
C LYS C 590 8.54 8.13 -35.70
N PHE C 591 9.20 8.40 -36.83
CA PHE C 591 8.47 8.90 -37.99
C PHE C 591 7.50 7.84 -38.50
N PHE C 592 6.26 8.26 -38.78
CA PHE C 592 5.22 7.31 -39.11
C PHE C 592 5.47 6.61 -40.44
N ALA C 593 6.31 7.19 -41.30
CA ALA C 593 6.55 6.61 -42.61
C ALA C 593 7.65 5.57 -42.61
N VAL C 594 8.59 5.66 -41.66
CA VAL C 594 9.78 4.82 -41.71
C VAL C 594 10.05 4.12 -40.37
N LYS C 595 9.05 4.05 -39.51
CA LYS C 595 9.21 3.31 -38.27
C LYS C 595 8.77 1.86 -38.39
N ASN C 596 8.11 1.49 -39.48
CA ASN C 596 7.67 0.12 -39.71
C ASN C 596 7.92 -0.33 -41.14
N LEU C 597 8.68 0.45 -41.91
CA LEU C 597 8.94 0.10 -43.30
C LEU C 597 9.85 -1.11 -43.39
N LEU C 598 9.53 -2.01 -44.33
CA LEU C 598 10.36 -3.18 -44.60
C LEU C 598 11.31 -2.85 -45.73
N LEU C 599 12.55 -2.53 -45.38
CA LEU C 599 13.53 -2.05 -46.35
C LEU C 599 14.12 -3.20 -47.15
N LEU C 600 14.29 -2.98 -48.44
CA LEU C 600 14.73 -3.99 -49.39
C LEU C 600 16.22 -3.86 -49.65
N PRO C 601 16.84 -4.83 -50.32
CA PRO C 601 18.28 -4.74 -50.59
C PRO C 601 18.63 -3.51 -51.42
N GLY C 602 19.84 -3.01 -51.18
CA GLY C 602 20.32 -1.82 -51.85
C GLY C 602 21.12 -0.95 -50.90
N SER C 603 21.71 0.12 -51.43
CA SER C 603 22.51 1.04 -50.64
C SER C 603 21.75 2.35 -50.47
N TYR C 604 21.64 2.82 -49.23
CA TYR C 604 20.88 4.03 -48.93
C TYR C 604 21.72 4.96 -48.06
N THR C 605 21.31 6.21 -47.99
CA THR C 605 21.90 7.19 -47.09
C THR C 605 20.89 7.52 -45.99
N TYR C 606 21.29 7.31 -44.73
CA TYR C 606 20.43 7.53 -43.58
C TYR C 606 21.01 8.65 -42.74
N GLU C 607 20.20 9.68 -42.49
CA GLU C 607 20.68 10.88 -41.82
C GLU C 607 19.59 11.41 -40.91
N TRP C 608 20.01 11.99 -39.78
CA TRP C 608 19.08 12.58 -38.82
C TRP C 608 19.84 13.57 -37.95
N ASN C 609 19.08 14.39 -37.23
CA ASN C 609 19.61 15.43 -36.36
C ASN C 609 19.23 15.12 -34.92
N PHE C 610 20.07 15.57 -33.98
CA PHE C 610 19.83 15.37 -32.56
C PHE C 610 20.00 16.69 -31.82
N ARG C 611 19.17 16.90 -30.80
CA ARG C 611 19.19 18.13 -30.03
C ARG C 611 20.23 18.09 -28.94
N LYS C 612 20.82 19.25 -28.64
CA LYS C 612 21.71 19.41 -27.51
C LYS C 612 21.14 20.33 -26.44
N ASP C 613 19.95 20.87 -26.65
CA ASP C 613 19.33 21.74 -25.66
C ASP C 613 18.91 20.94 -24.44
N VAL C 614 19.40 21.32 -23.27
CA VAL C 614 19.08 20.60 -22.05
C VAL C 614 17.61 20.76 -21.69
N ASN C 615 17.02 21.92 -21.99
CA ASN C 615 15.63 22.15 -21.65
C ASN C 615 14.67 21.31 -22.48
N MET C 616 15.17 20.65 -23.52
CA MET C 616 14.36 19.76 -24.35
C MET C 616 14.65 18.29 -24.07
N VAL C 617 15.92 17.92 -23.89
CA VAL C 617 16.27 16.51 -23.72
C VAL C 617 16.17 16.06 -22.27
N LEU C 618 16.06 16.98 -21.31
CA LEU C 618 16.03 16.64 -19.91
C LEU C 618 14.73 17.13 -19.29
N GLN C 619 14.28 16.41 -18.26
CA GLN C 619 13.04 16.74 -17.56
C GLN C 619 13.34 16.81 -16.08
N SER C 620 12.77 17.82 -15.42
CA SER C 620 12.93 18.01 -13.98
C SER C 620 11.56 18.12 -13.33
N SER C 621 11.50 17.70 -12.06
CA SER C 621 10.23 17.71 -11.33
C SER C 621 9.83 19.11 -10.88
N LEU C 622 10.76 20.06 -10.85
CA LEU C 622 10.45 21.43 -10.47
C LEU C 622 10.12 22.31 -11.67
N GLY C 623 10.61 21.96 -12.86
CA GLY C 623 10.38 22.77 -14.03
C GLY C 623 11.30 23.97 -14.16
N ASN C 624 12.38 24.02 -13.39
CA ASN C 624 13.28 25.15 -13.46
C ASN C 624 14.08 25.14 -14.76
N ASP C 625 14.56 26.32 -15.15
CA ASP C 625 15.34 26.47 -16.37
C ASP C 625 16.69 25.80 -16.18
N LEU C 626 16.92 24.69 -16.88
CA LEU C 626 18.19 23.97 -16.79
C LEU C 626 19.30 24.64 -17.56
N ARG C 627 18.98 25.52 -18.51
CA ARG C 627 20.01 26.26 -19.23
C ARG C 627 20.81 27.15 -18.30
N THR C 628 20.13 27.85 -17.38
CA THR C 628 20.81 28.77 -16.49
C THR C 628 21.37 28.09 -15.24
N ASP C 629 21.08 26.80 -15.05
CA ASP C 629 21.54 26.07 -13.87
C ASP C 629 22.68 25.12 -14.16
N GLY C 630 23.36 25.28 -15.30
CA GLY C 630 24.61 24.57 -15.52
C GLY C 630 24.51 23.14 -15.99
N ALA C 631 23.36 22.72 -16.51
CA ALA C 631 23.26 21.40 -17.11
C ALA C 631 23.97 21.38 -18.46
N THR C 632 24.69 20.29 -18.73
CA THR C 632 25.42 20.15 -19.97
C THR C 632 25.34 18.71 -20.46
N ILE C 633 25.14 18.54 -21.76
CA ILE C 633 25.09 17.24 -22.41
C ILE C 633 25.99 17.27 -23.63
N SER C 634 26.81 16.23 -23.78
CA SER C 634 27.75 16.15 -24.89
C SER C 634 27.75 14.73 -25.44
N PHE C 635 27.66 14.62 -26.76
CA PHE C 635 27.60 13.32 -27.44
C PHE C 635 28.99 12.92 -27.90
N THR C 636 29.38 11.69 -27.61
CA THR C 636 30.70 11.21 -27.99
C THR C 636 30.68 10.44 -29.31
N SER C 637 29.79 9.45 -29.42
CA SER C 637 29.66 8.69 -30.65
C SER C 637 28.24 8.16 -30.77
N ILE C 638 27.68 8.26 -31.96
CA ILE C 638 26.32 7.78 -32.23
C ILE C 638 26.42 6.73 -33.33
N ASN C 639 25.84 5.56 -33.09
CA ASN C 639 25.90 4.44 -34.01
C ASN C 639 24.50 3.95 -34.32
N LEU C 640 24.36 3.27 -35.45
CA LEU C 640 23.09 2.72 -35.90
C LEU C 640 23.19 1.20 -35.91
N TYR C 641 22.28 0.54 -35.22
CA TYR C 641 22.23 -0.92 -35.16
C TYR C 641 21.02 -1.43 -35.92
N ALA C 642 21.20 -2.54 -36.62
CA ALA C 642 20.12 -3.14 -37.39
C ALA C 642 20.28 -4.65 -37.38
N THR C 643 19.18 -5.35 -37.14
CA THR C 643 19.18 -6.80 -37.10
C THR C 643 18.38 -7.35 -38.28
N PHE C 644 18.84 -8.48 -38.82
CA PHE C 644 18.21 -9.12 -39.95
C PHE C 644 17.69 -10.48 -39.57
N PHE C 645 16.51 -10.82 -40.07
CA PHE C 645 16.02 -12.19 -39.96
C PHE C 645 16.84 -13.07 -40.87
N PRO C 646 17.53 -14.08 -40.36
CA PRO C 646 18.33 -14.95 -41.24
C PRO C 646 17.45 -15.81 -42.13
N MET C 647 16.61 -15.17 -42.94
CA MET C 647 15.71 -15.90 -43.82
C MET C 647 16.50 -16.64 -44.88
N ALA C 648 15.93 -17.76 -45.34
CA ALA C 648 16.54 -18.50 -46.44
C ALA C 648 16.66 -17.60 -47.66
N HIS C 649 17.76 -17.77 -48.40
CA HIS C 649 18.04 -16.87 -49.50
C HIS C 649 16.99 -16.99 -50.61
N ASN C 650 16.47 -18.19 -50.84
CA ASN C 650 15.47 -18.37 -51.89
C ASN C 650 14.16 -17.66 -51.51
N THR C 651 13.69 -17.87 -50.28
CA THR C 651 12.47 -17.20 -49.85
C THR C 651 12.66 -15.69 -49.80
N ALA C 652 13.83 -15.24 -49.36
CA ALA C 652 14.12 -13.81 -49.36
C ALA C 652 14.05 -13.24 -50.78
N SER C 653 14.70 -13.91 -51.73
CA SER C 653 14.69 -13.43 -53.12
C SER C 653 13.27 -13.38 -53.65
N THR C 654 12.47 -14.41 -53.36
CA THR C 654 11.06 -14.36 -53.73
C THR C 654 10.36 -13.18 -53.08
N LEU C 655 10.73 -12.83 -51.85
CA LEU C 655 10.11 -11.72 -51.16
C LEU C 655 10.40 -10.39 -51.87
N GLU C 656 11.66 -10.12 -52.20
CA GLU C 656 11.93 -8.90 -52.97
C GLU C 656 11.27 -8.94 -54.34
N ALA C 657 11.26 -10.10 -54.99
CA ALA C 657 10.62 -10.19 -56.29
C ALA C 657 9.14 -9.82 -56.21
N MET C 658 8.48 -10.29 -55.15
CA MET C 658 7.04 -10.06 -55.01
C MET C 658 6.74 -8.68 -54.47
N LEU C 659 7.70 -8.05 -53.80
CA LEU C 659 7.47 -6.77 -53.13
C LEU C 659 7.88 -5.56 -53.97
N ARG C 660 8.37 -5.76 -55.19
CA ARG C 660 8.75 -4.64 -56.05
C ARG C 660 7.68 -4.33 -57.10
N ASN C 661 6.51 -4.95 -57.01
CA ASN C 661 5.41 -4.65 -57.91
C ASN C 661 4.63 -3.43 -57.43
N ASP C 662 3.80 -2.90 -58.33
CA ASP C 662 3.05 -1.68 -58.04
C ASP C 662 1.89 -1.91 -57.09
N THR C 663 1.33 -3.12 -57.06
CA THR C 663 0.21 -3.42 -56.19
C THR C 663 0.65 -3.85 -54.79
N ASN C 664 1.94 -4.01 -54.57
CA ASN C 664 2.49 -4.45 -53.30
C ASN C 664 3.24 -3.33 -52.60
N ASP C 665 2.73 -2.11 -52.73
CA ASP C 665 3.33 -0.94 -52.12
C ASP C 665 2.87 -0.83 -50.67
N GLN C 666 3.83 -0.78 -49.75
CA GLN C 666 3.50 -0.65 -48.34
C GLN C 666 2.92 0.73 -48.06
N SER C 667 1.86 0.77 -47.26
CA SER C 667 1.17 2.01 -46.94
C SER C 667 1.10 2.16 -45.42
N PHE C 668 1.35 3.37 -44.95
CA PHE C 668 1.35 3.67 -43.52
C PHE C 668 0.60 4.97 -43.28
N ASN C 669 0.07 5.10 -42.06
CA ASN C 669 -0.64 6.29 -41.64
C ASN C 669 -0.26 6.65 -40.22
N ASP C 670 -0.35 7.94 -39.91
CA ASP C 670 -0.02 8.41 -38.57
C ASP C 670 -1.20 8.14 -37.63
N TYR C 671 -0.90 7.67 -36.42
CA TYR C 671 -1.97 7.26 -35.51
C TYR C 671 -2.82 8.45 -35.10
N LEU C 672 -2.19 9.55 -34.71
CA LEU C 672 -2.95 10.73 -34.32
C LEU C 672 -3.82 11.23 -35.46
N SER C 673 -3.25 11.27 -36.66
CA SER C 673 -3.99 11.56 -37.90
C SER C 673 -4.78 12.86 -37.78
N ALA C 674 -4.13 13.87 -37.23
CA ALA C 674 -4.77 15.17 -37.08
C ALA C 674 -3.80 16.26 -37.50
N ALA C 675 -4.35 17.31 -38.10
CA ALA C 675 -3.56 18.52 -38.34
C ALA C 675 -3.58 19.39 -37.09
N ASN C 676 -2.40 19.76 -36.60
CA ASN C 676 -2.26 20.48 -35.34
C ASN C 676 -2.30 21.97 -35.58
N MET C 677 -3.17 22.66 -34.85
CA MET C 677 -3.28 24.11 -34.90
C MET C 677 -3.15 24.66 -33.49
N LEU C 678 -2.32 25.70 -33.33
CA LEU C 678 -2.11 26.35 -32.05
C LEU C 678 -2.64 27.79 -32.14
N TYR C 679 -3.49 28.17 -31.18
CA TYR C 679 -4.10 29.49 -31.15
C TYR C 679 -3.81 30.15 -29.82
N PRO C 680 -3.42 31.42 -29.80
CA PRO C 680 -3.14 32.10 -28.53
C PRO C 680 -4.41 32.47 -27.79
N ILE C 681 -4.37 32.35 -26.48
CA ILE C 681 -5.35 32.92 -25.57
C ILE C 681 -4.63 33.97 -24.71
N PRO C 682 -4.94 35.25 -24.87
CA PRO C 682 -4.30 36.26 -24.03
C PRO C 682 -4.67 36.08 -22.57
N ALA C 683 -3.87 36.70 -21.69
CA ALA C 683 -4.10 36.57 -20.27
C ALA C 683 -5.42 37.18 -19.87
N ASN C 684 -6.14 36.49 -18.97
CA ASN C 684 -7.46 36.87 -18.47
C ASN C 684 -8.51 36.96 -19.58
N ALA C 685 -8.20 36.48 -20.78
CA ALA C 685 -9.20 36.44 -21.83
C ALA C 685 -10.04 35.17 -21.71
N THR C 686 -11.36 35.32 -21.84
CA THR C 686 -12.27 34.19 -21.73
C THR C 686 -12.89 33.76 -23.05
N ASN C 687 -12.91 34.64 -24.04
CA ASN C 687 -13.50 34.35 -25.34
C ASN C 687 -12.41 34.28 -26.39
N ILE C 688 -12.30 33.13 -27.06
CA ILE C 688 -11.35 32.97 -28.15
C ILE C 688 -12.10 32.52 -29.41
N PRO C 689 -12.38 33.43 -30.33
CA PRO C 689 -12.98 33.04 -31.62
C PRO C 689 -11.92 32.75 -32.67
N ILE C 690 -12.15 31.72 -33.45
CA ILE C 690 -11.22 31.34 -34.51
C ILE C 690 -11.97 31.30 -35.84
N SER C 691 -11.22 31.44 -36.92
CA SER C 691 -11.81 31.50 -38.24
C SER C 691 -10.95 30.71 -39.22
N ILE C 692 -11.58 29.85 -40.00
CA ILE C 692 -10.91 29.07 -41.04
C ILE C 692 -11.60 29.41 -42.36
N PRO C 693 -10.86 29.89 -43.36
CA PRO C 693 -11.52 30.32 -44.60
C PRO C 693 -12.07 29.15 -45.39
N SER C 694 -12.76 29.44 -46.49
CA SER C 694 -13.47 28.41 -47.24
C SER C 694 -12.49 27.37 -47.80
N ARG C 695 -12.83 26.10 -47.60
CA ARG C 695 -12.03 25.01 -48.14
C ARG C 695 -12.91 23.77 -48.19
N ASN C 696 -12.44 22.77 -48.93
CA ASN C 696 -13.12 21.49 -48.97
C ASN C 696 -13.05 20.81 -47.61
N TRP C 697 -14.14 20.15 -47.23
CA TRP C 697 -14.24 19.53 -45.91
C TRP C 697 -14.42 18.02 -46.01
N ALA C 698 -13.95 17.42 -47.09
CA ALA C 698 -14.07 15.98 -47.25
C ALA C 698 -13.15 15.26 -46.28
N ALA C 699 -13.54 14.03 -45.92
CA ALA C 699 -12.75 13.16 -45.06
C ALA C 699 -12.44 13.78 -43.70
N PHE C 700 -13.40 14.50 -43.13
CA PHE C 700 -13.23 15.06 -41.80
C PHE C 700 -13.76 14.09 -40.77
N ARG C 701 -12.90 13.65 -39.85
CA ARG C 701 -13.33 12.73 -38.82
C ARG C 701 -13.62 13.39 -37.47
N GLY C 702 -13.48 14.70 -37.36
CA GLY C 702 -13.95 15.40 -36.18
C GLY C 702 -12.93 16.40 -35.68
N TRP C 703 -13.21 16.92 -34.49
CA TRP C 703 -12.34 17.87 -33.80
C TRP C 703 -11.80 17.25 -32.52
N SER C 704 -10.76 17.88 -31.98
CA SER C 704 -10.22 17.54 -30.67
C SER C 704 -9.50 18.77 -30.16
N PHE C 705 -9.73 19.12 -28.89
CA PHE C 705 -9.20 20.38 -28.39
C PHE C 705 -8.87 20.27 -26.91
N THR C 706 -7.85 21.03 -26.50
CA THR C 706 -7.41 21.11 -25.12
C THR C 706 -6.63 22.40 -24.95
N ARG C 707 -6.40 22.77 -23.70
CA ARG C 707 -5.71 24.00 -23.35
C ARG C 707 -4.27 23.69 -22.97
N LEU C 708 -3.38 24.66 -23.20
CA LEU C 708 -1.96 24.53 -22.89
C LEU C 708 -1.46 25.81 -22.23
N LYS C 709 -0.16 25.85 -21.96
CA LYS C 709 0.48 27.00 -21.35
C LYS C 709 1.70 27.39 -22.18
N THR C 710 1.75 28.65 -22.61
CA THR C 710 2.82 29.09 -23.49
C THR C 710 4.18 28.99 -22.81
N LYS C 711 4.24 29.17 -21.49
CA LYS C 711 5.49 28.95 -20.78
C LYS C 711 5.96 27.50 -20.93
N GLU C 712 5.03 26.55 -20.98
CA GLU C 712 5.41 25.15 -21.05
C GLU C 712 5.63 24.69 -22.49
N THR C 713 4.83 25.17 -23.43
CA THR C 713 4.91 24.71 -24.82
C THR C 713 5.98 25.49 -25.57
N PRO C 714 6.94 24.83 -26.18
CA PRO C 714 7.97 25.54 -26.94
C PRO C 714 7.49 25.89 -28.35
N SER C 715 8.22 26.82 -28.96
CA SER C 715 7.94 27.18 -30.34
C SER C 715 8.29 26.02 -31.26
N LEU C 716 7.36 25.66 -32.13
CA LEU C 716 7.54 24.52 -33.02
C LEU C 716 8.28 24.95 -34.27
N GLY C 717 9.21 24.09 -34.72
CA GLY C 717 9.95 24.29 -35.93
C GLY C 717 11.23 25.09 -35.79
N SER C 718 11.41 25.79 -34.69
CA SER C 718 12.63 26.55 -34.48
C SER C 718 13.73 25.61 -33.98
N GLY C 719 14.87 25.63 -34.67
CA GLY C 719 15.97 24.76 -34.28
C GLY C 719 16.46 25.03 -32.88
N PHE C 720 16.20 26.22 -32.37
CA PHE C 720 16.51 26.57 -30.98
C PHE C 720 15.59 27.72 -30.59
N ASP C 721 14.80 27.51 -29.53
CA ASP C 721 13.87 28.54 -29.07
C ASP C 721 14.52 29.29 -27.93
N PRO C 722 14.87 30.57 -28.09
CA PRO C 722 15.58 31.28 -27.02
C PRO C 722 14.70 31.74 -25.87
N TYR C 723 13.39 31.51 -25.94
CA TYR C 723 12.48 31.90 -24.87
C TYR C 723 11.96 30.73 -24.06
N PHE C 724 12.47 29.53 -24.28
CA PHE C 724 12.06 28.35 -23.53
C PHE C 724 12.83 28.30 -22.22
N VAL C 725 12.13 28.51 -21.11
CA VAL C 725 12.75 28.56 -19.79
C VAL C 725 12.11 27.54 -18.86
N TYR C 726 11.68 26.41 -19.41
CA TYR C 726 10.90 25.43 -18.67
C TYR C 726 11.39 24.04 -19.00
N SER C 727 11.70 23.25 -17.98
CA SER C 727 12.26 21.91 -18.18
C SER C 727 11.35 20.80 -17.66
N GLY C 728 10.07 21.08 -17.46
CA GLY C 728 9.14 20.10 -16.97
C GLY C 728 8.45 19.35 -18.09
N SER C 729 7.26 18.87 -17.81
CA SER C 729 6.50 18.12 -18.80
C SER C 729 5.99 19.04 -19.90
N ILE C 730 6.11 18.58 -21.13
CA ILE C 730 5.58 19.32 -22.28
C ILE C 730 4.33 18.59 -22.77
N PRO C 731 3.14 19.00 -22.32
CA PRO C 731 1.93 18.28 -22.73
C PRO C 731 1.72 18.23 -24.22
N TYR C 732 2.25 19.23 -24.95
CA TYR C 732 2.14 19.23 -26.40
C TYR C 732 2.83 18.03 -27.02
N LEU C 733 3.85 17.48 -26.36
CA LEU C 733 4.65 16.40 -26.92
C LEU C 733 4.43 15.05 -26.26
N ASP C 734 4.16 15.01 -24.96
CA ASP C 734 4.03 13.73 -24.27
C ASP C 734 2.59 13.37 -23.91
N GLY C 735 1.64 14.29 -24.04
CA GLY C 735 0.25 13.97 -23.85
C GLY C 735 -0.30 14.16 -22.46
N THR C 736 0.45 14.81 -21.56
CA THR C 736 0.02 14.99 -20.18
C THR C 736 -0.77 16.28 -20.04
N PHE C 737 -2.03 16.23 -20.50
CA PHE C 737 -2.89 17.39 -20.48
C PHE C 737 -3.63 17.49 -19.15
N TYR C 738 -3.72 18.72 -18.63
CA TYR C 738 -4.25 18.90 -17.28
C TYR C 738 -5.16 20.12 -17.15
N LEU C 739 -5.63 20.70 -18.26
CA LEU C 739 -6.46 21.90 -18.19
C LEU C 739 -7.74 21.75 -19.01
N ASN C 740 -8.29 20.54 -19.08
CA ASN C 740 -9.50 20.31 -19.86
C ASN C 740 -10.73 20.89 -19.20
N HIS C 741 -10.75 21.00 -17.88
CA HIS C 741 -11.91 21.47 -17.15
C HIS C 741 -12.13 22.96 -17.29
N THR C 742 -11.18 23.70 -17.86
CA THR C 742 -11.27 25.15 -17.93
C THR C 742 -12.21 25.63 -19.02
N PHE C 743 -12.80 24.72 -19.78
CA PHE C 743 -13.70 25.09 -20.86
C PHE C 743 -15.12 25.31 -20.35
N LYS C 744 -15.84 26.20 -21.02
CA LYS C 744 -17.21 26.52 -20.66
C LYS C 744 -18.21 26.09 -21.71
N LYS C 745 -18.04 26.52 -22.96
CA LYS C 745 -18.93 26.08 -24.04
C LYS C 745 -18.19 26.19 -25.36
N VAL C 746 -18.65 25.41 -26.34
CA VAL C 746 -18.06 25.37 -27.67
C VAL C 746 -19.15 25.59 -28.69
N SER C 747 -18.93 26.52 -29.61
CA SER C 747 -19.90 26.86 -30.64
C SER C 747 -19.28 26.63 -32.01
N ILE C 748 -20.03 25.94 -32.88
CA ILE C 748 -19.57 25.62 -34.23
C ILE C 748 -20.51 26.25 -35.24
N MET C 749 -19.96 27.00 -36.18
CA MET C 749 -20.71 27.66 -37.22
C MET C 749 -20.11 27.32 -38.57
N PHE C 750 -20.95 26.91 -39.51
CA PHE C 750 -20.52 26.61 -40.87
C PHE C 750 -21.08 27.66 -41.83
N ASP C 751 -20.22 28.17 -42.71
CA ASP C 751 -20.56 29.22 -43.66
C ASP C 751 -21.06 30.48 -42.97
N SER C 752 -20.73 30.64 -41.68
CA SER C 752 -21.12 31.77 -40.85
C SER C 752 -22.63 31.89 -40.66
N SER C 753 -23.41 30.96 -41.22
CA SER C 753 -24.86 31.00 -41.11
C SER C 753 -25.43 29.78 -40.39
N VAL C 754 -25.10 28.57 -40.88
CA VAL C 754 -25.69 27.33 -40.31
C VAL C 754 -24.90 26.89 -39.06
N SER C 755 -25.56 26.16 -38.15
CA SER C 755 -24.89 25.69 -36.90
C SER C 755 -24.65 24.18 -36.96
N TRP C 756 -23.53 23.71 -36.41
CA TRP C 756 -23.30 22.24 -36.35
C TRP C 756 -23.40 21.79 -34.88
N PRO C 757 -24.18 20.73 -34.54
CA PRO C 757 -24.94 19.97 -35.54
C PRO C 757 -26.35 20.50 -35.83
N GLY C 758 -26.84 21.44 -35.02
CA GLY C 758 -28.21 21.96 -35.20
C GLY C 758 -29.23 20.83 -35.16
N ASN C 759 -30.23 20.87 -36.06
CA ASN C 759 -31.28 19.85 -36.11
C ASN C 759 -31.84 19.55 -34.72
N ASP C 760 -31.69 20.51 -33.81
CA ASP C 760 -32.21 20.39 -32.45
C ASP C 760 -31.80 19.07 -31.81
N ARG C 761 -30.54 18.69 -31.95
CA ARG C 761 -30.07 17.41 -31.44
C ARG C 761 -29.66 17.47 -29.98
N LEU C 762 -29.67 18.64 -29.35
CA LEU C 762 -29.19 18.80 -27.99
C LEU C 762 -30.15 19.68 -27.21
N LEU C 763 -30.05 19.60 -25.88
CA LEU C 763 -30.85 20.46 -25.01
C LEU C 763 -30.53 21.92 -25.26
N SER C 764 -29.24 22.25 -25.40
CA SER C 764 -28.81 23.54 -25.91
C SER C 764 -28.44 23.36 -27.38
N PRO C 765 -29.39 23.58 -28.30
CA PRO C 765 -29.20 23.13 -29.68
C PRO C 765 -28.02 23.76 -30.41
N ASN C 766 -27.70 25.02 -30.14
CA ASN C 766 -26.75 25.75 -30.98
C ASN C 766 -25.31 25.68 -30.49
N GLU C 767 -25.08 25.36 -29.22
CA GLU C 767 -23.72 25.29 -28.69
C GLU C 767 -23.52 23.95 -27.99
N PHE C 768 -22.33 23.78 -27.44
CA PHE C 768 -21.98 22.62 -26.62
C PHE C 768 -21.64 23.13 -25.23
N GLU C 769 -22.58 23.03 -24.30
CA GLU C 769 -22.33 23.45 -22.93
C GLU C 769 -21.54 22.36 -22.21
N ILE C 770 -20.23 22.54 -22.07
CA ILE C 770 -19.41 21.55 -21.39
C ILE C 770 -19.76 21.48 -19.91
N LYS C 771 -19.81 22.63 -19.25
CA LYS C 771 -20.18 22.68 -17.84
C LYS C 771 -21.07 23.88 -17.62
N ARG C 772 -21.93 23.79 -16.61
CA ARG C 772 -22.94 24.82 -16.35
C ARG C 772 -23.01 25.02 -14.84
N THR C 773 -22.19 25.94 -14.34
CA THR C 773 -22.17 26.28 -12.93
C THR C 773 -23.15 27.42 -12.67
N VAL C 774 -23.34 27.73 -11.38
CA VAL C 774 -24.24 28.80 -10.93
C VAL C 774 -25.68 28.46 -11.32
N ASP C 775 -25.87 28.03 -12.57
CA ASP C 775 -27.13 27.51 -13.06
C ASP C 775 -27.31 26.08 -12.57
N GLY C 776 -28.19 25.33 -13.23
CA GLY C 776 -28.62 24.07 -12.65
C GLY C 776 -30.11 23.87 -12.70
N GLU C 777 -30.77 24.53 -13.66
CA GLU C 777 -32.19 24.32 -13.92
C GLU C 777 -32.54 22.83 -14.05
N GLY C 778 -31.54 21.97 -14.23
CA GLY C 778 -31.80 20.54 -14.32
C GLY C 778 -30.98 19.77 -15.33
N TYR C 779 -29.98 20.40 -15.94
CA TYR C 779 -29.21 19.79 -17.02
C TYR C 779 -27.78 19.46 -16.60
N ASN C 780 -27.63 18.83 -15.43
CA ASN C 780 -26.33 18.38 -14.95
C ASN C 780 -26.40 16.90 -14.61
N VAL C 781 -25.24 16.22 -14.64
CA VAL C 781 -25.15 14.80 -14.39
C VAL C 781 -23.96 14.49 -13.48
N ALA C 782 -23.89 13.23 -13.06
CA ALA C 782 -22.75 12.63 -12.36
C ALA C 782 -22.45 13.32 -11.05
N GLN C 783 -23.42 14.04 -10.48
CA GLN C 783 -23.23 14.78 -9.24
C GLN C 783 -22.05 15.75 -9.35
N CYS C 784 -21.89 16.35 -10.52
CA CYS C 784 -20.88 17.36 -10.78
C CYS C 784 -21.51 18.45 -11.65
N ASN C 785 -20.69 19.35 -12.17
CA ASN C 785 -21.21 20.49 -12.91
C ASN C 785 -21.25 20.26 -14.42
N MET C 786 -20.91 19.07 -14.89
CA MET C 786 -20.95 18.80 -16.32
C MET C 786 -22.39 18.63 -16.79
N THR C 787 -22.66 19.04 -18.02
CA THR C 787 -23.99 18.94 -18.58
C THR C 787 -24.25 17.56 -19.15
N LYS C 788 -25.54 17.24 -19.30
CA LYS C 788 -25.93 15.92 -19.80
C LYS C 788 -25.46 15.72 -21.23
N ASP C 789 -25.63 16.74 -22.08
CA ASP C 789 -25.29 16.60 -23.49
C ASP C 789 -23.80 16.34 -23.67
N TRP C 790 -22.96 17.04 -22.91
CA TRP C 790 -21.52 16.84 -23.05
C TRP C 790 -21.11 15.44 -22.61
N PHE C 791 -21.70 14.94 -21.53
CA PHE C 791 -21.41 13.59 -21.08
C PHE C 791 -21.82 12.57 -22.14
N LEU C 792 -23.01 12.76 -22.72
CA LEU C 792 -23.46 11.85 -23.77
C LEU C 792 -22.53 11.89 -24.98
N VAL C 793 -22.10 13.09 -25.37
CA VAL C 793 -21.22 13.21 -26.53
C VAL C 793 -19.88 12.54 -26.27
N GLN C 794 -19.28 12.79 -25.10
CA GLN C 794 -17.99 12.17 -24.79
C GLN C 794 -18.11 10.66 -24.74
N MET C 795 -19.17 10.14 -24.09
CA MET C 795 -19.36 8.71 -24.00
C MET C 795 -19.56 8.08 -25.37
N LEU C 796 -20.39 8.70 -26.22
CA LEU C 796 -20.59 8.15 -27.57
C LEU C 796 -19.31 8.19 -28.38
N ALA C 797 -18.56 9.30 -28.29
CA ALA C 797 -17.34 9.44 -29.06
C ALA C 797 -16.30 8.40 -28.66
N ASN C 798 -16.17 8.13 -27.36
CA ASN C 798 -15.13 7.22 -26.90
C ASN C 798 -15.55 5.76 -26.95
N TYR C 799 -16.66 5.41 -26.30
CA TYR C 799 -17.02 4.02 -26.07
C TYR C 799 -18.31 3.59 -26.74
N ASN C 800 -18.89 4.43 -27.60
CA ASN C 800 -20.13 4.09 -28.30
C ASN C 800 -21.25 3.78 -27.32
N ILE C 801 -21.25 4.43 -26.16
CA ILE C 801 -22.19 4.16 -25.09
C ILE C 801 -23.02 5.40 -24.83
N GLY C 802 -24.33 5.20 -24.62
CA GLY C 802 -25.21 6.31 -24.33
C GLY C 802 -26.58 6.20 -24.94
N TYR C 803 -26.72 5.46 -26.03
CA TYR C 803 -28.02 5.28 -26.65
C TYR C 803 -28.81 4.15 -26.03
N GLN C 804 -28.15 3.18 -25.40
CA GLN C 804 -28.80 2.04 -24.76
C GLN C 804 -28.34 1.90 -23.31
N GLY C 805 -28.34 2.99 -22.58
CA GLY C 805 -27.99 2.96 -21.17
C GLY C 805 -26.53 3.32 -20.95
N PHE C 806 -26.23 3.69 -19.70
CA PHE C 806 -24.90 4.10 -19.29
C PHE C 806 -24.32 3.05 -18.36
N TYR C 807 -23.08 2.64 -18.65
CA TYR C 807 -22.43 1.62 -17.84
C TYR C 807 -20.92 1.78 -17.98
N ILE C 808 -20.20 1.14 -17.07
CA ILE C 808 -18.74 1.24 -17.08
C ILE C 808 -18.19 0.47 -18.27
N PRO C 809 -17.40 1.09 -19.14
CA PRO C 809 -16.84 0.38 -20.29
C PRO C 809 -15.82 -0.66 -19.85
N GLU C 810 -15.67 -1.69 -20.68
CA GLU C 810 -14.71 -2.73 -20.39
C GLU C 810 -13.29 -2.18 -20.49
N GLY C 811 -12.39 -2.78 -19.72
CA GLY C 811 -11.07 -2.19 -19.51
C GLY C 811 -10.27 -2.05 -20.78
N TYR C 812 -10.40 -3.00 -21.71
CA TYR C 812 -9.56 -2.95 -22.90
C TYR C 812 -9.94 -1.83 -23.85
N LYS C 813 -11.05 -1.14 -23.61
CA LYS C 813 -11.31 0.13 -24.29
C LYS C 813 -11.01 1.33 -23.42
N ASP C 814 -11.06 1.17 -22.09
CA ASP C 814 -10.80 2.27 -21.16
C ASP C 814 -9.29 2.38 -20.91
N ARG C 815 -8.59 2.83 -21.93
CA ARG C 815 -7.15 2.96 -21.84
C ARG C 815 -6.80 4.16 -20.96
N MET C 816 -5.50 4.34 -20.70
CA MET C 816 -5.07 5.36 -19.77
C MET C 816 -5.44 6.77 -20.26
N TYR C 817 -5.30 7.02 -21.56
CA TYR C 817 -5.59 8.34 -22.12
C TYR C 817 -7.04 8.49 -22.54
N SER C 818 -7.95 7.67 -22.00
CA SER C 818 -9.34 7.71 -22.36
C SER C 818 -10.12 8.60 -21.39
N PHE C 819 -11.43 8.70 -21.60
CA PHE C 819 -12.25 9.65 -20.86
C PHE C 819 -12.72 9.10 -19.51
N PHE C 820 -13.44 7.98 -19.52
CA PHE C 820 -14.00 7.45 -18.29
C PHE C 820 -12.92 7.11 -17.26
N ARG C 821 -11.71 6.83 -17.70
CA ARG C 821 -10.64 6.53 -16.76
C ARG C 821 -10.31 7.71 -15.86
N ASN C 822 -10.32 8.93 -16.41
CA ASN C 822 -9.85 10.11 -15.71
C ASN C 822 -10.96 11.06 -15.28
N PHE C 823 -12.22 10.75 -15.56
CA PHE C 823 -13.30 11.64 -15.16
C PHE C 823 -13.55 11.51 -13.67
N GLN C 824 -13.40 12.61 -12.93
CA GLN C 824 -13.47 12.61 -11.47
C GLN C 824 -14.41 13.70 -10.99
N PRO C 825 -15.69 13.38 -10.80
CA PRO C 825 -16.60 14.35 -10.18
C PRO C 825 -16.24 14.58 -8.71
N MET C 826 -16.42 15.81 -8.27
CA MET C 826 -16.13 16.17 -6.88
C MET C 826 -17.18 17.16 -6.40
N SER C 827 -17.40 17.15 -5.09
CA SER C 827 -18.34 18.08 -4.47
C SER C 827 -17.92 18.34 -3.03
N ARG C 828 -18.26 19.53 -2.54
CA ARG C 828 -17.91 19.91 -1.18
C ARG C 828 -18.88 20.98 -0.71
N GLN C 829 -18.91 21.18 0.61
CA GLN C 829 -19.70 22.23 1.24
C GLN C 829 -18.77 23.27 1.82
N VAL C 830 -19.18 24.53 1.74
CA VAL C 830 -18.44 25.64 2.33
C VAL C 830 -19.46 26.51 3.06
N VAL C 831 -18.95 27.36 3.97
CA VAL C 831 -19.83 28.16 4.79
C VAL C 831 -20.60 29.16 3.93
N ASP C 832 -21.79 29.53 4.40
CA ASP C 832 -22.66 30.49 3.72
C ASP C 832 -22.30 31.88 4.24
N GLU C 833 -21.64 32.67 3.38
CA GLU C 833 -21.24 34.00 3.78
C GLU C 833 -22.46 34.91 3.97
N VAL C 834 -23.39 34.90 3.01
CA VAL C 834 -24.48 35.86 3.02
C VAL C 834 -25.48 35.56 4.13
N ASN C 835 -25.88 34.30 4.26
CA ASN C 835 -27.01 33.96 5.13
C ASN C 835 -26.61 33.68 6.57
N TYR C 836 -25.35 33.33 6.84
CA TYR C 836 -24.92 33.10 8.22
C TYR C 836 -24.75 34.43 8.92
N THR C 837 -25.59 34.67 9.94
CA THR C 837 -25.65 35.98 10.57
C THR C 837 -24.37 36.31 11.34
N ASP C 838 -23.70 35.30 11.89
CA ASP C 838 -22.51 35.49 12.71
C ASP C 838 -21.24 35.18 11.95
N TYR C 839 -21.16 35.55 10.67
CA TYR C 839 -19.98 35.27 9.89
C TYR C 839 -18.96 36.40 10.00
N LYS C 840 -17.69 36.03 10.17
CA LYS C 840 -16.58 36.96 10.15
C LYS C 840 -15.54 36.46 9.16
N ALA C 841 -14.89 37.37 8.45
CA ALA C 841 -13.88 37.03 7.45
C ALA C 841 -12.50 37.23 8.07
N VAL C 842 -12.06 36.21 8.81
CA VAL C 842 -10.76 36.23 9.47
C VAL C 842 -9.69 35.91 8.44
N THR C 843 -8.64 36.73 8.39
CA THR C 843 -7.56 36.52 7.44
C THR C 843 -6.56 35.50 7.97
N LEU C 844 -5.66 35.08 7.09
CA LEU C 844 -4.71 34.02 7.43
C LEU C 844 -3.84 34.35 8.64
N PRO C 845 -3.20 35.52 8.74
CA PRO C 845 -2.37 35.80 9.93
C PRO C 845 -3.15 35.89 11.22
N TYR C 846 -4.48 35.89 11.17
CA TYR C 846 -5.32 36.05 12.35
C TYR C 846 -6.06 34.77 12.73
N GLN C 847 -5.71 33.65 12.11
CA GLN C 847 -6.34 32.37 12.42
C GLN C 847 -5.40 31.54 13.27
N HIS C 848 -5.88 31.08 14.43
CA HIS C 848 -5.08 30.23 15.30
C HIS C 848 -5.79 28.89 15.48
N ASN C 849 -5.15 27.83 14.99
CA ASN C 849 -5.53 26.45 15.26
C ASN C 849 -4.26 25.68 15.54
N ASN C 850 -4.32 24.74 16.48
CA ASN C 850 -3.13 24.07 17.00
C ASN C 850 -2.16 25.06 17.60
N SER C 851 -2.67 26.20 18.07
CA SER C 851 -1.81 27.27 18.54
C SER C 851 -1.06 26.84 19.79
N GLY C 852 0.22 27.22 19.86
CA GLY C 852 1.09 26.79 20.92
C GLY C 852 1.84 25.50 20.62
N PHE C 853 1.46 24.78 19.57
CA PHE C 853 2.11 23.55 19.17
C PHE C 853 2.59 23.59 17.72
N VAL C 854 2.33 24.69 17.01
CA VAL C 854 2.77 24.87 15.64
C VAL C 854 3.45 26.23 15.53
N GLY C 855 4.16 26.42 14.42
CA GLY C 855 4.75 27.71 14.13
C GLY C 855 3.73 28.69 13.60
N TYR C 856 4.16 29.94 13.48
CA TYR C 856 3.29 31.04 13.06
C TYR C 856 3.69 31.44 11.64
N LEU C 857 2.88 31.03 10.66
CA LEU C 857 3.06 31.37 9.25
C LEU C 857 4.36 30.85 8.67
N ALA C 858 4.99 29.85 9.29
CA ALA C 858 6.26 29.36 8.79
C ALA C 858 6.49 27.95 9.32
N PRO C 859 7.25 27.12 8.61
CA PRO C 859 7.59 25.78 9.12
C PRO C 859 8.70 25.83 10.17
N THR C 860 8.44 26.54 11.25
CA THR C 860 9.45 26.83 12.26
C THR C 860 9.01 26.25 13.61
N MET C 861 9.74 26.63 14.65
CA MET C 861 9.50 26.11 15.99
C MET C 861 8.10 26.45 16.47
N ARG C 862 7.64 25.69 17.46
CA ARG C 862 6.36 25.98 18.09
C ARG C 862 6.42 27.33 18.82
N GLN C 863 5.29 28.00 18.89
CA GLN C 863 5.15 29.21 19.67
C GLN C 863 3.67 29.50 19.88
N GLY C 864 3.31 29.92 21.09
CA GLY C 864 1.98 30.40 21.36
C GLY C 864 1.46 29.89 22.68
N GLU C 865 0.13 29.89 22.80
CA GLU C 865 -0.61 29.41 23.95
C GLU C 865 -1.59 28.33 23.54
N PRO C 866 -1.87 27.35 24.40
CA PRO C 866 -3.03 26.49 24.19
C PRO C 866 -4.33 27.27 24.37
N TYR C 867 -5.10 27.38 23.31
CA TYR C 867 -6.32 28.19 23.32
C TYR C 867 -7.30 27.58 22.32
N PRO C 868 -8.60 27.78 22.52
CA PRO C 868 -9.57 27.25 21.56
C PRO C 868 -9.41 27.89 20.19
N ALA C 869 -9.65 27.09 19.15
CA ALA C 869 -9.43 27.56 17.76
C ALA C 869 -10.56 28.46 17.28
N ASN C 870 -10.29 29.28 16.26
CA ASN C 870 -11.34 30.13 15.65
C ASN C 870 -11.52 29.64 14.21
N TYR C 871 -10.68 28.68 13.80
CA TYR C 871 -10.73 28.15 12.41
C TYR C 871 -10.75 26.62 12.49
N PRO C 872 -11.35 25.87 11.54
CA PRO C 872 -12.35 26.40 10.61
C PRO C 872 -13.79 26.40 11.14
N TYR C 873 -14.77 26.59 10.24
CA TYR C 873 -16.19 26.67 10.67
C TYR C 873 -16.79 25.23 10.78
N PRO C 874 -17.35 24.75 11.92
CA PRO C 874 -17.86 23.36 11.96
C PRO C 874 -19.02 23.15 11.01
N LEU C 875 -18.83 22.31 10.00
CA LEU C 875 -19.88 22.01 9.04
C LEU C 875 -20.68 20.76 9.42
N ILE C 876 -20.37 20.14 10.55
CA ILE C 876 -21.10 19.00 11.07
C ILE C 876 -21.43 19.27 12.54
N GLY C 877 -22.29 18.42 13.09
CA GLY C 877 -22.61 18.47 14.50
C GLY C 877 -23.89 19.23 14.78
N THR C 878 -24.24 19.27 16.07
CA THR C 878 -25.45 19.96 16.48
C THR C 878 -25.36 21.46 16.26
N THR C 879 -24.15 22.00 16.13
CA THR C 879 -23.93 23.42 15.92
C THR C 879 -23.30 23.69 14.56
N ALA C 880 -23.67 22.90 13.56
CA ALA C 880 -23.17 23.13 12.22
C ALA C 880 -23.67 24.46 11.67
N VAL C 881 -22.91 25.04 10.77
CA VAL C 881 -23.19 26.35 10.21
C VAL C 881 -23.92 26.18 8.88
N LYS C 882 -24.58 27.24 8.45
CA LYS C 882 -25.21 27.25 7.13
C LYS C 882 -24.16 27.08 6.04
N SER C 883 -24.51 26.36 4.99
CA SER C 883 -23.53 25.96 3.99
C SER C 883 -24.09 26.13 2.58
N VAL C 884 -23.17 26.21 1.63
CA VAL C 884 -23.49 26.23 0.21
C VAL C 884 -22.59 25.23 -0.49
N THR C 885 -23.16 24.47 -1.42
CA THR C 885 -22.45 23.37 -2.06
C THR C 885 -21.72 23.85 -3.30
N GLN C 886 -20.53 23.28 -3.53
CA GLN C 886 -19.72 23.56 -4.71
C GLN C 886 -19.46 22.27 -5.48
N LYS C 887 -19.54 22.36 -6.80
CA LYS C 887 -19.34 21.20 -7.66
C LYS C 887 -18.36 21.55 -8.77
N LYS C 888 -17.54 20.57 -9.14
CA LYS C 888 -16.60 20.71 -10.24
C LYS C 888 -16.11 19.33 -10.62
N PHE C 889 -15.27 19.28 -11.65
CA PHE C 889 -14.75 18.00 -12.12
C PHE C 889 -13.34 18.19 -12.67
N LEU C 890 -12.57 17.10 -12.63
CA LEU C 890 -11.21 17.06 -13.17
C LEU C 890 -11.11 15.95 -14.20
N CYS C 891 -10.38 16.23 -15.28
CA CYS C 891 -10.23 15.27 -16.37
C CYS C 891 -8.86 15.49 -17.00
N ASP C 892 -7.88 14.70 -16.58
CA ASP C 892 -6.50 14.88 -16.99
C ASP C 892 -6.13 13.89 -18.10
N ARG C 893 -4.94 14.11 -18.67
CA ARG C 893 -4.32 13.30 -19.71
C ARG C 893 -5.33 12.81 -20.74
N THR C 894 -6.24 13.69 -21.15
CA THR C 894 -7.26 13.34 -22.12
C THR C 894 -7.57 14.56 -22.97
N MET C 895 -8.20 14.30 -24.11
CA MET C 895 -8.57 15.34 -25.06
C MET C 895 -10.08 15.34 -25.25
N TRP C 896 -10.69 16.51 -25.12
CA TRP C 896 -12.10 16.64 -25.49
C TRP C 896 -12.26 16.34 -26.97
N ARG C 897 -13.32 15.63 -27.32
CA ARG C 897 -13.53 15.17 -28.69
C ARG C 897 -14.94 15.49 -29.14
N ILE C 898 -15.07 16.05 -30.34
CA ILE C 898 -16.37 16.33 -30.96
C ILE C 898 -16.37 15.69 -32.35
N PRO C 899 -16.92 14.49 -32.50
CA PRO C 899 -16.79 13.78 -33.78
C PRO C 899 -17.72 14.32 -34.85
N PHE C 900 -17.29 14.16 -36.10
CA PHE C 900 -18.02 14.68 -37.27
C PHE C 900 -18.94 13.61 -37.86
N SER C 901 -19.83 13.11 -37.03
CA SER C 901 -20.78 12.08 -37.45
C SER C 901 -22.19 12.50 -37.06
N SER C 902 -23.17 11.93 -37.75
CA SER C 902 -24.56 12.31 -37.53
C SER C 902 -25.02 11.91 -36.14
N ASN C 903 -24.57 10.76 -35.64
CA ASN C 903 -24.96 10.27 -34.33
C ASN C 903 -23.79 10.17 -33.36
N PHE C 904 -22.72 10.93 -33.61
CA PHE C 904 -21.58 11.05 -32.71
C PHE C 904 -20.94 9.70 -32.38
N MET C 905 -21.14 8.68 -33.21
CA MET C 905 -20.63 7.36 -32.94
C MET C 905 -19.59 6.99 -34.00
N SER C 906 -18.50 6.34 -33.56
CA SER C 906 -17.40 5.99 -34.44
C SER C 906 -17.73 4.67 -35.14
N MET C 907 -18.62 4.75 -36.13
CA MET C 907 -18.92 3.57 -36.94
C MET C 907 -17.74 3.20 -37.84
N GLY C 908 -16.96 4.16 -38.27
CA GLY C 908 -15.81 3.87 -39.13
C GLY C 908 -14.87 5.04 -39.17
N ALA C 909 -13.68 4.79 -39.70
CA ALA C 909 -12.67 5.85 -39.80
C ALA C 909 -13.15 6.96 -40.72
N LEU C 910 -13.70 6.61 -41.87
CA LEU C 910 -14.28 7.60 -42.77
C LEU C 910 -15.70 7.88 -42.30
N THR C 911 -15.90 9.02 -41.64
CA THR C 911 -17.17 9.35 -41.06
C THR C 911 -18.24 9.49 -42.15
N ASP C 912 -19.50 9.34 -41.74
CA ASP C 912 -20.60 9.45 -42.70
C ASP C 912 -20.63 10.83 -43.35
N LEU C 913 -20.51 11.89 -42.53
CA LEU C 913 -20.48 13.23 -43.08
C LEU C 913 -19.19 13.52 -43.83
N GLY C 914 -18.13 12.74 -43.58
CA GLY C 914 -16.92 12.89 -44.36
C GLY C 914 -17.13 12.62 -45.83
N GLN C 915 -18.01 11.67 -46.15
CA GLN C 915 -18.38 11.38 -47.53
C GLN C 915 -19.74 11.96 -47.90
N ASN C 916 -20.17 13.02 -47.22
CA ASN C 916 -21.44 13.66 -47.54
C ASN C 916 -21.30 14.61 -48.72
N MET C 917 -22.35 14.68 -49.54
CA MET C 917 -22.32 15.42 -50.80
C MET C 917 -21.99 16.90 -50.57
N LEU C 918 -22.68 17.54 -49.63
CA LEU C 918 -22.46 18.95 -49.34
C LEU C 918 -21.03 19.19 -48.89
N TYR C 919 -20.49 18.31 -48.06
CA TYR C 919 -19.09 18.36 -47.70
C TYR C 919 -18.21 17.56 -48.66
N ALA C 920 -18.80 17.00 -49.71
CA ALA C 920 -18.00 16.36 -50.74
C ALA C 920 -17.44 17.38 -51.71
N ASN C 921 -18.31 18.20 -52.32
CA ASN C 921 -17.79 19.11 -53.34
C ASN C 921 -17.94 20.58 -52.99
N SER C 922 -18.88 20.96 -52.13
CA SER C 922 -19.00 22.37 -51.80
C SER C 922 -17.86 22.82 -50.89
N ALA C 923 -17.65 24.14 -50.84
CA ALA C 923 -16.64 24.76 -50.01
C ALA C 923 -17.32 25.58 -48.92
N HIS C 924 -16.88 25.38 -47.68
CA HIS C 924 -17.45 26.09 -46.54
C HIS C 924 -16.35 26.64 -45.64
N ALA C 925 -16.58 27.81 -45.08
CA ALA C 925 -15.70 28.43 -44.11
C ALA C 925 -16.27 28.24 -42.71
N LEU C 926 -15.46 27.68 -41.82
CA LEU C 926 -15.92 27.23 -40.51
C LEU C 926 -15.56 28.26 -39.45
N ASP C 927 -16.53 28.62 -38.62
CA ASP C 927 -16.34 29.56 -37.52
C ASP C 927 -16.59 28.84 -36.20
N MET C 928 -15.67 29.04 -35.25
CA MET C 928 -15.77 28.45 -33.92
C MET C 928 -15.65 29.57 -32.90
N THR C 929 -16.30 29.41 -31.75
CA THR C 929 -16.11 30.32 -30.63
C THR C 929 -16.09 29.53 -29.34
N PHE C 930 -15.00 29.65 -28.59
CA PHE C 930 -14.84 28.96 -27.32
C PHE C 930 -15.07 29.91 -26.16
N GLU C 931 -15.43 29.34 -25.02
CA GLU C 931 -15.53 30.07 -23.76
C GLU C 931 -14.73 29.33 -22.72
N VAL C 932 -13.85 30.04 -22.00
CA VAL C 932 -12.96 29.42 -21.05
C VAL C 932 -12.95 30.21 -19.75
N ASP C 933 -12.54 29.54 -18.68
CA ASP C 933 -12.32 30.21 -17.40
C ASP C 933 -11.06 31.05 -17.48
N PRO C 934 -11.14 32.37 -17.23
CA PRO C 934 -9.95 33.22 -17.37
C PRO C 934 -8.88 32.84 -16.35
N MET C 935 -7.63 32.84 -16.82
CA MET C 935 -6.48 32.62 -15.96
C MET C 935 -5.44 33.70 -16.23
N ASP C 936 -4.60 33.97 -15.23
CA ASP C 936 -3.71 35.13 -15.24
C ASP C 936 -2.39 34.85 -15.94
N GLU C 937 -2.34 33.88 -16.84
CA GLU C 937 -1.13 33.55 -17.59
C GLU C 937 -1.52 33.28 -19.04
N PRO C 938 -0.62 33.56 -19.98
CA PRO C 938 -0.93 33.26 -21.38
C PRO C 938 -1.15 31.78 -21.61
N THR C 939 -2.12 31.46 -22.45
CA THR C 939 -2.46 30.08 -22.75
C THR C 939 -2.62 29.90 -24.25
N LEU C 940 -2.60 28.64 -24.68
CA LEU C 940 -2.71 28.28 -26.07
C LEU C 940 -3.79 27.24 -26.23
N LEU C 941 -4.70 27.47 -27.18
CA LEU C 941 -5.80 26.54 -27.44
C LEU C 941 -5.35 25.53 -28.48
N TYR C 942 -5.05 24.32 -28.04
CA TYR C 942 -4.65 23.27 -28.95
C TYR C 942 -5.87 22.74 -29.70
N LEU C 943 -5.80 22.73 -31.02
CA LEU C 943 -6.88 22.23 -31.85
C LEU C 943 -6.35 21.16 -32.78
N LEU C 944 -7.02 20.01 -32.81
CA LEU C 944 -6.69 18.93 -33.73
C LEU C 944 -7.84 18.80 -34.72
N PHE C 945 -7.55 19.07 -35.98
CA PHE C 945 -8.48 18.80 -37.08
C PHE C 945 -8.20 17.38 -37.54
N GLU C 946 -9.08 16.45 -37.18
CA GLU C 946 -8.90 15.06 -37.55
C GLU C 946 -8.89 14.90 -39.07
N VAL C 947 -7.85 14.28 -39.59
CA VAL C 947 -7.63 14.13 -41.02
C VAL C 947 -7.16 12.71 -41.29
N PHE C 948 -6.81 12.46 -42.55
CA PHE C 948 -6.13 11.22 -42.97
C PHE C 948 -4.73 11.60 -43.42
N ASP C 949 -3.72 11.07 -42.74
CA ASP C 949 -2.31 11.33 -43.06
C ASP C 949 -1.67 10.00 -43.46
N VAL C 950 -1.60 9.77 -44.77
CA VAL C 950 -1.15 8.48 -45.30
C VAL C 950 0.06 8.70 -46.19
N VAL C 951 0.88 7.66 -46.32
CA VAL C 951 2.05 7.68 -47.18
C VAL C 951 2.13 6.34 -47.90
N ARG C 952 2.46 6.38 -49.20
CA ARG C 952 2.65 5.17 -50.00
C ARG C 952 4.09 5.15 -50.47
N VAL C 953 4.86 4.17 -50.00
CA VAL C 953 6.29 4.08 -50.28
C VAL C 953 6.51 2.99 -51.33
N HIS C 954 7.25 3.35 -52.37
CA HIS C 954 7.53 2.45 -53.49
C HIS C 954 9.02 2.25 -53.64
N GLN C 955 9.43 1.00 -53.83
CA GLN C 955 10.81 0.63 -54.12
C GLN C 955 10.81 -0.24 -55.36
N PRO C 956 10.79 0.36 -56.55
CA PRO C 956 10.67 -0.46 -57.77
C PRO C 956 11.94 -1.19 -58.16
N HIS C 957 13.11 -0.57 -58.00
CA HIS C 957 14.38 -1.18 -58.35
C HIS C 957 15.27 -1.23 -57.11
N ARG C 958 16.50 -1.67 -57.29
CA ARG C 958 17.42 -1.74 -56.16
C ARG C 958 17.89 -0.33 -55.79
N GLY C 959 17.81 -0.01 -54.50
CA GLY C 959 18.32 1.26 -54.02
C GLY C 959 17.47 2.46 -54.35
N VAL C 960 16.19 2.26 -54.68
CA VAL C 960 15.30 3.35 -55.04
C VAL C 960 14.11 3.32 -54.09
N ILE C 961 13.81 4.46 -53.47
CA ILE C 961 12.62 4.62 -52.65
C ILE C 961 11.87 5.84 -53.15
N GLU C 962 10.56 5.70 -53.35
CA GLU C 962 9.69 6.83 -53.66
C GLU C 962 8.50 6.76 -52.72
N ALA C 963 8.25 7.86 -52.01
CA ALA C 963 7.11 7.96 -51.10
C ALA C 963 6.13 8.99 -51.63
N VAL C 964 4.86 8.61 -51.70
CA VAL C 964 3.79 9.50 -52.12
C VAL C 964 2.91 9.78 -50.90
N TYR C 965 2.80 11.05 -50.54
CA TYR C 965 2.09 11.46 -49.35
C TYR C 965 0.72 12.02 -49.72
N LEU C 966 -0.26 11.87 -48.82
CA LEU C 966 -1.61 12.46 -49.02
C LEU C 966 -2.24 12.77 -47.67
N ARG C 967 -2.50 14.06 -47.41
CA ARG C 967 -3.22 14.48 -46.17
C ARG C 967 -4.61 14.99 -46.58
N THR C 968 -5.69 14.46 -45.99
CA THR C 968 -7.06 14.84 -46.43
C THR C 968 -7.97 15.07 -45.22
N PRO C 969 -8.55 16.27 -45.00
CA PRO C 969 -8.28 17.46 -45.83
C PRO C 969 -7.10 18.30 -45.32
N PHE C 970 -7.21 19.64 -45.36
CA PHE C 970 -6.09 20.53 -44.97
C PHE C 970 -4.82 20.01 -45.65
N SER C 971 -4.82 19.92 -46.99
CA SER C 971 -3.68 19.29 -47.68
C SER C 971 -2.46 20.19 -47.69
N ALA C 972 -1.27 19.60 -47.85
CA ALA C 972 -0.03 20.34 -47.76
C ALA C 972 0.14 21.29 -48.93
#